data_6X5U
#
_entry.id   6X5U
#
_cell.length_a   154.020
_cell.length_b   154.020
_cell.length_c   466.920
_cell.angle_alpha   90.00
_cell.angle_beta   90.00
_cell.angle_gamma   120.00
#
_symmetry.space_group_name_H-M   'P 65'
#
loop_
_entity.id
_entity.type
_entity.pdbx_description
1 polymer Alpha-(1,6)-fucosyltransferase
2 branched 2-acetamido-2-deoxy-beta-D-glucopyranose-(1-2)-alpha-D-mannopyranose-(1-3)-[alpha-D-mannopyranose-(1-6)]beta-D-mannopyranose-(1-4)-2-acetamido-2-deoxy-beta-D-glucopyranose-(1-4)-2-acetamido-2-deoxy-beta-D-glucopyranose
3 branched 2-acetamido-2-deoxy-beta-D-glucopyranose-(1-2)-alpha-D-mannopyranose-(1-3)-[alpha-D-mannopyranose-(1-6)]beta-D-mannopyranose-(1-4)-2-acetamido-2-deoxy-beta-D-glucopyranose
4 branched 2-acetamido-2-deoxy-beta-D-glucopyranose-(1-2)-alpha-D-mannopyranose-(1-3)-beta-D-mannopyranose-(1-4)-2-acetamido-2-deoxy-beta-D-glucopyranose
5 branched 2-acetamido-2-deoxy-beta-D-glucopyranose-(1-2)-alpha-D-mannopyranose-(1-3)-beta-D-mannopyranose-(1-4)-2-acetamido-2-deoxy-beta-D-glucopyranose-(1-4)-2-acetamido-2-deoxy-beta-D-glucopyranose
6 non-polymer "GUANOSINE-5'-DIPHOSPHATE"
7 non-polymer ASPARAGINE
8 water water
#
_entity_poly.entity_id   1
_entity_poly.type   'polypeptide(L)'
_entity_poly.pdbx_seq_one_letter_code
;RELSKILAKLERLKQQNEDLRRMAESLRIPEGPIDQGPAIGRVRVLEEQLVKAKEQIENYKKQTRNGLGKDHEILRRRIE
NGAKELWFFLQSELKKLKNLEGNELQRHADEFLLDLGHHERSIMTDLYYLSQTDGAGDWREKEAKDLTELVQRRITYLQN
PKDCSKAKKLVCNINKGCGYGCQLHHVVYCFMIAYGTQRTLILESQNWRYATGGWETVFRPVSETCTDRSGISTGHWSGE
VKDKNVQVVELPIVDSLHPRPPYLPLAVPEDLADRLVRVHGDPAVWWVSQFVKYLIRPQPWLEKEIEEATKKLGFKHPVI
GVHVRRTDKVGTEAAFHPIEEYMVHVEEHFQLLARRMQVDKKRVYLATDDPSLLKEAKTKYPNYEFISDNSISWSAGLHN
RYTENSLRGVILDIHFLSQADFLVCTFSSQVCRVAYEIMQTLHPDASANFHSLDDIYYFGGQNAHNQIAIYAHQPRTADE
IPMEPGDIIGVAGNHWDGYSKGVNRKLGRTGLYPSYKVREKIETVKYPTYPEAEK
;
_entity_poly.pdbx_strand_id   A,B,C,D,E,F,G,H
#
# COMPACT_ATOMS: atom_id res chain seq x y z
N LEU A 68 -27.56 -31.75 33.77
CA LEU A 68 -26.48 -30.94 33.23
C LEU A 68 -25.81 -30.08 34.30
N GLY A 69 -24.50 -29.92 34.18
CA GLY A 69 -23.75 -29.19 35.19
C GLY A 69 -23.90 -27.69 35.02
N LYS A 70 -24.08 -27.00 36.15
CA LYS A 70 -24.25 -25.55 36.12
C LYS A 70 -22.98 -24.86 35.64
N ASP A 71 -21.83 -25.24 36.20
CA ASP A 71 -20.56 -24.64 35.78
C ASP A 71 -20.30 -24.90 34.30
N HIS A 72 -20.66 -26.08 33.83
CA HIS A 72 -20.52 -26.41 32.40
C HIS A 72 -21.29 -25.42 31.53
N GLU A 73 -22.51 -25.08 31.93
CA GLU A 73 -23.33 -24.18 31.12
C GLU A 73 -22.81 -22.75 31.17
N ILE A 74 -22.42 -22.28 32.35
CA ILE A 74 -21.83 -20.95 32.48
C ILE A 74 -20.59 -20.82 31.61
N LEU A 75 -19.74 -21.85 31.59
CA LEU A 75 -18.54 -21.81 30.76
C LEU A 75 -18.86 -21.82 29.28
N ARG A 76 -19.80 -22.67 28.86
CA ARG A 76 -20.15 -22.75 27.44
C ARG A 76 -20.66 -21.41 26.93
N ARG A 77 -21.51 -20.74 27.71
CA ARG A 77 -22.03 -19.44 27.30
C ARG A 77 -20.93 -18.39 27.26
N ARG A 78 -19.99 -18.45 28.22
CA ARG A 78 -18.89 -17.48 28.23
C ARG A 78 -17.98 -17.67 27.03
N ILE A 79 -17.81 -18.91 26.56
CA ILE A 79 -17.05 -19.15 25.34
C ILE A 79 -17.82 -18.64 24.13
N GLU A 80 -19.12 -18.91 24.09
CA GLU A 80 -19.97 -18.43 23.00
C GLU A 80 -19.88 -16.90 22.88
N ASN A 81 -19.96 -16.21 24.01
CA ASN A 81 -19.93 -14.75 24.00
C ASN A 81 -18.55 -14.21 23.65
N GLY A 82 -17.50 -14.87 24.16
CA GLY A 82 -16.15 -14.43 23.85
C GLY A 82 -15.86 -14.40 22.36
N ALA A 83 -16.38 -15.39 21.63
CA ALA A 83 -16.21 -15.38 20.17
C ALA A 83 -16.99 -14.24 19.53
N LYS A 84 -18.23 -13.99 19.99
CA LYS A 84 -19.02 -12.90 19.44
C LYS A 84 -18.32 -11.55 19.63
N GLU A 85 -17.93 -11.24 20.87
CA GLU A 85 -17.28 -9.96 21.14
C GLU A 85 -15.96 -9.84 20.37
N LEU A 86 -15.28 -10.97 20.15
CA LEU A 86 -14.09 -10.95 19.31
C LEU A 86 -14.43 -10.59 17.88
N TRP A 87 -15.51 -11.15 17.35
CA TRP A 87 -15.91 -10.87 15.97
C TRP A 87 -16.30 -9.40 15.80
N PHE A 88 -17.03 -8.85 16.77
CA PHE A 88 -17.28 -7.41 16.77
C PHE A 88 -15.98 -6.64 16.75
N PHE A 89 -15.04 -7.03 17.61
CA PHE A 89 -13.75 -6.34 17.71
C PHE A 89 -12.98 -6.39 16.40
N LEU A 90 -13.00 -7.54 15.72
CA LEU A 90 -12.25 -7.69 14.47
C LEU A 90 -12.79 -6.76 13.39
N GLN A 91 -14.11 -6.82 13.14
CA GLN A 91 -14.71 -5.96 12.13
C GLN A 91 -14.46 -4.49 12.44
N SER A 92 -14.58 -4.11 13.71
CA SER A 92 -14.42 -2.71 14.11
C SER A 92 -13.02 -2.21 13.79
N GLU A 93 -11.99 -2.90 14.28
CA GLU A 93 -10.63 -2.39 14.14
C GLU A 93 -10.15 -2.49 12.70
N LEU A 94 -10.54 -3.56 12.00
CA LEU A 94 -10.15 -3.69 10.59
C LEU A 94 -10.76 -2.57 9.75
N LYS A 95 -12.00 -2.19 10.06
CA LYS A 95 -12.61 -1.04 9.39
C LYS A 95 -11.76 0.21 9.57
N LYS A 96 -11.22 0.41 10.77
CA LYS A 96 -10.32 1.55 11.03
C LYS A 96 -8.99 1.36 10.29
N LEU A 97 -8.51 0.12 10.22
CA LEU A 97 -7.21 -0.15 9.62
C LEU A 97 -7.17 0.19 8.13
N LYS A 98 -8.30 0.02 7.44
CA LYS A 98 -8.36 0.36 6.02
C LYS A 98 -8.08 1.83 5.75
N ASN A 99 -8.11 2.68 6.78
CA ASN A 99 -7.92 4.12 6.64
C ASN A 99 -6.58 4.58 7.22
N LEU A 100 -5.59 3.69 7.31
CA LEU A 100 -4.32 4.02 7.92
C LEU A 100 -3.19 3.72 6.95
N GLU A 101 -2.12 4.51 7.06
CA GLU A 101 -0.95 4.35 6.19
C GLU A 101 0.32 4.37 7.02
N GLY A 102 1.35 3.71 6.50
CA GLY A 102 2.70 3.79 7.02
C GLY A 102 2.88 3.59 8.51
N ASN A 103 3.47 4.59 9.17
CA ASN A 103 3.83 4.46 10.58
C ASN A 103 2.59 4.32 11.46
N GLU A 104 1.60 5.19 11.23
CA GLU A 104 0.37 5.14 12.02
C GLU A 104 -0.34 3.79 11.85
N LEU A 105 -0.29 3.23 10.64
CA LEU A 105 -0.86 1.91 10.39
C LEU A 105 -0.20 0.84 11.24
N GLN A 106 1.13 0.79 11.24
CA GLN A 106 1.84 -0.31 11.91
C GLN A 106 1.64 -0.28 13.42
N ARG A 107 1.59 0.91 14.03
CA ARG A 107 1.37 0.98 15.48
C ARG A 107 0.05 0.33 15.86
N HIS A 108 -1.05 0.80 15.25
CA HIS A 108 -2.36 0.27 15.61
C HIS A 108 -2.51 -1.19 15.20
N ALA A 109 -1.86 -1.60 14.10
CA ALA A 109 -1.88 -3.01 13.73
C ALA A 109 -1.21 -3.86 14.80
N ASP A 110 -0.11 -3.39 15.36
CA ASP A 110 0.57 -4.12 16.42
C ASP A 110 -0.24 -4.10 17.71
N GLU A 111 -0.79 -2.95 18.07
CA GLU A 111 -1.70 -2.88 19.22
C GLU A 111 -2.90 -3.79 19.02
N PHE A 112 -3.40 -3.87 17.79
CA PHE A 112 -4.49 -4.79 17.48
C PHE A 112 -4.11 -6.22 17.84
N LEU A 113 -2.95 -6.68 17.37
CA LEU A 113 -2.50 -8.03 17.66
C LEU A 113 -2.33 -8.26 19.16
N LEU A 114 -1.87 -7.24 19.89
CA LEU A 114 -1.69 -7.38 21.32
C LEU A 114 -3.01 -7.67 22.02
N ASP A 115 -4.03 -6.86 21.73
CA ASP A 115 -5.35 -7.08 22.33
C ASP A 115 -5.93 -8.42 21.91
N LEU A 116 -5.71 -8.82 20.65
CA LEU A 116 -6.23 -10.09 20.17
C LEU A 116 -5.65 -11.27 20.93
N GLY A 117 -4.33 -11.22 21.21
CA GLY A 117 -3.70 -12.31 21.93
C GLY A 117 -4.38 -12.63 23.25
N HIS A 118 -4.58 -11.60 24.08
CA HIS A 118 -5.25 -11.81 25.37
C HIS A 118 -6.68 -12.26 25.17
N HIS A 119 -7.41 -11.60 24.27
CA HIS A 119 -8.79 -12.00 23.99
C HIS A 119 -8.86 -13.47 23.60
N GLU A 120 -7.95 -13.90 22.71
CA GLU A 120 -7.95 -15.29 22.29
C GLU A 120 -7.61 -16.21 23.46
N ARG A 121 -6.55 -15.89 24.22
CA ARG A 121 -6.16 -16.74 25.33
C ARG A 121 -7.23 -16.77 26.41
N SER A 122 -7.99 -15.69 26.56
CA SER A 122 -9.13 -15.72 27.49
C SER A 122 -10.13 -16.77 27.07
N ILE A 123 -10.43 -16.86 25.77
CA ILE A 123 -11.35 -17.87 25.27
C ILE A 123 -10.78 -19.25 25.47
N MET A 124 -9.51 -19.44 25.10
CA MET A 124 -8.85 -20.74 25.24
C MET A 124 -8.78 -21.18 26.69
N THR A 125 -8.66 -20.23 27.63
CA THR A 125 -8.68 -20.59 29.04
C THR A 125 -10.02 -21.17 29.45
N ASP A 126 -11.12 -20.54 29.03
CA ASP A 126 -12.44 -21.07 29.33
C ASP A 126 -12.65 -22.43 28.66
N LEU A 127 -12.07 -22.62 27.48
CA LEU A 127 -12.17 -23.91 26.79
C LEU A 127 -11.47 -24.99 27.60
N TYR A 128 -10.33 -24.67 28.22
CA TYR A 128 -9.68 -25.61 29.13
C TYR A 128 -10.56 -25.89 30.34
N TYR A 129 -11.08 -24.85 30.97
CA TYR A 129 -11.96 -25.02 32.12
C TYR A 129 -13.16 -25.91 31.78
N LEU A 130 -13.66 -25.80 30.55
CA LEU A 130 -14.80 -26.62 30.15
C LEU A 130 -14.44 -28.08 30.05
N SER A 131 -13.20 -28.39 29.63
CA SER A 131 -12.72 -29.75 29.56
C SER A 131 -12.50 -30.39 30.92
N GLN A 132 -12.76 -29.66 32.01
CA GLN A 132 -12.47 -30.13 33.36
C GLN A 132 -13.68 -30.21 34.26
N THR A 133 -14.68 -29.34 34.07
CA THR A 133 -15.75 -29.19 35.04
C THR A 133 -16.65 -30.42 35.11
N ASP A 134 -17.31 -30.55 36.27
CA ASP A 134 -18.30 -31.60 36.52
C ASP A 134 -17.69 -32.98 36.33
N GLY A 135 -16.46 -33.15 36.79
CA GLY A 135 -15.82 -34.45 36.75
C GLY A 135 -15.25 -34.83 35.41
N ALA A 136 -15.28 -33.93 34.42
CA ALA A 136 -14.71 -34.23 33.11
C ALA A 136 -13.23 -34.53 33.21
N GLY A 137 -12.50 -33.75 34.01
CA GLY A 137 -11.09 -34.02 34.21
C GLY A 137 -10.85 -35.33 34.94
N ASP A 138 -11.58 -35.54 36.04
CA ASP A 138 -11.43 -36.77 36.82
C ASP A 138 -11.76 -38.00 35.99
N TRP A 139 -12.86 -37.95 35.22
CA TRP A 139 -13.26 -39.12 34.46
C TRP A 139 -12.24 -39.42 33.36
N ARG A 140 -11.80 -38.40 32.62
CA ARG A 140 -10.85 -38.60 31.55
C ARG A 140 -9.54 -39.17 32.08
N GLU A 141 -9.14 -38.74 33.28
CA GLU A 141 -7.93 -39.28 33.90
C GLU A 141 -8.10 -40.76 34.21
N LYS A 142 -9.27 -41.15 34.74
CA LYS A 142 -9.53 -42.55 35.04
C LYS A 142 -9.57 -43.40 33.78
N GLU A 143 -10.27 -42.95 32.74
CA GLU A 143 -10.41 -43.76 31.54
C GLU A 143 -9.09 -43.87 30.78
N ALA A 144 -8.32 -42.78 30.70
CA ALA A 144 -7.00 -42.88 30.08
C ALA A 144 -6.08 -43.80 30.86
N LYS A 145 -6.24 -43.88 32.18
CA LYS A 145 -5.45 -44.79 32.98
C LYS A 145 -5.74 -46.24 32.62
N ASP A 146 -7.03 -46.61 32.55
CA ASP A 146 -7.39 -47.98 32.23
C ASP A 146 -6.87 -48.40 30.86
N LEU A 147 -6.95 -47.51 29.88
CA LEU A 147 -6.48 -47.82 28.54
C LEU A 147 -4.99 -48.14 28.56
N THR A 148 -4.19 -47.31 29.24
CA THR A 148 -2.77 -47.61 29.40
C THR A 148 -2.57 -48.96 30.07
N GLU A 149 -3.21 -49.14 31.23
CA GLU A 149 -3.11 -50.41 31.96
C GLU A 149 -3.53 -51.59 31.08
N LEU A 150 -4.63 -51.44 30.34
CA LEU A 150 -5.10 -52.52 29.48
C LEU A 150 -4.08 -52.88 28.40
N VAL A 151 -3.60 -51.88 27.67
CA VAL A 151 -2.67 -52.14 26.57
C VAL A 151 -1.36 -52.71 27.10
N GLN A 152 -0.79 -52.07 28.12
CA GLN A 152 0.45 -52.58 28.71
C GLN A 152 0.28 -54.00 29.22
N ARG A 153 -0.90 -54.32 29.78
CA ARG A 153 -1.19 -55.69 30.19
C ARG A 153 -1.08 -56.66 29.01
N ARG A 154 -1.59 -56.26 27.84
CA ARG A 154 -1.56 -57.14 26.67
C ARG A 154 -0.14 -57.30 26.15
N ILE A 155 0.62 -56.21 26.09
CA ILE A 155 1.99 -56.27 25.60
C ILE A 155 2.83 -57.17 26.51
N THR A 156 2.69 -57.00 27.82
CA THR A 156 3.39 -57.86 28.76
C THR A 156 3.02 -59.32 28.56
N TYR A 157 1.72 -59.60 28.44
CA TYR A 157 1.27 -60.96 28.17
C TYR A 157 1.89 -61.50 26.89
N LEU A 158 1.87 -60.71 25.83
CA LEU A 158 2.43 -61.14 24.56
C LEU A 158 3.93 -61.41 24.67
N GLN A 159 4.64 -60.57 25.41
CA GLN A 159 6.09 -60.65 25.47
C GLN A 159 6.61 -61.78 26.36
N ASN A 160 5.76 -62.41 27.16
CA ASN A 160 6.19 -63.42 28.12
C ASN A 160 5.38 -64.70 27.96
N PRO A 161 5.67 -65.50 26.94
CA PRO A 161 5.05 -66.82 26.83
C PRO A 161 5.64 -67.77 27.85
N LYS A 162 4.90 -68.84 28.15
CA LYS A 162 5.37 -69.84 29.09
C LYS A 162 6.56 -70.61 28.53
N ASP A 163 6.45 -71.05 27.28
CA ASP A 163 7.49 -71.82 26.61
C ASP A 163 8.12 -70.93 25.55
N CYS A 164 9.37 -70.54 25.76
CA CYS A 164 10.05 -69.68 24.80
C CYS A 164 10.35 -70.43 23.51
N SER A 165 10.79 -71.69 23.61
CA SER A 165 11.23 -72.44 22.43
C SER A 165 10.11 -72.66 21.42
N LYS A 166 8.84 -72.65 21.85
CA LYS A 166 7.73 -72.92 20.95
C LYS A 166 6.89 -71.69 20.60
N ALA A 167 7.15 -70.55 21.21
CA ALA A 167 6.39 -69.34 20.89
C ALA A 167 6.83 -68.80 19.53
N LYS A 168 5.89 -68.16 18.84
CA LYS A 168 6.20 -67.52 17.56
C LYS A 168 6.83 -66.15 17.80
N LYS A 169 7.90 -65.87 17.06
CA LYS A 169 8.76 -64.73 17.35
C LYS A 169 8.95 -63.88 16.09
N LEU A 170 9.10 -62.58 16.31
CA LEU A 170 9.45 -61.63 15.25
C LEU A 170 10.73 -60.91 15.66
N VAL A 171 11.77 -61.02 14.83
CA VAL A 171 13.11 -60.53 15.15
C VAL A 171 13.32 -59.14 14.54
N CYS A 172 13.80 -58.21 15.36
CA CYS A 172 14.08 -56.85 14.92
C CYS A 172 15.53 -56.49 15.26
N ASN A 173 16.24 -55.89 14.30
CA ASN A 173 17.61 -55.42 14.49
C ASN A 173 17.64 -53.91 14.59
N ILE A 174 18.32 -53.40 15.63
CA ILE A 174 18.28 -51.98 15.94
C ILE A 174 19.17 -51.13 15.05
N ASN A 175 20.14 -51.73 14.36
CA ASN A 175 21.21 -50.98 13.71
C ASN A 175 20.76 -50.35 12.40
N LYS A 176 19.78 -49.46 12.51
CA LYS A 176 19.33 -48.67 11.38
C LYS A 176 20.27 -47.48 11.18
N GLY A 177 20.76 -47.32 9.94
CA GLY A 177 21.73 -46.27 9.66
C GLY A 177 21.16 -44.87 9.79
N CYS A 178 20.97 -44.42 11.03
CA CYS A 178 20.40 -43.10 11.30
C CYS A 178 20.60 -42.81 12.79
N GLY A 179 20.06 -41.68 13.23
CA GLY A 179 20.20 -41.25 14.61
C GLY A 179 19.41 -42.11 15.57
N TYR A 180 19.38 -41.66 16.83
CA TYR A 180 18.75 -42.45 17.89
C TYR A 180 17.24 -42.47 17.75
N GLY A 181 16.61 -41.29 17.64
CA GLY A 181 15.17 -41.24 17.49
C GLY A 181 14.67 -42.03 16.30
N CYS A 182 15.35 -41.89 15.16
CA CYS A 182 15.03 -42.71 13.99
C CYS A 182 15.22 -44.20 14.28
N GLN A 183 16.30 -44.53 14.99
CA GLN A 183 16.55 -45.92 15.36
C GLN A 183 15.47 -46.43 16.31
N LEU A 184 15.10 -45.62 17.31
CA LEU A 184 14.08 -46.04 18.27
C LEU A 184 12.74 -46.25 17.59
N HIS A 185 12.36 -45.37 16.66
CA HIS A 185 11.09 -45.52 15.97
C HIS A 185 11.05 -46.79 15.14
N HIS A 186 12.19 -47.23 14.60
CA HIS A 186 12.24 -48.50 13.89
C HIS A 186 11.84 -49.65 14.81
N VAL A 187 12.24 -49.60 16.08
CA VAL A 187 11.87 -50.65 17.02
C VAL A 187 10.38 -50.60 17.32
N VAL A 188 9.83 -49.40 17.51
CA VAL A 188 8.38 -49.26 17.72
C VAL A 188 7.62 -49.83 16.52
N TYR A 189 8.08 -49.48 15.31
CA TYR A 189 7.51 -50.07 14.09
C TYR A 189 7.55 -51.59 14.14
N CYS A 190 8.67 -52.16 14.57
CA CYS A 190 8.76 -53.60 14.74
C CYS A 190 7.76 -54.11 15.77
N PHE A 191 7.63 -53.40 16.89
CA PHE A 191 6.82 -53.89 18.01
C PHE A 191 5.35 -53.96 17.62
N MET A 192 4.87 -52.96 16.89
CA MET A 192 3.46 -52.90 16.52
C MET A 192 3.07 -54.08 15.63
N ILE A 193 3.95 -54.48 14.71
CA ILE A 193 3.64 -55.59 13.81
C ILE A 193 3.62 -56.91 14.59
N ALA A 194 4.60 -57.12 15.46
CA ALA A 194 4.60 -58.31 16.31
C ALA A 194 3.33 -58.39 17.14
N TYR A 195 2.84 -57.24 17.61
CA TYR A 195 1.58 -57.18 18.33
C TYR A 195 0.42 -57.60 17.43
N GLY A 196 0.39 -57.06 16.21
CA GLY A 196 -0.69 -57.37 15.29
C GLY A 196 -0.66 -58.80 14.78
N THR A 197 0.52 -59.41 14.71
CA THR A 197 0.68 -60.76 14.17
C THR A 197 0.75 -61.83 15.26
N GLN A 198 0.49 -61.45 16.52
CA GLN A 198 0.52 -62.38 17.64
C GLN A 198 1.88 -63.07 17.77
N ARG A 199 2.95 -62.30 17.57
CA ARG A 199 4.31 -62.77 17.72
C ARG A 199 5.02 -62.01 18.84
N THR A 200 5.86 -62.72 19.58
CA THR A 200 6.68 -62.12 20.62
C THR A 200 7.92 -61.48 19.99
N LEU A 201 8.25 -60.28 20.45
CA LEU A 201 9.35 -59.51 19.87
C LEU A 201 10.70 -59.95 20.43
N ILE A 202 11.62 -60.32 19.53
CA ILE A 202 13.02 -60.58 19.86
C ILE A 202 13.84 -59.46 19.24
N LEU A 203 14.60 -58.75 20.06
CA LEU A 203 15.33 -57.56 19.63
C LEU A 203 16.83 -57.83 19.66
N GLU A 204 17.43 -57.98 18.48
CA GLU A 204 18.88 -58.07 18.37
C GLU A 204 19.46 -56.67 18.40
N SER A 205 20.25 -56.37 19.45
CA SER A 205 20.71 -55.01 19.70
C SER A 205 22.23 -54.92 19.82
N GLN A 206 22.96 -55.98 19.49
CA GLN A 206 24.41 -55.94 19.56
C GLN A 206 24.98 -55.02 18.50
N ASN A 207 26.16 -54.46 18.80
CA ASN A 207 26.85 -53.49 17.94
C ASN A 207 26.07 -52.19 17.77
N TRP A 208 25.10 -51.94 18.64
CA TRP A 208 24.38 -50.67 18.65
C TRP A 208 25.34 -49.50 18.64
N ARG A 209 25.16 -48.59 17.67
CA ARG A 209 26.14 -47.52 17.46
C ARG A 209 26.22 -46.58 18.66
N TYR A 210 25.14 -46.47 19.44
CA TYR A 210 25.15 -45.65 20.64
C TYR A 210 25.68 -46.40 21.85
N ALA A 211 25.60 -47.73 21.85
CA ALA A 211 26.01 -48.53 23.01
C ALA A 211 26.20 -49.96 22.49
N THR A 212 27.44 -50.28 22.11
CA THR A 212 27.74 -51.59 21.56
C THR A 212 27.34 -52.73 22.49
N GLY A 213 27.21 -52.46 23.79
CA GLY A 213 26.75 -53.49 24.71
C GLY A 213 25.37 -54.03 24.37
N GLY A 214 24.49 -53.17 23.88
CA GLY A 214 23.18 -53.58 23.42
C GLY A 214 22.08 -52.78 24.09
N TRP A 215 20.85 -53.23 23.85
CA TRP A 215 19.66 -52.54 24.37
C TRP A 215 19.67 -52.45 25.88
N GLU A 216 20.01 -53.54 26.55
CA GLU A 216 19.92 -53.59 28.01
C GLU A 216 20.98 -52.77 28.71
N THR A 217 21.80 -52.02 27.97
CA THR A 217 22.71 -51.07 28.60
C THR A 217 21.94 -50.03 29.40
N VAL A 218 20.74 -49.66 28.95
CA VAL A 218 19.98 -48.57 29.57
C VAL A 218 18.58 -49.02 29.95
N PHE A 219 17.99 -49.92 29.17
CA PHE A 219 16.58 -50.27 29.32
C PHE A 219 16.39 -51.72 29.72
N ARG A 220 15.26 -51.99 30.36
CA ARG A 220 14.92 -53.35 30.72
CA ARG A 220 14.90 -53.35 30.72
C ARG A 220 14.65 -54.18 29.46
N PRO A 221 15.01 -55.47 29.48
CA PRO A 221 14.77 -56.30 28.29
C PRO A 221 13.30 -56.37 27.92
N VAL A 222 13.05 -56.50 26.61
CA VAL A 222 11.69 -56.50 26.10
C VAL A 222 10.88 -57.69 26.61
N SER A 223 11.56 -58.73 27.09
CA SER A 223 10.88 -59.92 27.61
C SER A 223 11.58 -60.38 28.89
N GLU A 224 10.82 -61.06 29.74
CA GLU A 224 11.37 -61.68 30.93
C GLU A 224 11.52 -63.19 30.80
N THR A 225 10.84 -63.81 29.83
CA THR A 225 10.87 -65.25 29.66
C THR A 225 11.38 -65.71 28.30
N CYS A 226 11.35 -64.86 27.28
CA CYS A 226 11.70 -65.28 25.92
C CYS A 226 12.52 -64.18 25.24
N THR A 227 13.84 -64.24 25.43
CA THR A 227 14.77 -63.46 24.65
C THR A 227 15.61 -64.31 23.71
N ASP A 228 15.50 -65.64 23.81
CA ASP A 228 16.15 -66.54 22.88
C ASP A 228 15.44 -66.52 21.54
N ARG A 229 16.22 -66.46 20.45
CA ARG A 229 15.69 -66.33 19.09
C ARG A 229 15.50 -67.66 18.39
N SER A 230 15.70 -68.79 19.08
CA SER A 230 15.63 -70.08 18.41
C SER A 230 14.21 -70.39 17.94
N GLY A 231 14.12 -71.31 16.99
CA GLY A 231 12.85 -71.72 16.42
C GLY A 231 13.04 -72.78 15.36
N ILE A 232 12.06 -73.68 15.20
CA ILE A 232 12.18 -74.78 14.24
C ILE A 232 12.08 -74.34 12.80
N SER A 233 11.61 -73.11 12.54
CA SER A 233 11.51 -72.60 11.18
C SER A 233 11.76 -71.09 11.20
N THR A 234 12.67 -70.63 10.33
CA THR A 234 13.04 -69.23 10.28
C THR A 234 13.11 -68.78 8.83
N GLY A 235 12.64 -67.55 8.58
CA GLY A 235 12.70 -66.98 7.25
C GLY A 235 12.44 -65.49 7.33
N HIS A 236 12.69 -64.82 6.20
CA HIS A 236 12.47 -63.39 6.12
C HIS A 236 10.98 -63.09 5.93
N TRP A 237 10.62 -61.83 6.17
CA TRP A 237 9.22 -61.43 6.13
C TRP A 237 8.64 -61.59 4.73
N SER A 238 7.47 -62.25 4.66
CA SER A 238 6.77 -62.42 3.40
C SER A 238 5.28 -62.17 3.53
N GLY A 239 4.80 -61.74 4.69
CA GLY A 239 3.38 -61.55 4.90
C GLY A 239 2.84 -62.42 6.02
N GLU A 240 1.82 -61.95 6.73
CA GLU A 240 1.28 -62.71 7.85
C GLU A 240 0.73 -64.06 7.40
N VAL A 241 0.03 -64.07 6.26
CA VAL A 241 -0.60 -65.31 5.80
C VAL A 241 0.46 -66.30 5.32
N LYS A 242 1.40 -65.84 4.50
CA LYS A 242 2.44 -66.74 3.98
C LYS A 242 3.36 -67.24 5.08
N ASP A 243 3.62 -66.42 6.10
CA ASP A 243 4.49 -66.81 7.20
C ASP A 243 3.73 -67.43 8.36
N LYS A 244 2.51 -67.92 8.12
CA LYS A 244 1.69 -68.46 9.21
C LYS A 244 2.32 -69.69 9.84
N ASN A 245 3.23 -70.37 9.15
CA ASN A 245 3.88 -71.56 9.67
C ASN A 245 5.39 -71.37 9.83
N VAL A 246 5.84 -70.13 9.90
CA VAL A 246 7.23 -69.81 10.21
C VAL A 246 7.27 -69.34 11.66
N GLN A 247 8.03 -70.06 12.50
CA GLN A 247 8.06 -69.73 13.92
C GLN A 247 8.74 -68.40 14.17
N VAL A 248 9.85 -68.15 13.47
CA VAL A 248 10.67 -66.96 13.68
C VAL A 248 10.74 -66.22 12.36
N VAL A 249 10.28 -64.97 12.35
CA VAL A 249 10.24 -64.14 11.14
C VAL A 249 11.13 -62.94 11.35
N GLU A 250 12.05 -62.71 10.40
CA GLU A 250 12.98 -61.59 10.45
C GLU A 250 12.36 -60.41 9.72
N LEU A 251 12.26 -59.26 10.40
CA LEU A 251 11.63 -58.08 9.82
C LEU A 251 12.68 -57.06 9.41
N PRO A 252 12.68 -56.61 8.17
CA PRO A 252 13.59 -55.55 7.76
C PRO A 252 13.01 -54.18 8.14
N ILE A 253 13.77 -53.13 7.82
CA ILE A 253 13.30 -51.78 8.10
C ILE A 253 12.09 -51.45 7.22
N VAL A 254 11.29 -50.50 7.69
CA VAL A 254 10.05 -50.13 7.00
C VAL A 254 10.31 -49.47 5.65
N ASP A 255 11.48 -48.89 5.44
CA ASP A 255 11.74 -48.18 4.20
C ASP A 255 11.70 -49.07 2.97
N SER A 256 11.81 -50.39 3.16
CA SER A 256 11.86 -51.35 2.06
C SER A 256 10.88 -52.50 2.28
N LEU A 257 9.91 -52.32 3.17
CA LEU A 257 9.05 -53.42 3.58
C LEU A 257 8.13 -53.85 2.44
N HIS A 258 8.08 -55.14 2.20
CA HIS A 258 7.28 -55.73 1.13
C HIS A 258 6.87 -57.15 1.50
N PRO A 259 5.56 -57.43 1.65
CA PRO A 259 4.43 -56.51 1.54
C PRO A 259 4.13 -55.78 2.86
N ARG A 260 3.35 -54.69 2.78
CA ARG A 260 3.05 -53.95 4.02
C ARG A 260 1.81 -54.51 4.68
N PRO A 261 1.86 -54.80 5.99
CA PRO A 261 0.68 -55.32 6.68
C PRO A 261 -0.20 -54.17 7.18
N PRO A 262 -1.41 -54.48 7.66
CA PRO A 262 -2.28 -53.41 8.16
C PRO A 262 -1.87 -52.86 9.53
N TYR A 263 -1.00 -53.55 10.28
CA TYR A 263 -0.68 -53.16 11.65
C TYR A 263 0.40 -52.08 11.63
N LEU A 264 0.02 -50.92 11.12
CA LEU A 264 0.91 -49.78 10.96
C LEU A 264 0.23 -48.50 11.39
N PRO A 265 0.98 -47.46 11.69
CA PRO A 265 0.37 -46.13 11.88
C PRO A 265 -0.14 -45.61 10.55
N LEU A 266 -1.14 -44.72 10.63
CA LEU A 266 -1.66 -44.15 11.87
C LEU A 266 -2.95 -44.83 12.31
N ALA A 267 -3.07 -46.11 11.99
CA ALA A 267 -4.26 -46.86 12.35
C ALA A 267 -4.20 -47.27 13.82
N VAL A 268 -5.37 -47.40 14.42
CA VAL A 268 -5.51 -47.76 15.83
C VAL A 268 -6.30 -49.06 15.89
N PRO A 269 -6.22 -49.79 17.00
CA PRO A 269 -6.99 -51.03 17.11
C PRO A 269 -8.47 -50.78 16.98
N GLU A 270 -9.12 -51.57 16.12
CA GLU A 270 -10.58 -51.58 15.99
C GLU A 270 -11.28 -51.49 17.33
N ASP A 271 -10.92 -52.38 18.25
CA ASP A 271 -11.58 -52.49 19.55
C ASP A 271 -11.32 -51.30 20.46
N LEU A 272 -10.38 -50.41 20.12
CA LEU A 272 -10.04 -49.30 20.99
C LEU A 272 -10.42 -47.93 20.43
N ALA A 273 -10.86 -47.86 19.17
CA ALA A 273 -11.03 -46.56 18.52
C ALA A 273 -12.09 -45.72 19.23
N ASP A 274 -13.26 -46.31 19.52
CA ASP A 274 -14.35 -45.56 20.12
C ASP A 274 -13.95 -45.01 21.49
N ARG A 275 -13.35 -45.84 22.33
CA ARG A 275 -12.90 -45.39 23.64
C ARG A 275 -11.81 -44.34 23.52
N LEU A 276 -10.92 -44.50 22.54
CA LEU A 276 -9.78 -43.60 22.38
C LEU A 276 -10.23 -42.21 21.95
N VAL A 277 -11.08 -42.14 20.92
CA VAL A 277 -11.55 -40.84 20.43
C VAL A 277 -12.32 -40.10 21.52
N ARG A 278 -13.09 -40.84 22.34
CA ARG A 278 -13.80 -40.25 23.46
C ARG A 278 -12.85 -39.54 24.42
N VAL A 279 -11.60 -39.98 24.48
CA VAL A 279 -10.61 -39.50 25.45
C VAL A 279 -9.57 -38.62 24.79
N HIS A 280 -8.97 -39.09 23.70
CA HIS A 280 -7.76 -38.50 23.15
C HIS A 280 -8.07 -37.71 21.88
N GLY A 281 -7.33 -36.61 21.69
CA GLY A 281 -7.49 -35.79 20.50
C GLY A 281 -6.72 -36.26 19.30
N ASP A 282 -5.71 -37.10 19.49
CA ASP A 282 -4.96 -37.71 18.40
C ASP A 282 -4.63 -39.14 18.81
N PRO A 283 -5.60 -40.05 18.69
CA PRO A 283 -5.39 -41.42 19.15
C PRO A 283 -4.24 -42.15 18.46
N ALA A 284 -3.83 -41.68 17.28
CA ALA A 284 -2.72 -42.31 16.59
C ALA A 284 -1.43 -42.21 17.41
N VAL A 285 -1.20 -41.07 18.05
CA VAL A 285 0.01 -40.90 18.84
C VAL A 285 -0.06 -41.74 20.10
N TRP A 286 -1.24 -41.79 20.74
CA TRP A 286 -1.41 -42.59 21.95
C TRP A 286 -1.09 -44.05 21.68
N TRP A 287 -1.62 -44.59 20.58
CA TRP A 287 -1.31 -45.97 20.21
C TRP A 287 0.20 -46.17 20.04
N VAL A 288 0.86 -45.21 19.41
CA VAL A 288 2.31 -45.26 19.27
C VAL A 288 2.96 -45.16 20.64
N SER A 289 2.47 -44.23 21.48
CA SER A 289 3.10 -43.98 22.77
C SER A 289 3.06 -45.20 23.68
N GLN A 290 2.03 -46.04 23.56
CA GLN A 290 1.94 -47.22 24.41
C GLN A 290 3.09 -48.18 24.15
N PHE A 291 3.57 -48.26 22.90
CA PHE A 291 4.72 -49.10 22.61
C PHE A 291 6.01 -48.44 23.08
N VAL A 292 6.07 -47.10 23.05
CA VAL A 292 7.24 -46.40 23.57
C VAL A 292 7.33 -46.54 25.08
N LYS A 293 6.20 -46.32 25.77
CA LYS A 293 6.15 -46.50 27.22
C LYS A 293 6.75 -47.84 27.64
N TYR A 294 6.34 -48.92 26.97
CA TYR A 294 6.83 -50.25 27.32
C TYR A 294 8.32 -50.39 27.03
N LEU A 295 8.78 -49.81 25.92
CA LEU A 295 10.17 -50.01 25.52
C LEU A 295 11.13 -49.33 26.48
N ILE A 296 10.80 -48.11 26.92
CA ILE A 296 11.75 -47.28 27.65
C ILE A 296 11.68 -47.53 29.16
N ARG A 297 11.18 -48.70 29.55
CA ARG A 297 11.28 -49.11 30.95
C ARG A 297 12.75 -49.07 31.37
N PRO A 298 13.10 -48.24 32.35
CA PRO A 298 14.52 -48.02 32.64
C PRO A 298 15.12 -49.11 33.51
N GLN A 299 16.40 -49.36 33.28
CA GLN A 299 17.17 -50.15 34.23
C GLN A 299 17.25 -49.39 35.56
N PRO A 300 17.40 -50.11 36.67
CA PRO A 300 17.40 -49.42 37.99
C PRO A 300 18.41 -48.27 38.05
N TRP A 301 19.61 -48.47 37.52
CA TRP A 301 20.61 -47.41 37.50
C TRP A 301 20.20 -46.23 36.62
N LEU A 302 19.49 -46.50 35.52
CA LEU A 302 19.01 -45.42 34.68
C LEU A 302 17.93 -44.61 35.38
N GLU A 303 16.98 -45.29 36.00
CA GLU A 303 15.95 -44.62 36.79
C GLU A 303 16.58 -43.71 37.85
N LYS A 304 17.67 -44.17 38.47
CA LYS A 304 18.37 -43.35 39.45
C LYS A 304 18.96 -42.09 38.82
N GLU A 305 19.70 -42.26 37.71
CA GLU A 305 20.31 -41.12 37.03
C GLU A 305 19.28 -40.05 36.71
N ILE A 306 18.08 -40.47 36.28
CA ILE A 306 17.00 -39.55 36.01
C ILE A 306 16.63 -38.77 37.27
N GLU A 307 16.43 -39.49 38.38
CA GLU A 307 16.07 -38.84 39.63
C GLU A 307 17.13 -37.86 40.09
N GLU A 308 18.41 -38.22 39.94
CA GLU A 308 19.49 -37.33 40.36
C GLU A 308 19.54 -36.08 39.49
N ALA A 309 19.54 -36.26 38.17
CA ALA A 309 19.58 -35.12 37.26
C ALA A 309 18.40 -34.19 37.50
N THR A 310 17.23 -34.74 37.79
CA THR A 310 16.07 -33.93 38.12
C THR A 310 16.36 -32.99 39.28
N LYS A 311 16.91 -33.53 40.37
CA LYS A 311 17.21 -32.73 41.55
C LYS A 311 18.31 -31.71 41.26
N LYS A 312 19.39 -32.15 40.61
CA LYS A 312 20.53 -31.25 40.39
C LYS A 312 20.18 -30.11 39.45
N LEU A 313 19.39 -30.40 38.41
CA LEU A 313 19.04 -29.37 37.43
C LEU A 313 18.01 -28.38 37.96
N GLY A 314 17.42 -28.65 39.12
CA GLY A 314 16.34 -27.82 39.61
C GLY A 314 15.09 -27.93 38.76
N PHE A 315 14.81 -29.11 38.23
CA PHE A 315 13.69 -29.32 37.31
C PHE A 315 12.39 -29.34 38.12
N LYS A 316 11.57 -28.31 37.93
CA LYS A 316 10.30 -28.19 38.62
C LYS A 316 9.32 -27.49 37.70
N HIS A 317 8.03 -27.67 37.99
CA HIS A 317 6.96 -27.11 37.17
C HIS A 317 6.52 -25.75 37.73
N PRO A 318 6.03 -24.84 36.86
CA PRO A 318 5.83 -25.01 35.42
C PRO A 318 7.10 -24.87 34.61
N VAL A 319 7.20 -25.66 33.54
CA VAL A 319 8.39 -25.65 32.68
C VAL A 319 7.95 -26.02 31.27
N ILE A 320 8.48 -25.31 30.29
CA ILE A 320 8.18 -25.56 28.88
C ILE A 320 9.44 -26.11 28.22
N GLY A 321 9.30 -27.28 27.59
CA GLY A 321 10.44 -27.91 26.95
C GLY A 321 10.63 -27.39 25.54
N VAL A 322 11.89 -27.14 25.18
CA VAL A 322 12.27 -26.62 23.88
C VAL A 322 13.40 -27.48 23.34
N HIS A 323 13.30 -27.86 22.07
CA HIS A 323 14.30 -28.67 21.40
C HIS A 323 14.78 -27.93 20.17
N VAL A 324 16.00 -27.40 20.24
CA VAL A 324 16.61 -26.67 19.13
C VAL A 324 17.59 -27.63 18.46
N ARG A 325 17.12 -28.28 17.40
CA ARG A 325 17.95 -29.21 16.65
C ARG A 325 18.69 -28.47 15.55
N ARG A 326 20.02 -28.60 15.54
CA ARG A 326 20.82 -27.95 14.50
C ARG A 326 21.91 -28.89 13.99
N THR A 327 23.17 -28.44 14.04
CA THR A 327 24.30 -29.20 13.52
C THR A 327 24.02 -29.75 12.13
N ASP A 328 23.93 -31.08 12.00
CA ASP A 328 23.78 -31.72 10.70
C ASP A 328 22.34 -31.71 10.20
N LYS A 329 21.36 -31.44 11.06
CA LYS A 329 19.98 -31.39 10.60
C LYS A 329 19.75 -30.21 9.66
N VAL A 330 20.40 -29.07 9.92
CA VAL A 330 20.23 -27.91 9.07
C VAL A 330 20.79 -28.21 7.69
N GLY A 331 20.03 -27.89 6.65
CA GLY A 331 20.47 -28.09 5.30
C GLY A 331 20.19 -29.47 4.73
N THR A 332 19.88 -30.45 5.58
CA THR A 332 19.66 -31.81 5.12
C THR A 332 18.21 -32.25 5.25
N GLU A 333 17.60 -32.03 6.40
CA GLU A 333 16.23 -32.46 6.67
C GLU A 333 15.37 -31.35 7.26
N ALA A 334 15.95 -30.19 7.54
CA ALA A 334 15.26 -29.07 8.16
C ALA A 334 16.08 -27.81 7.89
N ALA A 335 15.70 -26.71 8.52
CA ALA A 335 16.34 -25.43 8.32
C ALA A 335 16.78 -24.87 9.65
N PHE A 336 17.57 -23.80 9.58
CA PHE A 336 17.93 -23.07 10.80
C PHE A 336 16.73 -22.30 11.30
N HIS A 337 16.58 -22.25 12.62
CA HIS A 337 15.49 -21.51 13.25
C HIS A 337 16.08 -20.69 14.39
N PRO A 338 16.01 -19.36 14.33
CA PRO A 338 16.52 -18.52 15.42
C PRO A 338 15.83 -18.83 16.74
N ILE A 339 16.51 -18.49 17.84
CA ILE A 339 15.96 -18.71 19.17
C ILE A 339 14.67 -17.94 19.35
N GLU A 340 14.54 -16.77 18.74
CA GLU A 340 13.31 -15.99 18.84
C GLU A 340 12.13 -16.73 18.20
N GLU A 341 12.38 -17.50 17.14
CA GLU A 341 11.31 -18.26 16.50
C GLU A 341 10.64 -19.20 17.49
N TYR A 342 11.44 -19.93 18.28
CA TYR A 342 10.86 -20.80 19.31
C TYR A 342 10.22 -19.98 20.42
N MET A 343 10.90 -18.91 20.86
CA MET A 343 10.53 -18.27 22.11
C MET A 343 9.22 -17.50 22.03
N VAL A 344 8.82 -17.06 20.83
CA VAL A 344 7.55 -16.34 20.72
C VAL A 344 6.39 -17.24 21.12
N HIS A 345 6.48 -18.55 20.82
CA HIS A 345 5.42 -19.48 21.20
C HIS A 345 5.52 -19.89 22.66
N VAL A 346 6.73 -19.92 23.23
CA VAL A 346 6.88 -20.18 24.66
C VAL A 346 6.24 -19.06 25.46
N GLU A 347 6.65 -17.81 25.21
CA GLU A 347 6.05 -16.67 25.88
C GLU A 347 4.55 -16.64 25.66
N GLU A 348 4.10 -16.98 24.45
CA GLU A 348 2.68 -17.01 24.17
C GLU A 348 1.97 -18.01 25.08
N HIS A 349 2.54 -19.20 25.26
CA HIS A 349 1.92 -20.20 26.12
C HIS A 349 2.07 -19.87 27.60
N PHE A 350 3.17 -19.22 27.98
CA PHE A 350 3.31 -18.78 29.37
C PHE A 350 2.29 -17.72 29.72
N GLN A 351 1.97 -16.85 28.77
CA GLN A 351 0.87 -15.90 28.97
C GLN A 351 -0.44 -16.63 29.16
N LEU A 352 -0.63 -17.75 28.44
CA LEU A 352 -1.85 -18.54 28.59
C LEU A 352 -1.92 -19.17 29.98
N LEU A 353 -0.82 -19.77 30.44
CA LEU A 353 -0.82 -20.42 31.74
C LEU A 353 -1.08 -19.41 32.86
N ALA A 354 -0.52 -18.21 32.74
CA ALA A 354 -0.74 -17.17 33.75
C ALA A 354 -2.21 -16.83 33.91
N ARG A 355 -3.03 -17.06 32.88
CA ARG A 355 -4.46 -16.81 32.98
C ARG A 355 -5.17 -17.81 33.88
N ARG A 356 -4.54 -18.94 34.19
CA ARG A 356 -5.17 -20.00 34.97
C ARG A 356 -4.40 -20.40 36.22
N MET A 357 -3.18 -19.91 36.43
CA MET A 357 -2.40 -20.34 37.57
C MET A 357 -1.33 -19.30 37.89
N GLN A 358 -0.84 -19.36 39.13
CA GLN A 358 0.27 -18.53 39.55
C GLN A 358 1.58 -19.09 38.97
N VAL A 359 2.32 -18.24 38.27
CA VAL A 359 3.58 -18.62 37.65
C VAL A 359 4.71 -17.97 38.44
N ASP A 360 5.46 -18.78 39.19
CA ASP A 360 6.61 -18.26 39.93
C ASP A 360 7.71 -17.79 38.99
N LYS A 361 8.24 -18.71 38.18
CA LYS A 361 9.31 -18.41 37.25
C LYS A 361 9.00 -19.06 35.90
N LYS A 362 9.35 -18.36 34.83
CA LYS A 362 9.16 -18.91 33.48
C LYS A 362 10.33 -19.84 33.19
N ARG A 363 10.11 -21.13 33.33
CA ARG A 363 11.17 -22.12 33.16
C ARG A 363 11.12 -22.73 31.77
N VAL A 364 12.28 -22.88 31.16
CA VAL A 364 12.44 -23.54 29.86
C VAL A 364 13.55 -24.57 30.00
N TYR A 365 13.25 -25.81 29.68
CA TYR A 365 14.26 -26.85 29.58
C TYR A 365 14.77 -26.85 28.15
N LEU A 366 15.96 -26.32 27.94
CA LEU A 366 16.54 -26.24 26.62
C LEU A 366 17.30 -27.53 26.31
N ALA A 367 17.02 -28.11 25.15
CA ALA A 367 17.70 -29.31 24.68
C ALA A 367 18.16 -29.05 23.26
N THR A 368 19.47 -29.03 23.05
CA THR A 368 20.00 -28.69 21.74
C THR A 368 21.30 -29.44 21.51
N ASP A 369 21.65 -29.58 20.23
CA ASP A 369 22.96 -30.06 19.83
C ASP A 369 23.90 -28.93 19.47
N ASP A 370 23.48 -27.68 19.70
CA ASP A 370 24.33 -26.51 19.54
C ASP A 370 24.68 -25.98 20.92
N PRO A 371 25.87 -26.30 21.45
CA PRO A 371 26.19 -25.88 22.83
C PRO A 371 26.38 -24.38 23.00
N SER A 372 26.71 -23.66 21.94
CA SER A 372 26.85 -22.21 22.02
C SER A 372 25.54 -21.49 22.28
N LEU A 373 24.41 -22.20 22.25
CA LEU A 373 23.10 -21.57 22.32
C LEU A 373 22.76 -21.11 23.73
N LEU A 374 23.09 -21.90 24.76
CA LEU A 374 22.58 -21.65 26.10
C LEU A 374 22.98 -20.27 26.62
N LYS A 375 24.22 -19.85 26.41
CA LYS A 375 24.65 -18.52 26.82
C LYS A 375 23.84 -17.44 26.11
N GLU A 376 23.68 -17.59 24.79
CA GLU A 376 22.89 -16.64 24.01
C GLU A 376 21.45 -16.58 24.50
N ALA A 377 20.87 -17.73 24.83
CA ALA A 377 19.49 -17.77 25.31
C ALA A 377 19.36 -17.07 26.65
N LYS A 378 20.29 -17.34 27.57
CA LYS A 378 20.27 -16.68 28.87
C LYS A 378 20.34 -15.16 28.72
N THR A 379 21.18 -14.68 27.79
CA THR A 379 21.37 -13.24 27.63
C THR A 379 20.11 -12.58 27.07
N LYS A 380 19.58 -13.11 25.97
CA LYS A 380 18.44 -12.47 25.31
C LYS A 380 17.18 -12.56 26.14
N TYR A 381 17.09 -13.48 27.09
CA TYR A 381 15.88 -13.72 27.87
C TYR A 381 16.24 -13.79 29.35
N PRO A 382 16.53 -12.63 29.97
CA PRO A 382 16.98 -12.65 31.36
C PRO A 382 15.91 -13.09 32.34
N ASN A 383 14.63 -12.85 32.05
CA ASN A 383 13.57 -13.27 32.94
C ASN A 383 13.17 -14.72 32.75
N TYR A 384 13.95 -15.49 32.00
CA TYR A 384 13.71 -16.91 31.82
C TYR A 384 14.80 -17.70 32.53
N GLU A 385 14.40 -18.69 33.32
CA GLU A 385 15.32 -19.64 33.91
C GLU A 385 15.45 -20.81 32.94
N PHE A 386 16.62 -20.94 32.32
CA PHE A 386 16.88 -22.01 31.38
C PHE A 386 17.53 -23.18 32.11
N ILE A 387 16.84 -24.31 32.13
CA ILE A 387 17.33 -25.53 32.76
C ILE A 387 17.92 -26.41 31.67
N SER A 388 19.23 -26.61 31.72
CA SER A 388 19.89 -27.35 30.66
C SER A 388 21.23 -27.85 31.16
N ASP A 389 21.67 -28.98 30.61
CA ASP A 389 22.96 -29.57 30.91
C ASP A 389 23.84 -29.29 29.70
N ASN A 390 24.62 -28.20 29.77
CA ASN A 390 25.40 -27.79 28.61
C ASN A 390 26.45 -28.82 28.24
N SER A 391 26.91 -29.63 29.20
CA SER A 391 27.85 -30.69 28.86
C SER A 391 27.20 -31.77 28.01
N ILE A 392 25.88 -31.96 28.15
CA ILE A 392 25.15 -32.87 27.28
C ILE A 392 25.09 -32.31 25.87
N SER A 393 24.85 -31.00 25.74
CA SER A 393 24.87 -30.37 24.42
C SER A 393 26.19 -30.64 23.70
N TRP A 394 27.31 -30.64 24.45
CA TRP A 394 28.59 -30.96 23.85
C TRP A 394 28.68 -32.44 23.48
N SER A 395 28.09 -33.32 24.30
CA SER A 395 28.08 -34.74 23.96
C SER A 395 27.28 -34.99 22.68
N ALA A 396 26.33 -34.11 22.36
CA ALA A 396 25.57 -34.24 21.12
C ALA A 396 26.37 -33.86 19.89
N GLY A 397 27.60 -33.39 20.05
CA GLY A 397 28.45 -33.07 18.91
C GLY A 397 28.65 -34.25 17.98
N LEU A 398 29.05 -33.93 16.74
CA LEU A 398 29.09 -34.95 15.69
C LEU A 398 30.19 -35.97 15.93
N HIS A 399 31.39 -35.52 16.34
CA HIS A 399 32.49 -36.45 16.54
C HIS A 399 32.23 -37.40 17.71
N ASN A 400 31.42 -37.00 18.68
CA ASN A 400 31.17 -37.77 19.89
C ASN A 400 29.75 -38.27 19.99
N ARG A 401 28.95 -38.18 18.92
CA ARG A 401 27.52 -38.44 19.04
C ARG A 401 27.23 -39.91 19.36
N TYR A 402 27.99 -40.83 18.76
CA TYR A 402 27.67 -42.25 18.86
C TYR A 402 28.56 -42.92 19.92
N THR A 403 28.31 -42.51 21.16
CA THR A 403 28.94 -43.08 22.34
C THR A 403 27.89 -43.26 23.41
N GLU A 404 28.21 -44.07 24.43
CA GLU A 404 27.26 -44.34 25.49
C GLU A 404 26.91 -43.07 26.26
N ASN A 405 27.90 -42.20 26.49
CA ASN A 405 27.64 -40.97 27.21
C ASN A 405 26.68 -40.08 26.46
N SER A 406 26.86 -39.96 25.13
CA SER A 406 25.93 -39.16 24.32
C SER A 406 24.54 -39.80 24.27
N LEU A 407 24.48 -41.14 24.26
CA LEU A 407 23.20 -41.83 24.30
C LEU A 407 22.42 -41.47 25.57
N ARG A 408 23.07 -41.61 26.72
CA ARG A 408 22.41 -41.27 27.98
C ARG A 408 22.12 -39.78 28.09
N GLY A 409 22.86 -38.94 27.37
CA GLY A 409 22.54 -37.52 27.36
C GLY A 409 21.22 -37.23 26.66
N VAL A 410 21.04 -37.77 25.46
CA VAL A 410 19.81 -37.51 24.71
C VAL A 410 18.63 -38.20 25.38
N ILE A 411 18.84 -39.35 26.02
CA ILE A 411 17.76 -39.99 26.77
C ILE A 411 17.25 -39.07 27.86
N LEU A 412 18.16 -38.38 28.55
CA LEU A 412 17.75 -37.46 29.60
C LEU A 412 17.09 -36.22 29.01
N ASP A 413 17.67 -35.65 27.95
CA ASP A 413 17.06 -34.50 27.29
C ASP A 413 15.63 -34.81 26.88
N ILE A 414 15.42 -35.96 26.26
CA ILE A 414 14.08 -36.37 25.86
C ILE A 414 13.18 -36.51 27.10
N HIS A 415 13.72 -37.09 28.17
CA HIS A 415 12.92 -37.28 29.38
C HIS A 415 12.42 -35.95 29.92
N PHE A 416 13.32 -34.99 30.15
CA PHE A 416 12.89 -33.72 30.72
C PHE A 416 12.05 -32.94 29.74
N LEU A 417 12.25 -33.16 28.43
CA LEU A 417 11.36 -32.57 27.44
C LEU A 417 9.95 -33.13 27.57
N SER A 418 9.81 -34.45 27.70
CA SER A 418 8.49 -35.06 27.80
C SER A 418 7.78 -34.68 29.09
N GLN A 419 8.51 -34.45 30.18
CA GLN A 419 7.88 -34.09 31.44
C GLN A 419 7.32 -32.67 31.44
N ALA A 420 7.77 -31.83 30.51
CA ALA A 420 7.37 -30.43 30.50
C ALA A 420 5.88 -30.28 30.25
N ASP A 421 5.34 -29.13 30.70
CA ASP A 421 3.93 -28.83 30.54
C ASP A 421 3.58 -28.42 29.11
N PHE A 422 4.58 -28.18 28.26
CA PHE A 422 4.37 -27.75 26.89
C PHE A 422 5.68 -27.94 26.15
N LEU A 423 5.59 -28.14 24.84
CA LEU A 423 6.75 -28.52 24.04
C LEU A 423 6.79 -27.70 22.76
N VAL A 424 7.83 -26.90 22.61
CA VAL A 424 8.07 -26.11 21.40
C VAL A 424 9.32 -26.66 20.72
N CYS A 425 9.22 -26.93 19.42
CA CYS A 425 10.33 -27.53 18.69
C CYS A 425 10.05 -27.58 17.19
N THR A 426 10.82 -28.39 16.48
CA THR A 426 10.54 -28.75 15.09
C THR A 426 10.24 -30.25 15.05
N PHE A 427 9.04 -30.59 14.59
CA PHE A 427 8.69 -32.00 14.49
C PHE A 427 9.41 -32.72 13.36
N SER A 428 10.13 -31.99 12.51
CA SER A 428 10.97 -32.66 11.52
C SER A 428 12.05 -33.51 12.19
N SER A 429 12.48 -33.09 13.39
CA SER A 429 13.48 -33.84 14.14
C SER A 429 12.83 -35.04 14.83
N GLN A 430 13.40 -36.22 14.62
CA GLN A 430 12.91 -37.43 15.29
C GLN A 430 12.98 -37.28 16.81
N VAL A 431 13.90 -36.45 17.31
CA VAL A 431 14.07 -36.30 18.76
C VAL A 431 12.80 -35.75 19.41
N CYS A 432 12.26 -34.65 18.86
CA CYS A 432 11.10 -34.03 19.47
C CYS A 432 9.87 -34.93 19.41
N ARG A 433 9.72 -35.69 18.32
CA ARG A 433 8.55 -36.54 18.17
C ARG A 433 8.46 -37.57 19.31
N VAL A 434 9.60 -38.09 19.75
CA VAL A 434 9.59 -39.05 20.85
C VAL A 434 9.11 -38.39 22.14
N ALA A 435 9.70 -37.25 22.50
CA ALA A 435 9.26 -36.53 23.69
C ALA A 435 7.77 -36.23 23.65
N TYR A 436 7.26 -35.88 22.47
CA TYR A 436 5.82 -35.66 22.31
C TYR A 436 5.06 -36.94 22.59
N GLU A 437 5.52 -38.07 22.05
CA GLU A 437 4.83 -39.33 22.27
C GLU A 437 4.87 -39.75 23.74
N ILE A 438 6.04 -39.63 24.38
CA ILE A 438 6.14 -40.00 25.79
C ILE A 438 5.25 -39.10 26.64
N MET A 439 5.12 -37.83 26.24
CA MET A 439 4.22 -36.92 26.92
C MET A 439 2.80 -37.46 26.96
N GLN A 440 2.40 -38.19 25.92
CA GLN A 440 1.03 -38.71 25.87
C GLN A 440 0.77 -39.73 26.97
N THR A 441 1.81 -40.43 27.41
CA THR A 441 1.66 -41.42 28.47
C THR A 441 1.61 -40.81 29.86
N LEU A 442 1.89 -39.51 29.99
CA LEU A 442 1.95 -38.87 31.30
C LEU A 442 0.70 -38.08 31.64
N HIS A 443 -0.14 -37.76 30.66
CA HIS A 443 -1.36 -37.00 30.88
C HIS A 443 -2.47 -37.62 30.05
N PRO A 444 -3.73 -37.35 30.41
CA PRO A 444 -4.84 -37.74 29.53
C PRO A 444 -5.04 -36.70 28.44
N ASP A 445 -4.87 -37.13 27.19
CA ASP A 445 -5.07 -36.28 26.00
C ASP A 445 -4.18 -35.04 26.07
N ALA A 446 -2.88 -35.28 25.99
CA ALA A 446 -1.88 -34.22 25.88
C ALA A 446 -1.59 -33.87 24.43
N SER A 447 -2.51 -34.18 23.51
CA SER A 447 -2.22 -34.08 22.08
C SER A 447 -2.04 -32.64 21.60
N ALA A 448 -2.60 -31.66 22.30
CA ALA A 448 -2.51 -30.27 21.85
C ALA A 448 -1.38 -29.50 22.50
N ASN A 449 -0.66 -30.10 23.45
CA ASN A 449 0.33 -29.37 24.24
C ASN A 449 1.66 -29.24 23.52
N PHE A 450 1.66 -28.80 22.27
CA PHE A 450 2.89 -28.63 21.53
C PHE A 450 2.73 -27.49 20.53
N HIS A 451 3.86 -27.08 19.96
CA HIS A 451 3.84 -26.25 18.76
C HIS A 451 5.10 -26.56 17.97
N SER A 452 4.93 -27.10 16.77
CA SER A 452 6.05 -27.40 15.89
C SER A 452 6.29 -26.22 14.95
N LEU A 453 7.57 -25.90 14.72
CA LEU A 453 7.91 -24.80 13.85
C LEU A 453 7.78 -25.15 12.37
N ASP A 454 7.72 -26.43 12.03
CA ASP A 454 7.60 -26.81 10.64
C ASP A 454 6.60 -27.95 10.45
N ASP A 455 7.07 -29.20 10.43
CA ASP A 455 6.21 -30.34 10.14
C ASP A 455 5.16 -30.52 11.23
N ILE A 456 4.02 -31.07 10.83
CA ILE A 456 3.05 -31.60 11.78
C ILE A 456 3.53 -32.97 12.23
N TYR A 457 2.77 -33.61 13.12
CA TYR A 457 3.15 -34.93 13.59
C TYR A 457 3.02 -35.94 12.46
N TYR A 458 4.02 -36.79 12.32
CA TYR A 458 3.98 -37.92 11.42
C TYR A 458 4.77 -39.06 12.07
N PHE A 459 4.76 -40.22 11.41
CA PHE A 459 5.55 -41.37 11.84
C PHE A 459 6.18 -41.95 10.59
N GLY A 460 7.50 -41.84 10.48
CA GLY A 460 8.22 -42.29 9.30
C GLY A 460 7.80 -43.66 8.79
N GLY A 461 7.24 -43.69 7.58
CA GLY A 461 6.74 -44.91 7.01
C GLY A 461 5.26 -45.15 7.18
N GLN A 462 4.52 -44.18 7.72
CA GLN A 462 3.10 -44.33 7.99
C GLN A 462 2.33 -44.51 6.68
N ASN A 463 1.11 -45.05 6.81
CA ASN A 463 0.17 -45.02 5.71
C ASN A 463 -0.34 -43.59 5.52
N ALA A 464 -0.83 -43.33 4.31
CA ALA A 464 -1.19 -41.97 3.90
C ALA A 464 -2.06 -41.28 4.92
N HIS A 465 -1.57 -40.17 5.46
CA HIS A 465 -2.35 -39.37 6.40
C HIS A 465 -3.38 -38.58 5.59
N ASN A 466 -4.66 -38.86 5.85
CA ASN A 466 -5.76 -38.31 5.07
C ASN A 466 -6.74 -37.56 5.96
N GLN A 467 -7.28 -36.48 5.43
CA GLN A 467 -8.34 -35.71 6.04
C GLN A 467 -9.56 -35.70 5.14
N ILE A 468 -10.70 -35.30 5.69
CA ILE A 468 -11.96 -35.21 4.96
C ILE A 468 -12.39 -33.76 4.97
N ALA A 469 -12.62 -33.19 3.78
CA ALA A 469 -13.13 -31.83 3.69
C ALA A 469 -14.55 -31.75 4.24
N ILE A 470 -14.77 -30.82 5.16
CA ILE A 470 -16.09 -30.62 5.74
C ILE A 470 -16.76 -29.35 5.24
N TYR A 471 -15.99 -28.35 4.84
CA TYR A 471 -16.52 -27.12 4.28
C TYR A 471 -15.96 -26.90 2.89
N ALA A 472 -16.80 -26.38 1.98
CA ALA A 472 -16.36 -26.14 0.62
C ALA A 472 -15.40 -24.95 0.58
N HIS A 473 -14.37 -25.07 -0.25
CA HIS A 473 -13.42 -23.98 -0.44
C HIS A 473 -13.29 -23.66 -1.92
N GLN A 474 -13.31 -22.38 -2.25
CA GLN A 474 -13.08 -21.91 -3.62
C GLN A 474 -11.74 -21.19 -3.65
N PRO A 475 -10.81 -21.61 -4.50
CA PRO A 475 -9.47 -21.02 -4.47
C PRO A 475 -9.50 -19.54 -4.81
N ARG A 476 -8.91 -18.72 -3.92
CA ARG A 476 -8.77 -17.30 -4.22
C ARG A 476 -7.60 -17.03 -5.16
N THR A 477 -6.54 -17.84 -5.07
CA THR A 477 -5.41 -17.78 -5.98
C THR A 477 -5.25 -19.13 -6.66
N ALA A 478 -4.24 -19.22 -7.53
CA ALA A 478 -3.91 -20.49 -8.16
C ALA A 478 -3.17 -21.43 -7.21
N ASP A 479 -2.57 -20.88 -6.14
CA ASP A 479 -1.87 -21.71 -5.18
C ASP A 479 -2.81 -22.53 -4.30
N GLU A 480 -4.09 -22.17 -4.26
CA GLU A 480 -5.06 -22.89 -3.46
C GLU A 480 -5.81 -23.91 -4.31
N ILE A 481 -6.22 -24.99 -3.68
CA ILE A 481 -6.99 -26.04 -4.35
C ILE A 481 -8.45 -25.90 -3.95
N PRO A 482 -9.40 -26.24 -4.84
CA PRO A 482 -10.80 -26.26 -4.44
C PRO A 482 -11.15 -27.53 -3.69
N MET A 483 -12.13 -27.41 -2.79
CA MET A 483 -12.59 -28.55 -2.01
C MET A 483 -14.10 -28.56 -1.97
N GLU A 484 -14.68 -29.74 -2.14
CA GLU A 484 -16.08 -29.99 -1.89
C GLU A 484 -16.24 -30.96 -0.72
N PRO A 485 -17.30 -30.81 0.07
CA PRO A 485 -17.51 -31.73 1.21
C PRO A 485 -17.49 -33.19 0.78
N GLY A 486 -16.79 -34.02 1.55
CA GLY A 486 -16.58 -35.41 1.24
C GLY A 486 -15.26 -35.71 0.55
N ASP A 487 -14.66 -34.72 -0.10
CA ASP A 487 -13.39 -34.91 -0.79
C ASP A 487 -12.31 -35.37 0.20
N ILE A 488 -11.50 -36.33 -0.24
CA ILE A 488 -10.39 -36.85 0.55
C ILE A 488 -9.15 -36.02 0.25
N ILE A 489 -8.55 -35.44 1.28
CA ILE A 489 -7.39 -34.57 1.14
C ILE A 489 -6.20 -35.26 1.79
N GLY A 490 -5.15 -35.48 1.01
CA GLY A 490 -3.90 -36.01 1.54
C GLY A 490 -2.99 -34.94 2.09
N VAL A 491 -2.95 -34.81 3.42
CA VAL A 491 -2.26 -33.69 4.06
C VAL A 491 -0.76 -33.91 4.06
N ALA A 492 -0.02 -32.84 3.79
CA ALA A 492 1.44 -32.86 3.84
C ALA A 492 2.02 -32.00 4.97
N GLY A 493 1.20 -31.15 5.58
CA GLY A 493 1.67 -30.33 6.68
C GLY A 493 0.77 -29.14 6.89
N ASN A 494 1.01 -28.45 8.01
CA ASN A 494 0.33 -27.22 8.35
C ASN A 494 1.33 -26.08 8.35
N HIS A 495 0.99 -24.98 7.70
CA HIS A 495 1.87 -23.82 7.58
C HIS A 495 1.73 -22.84 8.74
N TRP A 496 0.89 -23.16 9.73
CA TRP A 496 0.75 -22.36 10.95
C TRP A 496 0.34 -20.92 10.65
N ASP A 497 -0.40 -20.74 9.56
CA ASP A 497 -0.86 -19.42 9.13
C ASP A 497 -2.32 -19.42 8.74
N GLY A 498 -3.07 -20.47 9.08
CA GLY A 498 -4.44 -20.63 8.68
C GLY A 498 -4.66 -21.56 7.52
N TYR A 499 -3.60 -21.87 6.76
CA TYR A 499 -3.68 -22.71 5.58
C TYR A 499 -2.79 -23.93 5.74
N SER A 500 -3.24 -25.04 5.18
CA SER A 500 -2.46 -26.27 5.08
C SER A 500 -2.20 -26.60 3.62
N LYS A 501 -1.21 -27.45 3.39
CA LYS A 501 -0.83 -27.87 2.05
C LYS A 501 -1.16 -29.35 1.87
N GLY A 502 -1.77 -29.67 0.75
CA GLY A 502 -2.10 -31.06 0.47
C GLY A 502 -2.61 -31.21 -0.95
N VAL A 503 -3.08 -32.42 -1.25
CA VAL A 503 -3.63 -32.76 -2.55
C VAL A 503 -5.07 -33.21 -2.37
N ASN A 504 -5.98 -32.61 -3.14
CA ASN A 504 -7.34 -33.11 -3.27
C ASN A 504 -7.27 -34.33 -4.17
N ARG A 505 -7.31 -35.53 -3.56
CA ARG A 505 -7.17 -36.76 -4.32
C ARG A 505 -8.18 -36.85 -5.45
N LYS A 506 -9.38 -36.30 -5.24
CA LYS A 506 -10.41 -36.28 -6.26
C LYS A 506 -9.91 -35.61 -7.55
N LEU A 507 -9.21 -34.50 -7.42
CA LEU A 507 -8.79 -33.71 -8.58
C LEU A 507 -7.33 -33.86 -8.94
N GLY A 508 -6.54 -34.55 -8.11
CA GLY A 508 -5.10 -34.62 -8.35
C GLY A 508 -4.40 -33.28 -8.36
N ARG A 509 -4.90 -32.30 -7.62
CA ARG A 509 -4.31 -30.98 -7.52
C ARG A 509 -3.71 -30.79 -6.13
N THR A 510 -2.49 -30.28 -6.08
CA THR A 510 -1.80 -30.03 -4.83
C THR A 510 -1.63 -28.52 -4.64
N GLY A 511 -1.91 -28.06 -3.43
CA GLY A 511 -1.80 -26.65 -3.14
C GLY A 511 -2.23 -26.36 -1.72
N LEU A 512 -2.60 -25.10 -1.46
CA LEU A 512 -2.99 -24.66 -0.14
C LEU A 512 -4.51 -24.71 0.02
N TYR A 513 -4.95 -24.66 1.28
CA TYR A 513 -6.36 -24.65 1.62
C TYR A 513 -6.52 -24.26 3.08
N PRO A 514 -7.63 -23.63 3.47
CA PRO A 514 -7.84 -23.28 4.87
C PRO A 514 -7.81 -24.52 5.76
N SER A 515 -7.06 -24.42 6.87
CA SER A 515 -6.85 -25.58 7.74
C SER A 515 -8.12 -26.01 8.45
N TYR A 516 -9.02 -25.06 8.72
CA TYR A 516 -10.25 -25.36 9.46
C TYR A 516 -11.31 -26.03 8.61
N LYS A 517 -11.12 -26.12 7.30
CA LYS A 517 -12.13 -26.67 6.40
C LYS A 517 -12.03 -28.17 6.21
N VAL A 518 -11.13 -28.86 6.91
CA VAL A 518 -11.00 -30.32 6.78
C VAL A 518 -11.18 -30.98 8.13
N ARG A 519 -11.09 -32.31 8.16
CA ARG A 519 -11.35 -33.09 9.36
C ARG A 519 -10.54 -34.37 9.30
N GLU A 520 -10.01 -34.79 10.45
CA GLU A 520 -9.12 -35.94 10.50
C GLU A 520 -9.87 -37.24 10.26
N LYS A 521 -9.40 -38.02 9.29
CA LYS A 521 -9.97 -39.33 9.00
C LYS A 521 -9.19 -40.39 9.78
N ILE A 522 -9.76 -40.85 10.88
CA ILE A 522 -9.12 -41.87 11.70
C ILE A 522 -9.30 -43.23 11.05
N GLU A 523 -8.23 -44.02 11.03
CA GLU A 523 -8.24 -45.34 10.43
C GLU A 523 -8.11 -46.40 11.53
N THR A 524 -8.81 -47.51 11.34
CA THR A 524 -8.79 -48.63 12.27
C THR A 524 -8.33 -49.89 11.56
N VAL A 525 -7.79 -50.83 12.34
CA VAL A 525 -7.29 -52.10 11.84
C VAL A 525 -7.64 -53.19 12.85
N LYS A 526 -8.14 -54.29 12.32
CA LYS A 526 -8.59 -55.43 13.11
C LYS A 526 -7.43 -56.09 13.84
N TYR A 527 -6.95 -55.45 14.90
CA TYR A 527 -5.92 -56.06 15.79
C TYR A 527 -6.30 -57.12 16.70
N PRO A 528 -5.31 -57.89 17.18
CA PRO A 528 -5.49 -58.94 18.18
C PRO A 528 -5.94 -58.22 19.45
N THR A 529 -6.79 -58.84 20.25
CA THR A 529 -7.34 -58.19 21.46
C THR A 529 -6.78 -58.89 22.68
N TYR A 530 -6.12 -60.06 22.52
CA TYR A 530 -5.39 -60.74 23.61
C TYR A 530 -6.29 -60.86 24.84
N PRO A 531 -7.50 -61.44 24.73
CA PRO A 531 -8.42 -61.55 25.86
C PRO A 531 -7.84 -62.39 27.02
N GLU A 532 -6.97 -63.36 26.75
CA GLU A 532 -6.37 -64.20 27.83
C GLU A 532 -5.41 -63.33 28.65
N ALA A 533 -5.06 -62.11 28.21
CA ALA A 533 -4.22 -61.21 29.05
C ALA A 533 -4.99 -60.76 30.30
N GLU A 534 -6.30 -61.01 30.39
CA GLU A 534 -7.14 -60.58 31.54
C GLU A 534 -7.30 -61.73 32.54
N LEU B 68 -18.81 -39.91 29.93
CA LEU B 68 -18.73 -38.70 29.11
C LEU B 68 -19.13 -38.98 27.67
N GLY B 69 -19.79 -38.01 27.04
CA GLY B 69 -20.30 -38.20 25.69
C GLY B 69 -19.19 -38.07 24.65
N LYS B 70 -19.23 -38.97 23.67
CA LYS B 70 -18.23 -38.96 22.61
C LYS B 70 -18.34 -37.71 21.74
N ASP B 71 -19.56 -37.41 21.28
CA ASP B 71 -19.76 -36.22 20.45
C ASP B 71 -19.40 -34.94 21.19
N HIS B 72 -19.72 -34.89 22.49
CA HIS B 72 -19.38 -33.71 23.29
C HIS B 72 -17.89 -33.42 23.24
N GLU B 73 -17.06 -34.47 23.36
CA GLU B 73 -15.62 -34.26 23.35
C GLU B 73 -15.11 -33.89 21.97
N ILE B 74 -15.61 -34.57 20.92
CA ILE B 74 -15.22 -34.23 19.56
C ILE B 74 -15.54 -32.77 19.25
N LEU B 75 -16.72 -32.31 19.68
CA LEU B 75 -17.09 -30.92 19.43
C LEU B 75 -16.21 -29.96 20.22
N ARG B 76 -15.95 -30.29 21.48
CA ARG B 76 -15.12 -29.46 22.34
C ARG B 76 -13.72 -29.30 21.76
N ARG B 77 -13.19 -30.37 21.18
CA ARG B 77 -11.86 -30.34 20.58
C ARG B 77 -11.86 -29.52 19.29
N ARG B 78 -12.92 -29.67 18.50
CA ARG B 78 -13.04 -28.94 17.25
C ARG B 78 -13.07 -27.44 17.50
N ILE B 79 -13.85 -27.04 18.50
CA ILE B 79 -13.96 -25.62 18.85
C ILE B 79 -12.62 -25.07 19.33
N GLU B 80 -11.92 -25.87 20.13
CA GLU B 80 -10.62 -25.47 20.65
C GLU B 80 -9.62 -25.29 19.52
N ASN B 81 -9.63 -26.22 18.56
CA ASN B 81 -8.73 -26.16 17.42
C ASN B 81 -9.10 -25.02 16.47
N GLY B 82 -10.39 -24.87 16.20
CA GLY B 82 -10.88 -23.83 15.32
C GLY B 82 -10.47 -22.44 15.76
N ALA B 83 -10.44 -22.21 17.07
CA ALA B 83 -9.93 -20.94 17.58
C ALA B 83 -8.43 -20.80 17.30
N LYS B 84 -7.67 -21.88 17.47
CA LYS B 84 -6.24 -21.85 17.16
C LYS B 84 -6.01 -21.46 15.71
N GLU B 85 -6.65 -22.16 14.78
CA GLU B 85 -6.46 -21.88 13.37
C GLU B 85 -6.90 -20.47 13.01
N LEU B 86 -7.92 -19.96 13.72
CA LEU B 86 -8.28 -18.56 13.55
C LEU B 86 -7.16 -17.64 14.02
N TRP B 87 -6.55 -17.96 15.16
CA TRP B 87 -5.46 -17.13 15.66
C TRP B 87 -4.25 -17.19 14.73
N PHE B 88 -3.91 -18.39 14.23
CA PHE B 88 -2.88 -18.50 13.21
C PHE B 88 -3.22 -17.65 11.99
N PHE B 89 -4.47 -17.75 11.52
CA PHE B 89 -4.90 -16.99 10.36
C PHE B 89 -4.81 -15.48 10.61
N LEU B 90 -5.18 -15.03 11.81
CA LEU B 90 -5.15 -13.61 12.12
C LEU B 90 -3.74 -13.05 12.10
N GLN B 91 -2.82 -13.69 12.84
CA GLN B 91 -1.44 -13.23 12.87
C GLN B 91 -0.82 -13.20 11.49
N SER B 92 -1.08 -14.22 10.67
CA SER B 92 -0.51 -14.29 9.33
C SER B 92 -0.96 -13.12 8.47
N GLU B 93 -2.28 -12.91 8.38
CA GLU B 93 -2.80 -11.91 7.45
C GLU B 93 -2.50 -10.50 7.92
N LEU B 94 -2.54 -10.25 9.23
CA LEU B 94 -2.25 -8.93 9.75
C LEU B 94 -0.80 -8.52 9.46
N LYS B 95 0.13 -9.46 9.58
CA LYS B 95 1.52 -9.16 9.23
C LYS B 95 1.63 -8.71 7.78
N LYS B 96 0.87 -9.34 6.87
CA LYS B 96 0.88 -8.94 5.48
C LYS B 96 0.27 -7.56 5.27
N LEU B 97 -0.78 -7.24 6.03
CA LEU B 97 -1.48 -5.97 5.85
C LEU B 97 -0.60 -4.77 6.19
N LYS B 98 0.34 -4.93 7.13
CA LYS B 98 1.21 -3.81 7.51
C LYS B 98 2.03 -3.28 6.35
N ASN B 99 2.11 -3.99 5.23
CA ASN B 99 2.89 -3.57 4.08
C ASN B 99 2.02 -3.16 2.90
N LEU B 100 0.77 -2.77 3.16
CA LEU B 100 -0.17 -2.41 2.10
C LEU B 100 -0.74 -1.03 2.38
N GLU B 101 -1.08 -0.32 1.30
CA GLU B 101 -1.66 1.02 1.39
C GLU B 101 -2.88 1.12 0.48
N GLY B 102 -3.79 2.02 0.85
CA GLY B 102 -4.89 2.43 0.01
C GLY B 102 -5.72 1.31 -0.60
N ASN B 103 -5.80 1.29 -1.93
CA ASN B 103 -6.68 0.34 -2.62
C ASN B 103 -6.23 -1.09 -2.39
N GLU B 104 -4.92 -1.35 -2.53
CA GLU B 104 -4.41 -2.70 -2.31
C GLU B 104 -4.66 -3.16 -0.89
N LEU B 105 -4.54 -2.25 0.08
CA LEU B 105 -4.85 -2.58 1.47
C LEU B 105 -6.31 -2.97 1.64
N GLN B 106 -7.23 -2.14 1.15
CA GLN B 106 -8.65 -2.38 1.38
C GLN B 106 -9.12 -3.64 0.68
N ARG B 107 -8.57 -3.93 -0.51
CA ARG B 107 -8.94 -5.16 -1.21
C ARG B 107 -8.64 -6.38 -0.36
N HIS B 108 -7.39 -6.51 0.10
CA HIS B 108 -7.03 -7.65 0.93
C HIS B 108 -7.72 -7.60 2.28
N ALA B 109 -7.93 -6.40 2.83
CA ALA B 109 -8.63 -6.28 4.11
C ALA B 109 -10.07 -6.76 3.99
N ASP B 110 -10.75 -6.41 2.91
CA ASP B 110 -12.13 -6.86 2.74
C ASP B 110 -12.19 -8.36 2.47
N GLU B 111 -11.29 -8.87 1.62
CA GLU B 111 -11.20 -10.31 1.44
C GLU B 111 -10.91 -11.01 2.76
N PHE B 112 -10.05 -10.42 3.58
CA PHE B 112 -9.78 -10.94 4.92
C PHE B 112 -11.06 -11.06 5.73
N LEU B 113 -11.85 -9.99 5.78
CA LEU B 113 -13.09 -10.00 6.55
C LEU B 113 -14.04 -11.08 6.07
N LEU B 114 -14.07 -11.33 4.75
CA LEU B 114 -14.94 -12.37 4.21
C LEU B 114 -14.53 -13.74 4.74
N ASP B 115 -13.24 -14.07 4.67
CA ASP B 115 -12.77 -15.34 5.19
C ASP B 115 -13.04 -15.47 6.68
N LEU B 116 -12.87 -14.37 7.42
CA LEU B 116 -13.10 -14.40 8.86
C LEU B 116 -14.58 -14.68 9.17
N GLY B 117 -15.48 -14.06 8.41
CA GLY B 117 -16.90 -14.28 8.64
C GLY B 117 -17.28 -15.74 8.57
N HIS B 118 -16.89 -16.42 7.49
CA HIS B 118 -17.18 -17.84 7.35
C HIS B 118 -16.48 -18.64 8.43
N HIS B 119 -15.19 -18.37 8.64
CA HIS B 119 -14.41 -19.06 9.67
C HIS B 119 -15.06 -18.92 11.04
N GLU B 120 -15.48 -17.71 11.40
CA GLU B 120 -16.09 -17.48 12.71
C GLU B 120 -17.40 -18.24 12.85
N ARG B 121 -18.24 -18.18 11.81
CA ARG B 121 -19.55 -18.82 11.89
C ARG B 121 -19.43 -20.33 12.01
N SER B 122 -18.37 -20.93 11.46
CA SER B 122 -18.16 -22.36 11.64
C SER B 122 -17.98 -22.71 13.11
N ILE B 123 -17.21 -21.90 13.83
CA ILE B 123 -17.02 -22.13 15.27
C ILE B 123 -18.34 -21.95 16.01
N MET B 124 -19.06 -20.88 15.71
CA MET B 124 -20.35 -20.63 16.35
C MET B 124 -21.34 -21.77 16.09
N THR B 125 -21.25 -22.39 14.92
CA THR B 125 -22.09 -23.54 14.62
C THR B 125 -21.77 -24.71 15.56
N ASP B 126 -20.47 -24.99 15.74
CA ASP B 126 -20.07 -26.04 16.66
C ASP B 126 -20.51 -25.76 18.09
N LEU B 127 -20.54 -24.48 18.49
CA LEU B 127 -21.01 -24.12 19.82
C LEU B 127 -22.49 -24.45 19.97
N TYR B 128 -23.28 -24.23 18.92
CA TYR B 128 -24.68 -24.64 18.95
C TYR B 128 -24.80 -26.16 19.06
N TYR B 129 -24.06 -26.88 18.21
CA TYR B 129 -24.09 -28.35 18.27
C TYR B 129 -23.70 -28.84 19.65
N LEU B 130 -22.76 -28.15 20.31
CA LEU B 130 -22.33 -28.58 21.64
C LEU B 130 -23.43 -28.42 22.68
N SER B 131 -24.27 -27.39 22.55
CA SER B 131 -25.38 -27.15 23.46
C SER B 131 -26.51 -28.17 23.32
N GLN B 132 -26.38 -29.15 22.43
CA GLN B 132 -27.46 -30.09 22.15
C GLN B 132 -27.10 -31.55 22.42
N THR B 133 -25.83 -31.94 22.26
CA THR B 133 -25.48 -33.36 22.27
C THR B 133 -25.67 -33.97 23.64
N ASP B 134 -25.86 -35.30 23.64
CA ASP B 134 -25.95 -36.11 24.86
C ASP B 134 -27.10 -35.66 25.76
N GLY B 135 -28.24 -35.35 25.13
CA GLY B 135 -29.43 -35.02 25.88
C GLY B 135 -29.49 -33.61 26.43
N ALA B 136 -28.52 -32.76 26.09
CA ALA B 136 -28.53 -31.38 26.58
C ALA B 136 -29.77 -30.64 26.11
N GLY B 137 -30.16 -30.82 24.85
CA GLY B 137 -31.35 -30.15 24.36
C GLY B 137 -32.61 -30.62 25.06
N ASP B 138 -32.79 -31.95 25.15
CA ASP B 138 -33.96 -32.49 25.83
C ASP B 138 -34.02 -32.04 27.29
N TRP B 139 -32.88 -32.11 27.99
CA TRP B 139 -32.86 -31.75 29.40
C TRP B 139 -33.14 -30.26 29.59
N ARG B 140 -32.48 -29.40 28.79
CA ARG B 140 -32.68 -27.96 28.94
C ARG B 140 -34.12 -27.57 28.69
N GLU B 141 -34.76 -28.22 27.71
CA GLU B 141 -36.16 -27.93 27.42
C GLU B 141 -37.05 -28.38 28.56
N LYS B 142 -36.80 -29.57 29.13
CA LYS B 142 -37.61 -30.05 30.23
C LYS B 142 -37.47 -29.15 31.45
N GLU B 143 -36.24 -28.75 31.79
CA GLU B 143 -36.04 -27.93 32.98
C GLU B 143 -36.66 -26.54 32.80
N ALA B 144 -36.50 -25.95 31.61
CA ALA B 144 -37.16 -24.68 31.33
C ALA B 144 -38.68 -24.83 31.36
N LYS B 145 -39.19 -25.99 30.93
CA LYS B 145 -40.63 -26.23 31.00
C LYS B 145 -41.10 -26.24 32.45
N ASP B 146 -40.40 -26.98 33.31
CA ASP B 146 -40.77 -27.04 34.72
C ASP B 146 -40.72 -25.64 35.35
N LEU B 147 -39.68 -24.87 35.02
CA LEU B 147 -39.57 -23.52 35.57
C LEU B 147 -40.74 -22.65 35.14
N THR B 148 -41.05 -22.67 33.84
CA THR B 148 -42.21 -21.93 33.35
C THR B 148 -43.48 -22.40 34.03
N GLU B 149 -43.75 -23.71 33.96
CA GLU B 149 -44.93 -24.27 34.61
C GLU B 149 -45.00 -23.91 36.09
N LEU B 150 -43.86 -24.01 36.79
CA LEU B 150 -43.85 -23.68 38.22
C LEU B 150 -44.22 -22.22 38.45
N VAL B 151 -43.58 -21.31 37.73
CA VAL B 151 -43.86 -19.88 37.94
C VAL B 151 -45.30 -19.56 37.55
N GLN B 152 -45.71 -20.01 36.36
CA GLN B 152 -47.10 -19.81 35.95
C GLN B 152 -48.07 -20.41 36.97
N ARG B 153 -47.73 -21.58 37.51
CA ARG B 153 -48.51 -22.19 38.57
C ARG B 153 -48.63 -21.27 39.78
N ARG B 154 -47.52 -20.62 40.16
CA ARG B 154 -47.54 -19.76 41.34
C ARG B 154 -48.34 -18.48 41.09
N ILE B 155 -48.18 -17.89 39.91
CA ILE B 155 -48.89 -16.65 39.58
C ILE B 155 -50.40 -16.87 39.59
N THR B 156 -50.86 -17.97 39.01
CA THR B 156 -52.29 -18.29 38.98
C THR B 156 -52.85 -18.36 40.39
N TYR B 157 -52.17 -19.08 41.29
CA TYR B 157 -52.62 -19.17 42.67
C TYR B 157 -52.77 -17.79 43.31
N LEU B 158 -51.78 -16.92 43.10
CA LEU B 158 -51.83 -15.59 43.69
C LEU B 158 -53.01 -14.80 43.18
N GLN B 159 -53.31 -14.88 41.89
CA GLN B 159 -54.33 -14.05 41.28
C GLN B 159 -55.75 -14.53 41.57
N ASN B 160 -55.94 -15.72 42.12
CA ASN B 160 -57.27 -16.31 42.30
C ASN B 160 -57.49 -16.76 43.74
N PRO B 161 -57.73 -15.82 44.65
CA PRO B 161 -58.15 -16.20 46.01
C PRO B 161 -59.60 -16.67 46.01
N LYS B 162 -59.94 -17.47 47.02
CA LYS B 162 -61.32 -17.93 47.14
C LYS B 162 -62.26 -16.79 47.50
N ASP B 163 -61.89 -15.97 48.47
CA ASP B 163 -62.72 -14.87 48.94
C ASP B 163 -62.07 -13.57 48.45
N CYS B 164 -62.73 -12.92 47.49
CA CYS B 164 -62.19 -11.69 46.94
C CYS B 164 -62.27 -10.55 47.94
N SER B 165 -63.37 -10.44 48.68
CA SER B 165 -63.57 -9.32 49.59
C SER B 165 -62.53 -9.28 50.69
N LYS B 166 -61.91 -10.42 51.03
CA LYS B 166 -60.96 -10.49 52.12
C LYS B 166 -59.52 -10.67 51.67
N ALA B 167 -59.27 -10.88 50.38
CA ALA B 167 -57.89 -11.01 49.90
C ALA B 167 -57.21 -9.64 49.87
N LYS B 168 -55.89 -9.66 50.06
CA LYS B 168 -55.09 -8.45 49.93
C LYS B 168 -54.76 -8.18 48.48
N LYS B 169 -54.90 -6.92 48.08
CA LYS B 169 -54.91 -6.54 46.66
C LYS B 169 -53.91 -5.42 46.41
N LEU B 170 -53.35 -5.44 45.20
CA LEU B 170 -52.49 -4.36 44.71
C LEU B 170 -53.13 -3.81 43.45
N VAL B 171 -53.49 -2.53 43.47
CA VAL B 171 -54.23 -1.91 42.37
C VAL B 171 -53.25 -1.15 41.48
N CYS B 172 -53.37 -1.38 40.18
CA CYS B 172 -52.53 -0.74 39.18
C CYS B 172 -53.41 -0.06 38.15
N ASN B 173 -53.09 1.18 37.81
CA ASN B 173 -53.82 1.91 36.78
C ASN B 173 -53.02 1.91 35.49
N ILE B 174 -53.65 1.49 34.39
CA ILE B 174 -52.92 1.24 33.16
C ILE B 174 -52.59 2.52 32.41
N ASN B 175 -53.29 3.62 32.70
CA ASN B 175 -53.23 4.82 31.87
C ASN B 175 -51.98 5.65 32.15
N LYS B 176 -50.83 5.02 31.89
CA LYS B 176 -49.55 5.72 31.94
C LYS B 176 -49.35 6.46 30.62
N GLY B 177 -49.03 7.75 30.71
CA GLY B 177 -48.91 8.58 29.53
C GLY B 177 -47.74 8.22 28.63
N CYS B 178 -47.87 7.12 27.89
CA CYS B 178 -46.81 6.64 27.00
C CYS B 178 -47.42 5.60 26.07
N GLY B 179 -46.57 4.99 25.24
CA GLY B 179 -47.00 4.02 24.27
C GLY B 179 -47.45 2.71 24.91
N TYR B 180 -47.70 1.74 24.03
CA TYR B 180 -48.24 0.45 24.46
C TYR B 180 -47.19 -0.37 25.22
N GLY B 181 -46.01 -0.54 24.63
CA GLY B 181 -44.96 -1.28 25.30
C GLY B 181 -44.61 -0.70 26.65
N CYS B 182 -44.49 0.63 26.73
CA CYS B 182 -44.29 1.28 28.01
C CYS B 182 -45.47 1.04 28.94
N GLN B 183 -46.69 1.14 28.41
CA GLN B 183 -47.88 0.89 29.21
C GLN B 183 -47.94 -0.57 29.69
N LEU B 184 -47.63 -1.50 28.79
CA LEU B 184 -47.63 -2.92 29.17
C LEU B 184 -46.58 -3.19 30.25
N HIS B 185 -45.40 -2.60 30.10
CA HIS B 185 -44.34 -2.80 31.08
C HIS B 185 -44.69 -2.21 32.44
N HIS B 186 -45.46 -1.13 32.46
CA HIS B 186 -45.93 -0.59 33.74
C HIS B 186 -46.77 -1.62 34.49
N VAL B 187 -47.57 -2.40 33.76
CA VAL B 187 -48.38 -3.43 34.39
C VAL B 187 -47.50 -4.54 34.94
N VAL B 188 -46.51 -4.96 34.16
CA VAL B 188 -45.57 -5.98 34.62
C VAL B 188 -44.85 -5.52 35.88
N TYR B 189 -44.38 -4.27 35.88
CA TYR B 189 -43.81 -3.68 37.09
C TYR B 189 -44.79 -3.78 38.25
N CYS B 190 -46.06 -3.46 38.00
CA CYS B 190 -47.09 -3.64 39.03
C CYS B 190 -47.22 -5.11 39.42
N PHE B 191 -47.23 -6.01 38.43
CA PHE B 191 -47.50 -7.42 38.70
C PHE B 191 -46.38 -8.04 39.54
N MET B 192 -45.13 -7.70 39.23
CA MET B 192 -44.00 -8.28 39.94
C MET B 192 -44.01 -7.91 41.42
N ILE B 193 -44.37 -6.67 41.74
CA ILE B 193 -44.40 -6.26 43.13
C ILE B 193 -45.52 -6.97 43.88
N ALA B 194 -46.69 -7.08 43.24
CA ALA B 194 -47.79 -7.84 43.84
C ALA B 194 -47.37 -9.28 44.13
N TYR B 195 -46.55 -9.86 43.25
CA TYR B 195 -46.02 -11.19 43.48
C TYR B 195 -45.11 -11.21 44.71
N GLY B 196 -44.19 -10.24 44.81
CA GLY B 196 -43.27 -10.22 45.92
C GLY B 196 -43.94 -9.92 47.25
N THR B 197 -45.05 -9.18 47.22
CA THR B 197 -45.76 -8.78 48.43
C THR B 197 -46.97 -9.66 48.74
N GLN B 198 -47.16 -10.73 47.97
CA GLN B 198 -48.29 -11.64 48.17
C GLN B 198 -49.64 -10.92 48.10
N ARG B 199 -49.77 -10.02 47.13
CA ARG B 199 -51.02 -9.31 46.90
C ARG B 199 -51.57 -9.69 45.54
N THR B 200 -52.89 -9.79 45.45
CA THR B 200 -53.53 -10.07 44.17
C THR B 200 -53.61 -8.80 43.34
N LEU B 201 -53.28 -8.92 42.06
CA LEU B 201 -53.22 -7.75 41.21
C LEU B 201 -54.61 -7.37 40.73
N ILE B 202 -55.00 -6.13 40.99
CA ILE B 202 -56.24 -5.55 40.47
C ILE B 202 -55.85 -4.49 39.44
N LEU B 203 -56.32 -4.66 38.21
CA LEU B 203 -55.90 -3.81 37.09
C LEU B 203 -57.10 -2.95 36.65
N GLU B 204 -57.04 -1.67 36.99
CA GLU B 204 -58.01 -0.70 36.49
C GLU B 204 -57.58 -0.26 35.10
N SER B 205 -58.39 -0.60 34.09
CA SER B 205 -57.99 -0.39 32.70
C SER B 205 -59.02 0.39 31.89
N GLN B 206 -60.05 0.95 32.54
CA GLN B 206 -61.04 1.73 31.82
C GLN B 206 -60.44 3.06 31.36
N ASN B 207 -61.00 3.59 30.27
CA ASN B 207 -60.51 4.79 29.59
C ASN B 207 -59.13 4.60 28.99
N TRP B 208 -58.70 3.34 28.85
CA TRP B 208 -57.46 3.01 28.17
C TRP B 208 -57.39 3.69 26.81
N ARG B 209 -56.28 4.40 26.56
CA ARG B 209 -56.15 5.22 25.36
C ARG B 209 -56.22 4.39 24.09
N TYR B 210 -55.83 3.10 24.16
CA TYR B 210 -55.91 2.21 23.01
C TYR B 210 -57.27 1.54 22.87
N ALA B 211 -58.03 1.40 23.96
CA ALA B 211 -59.28 0.64 23.92
C ALA B 211 -60.09 1.01 25.16
N THR B 212 -61.01 1.96 25.00
CA THR B 212 -61.80 2.44 26.12
C THR B 212 -62.55 1.32 26.83
N GLY B 213 -62.78 0.19 26.16
CA GLY B 213 -63.43 -0.94 26.81
C GLY B 213 -62.63 -1.48 27.98
N GLY B 214 -61.30 -1.45 27.88
CA GLY B 214 -60.44 -1.84 28.98
C GLY B 214 -59.48 -2.94 28.58
N TRP B 215 -58.82 -3.51 29.61
CA TRP B 215 -57.85 -4.57 29.38
C TRP B 215 -58.51 -5.76 28.68
N GLU B 216 -59.71 -6.12 29.12
CA GLU B 216 -60.39 -7.31 28.60
C GLU B 216 -60.87 -7.14 27.17
N THR B 217 -60.57 -6.01 26.54
CA THR B 217 -60.83 -5.85 25.11
C THR B 217 -60.05 -6.86 24.28
N VAL B 218 -58.84 -7.22 24.70
CA VAL B 218 -57.96 -8.05 23.89
C VAL B 218 -57.49 -9.28 24.67
N PHE B 219 -57.31 -9.13 25.98
CA PHE B 219 -56.69 -10.18 26.78
C PHE B 219 -57.64 -10.68 27.85
N ARG B 220 -57.41 -11.92 28.27
CA ARG B 220 -58.14 -12.48 29.39
C ARG B 220 -57.83 -11.69 30.66
N PRO B 221 -58.80 -11.53 31.55
CA PRO B 221 -58.54 -10.80 32.80
C PRO B 221 -57.48 -11.50 33.63
N VAL B 222 -56.69 -10.70 34.35
CA VAL B 222 -55.59 -11.21 35.15
C VAL B 222 -56.08 -12.11 36.28
N SER B 223 -57.36 -12.03 36.61
CA SER B 223 -57.94 -12.84 37.67
C SER B 223 -59.29 -13.38 37.21
N GLU B 224 -59.67 -14.53 37.75
CA GLU B 224 -60.98 -15.10 37.51
C GLU B 224 -61.94 -14.99 38.68
N THR B 225 -61.43 -14.73 39.90
CA THR B 225 -62.26 -14.66 41.08
C THR B 225 -62.21 -13.33 41.81
N CYS B 226 -61.17 -12.53 41.60
CA CYS B 226 -61.01 -11.29 42.36
C CYS B 226 -60.50 -10.18 41.43
N THR B 227 -61.45 -9.48 40.81
CA THR B 227 -61.18 -8.22 40.13
C THR B 227 -61.81 -7.03 40.83
N ASP B 228 -62.63 -7.26 41.85
CA ASP B 228 -63.16 -6.16 42.66
C ASP B 228 -62.07 -5.61 43.56
N ARG B 229 -61.96 -4.29 43.61
CA ARG B 229 -60.90 -3.62 44.35
C ARG B 229 -61.32 -3.26 45.77
N SER B 230 -62.48 -3.71 46.21
CA SER B 230 -62.98 -3.32 47.52
C SER B 230 -62.11 -3.90 48.63
N GLY B 231 -62.19 -3.27 49.81
CA GLY B 231 -61.40 -3.68 50.95
C GLY B 231 -61.64 -2.80 52.16
N ILE B 232 -61.47 -3.35 53.36
CA ILE B 232 -61.72 -2.60 54.58
C ILE B 232 -60.71 -1.50 54.82
N SER B 233 -59.57 -1.53 54.13
CA SER B 233 -58.54 -0.51 54.28
C SER B 233 -57.83 -0.31 52.95
N THR B 234 -57.72 0.95 52.54
CA THR B 234 -57.10 1.30 51.26
C THR B 234 -56.16 2.49 51.47
N GLY B 235 -55.01 2.45 50.81
CA GLY B 235 -54.07 3.55 50.90
C GLY B 235 -53.02 3.46 49.82
N HIS B 236 -52.26 4.54 49.68
CA HIS B 236 -51.19 4.61 48.69
C HIS B 236 -49.95 3.87 49.18
N TRP B 237 -49.06 3.57 48.24
CA TRP B 237 -47.87 2.79 48.54
C TRP B 237 -46.96 3.54 49.51
N SER B 238 -46.54 2.86 50.57
CA SER B 238 -45.60 3.41 51.54
C SER B 238 -44.52 2.42 51.92
N GLY B 239 -44.46 1.27 51.27
CA GLY B 239 -43.52 0.23 51.62
C GLY B 239 -44.22 -1.05 52.04
N GLU B 240 -43.60 -2.20 51.76
CA GLU B 240 -44.24 -3.47 52.09
C GLU B 240 -44.45 -3.60 53.60
N VAL B 241 -43.48 -3.15 54.39
CA VAL B 241 -43.57 -3.31 55.85
C VAL B 241 -44.66 -2.40 56.42
N LYS B 242 -44.67 -1.13 56.01
CA LYS B 242 -45.67 -0.20 56.54
C LYS B 242 -47.07 -0.56 56.09
N ASP B 243 -47.21 -1.14 54.90
CA ASP B 243 -48.51 -1.53 54.37
C ASP B 243 -48.90 -2.96 54.73
N LYS B 244 -48.27 -3.54 55.76
CA LYS B 244 -48.54 -4.94 56.10
C LYS B 244 -49.98 -5.19 56.51
N ASN B 245 -50.69 -4.16 56.98
CA ASN B 245 -52.07 -4.31 57.41
C ASN B 245 -53.01 -3.44 56.59
N VAL B 246 -52.60 -3.03 55.40
CA VAL B 246 -53.47 -2.35 54.45
C VAL B 246 -53.85 -3.37 53.39
N GLN B 247 -55.15 -3.65 53.27
CA GLN B 247 -55.58 -4.72 52.37
C GLN B 247 -55.37 -4.33 50.91
N VAL B 248 -55.66 -3.08 50.57
CA VAL B 248 -55.62 -2.60 49.19
C VAL B 248 -54.62 -1.46 49.12
N VAL B 249 -53.57 -1.64 48.30
CA VAL B 249 -52.51 -0.66 48.14
C VAL B 249 -52.49 -0.21 46.69
N GLU B 250 -52.52 1.11 46.48
CA GLU B 250 -52.52 1.70 45.16
C GLU B 250 -51.07 1.97 44.73
N LEU B 251 -50.68 1.40 43.59
CA LEU B 251 -49.29 1.53 43.15
C LEU B 251 -49.18 2.54 42.02
N PRO B 252 -48.31 3.55 42.15
CA PRO B 252 -48.08 4.50 41.08
C PRO B 252 -47.09 3.93 40.06
N ILE B 253 -46.80 4.74 39.04
CA ILE B 253 -45.83 4.32 38.02
C ILE B 253 -44.43 4.27 38.63
N VAL B 254 -43.57 3.44 38.02
CA VAL B 254 -42.23 3.25 38.56
C VAL B 254 -41.41 4.53 38.47
N ASP B 255 -41.74 5.43 37.55
CA ASP B 255 -40.99 6.66 37.40
C ASP B 255 -41.07 7.55 38.63
N SER B 256 -42.02 7.29 39.51
CA SER B 256 -42.24 8.13 40.69
C SER B 256 -42.35 7.33 41.98
N LEU B 257 -42.00 6.05 41.96
CA LEU B 257 -42.23 5.19 43.12
C LEU B 257 -41.25 5.51 44.23
N HIS B 258 -41.77 5.72 45.44
CA HIS B 258 -40.97 6.00 46.63
C HIS B 258 -41.73 5.56 47.88
N PRO B 259 -41.17 4.63 48.67
CA PRO B 259 -39.87 4.02 48.41
C PRO B 259 -39.93 2.83 47.46
N ARG B 260 -38.79 2.46 46.91
CA ARG B 260 -38.74 1.38 45.93
C ARG B 260 -38.51 0.05 46.64
N PRO B 261 -39.30 -0.98 46.33
CA PRO B 261 -39.11 -2.28 46.97
C PRO B 261 -38.05 -3.08 46.23
N PRO B 262 -37.59 -4.20 46.82
CA PRO B 262 -36.58 -5.01 46.13
C PRO B 262 -37.13 -5.82 44.97
N TYR B 263 -38.45 -5.96 44.84
CA TYR B 263 -39.04 -6.85 43.84
C TYR B 263 -39.09 -6.11 42.49
N LEU B 264 -37.91 -5.85 41.95
CA LEU B 264 -37.76 -5.13 40.70
C LEU B 264 -36.70 -5.81 39.84
N PRO B 265 -36.71 -5.56 38.53
CA PRO B 265 -35.60 -5.99 37.69
C PRO B 265 -34.35 -5.19 38.01
N LEU B 266 -33.18 -5.79 37.74
CA LEU B 266 -33.07 -7.08 37.08
C LEU B 266 -32.83 -8.24 38.04
N ALA B 267 -33.38 -8.13 39.25
CA ALA B 267 -33.23 -9.18 40.24
C ALA B 267 -34.19 -10.33 39.96
N VAL B 268 -33.78 -11.53 40.31
CA VAL B 268 -34.56 -12.74 40.06
C VAL B 268 -34.85 -13.39 41.40
N PRO B 269 -35.87 -14.26 41.45
CA PRO B 269 -36.19 -14.93 42.72
C PRO B 269 -35.02 -15.77 43.22
N GLU B 270 -34.70 -15.58 44.50
CA GLU B 270 -33.73 -16.40 45.21
C GLU B 270 -33.89 -17.89 44.92
N ASP B 271 -35.09 -18.41 45.13
CA ASP B 271 -35.37 -19.84 45.03
C ASP B 271 -35.22 -20.38 43.61
N LEU B 272 -35.10 -19.52 42.60
CA LEU B 272 -35.05 -19.97 41.22
C LEU B 272 -33.69 -19.75 40.57
N ALA B 273 -32.75 -19.08 41.24
CA ALA B 273 -31.51 -18.66 40.60
C ALA B 273 -30.70 -19.85 40.12
N ASP B 274 -30.51 -20.86 40.97
CA ASP B 274 -29.64 -21.98 40.61
C ASP B 274 -30.15 -22.71 39.38
N ARG B 275 -31.45 -23.04 39.34
CA ARG B 275 -31.99 -23.67 38.13
C ARG B 275 -31.95 -22.72 36.95
N LEU B 276 -32.17 -21.42 37.19
CA LEU B 276 -32.24 -20.46 36.10
C LEU B 276 -30.88 -20.31 35.42
N VAL B 277 -29.82 -20.10 36.19
CA VAL B 277 -28.50 -19.94 35.61
C VAL B 277 -28.08 -21.22 34.87
N ARG B 278 -28.43 -22.38 35.43
CA ARG B 278 -28.14 -23.64 34.77
C ARG B 278 -28.75 -23.71 33.38
N VAL B 279 -29.86 -23.00 33.16
CA VAL B 279 -30.61 -23.08 31.91
C VAL B 279 -30.46 -21.82 31.07
N HIS B 280 -30.65 -20.64 31.67
CA HIS B 280 -30.84 -19.41 30.93
C HIS B 280 -29.59 -18.55 30.97
N GLY B 281 -29.32 -17.84 29.87
CA GLY B 281 -28.19 -16.95 29.79
C GLY B 281 -28.42 -15.56 30.34
N ASP B 282 -29.68 -15.17 30.50
CA ASP B 282 -30.04 -13.89 31.13
C ASP B 282 -31.32 -14.13 31.92
N PRO B 283 -31.20 -14.70 33.13
CA PRO B 283 -32.42 -15.02 33.90
C PRO B 283 -33.29 -13.82 34.22
N ALA B 284 -32.73 -12.61 34.18
CA ALA B 284 -33.54 -11.42 34.46
C ALA B 284 -34.66 -11.27 33.44
N VAL B 285 -34.38 -11.54 32.17
CA VAL B 285 -35.42 -11.42 31.15
C VAL B 285 -36.43 -12.55 31.29
N TRP B 286 -35.98 -13.76 31.59
CA TRP B 286 -36.89 -14.89 31.76
C TRP B 286 -37.89 -14.61 32.87
N TRP B 287 -37.42 -14.08 34.01
CA TRP B 287 -38.31 -13.72 35.10
C TRP B 287 -39.35 -12.70 34.65
N VAL B 288 -38.94 -11.72 33.86
CA VAL B 288 -39.89 -10.74 33.33
C VAL B 288 -40.89 -11.40 32.41
N SER B 289 -40.42 -12.29 31.53
CA SER B 289 -41.30 -12.89 30.53
C SER B 289 -42.43 -13.70 31.16
N GLN B 290 -42.18 -14.29 32.33
CA GLN B 290 -43.23 -15.10 32.97
C GLN B 290 -44.45 -14.26 33.32
N PHE B 291 -44.26 -13.00 33.70
CA PHE B 291 -45.39 -12.13 33.95
C PHE B 291 -46.04 -11.64 32.66
N VAL B 292 -45.24 -11.47 31.60
CA VAL B 292 -45.80 -11.07 30.31
C VAL B 292 -46.63 -12.20 29.72
N LYS B 293 -46.08 -13.42 29.73
CA LYS B 293 -46.81 -14.59 29.27
C LYS B 293 -48.20 -14.68 29.89
N TYR B 294 -48.28 -14.49 31.20
CA TYR B 294 -49.58 -14.56 31.88
C TYR B 294 -50.49 -13.43 31.44
N LEU B 295 -49.94 -12.23 31.26
CA LEU B 295 -50.78 -11.07 30.96
C LEU B 295 -51.43 -11.17 29.59
N ILE B 296 -50.67 -11.62 28.59
CA ILE B 296 -51.10 -11.52 27.19
C ILE B 296 -51.90 -12.74 26.75
N ARG B 297 -52.49 -13.46 27.70
CA ARG B 297 -53.46 -14.49 27.34
C ARG B 297 -54.56 -13.85 26.51
N PRO B 298 -54.77 -14.25 25.27
CA PRO B 298 -55.67 -13.51 24.39
C PRO B 298 -57.13 -13.88 24.59
N GLN B 299 -57.99 -12.89 24.35
CA GLN B 299 -59.41 -13.14 24.23
C GLN B 299 -59.65 -14.04 23.00
N PRO B 300 -60.73 -14.83 23.00
CA PRO B 300 -60.93 -15.78 21.90
C PRO B 300 -60.86 -15.20 20.50
N TRP B 301 -61.42 -14.02 20.26
CA TRP B 301 -61.40 -13.46 18.91
C TRP B 301 -59.98 -13.13 18.48
N LEU B 302 -59.15 -12.68 19.42
CA LEU B 302 -57.74 -12.39 19.10
C LEU B 302 -56.98 -13.66 18.83
N GLU B 303 -57.17 -14.68 19.67
CA GLU B 303 -56.52 -15.97 19.47
C GLU B 303 -56.78 -16.54 18.08
N LYS B 304 -58.01 -16.42 17.57
CA LYS B 304 -58.31 -16.89 16.22
C LYS B 304 -57.57 -16.07 15.18
N GLU B 305 -57.69 -14.74 15.24
CA GLU B 305 -57.05 -13.86 14.28
C GLU B 305 -55.55 -14.11 14.21
N ILE B 306 -54.93 -14.43 15.35
CA ILE B 306 -53.51 -14.76 15.37
C ILE B 306 -53.24 -15.96 14.47
N GLU B 307 -54.05 -17.02 14.63
CA GLU B 307 -53.91 -18.18 13.77
C GLU B 307 -54.18 -17.84 12.31
N GLU B 308 -55.16 -16.98 12.06
CA GLU B 308 -55.50 -16.58 10.70
C GLU B 308 -54.36 -15.83 10.03
N ALA B 309 -53.81 -14.82 10.72
CA ALA B 309 -52.70 -14.06 10.17
C ALA B 309 -51.51 -14.95 9.81
N THR B 310 -51.25 -15.97 10.63
CA THR B 310 -50.18 -16.91 10.32
C THR B 310 -50.37 -17.54 8.94
N LYS B 311 -51.57 -18.05 8.66
CA LYS B 311 -51.83 -18.68 7.37
C LYS B 311 -51.81 -17.66 6.24
N LYS B 312 -52.47 -16.50 6.43
CA LYS B 312 -52.61 -15.55 5.34
C LYS B 312 -51.27 -14.95 4.93
N LEU B 313 -50.41 -14.65 5.90
CA LEU B 313 -49.11 -14.06 5.60
C LEU B 313 -48.11 -15.06 5.05
N GLY B 314 -48.43 -16.36 5.09
CA GLY B 314 -47.45 -17.36 4.72
C GLY B 314 -46.30 -17.43 5.71
N PHE B 315 -46.59 -17.23 6.99
CA PHE B 315 -45.57 -17.17 8.03
C PHE B 315 -45.08 -18.57 8.34
N LYS B 316 -43.83 -18.86 7.98
CA LYS B 316 -43.23 -20.17 8.23
C LYS B 316 -41.74 -19.97 8.48
N HIS B 317 -41.15 -20.97 9.14
CA HIS B 317 -39.75 -20.92 9.53
C HIS B 317 -38.87 -21.56 8.46
N PRO B 318 -37.60 -21.12 8.34
CA PRO B 318 -36.92 -20.10 9.14
C PRO B 318 -37.29 -18.66 8.77
N VAL B 319 -37.36 -17.79 9.77
CA VAL B 319 -37.74 -16.39 9.57
C VAL B 319 -37.04 -15.54 10.62
N ILE B 320 -36.54 -14.38 10.20
CA ILE B 320 -35.84 -13.44 11.07
C ILE B 320 -36.71 -12.19 11.20
N GLY B 321 -37.00 -11.81 12.45
CA GLY B 321 -37.83 -10.65 12.72
C GLY B 321 -37.02 -9.36 12.80
N VAL B 322 -37.56 -8.30 12.21
CA VAL B 322 -36.93 -6.98 12.18
C VAL B 322 -37.96 -5.95 12.61
N HIS B 323 -37.57 -5.06 13.51
CA HIS B 323 -38.44 -3.99 14.00
C HIS B 323 -37.75 -2.65 13.76
N VAL B 324 -38.26 -1.89 12.80
CA VAL B 324 -37.71 -0.58 12.45
C VAL B 324 -38.64 0.47 13.04
N ARG B 325 -38.31 0.98 14.22
CA ARG B 325 -39.07 2.02 14.88
C ARG B 325 -38.57 3.38 14.42
N ARG B 326 -39.49 4.21 13.91
CA ARG B 326 -39.13 5.54 13.46
C ARG B 326 -40.17 6.57 13.88
N THR B 327 -40.72 7.33 12.91
CA THR B 327 -41.69 8.39 13.16
C THR B 327 -41.25 9.31 14.29
N ASP B 328 -41.99 9.29 15.40
CA ASP B 328 -41.78 10.20 16.53
C ASP B 328 -40.65 9.78 17.45
N LYS B 329 -40.16 8.54 17.33
CA LYS B 329 -39.06 8.09 18.18
C LYS B 329 -37.78 8.86 17.89
N VAL B 330 -37.54 9.21 16.62
CA VAL B 330 -36.32 9.90 16.23
C VAL B 330 -36.29 11.28 16.85
N GLY B 331 -35.14 11.64 17.45
CA GLY B 331 -34.95 12.94 18.04
C GLY B 331 -35.38 13.06 19.49
N THR B 332 -36.20 12.13 19.98
CA THR B 332 -36.71 12.18 21.34
C THR B 332 -36.15 11.09 22.21
N GLU B 333 -36.14 9.84 21.73
CA GLU B 333 -35.67 8.73 22.51
C GLU B 333 -34.69 7.83 21.75
N ALA B 334 -34.47 8.07 20.47
CA ALA B 334 -33.60 7.24 19.65
C ALA B 334 -33.24 8.03 18.39
N ALA B 335 -32.59 7.36 17.43
CA ALA B 335 -32.13 7.96 16.20
C ALA B 335 -32.67 7.18 15.01
N PHE B 336 -32.50 7.78 13.82
CA PHE B 336 -32.81 7.09 12.57
C PHE B 336 -31.75 6.05 12.25
N HIS B 337 -32.20 4.92 11.69
CA HIS B 337 -31.30 3.84 11.28
C HIS B 337 -31.70 3.35 9.90
N PRO B 338 -30.81 3.45 8.92
CA PRO B 338 -31.13 2.96 7.56
C PRO B 338 -31.47 1.48 7.57
N ILE B 339 -32.22 1.06 6.55
CA ILE B 339 -32.61 -0.34 6.44
C ILE B 339 -31.39 -1.24 6.30
N GLU B 340 -30.33 -0.75 5.65
CA GLU B 340 -29.12 -1.56 5.50
C GLU B 340 -28.48 -1.86 6.85
N GLU B 341 -28.59 -0.95 7.81
CA GLU B 341 -28.06 -1.21 9.16
C GLU B 341 -28.67 -2.47 9.74
N TYR B 342 -29.98 -2.65 9.60
CA TYR B 342 -30.63 -3.86 10.08
C TYR B 342 -30.24 -5.07 9.23
N MET B 343 -30.19 -4.89 7.91
CA MET B 343 -30.11 -6.04 7.00
C MET B 343 -28.74 -6.70 6.99
N VAL B 344 -27.66 -5.97 7.32
CA VAL B 344 -26.34 -6.59 7.34
C VAL B 344 -26.28 -7.70 8.39
N HIS B 345 -26.98 -7.53 9.50
CA HIS B 345 -27.02 -8.56 10.53
C HIS B 345 -27.96 -9.69 10.18
N VAL B 346 -29.01 -9.42 9.42
CA VAL B 346 -29.88 -10.48 8.93
C VAL B 346 -29.12 -11.43 8.01
N GLU B 347 -28.50 -10.88 6.97
CA GLU B 347 -27.69 -11.68 6.06
C GLU B 347 -26.61 -12.45 6.80
N GLU B 348 -25.97 -11.79 7.78
CA GLU B 348 -24.94 -12.45 8.58
C GLU B 348 -25.51 -13.65 9.33
N HIS B 349 -26.67 -13.48 9.95
CA HIS B 349 -27.25 -14.57 10.74
C HIS B 349 -27.87 -15.65 9.86
N PHE B 350 -28.39 -15.29 8.69
CA PHE B 350 -28.89 -16.30 7.77
C PHE B 350 -27.77 -17.18 7.23
N GLN B 351 -26.59 -16.60 7.00
CA GLN B 351 -25.43 -17.40 6.62
C GLN B 351 -25.06 -18.37 7.75
N LEU B 352 -25.22 -17.94 9.00
CA LEU B 352 -24.97 -18.83 10.11
C LEU B 352 -25.97 -19.98 10.12
N LEU B 353 -27.26 -19.66 9.93
CA LEU B 353 -28.28 -20.71 9.88
C LEU B 353 -28.06 -21.62 8.68
N ALA B 354 -27.64 -21.05 7.54
CA ALA B 354 -27.38 -21.84 6.35
C ALA B 354 -26.29 -22.89 6.57
N ARG B 355 -25.42 -22.69 7.56
CA ARG B 355 -24.40 -23.68 7.88
C ARG B 355 -24.98 -24.91 8.55
N ARG B 356 -26.21 -24.84 9.05
CA ARG B 356 -26.80 -25.93 9.84
C ARG B 356 -28.14 -26.43 9.32
N MET B 357 -28.75 -25.79 8.32
CA MET B 357 -30.07 -26.21 7.86
C MET B 357 -30.27 -25.76 6.43
N GLN B 358 -31.19 -26.43 5.74
CA GLN B 358 -31.56 -26.04 4.39
C GLN B 358 -32.42 -24.79 4.42
N VAL B 359 -31.99 -23.76 3.69
CA VAL B 359 -32.71 -22.49 3.63
C VAL B 359 -33.33 -22.38 2.25
N ASP B 360 -34.65 -22.57 2.17
CA ASP B 360 -35.36 -22.41 0.91
C ASP B 360 -35.37 -20.95 0.47
N LYS B 361 -35.93 -20.07 1.30
CA LYS B 361 -36.05 -18.66 1.00
C LYS B 361 -35.68 -17.86 2.23
N LYS B 362 -35.05 -16.70 2.03
CA LYS B 362 -34.66 -15.83 3.12
C LYS B 362 -35.88 -15.00 3.51
N ARG B 363 -36.55 -15.42 4.59
CA ARG B 363 -37.78 -14.77 5.05
C ARG B 363 -37.49 -13.76 6.14
N VAL B 364 -38.13 -12.59 6.02
CA VAL B 364 -38.03 -11.53 7.01
C VAL B 364 -39.44 -11.05 7.34
N TYR B 365 -39.78 -11.07 8.63
CA TYR B 365 -41.02 -10.45 9.10
C TYR B 365 -40.71 -9.00 9.46
N LEU B 366 -41.13 -8.08 8.61
CA LEU B 366 -40.87 -6.65 8.83
C LEU B 366 -41.98 -6.04 9.67
N ALA B 367 -41.59 -5.33 10.73
CA ALA B 367 -42.53 -4.65 11.61
C ALA B 367 -42.05 -3.22 11.82
N THR B 368 -42.83 -2.25 11.32
CA THR B 368 -42.44 -0.85 11.39
C THR B 368 -43.68 0.02 11.47
N ASP B 369 -43.50 1.25 11.95
CA ASP B 369 -44.53 2.27 11.87
C ASP B 369 -44.32 3.18 10.66
N ASP B 370 -43.38 2.83 9.78
CA ASP B 370 -43.17 3.53 8.51
C ASP B 370 -43.69 2.65 7.39
N PRO B 371 -44.92 2.88 6.91
CA PRO B 371 -45.47 1.98 5.87
C PRO B 371 -44.77 2.11 4.52
N SER B 372 -44.13 3.25 4.24
CA SER B 372 -43.40 3.43 3.00
C SER B 372 -42.14 2.57 2.91
N LEU B 373 -41.76 1.90 4.01
CA LEU B 373 -40.49 1.19 4.06
C LEU B 373 -40.53 -0.10 3.23
N LEU B 374 -41.66 -0.80 3.26
CA LEU B 374 -41.73 -2.13 2.67
C LEU B 374 -41.37 -2.11 1.18
N LYS B 375 -41.82 -1.07 0.46
CA LYS B 375 -41.42 -0.93 -0.94
C LYS B 375 -39.91 -0.79 -1.08
N GLU B 376 -39.31 0.07 -0.26
CA GLU B 376 -37.86 0.24 -0.32
C GLU B 376 -37.14 -1.05 0.02
N ALA B 377 -37.62 -1.78 1.03
CA ALA B 377 -36.96 -3.02 1.44
C ALA B 377 -37.07 -4.09 0.34
N LYS B 378 -38.27 -4.26 -0.22
CA LYS B 378 -38.43 -5.22 -1.31
C LYS B 378 -37.54 -4.89 -2.49
N THR B 379 -37.38 -3.60 -2.79
CA THR B 379 -36.58 -3.20 -3.95
C THR B 379 -35.11 -3.55 -3.75
N LYS B 380 -34.52 -3.13 -2.63
CA LYS B 380 -33.10 -3.32 -2.41
C LYS B 380 -32.73 -4.78 -2.15
N TYR B 381 -33.69 -5.62 -1.78
CA TYR B 381 -33.43 -7.01 -1.42
C TYR B 381 -34.40 -7.92 -2.15
N PRO B 382 -34.19 -8.12 -3.46
CA PRO B 382 -35.16 -8.90 -4.24
C PRO B 382 -35.20 -10.36 -3.87
N ASN B 383 -34.10 -10.93 -3.39
CA ASN B 383 -34.05 -12.34 -3.01
C ASN B 383 -34.55 -12.58 -1.60
N TYR B 384 -35.19 -11.59 -0.98
CA TYR B 384 -35.77 -11.72 0.35
C TYR B 384 -37.29 -11.73 0.25
N GLU B 385 -37.92 -12.66 0.96
CA GLU B 385 -39.38 -12.67 1.11
C GLU B 385 -39.73 -11.84 2.35
N PHE B 386 -40.33 -10.67 2.13
CA PHE B 386 -40.72 -9.78 3.21
C PHE B 386 -42.15 -10.05 3.63
N ILE B 387 -42.35 -10.48 4.87
CA ILE B 387 -43.66 -10.74 5.43
C ILE B 387 -44.04 -9.55 6.30
N SER B 388 -45.06 -8.80 5.88
CA SER B 388 -45.45 -7.60 6.60
C SER B 388 -46.87 -7.23 6.21
N ASP B 389 -47.58 -6.60 7.15
CA ASP B 389 -48.94 -6.11 6.92
C ASP B 389 -48.82 -4.60 6.83
N ASN B 390 -48.73 -4.09 5.60
CA ASN B 390 -48.49 -2.66 5.40
C ASN B 390 -49.61 -1.81 5.98
N SER B 391 -50.82 -2.37 6.06
CA SER B 391 -51.93 -1.64 6.68
C SER B 391 -51.72 -1.48 8.18
N ILE B 392 -51.02 -2.42 8.82
CA ILE B 392 -50.71 -2.27 10.23
C ILE B 392 -49.69 -1.14 10.43
N SER B 393 -48.67 -1.07 9.58
CA SER B 393 -47.76 0.07 9.61
C SER B 393 -48.53 1.38 9.47
N TRP B 394 -49.56 1.39 8.61
CA TRP B 394 -50.40 2.57 8.48
C TRP B 394 -51.26 2.78 9.72
N SER B 395 -51.78 1.70 10.30
CA SER B 395 -52.55 1.85 11.54
C SER B 395 -51.66 2.34 12.67
N ALA B 396 -50.37 2.02 12.62
CA ALA B 396 -49.39 2.49 13.58
C ALA B 396 -49.02 3.96 13.39
N GLY B 397 -49.54 4.60 12.33
CA GLY B 397 -49.28 6.00 12.08
C GLY B 397 -49.62 6.92 13.24
N LEU B 398 -49.07 8.12 13.23
CA LEU B 398 -49.14 9.00 14.40
C LEU B 398 -50.57 9.50 14.64
N HIS B 399 -51.27 9.88 13.57
CA HIS B 399 -52.61 10.43 13.73
C HIS B 399 -53.61 9.40 14.23
N ASN B 400 -53.37 8.13 13.92
CA ASN B 400 -54.31 7.05 14.23
C ASN B 400 -53.76 6.04 15.23
N ARG B 401 -52.67 6.35 15.92
CA ARG B 401 -51.95 5.35 16.70
C ARG B 401 -52.79 4.83 17.88
N TYR B 402 -53.56 5.70 18.54
CA TYR B 402 -54.22 5.33 19.79
C TYR B 402 -55.69 4.98 19.56
N THR B 403 -55.90 3.87 18.86
CA THR B 403 -57.23 3.31 18.64
C THR B 403 -57.16 1.79 18.77
N GLU B 404 -58.34 1.16 18.84
CA GLU B 404 -58.40 -0.29 19.02
C GLU B 404 -57.77 -1.05 17.86
N ASN B 405 -57.98 -0.59 16.63
CA ASN B 405 -57.43 -1.29 15.47
C ASN B 405 -55.91 -1.23 15.49
N SER B 406 -55.33 -0.08 15.82
CA SER B 406 -53.87 0.02 15.93
C SER B 406 -53.33 -0.80 17.10
N LEU B 407 -54.11 -0.93 18.18
CA LEU B 407 -53.69 -1.73 19.31
C LEU B 407 -53.44 -3.18 18.90
N ARG B 408 -54.43 -3.81 18.25
CA ARG B 408 -54.23 -5.19 17.81
C ARG B 408 -53.15 -5.30 16.74
N GLY B 409 -52.87 -4.23 16.01
CA GLY B 409 -51.79 -4.28 15.04
C GLY B 409 -50.43 -4.45 15.69
N VAL B 410 -50.13 -3.62 16.70
CA VAL B 410 -48.85 -3.74 17.38
C VAL B 410 -48.79 -5.03 18.20
N ILE B 411 -49.93 -5.49 18.73
CA ILE B 411 -49.96 -6.77 19.43
C ILE B 411 -49.57 -7.90 18.48
N LEU B 412 -50.07 -7.85 17.25
CA LEU B 412 -49.76 -8.90 16.27
C LEU B 412 -48.32 -8.79 15.80
N ASP B 413 -47.85 -7.56 15.50
CA ASP B 413 -46.45 -7.38 15.11
C ASP B 413 -45.52 -7.94 16.18
N ILE B 414 -45.78 -7.60 17.45
CA ILE B 414 -44.98 -8.13 18.55
C ILE B 414 -45.06 -9.65 18.59
N HIS B 415 -46.25 -10.20 18.36
CA HIS B 415 -46.42 -11.65 18.38
C HIS B 415 -45.52 -12.33 17.36
N PHE B 416 -45.64 -11.93 16.09
CA PHE B 416 -44.84 -12.58 15.05
C PHE B 416 -43.36 -12.25 15.16
N LEU B 417 -43.02 -11.10 15.74
CA LEU B 417 -41.62 -10.82 16.04
C LEU B 417 -41.08 -11.83 17.04
N SER B 418 -41.84 -12.10 18.10
CA SER B 418 -41.39 -13.06 19.11
C SER B 418 -41.29 -14.47 18.53
N GLN B 419 -42.12 -14.80 17.54
CA GLN B 419 -42.07 -16.13 16.95
C GLN B 419 -40.85 -16.32 16.06
N ALA B 420 -40.20 -15.25 15.64
CA ALA B 420 -39.07 -15.34 14.73
C ALA B 420 -37.90 -16.07 15.38
N ASP B 421 -37.05 -16.64 14.53
CA ASP B 421 -35.86 -17.34 14.99
C ASP B 421 -34.73 -16.39 15.40
N PHE B 422 -34.86 -15.10 15.12
CA PHE B 422 -33.85 -14.11 15.43
C PHE B 422 -34.48 -12.73 15.31
N LEU B 423 -33.93 -11.77 16.05
CA LEU B 423 -34.58 -10.46 16.18
C LEU B 423 -33.53 -9.37 16.03
N VAL B 424 -33.68 -8.55 14.99
CA VAL B 424 -32.81 -7.39 14.77
C VAL B 424 -33.66 -6.13 14.94
N CYS B 425 -33.16 -5.19 15.75
CA CYS B 425 -33.92 -3.98 16.06
C CYS B 425 -33.09 -2.99 16.88
N THR B 426 -33.78 -2.02 17.48
CA THR B 426 -33.21 -1.14 18.50
C THR B 426 -33.92 -1.43 19.81
N PHE B 427 -33.15 -1.82 20.83
CA PHE B 427 -33.73 -2.12 22.13
C PHE B 427 -34.22 -0.89 22.86
N SER B 428 -33.91 0.32 22.36
CA SER B 428 -34.47 1.52 22.94
C SER B 428 -35.99 1.55 22.84
N SER B 429 -36.54 0.92 21.81
CA SER B 429 -37.98 0.87 21.64
C SER B 429 -38.59 -0.18 22.55
N GLN B 430 -39.59 0.24 23.34
CA GLN B 430 -40.30 -0.71 24.20
C GLN B 430 -40.93 -1.83 23.41
N VAL B 431 -41.28 -1.58 22.14
CA VAL B 431 -41.93 -2.60 21.32
C VAL B 431 -41.01 -3.81 21.15
N CYS B 432 -39.76 -3.57 20.73
CA CYS B 432 -38.86 -4.69 20.48
C CYS B 432 -38.54 -5.45 21.77
N ARG B 433 -38.43 -4.74 22.90
CA ARG B 433 -38.13 -5.40 24.16
C ARG B 433 -39.21 -6.41 24.52
N VAL B 434 -40.47 -6.08 24.22
CA VAL B 434 -41.56 -7.03 24.50
C VAL B 434 -41.40 -8.27 23.64
N ALA B 435 -41.23 -8.09 22.32
CA ALA B 435 -41.02 -9.23 21.44
C ALA B 435 -39.84 -10.07 21.91
N TYR B 436 -38.78 -9.42 22.39
CA TYR B 436 -37.65 -10.14 22.95
C TYR B 436 -38.07 -10.93 24.20
N GLU B 437 -38.83 -10.29 25.09
CA GLU B 437 -39.26 -10.97 26.31
C GLU B 437 -40.19 -12.14 26.02
N ILE B 438 -41.16 -11.95 25.12
CA ILE B 438 -42.09 -13.04 24.80
C ILE B 438 -41.35 -14.20 24.16
N MET B 439 -40.31 -13.91 23.37
CA MET B 439 -39.49 -14.96 22.78
C MET B 439 -38.95 -15.93 23.84
N GLN B 440 -38.68 -15.42 25.04
CA GLN B 440 -38.11 -16.26 26.09
C GLN B 440 -39.07 -17.34 26.55
N THR B 441 -40.38 -17.11 26.43
CA THR B 441 -41.35 -18.13 26.83
C THR B 441 -41.54 -19.20 25.77
N LEU B 442 -40.95 -19.04 24.58
CA LEU B 442 -41.13 -19.99 23.50
C LEU B 442 -39.97 -20.96 23.33
N HIS B 443 -38.82 -20.67 23.92
CA HIS B 443 -37.64 -21.52 23.79
C HIS B 443 -36.94 -21.60 25.14
N PRO B 444 -36.13 -22.63 25.35
CA PRO B 444 -35.23 -22.64 26.53
C PRO B 444 -33.97 -21.84 26.21
N ASP B 445 -33.77 -20.77 26.98
CA ASP B 445 -32.61 -19.88 26.82
C ASP B 445 -32.53 -19.32 25.40
N ALA B 446 -33.55 -18.51 25.09
CA ALA B 446 -33.58 -17.74 23.84
C ALA B 446 -32.96 -16.36 23.99
N SER B 447 -32.10 -16.18 25.01
CA SER B 447 -31.61 -14.85 25.35
C SER B 447 -30.64 -14.28 24.32
N ALA B 448 -29.97 -15.14 23.55
CA ALA B 448 -28.93 -14.70 22.63
C ALA B 448 -29.43 -14.49 21.20
N ASN B 449 -30.69 -14.80 20.91
CA ASN B 449 -31.19 -14.78 19.54
C ASN B 449 -31.59 -13.36 19.11
N PHE B 450 -30.71 -12.39 19.32
CA PHE B 450 -31.01 -11.02 18.95
C PHE B 450 -29.75 -10.28 18.56
N HIS B 451 -29.95 -9.09 17.98
CA HIS B 451 -28.90 -8.08 17.84
C HIS B 451 -29.57 -6.72 17.85
N SER B 452 -29.24 -5.91 18.85
CA SER B 452 -29.78 -4.56 18.95
C SER B 452 -28.83 -3.56 18.30
N LEU B 453 -29.41 -2.59 17.59
CA LEU B 453 -28.60 -1.58 16.92
C LEU B 453 -28.09 -0.52 17.89
N ASP B 454 -28.64 -0.42 19.09
CA ASP B 454 -28.19 0.58 20.04
C ASP B 454 -28.10 0.04 21.46
N ASP B 455 -29.15 0.20 22.25
CA ASP B 455 -29.14 -0.17 23.66
C ASP B 455 -29.02 -1.68 23.82
N ILE B 456 -28.43 -2.08 24.95
CA ILE B 456 -28.51 -3.46 25.41
C ILE B 456 -29.88 -3.63 26.06
N TYR B 457 -30.18 -4.84 26.52
CA TYR B 457 -31.48 -5.05 27.15
C TYR B 457 -31.54 -4.32 28.48
N TYR B 458 -32.66 -3.64 28.72
CA TYR B 458 -32.95 -3.05 30.01
C TYR B 458 -34.45 -3.15 30.27
N PHE B 459 -34.86 -2.72 31.45
CA PHE B 459 -36.26 -2.64 31.83
C PHE B 459 -36.46 -1.30 32.52
N GLY B 460 -37.22 -0.41 31.88
CA GLY B 460 -37.45 0.93 32.38
C GLY B 460 -37.80 1.01 33.85
N GLY B 461 -36.93 1.66 34.64
CA GLY B 461 -37.09 1.75 36.07
C GLY B 461 -36.32 0.73 36.87
N GLN B 462 -35.48 -0.07 36.22
CA GLN B 462 -34.71 -1.11 36.89
C GLN B 462 -33.69 -0.49 37.86
N ASN B 463 -33.25 -1.31 38.81
CA ASN B 463 -32.09 -0.95 39.60
C ASN B 463 -30.82 -1.07 38.76
N ALA B 464 -29.78 -0.38 39.20
CA ALA B 464 -28.54 -0.23 38.44
C ALA B 464 -28.01 -1.55 37.93
N HIS B 465 -27.88 -1.66 36.61
CA HIS B 465 -27.29 -2.84 35.97
C HIS B 465 -25.79 -2.80 36.16
N ASN B 466 -25.25 -3.79 36.86
CA ASN B 466 -23.85 -3.81 37.25
C ASN B 466 -23.16 -5.06 36.71
N GLN B 467 -21.89 -4.89 36.34
CA GLN B 467 -21.02 -5.99 35.95
C GLN B 467 -19.82 -6.02 36.89
N ILE B 468 -19.10 -7.14 36.86
CA ILE B 468 -17.87 -7.31 37.63
C ILE B 468 -16.73 -7.54 36.67
N ALA B 469 -15.68 -6.72 36.77
CA ALA B 469 -14.50 -6.92 35.95
C ALA B 469 -13.81 -8.22 36.34
N ILE B 470 -13.54 -9.06 35.34
CA ILE B 470 -12.86 -10.32 35.58
C ILE B 470 -11.42 -10.29 35.09
N TYR B 471 -11.10 -9.45 34.10
CA TYR B 471 -9.74 -9.28 33.60
C TYR B 471 -9.34 -7.82 33.75
N ALA B 472 -8.08 -7.60 34.10
CA ALA B 472 -7.60 -6.24 34.27
C ALA B 472 -7.47 -5.54 32.92
N HIS B 473 -7.84 -4.26 32.89
CA HIS B 473 -7.69 -3.45 31.69
C HIS B 473 -6.91 -2.18 32.04
N GLN B 474 -5.93 -1.85 31.21
CA GLN B 474 -5.18 -0.63 31.35
C GLN B 474 -5.56 0.31 30.22
N PRO B 475 -6.03 1.52 30.50
CA PRO B 475 -6.54 2.39 29.43
C PRO B 475 -5.45 2.74 28.42
N ARG B 476 -5.75 2.49 27.15
CA ARG B 476 -4.84 2.91 26.09
C ARG B 476 -5.02 4.38 25.74
N THR B 477 -6.24 4.89 25.87
CA THR B 477 -6.57 6.30 25.67
C THR B 477 -7.19 6.86 26.95
N ALA B 478 -7.54 8.14 26.90
CA ALA B 478 -8.26 8.76 28.01
C ALA B 478 -9.73 8.40 28.03
N ASP B 479 -10.27 7.96 26.88
CA ASP B 479 -11.68 7.56 26.82
C ASP B 479 -11.93 6.22 27.51
N GLU B 480 -10.88 5.45 27.79
CA GLU B 480 -11.00 4.15 28.41
C GLU B 480 -10.78 4.25 29.91
N ILE B 481 -11.44 3.35 30.65
CA ILE B 481 -11.28 3.29 32.10
C ILE B 481 -10.35 2.14 32.48
N PRO B 482 -9.59 2.26 33.56
CA PRO B 482 -8.83 1.12 34.05
C PRO B 482 -9.71 0.19 34.84
N MET B 483 -9.37 -1.09 34.80
CA MET B 483 -10.12 -2.09 35.54
C MET B 483 -9.18 -3.05 36.22
N GLU B 484 -9.48 -3.37 37.46
CA GLU B 484 -8.86 -4.48 38.14
C GLU B 484 -9.91 -5.55 38.39
N PRO B 485 -9.54 -6.83 38.35
CA PRO B 485 -10.51 -7.89 38.62
C PRO B 485 -11.19 -7.67 39.97
N GLY B 486 -12.51 -7.84 39.99
CA GLY B 486 -13.32 -7.56 41.16
C GLY B 486 -13.99 -6.20 41.13
N ASP B 487 -13.45 -5.23 40.38
CA ASP B 487 -14.06 -3.92 40.30
C ASP B 487 -15.50 -4.02 39.81
N ILE B 488 -16.38 -3.23 40.43
CA ILE B 488 -17.78 -3.17 40.03
C ILE B 488 -17.92 -2.10 38.96
N ILE B 489 -18.42 -2.49 37.79
CA ILE B 489 -18.58 -1.59 36.66
C ILE B 489 -20.06 -1.40 36.40
N GLY B 490 -20.52 -0.15 36.46
CA GLY B 490 -21.87 0.18 36.09
C GLY B 490 -21.96 0.39 34.60
N VAL B 491 -22.50 -0.60 33.88
CA VAL B 491 -22.45 -0.59 32.42
C VAL B 491 -23.49 0.39 31.89
N ALA B 492 -23.13 1.10 30.82
CA ALA B 492 -24.03 2.04 30.16
C ALA B 492 -24.45 1.57 28.77
N GLY B 493 -23.80 0.56 28.22
CA GLY B 493 -24.18 0.02 26.93
C GLY B 493 -23.04 -0.73 26.29
N ASN B 494 -23.38 -1.42 25.21
CA ASN B 494 -22.39 -2.11 24.38
C ASN B 494 -22.37 -1.46 23.01
N HIS B 495 -21.16 -1.15 22.52
CA HIS B 495 -21.00 -0.50 21.24
C HIS B 495 -20.91 -1.50 20.09
N TRP B 496 -21.03 -2.79 20.38
CA TRP B 496 -21.06 -3.85 19.38
C TRP B 496 -19.81 -3.83 18.51
N ASP B 497 -18.70 -3.37 19.08
CA ASP B 497 -17.44 -3.28 18.36
C ASP B 497 -16.27 -3.81 19.19
N GLY B 498 -16.54 -4.54 20.26
CA GLY B 498 -15.53 -5.02 21.17
C GLY B 498 -15.42 -4.25 22.46
N TYR B 499 -15.99 -3.04 22.52
CA TYR B 499 -15.90 -2.17 23.68
C TYR B 499 -17.29 -1.86 24.23
N SER B 500 -17.38 -1.77 25.54
CA SER B 500 -18.58 -1.30 26.22
C SER B 500 -18.27 0.00 26.95
N LYS B 501 -19.32 0.73 27.28
CA LYS B 501 -19.20 1.98 28.02
C LYS B 501 -19.80 1.83 29.41
N GLY B 502 -19.09 2.32 30.41
CA GLY B 502 -19.58 2.24 31.77
C GLY B 502 -18.75 3.07 32.71
N VAL B 503 -19.06 2.94 34.00
CA VAL B 503 -18.36 3.66 35.06
C VAL B 503 -17.74 2.64 36.01
N ASN B 504 -16.45 2.81 36.29
CA ASN B 504 -15.80 2.07 37.37
C ASN B 504 -16.21 2.71 38.69
N ARG B 505 -17.18 2.10 39.36
CA ARG B 505 -17.72 2.66 40.59
C ARG B 505 -16.62 2.88 41.63
N LYS B 506 -15.63 1.97 41.66
CA LYS B 506 -14.53 2.10 42.61
C LYS B 506 -13.81 3.44 42.45
N LEU B 507 -13.58 3.85 41.20
CA LEU B 507 -12.79 5.05 40.92
C LEU B 507 -13.65 6.25 40.53
N GLY B 508 -14.95 6.07 40.34
CA GLY B 508 -15.78 7.14 39.83
C GLY B 508 -15.37 7.62 38.46
N ARG B 509 -14.80 6.73 37.64
CA ARG B 509 -14.36 7.06 36.29
C ARG B 509 -15.29 6.38 35.29
N THR B 510 -15.73 7.15 34.29
CA THR B 510 -16.61 6.66 33.25
C THR B 510 -15.89 6.66 31.91
N GLY B 511 -16.04 5.58 31.16
CA GLY B 511 -15.40 5.48 29.87
C GLY B 511 -15.65 4.14 29.22
N LEU B 512 -14.78 3.79 28.28
CA LEU B 512 -14.89 2.56 27.51
C LEU B 512 -14.01 1.47 28.11
N TYR B 513 -14.29 0.23 27.71
CA TYR B 513 -13.52 -0.93 28.16
C TYR B 513 -13.85 -2.12 27.28
N PRO B 514 -12.91 -3.05 27.08
CA PRO B 514 -13.21 -4.24 26.27
C PRO B 514 -14.36 -5.04 26.88
N SER B 515 -15.30 -5.44 26.03
CA SER B 515 -16.51 -6.08 26.51
C SER B 515 -16.25 -7.47 27.09
N TYR B 516 -15.22 -8.17 26.60
CA TYR B 516 -14.96 -9.52 27.08
C TYR B 516 -14.30 -9.57 28.44
N LYS B 517 -13.84 -8.44 28.96
CA LYS B 517 -13.11 -8.38 30.22
C LYS B 517 -14.02 -8.25 31.43
N VAL B 518 -15.33 -8.27 31.25
CA VAL B 518 -16.27 -8.13 32.36
C VAL B 518 -17.20 -9.34 32.43
N ARG B 519 -18.09 -9.34 33.42
CA ARG B 519 -18.96 -10.48 33.68
C ARG B 519 -20.25 -9.95 34.32
N GLU B 520 -21.37 -10.56 33.96
CA GLU B 520 -22.66 -10.08 34.44
C GLU B 520 -22.83 -10.39 35.91
N LYS B 521 -23.15 -9.36 36.69
CA LYS B 521 -23.39 -9.52 38.13
C LYS B 521 -24.89 -9.78 38.31
N ILE B 522 -25.25 -11.04 38.52
CA ILE B 522 -26.64 -11.42 38.68
C ILE B 522 -27.11 -11.04 40.08
N GLU B 523 -28.31 -10.47 40.15
CA GLU B 523 -28.90 -10.02 41.41
C GLU B 523 -30.08 -10.90 41.76
N THR B 524 -30.21 -11.21 43.04
CA THR B 524 -31.31 -12.03 43.54
C THR B 524 -32.09 -11.28 44.62
N VAL B 525 -33.35 -11.65 44.77
CA VAL B 525 -34.22 -11.03 45.76
C VAL B 525 -35.20 -12.04 46.34
N LYS B 526 -35.24 -12.14 47.66
CA LYS B 526 -36.13 -13.08 48.34
C LYS B 526 -37.58 -12.91 47.88
N TYR B 527 -38.02 -13.83 47.02
CA TYR B 527 -39.38 -13.80 46.50
C TYR B 527 -40.21 -14.95 47.04
N PRO B 528 -41.51 -14.73 47.23
CA PRO B 528 -42.42 -15.76 47.75
C PRO B 528 -42.30 -17.06 46.97
N THR B 529 -42.21 -18.18 47.69
CA THR B 529 -42.09 -19.49 47.05
C THR B 529 -43.44 -20.01 46.57
N TYR B 530 -44.51 -19.54 47.23
CA TYR B 530 -45.87 -19.95 46.91
C TYR B 530 -46.02 -21.47 46.79
N PRO B 531 -45.73 -22.18 47.90
CA PRO B 531 -45.83 -23.64 47.93
C PRO B 531 -47.27 -24.12 47.81
N GLU B 532 -48.21 -23.36 48.36
CA GLU B 532 -49.61 -23.72 48.30
C GLU B 532 -50.06 -23.97 46.86
N ALA B 533 -49.28 -23.49 45.92
CA ALA B 533 -49.58 -23.66 44.53
C ALA B 533 -49.29 -25.03 44.02
N GLU B 534 -48.25 -25.70 44.48
CA GLU B 534 -47.97 -27.04 44.02
C GLU B 534 -48.90 -28.05 44.70
N LEU C 68 14.06 -15.60 -52.88
CA LEU C 68 13.21 -14.99 -51.87
C LEU C 68 12.98 -15.92 -50.70
N GLY C 69 12.92 -15.35 -49.49
CA GLY C 69 12.82 -16.16 -48.29
C GLY C 69 11.41 -16.69 -48.05
N LYS C 70 11.34 -17.95 -47.64
CA LYS C 70 10.05 -18.58 -47.38
C LYS C 70 9.34 -17.95 -46.20
N ASP C 71 10.04 -17.82 -45.06
CA ASP C 71 9.43 -17.23 -43.88
C ASP C 71 8.98 -15.79 -44.12
N HIS C 72 9.76 -15.04 -44.89
CA HIS C 72 9.39 -13.66 -45.22
C HIS C 72 8.02 -13.60 -45.90
N GLU C 73 7.77 -14.50 -46.86
CA GLU C 73 6.50 -14.49 -47.57
C GLU C 73 5.36 -14.95 -46.68
N ILE C 74 5.59 -16.00 -45.87
CA ILE C 74 4.58 -16.45 -44.93
C ILE C 74 4.15 -15.31 -44.02
N LEU C 75 5.11 -14.53 -43.54
CA LEU C 75 4.80 -13.42 -42.65
C LEU C 75 4.01 -12.33 -43.38
N ARG C 76 4.43 -12.00 -44.60
CA ARG C 76 3.75 -10.94 -45.36
C ARG C 76 2.28 -11.28 -45.57
N ARG C 77 1.98 -12.53 -45.93
CA ARG C 77 0.59 -12.93 -46.14
C ARG C 77 -0.19 -12.92 -44.83
N ARG C 78 0.45 -13.30 -43.72
CA ARG C 78 -0.24 -13.27 -42.43
C ARG C 78 -0.57 -11.83 -42.01
N ILE C 79 0.29 -10.87 -42.37
CA ILE C 79 -0.02 -9.48 -42.09
C ILE C 79 -1.15 -9.00 -43.00
N GLU C 80 -1.09 -9.35 -44.28
CA GLU C 80 -2.14 -8.98 -45.22
C GLU C 80 -3.49 -9.51 -44.76
N ASN C 81 -3.55 -10.79 -44.39
CA ASN C 81 -4.82 -11.39 -43.99
C ASN C 81 -5.27 -10.90 -42.62
N GLY C 82 -4.33 -10.75 -41.68
CA GLY C 82 -4.68 -10.23 -40.37
C GLY C 82 -5.32 -8.86 -40.43
N ALA C 83 -4.83 -8.02 -41.34
CA ALA C 83 -5.45 -6.71 -41.57
C ALA C 83 -6.85 -6.85 -42.15
N LYS C 84 -7.03 -7.80 -43.08
CA LYS C 84 -8.36 -8.04 -43.64
C LYS C 84 -9.36 -8.41 -42.55
N GLU C 85 -9.02 -9.41 -41.74
CA GLU C 85 -9.93 -9.84 -40.69
C GLU C 85 -10.18 -8.72 -39.69
N LEU C 86 -9.22 -7.83 -39.50
CA LEU C 86 -9.47 -6.65 -38.69
C LEU C 86 -10.51 -5.75 -39.33
N TRP C 87 -10.43 -5.57 -40.65
CA TRP C 87 -11.41 -4.74 -41.35
C TRP C 87 -12.80 -5.36 -41.30
N PHE C 88 -12.90 -6.68 -41.51
CA PHE C 88 -14.17 -7.37 -41.32
C PHE C 88 -14.71 -7.15 -39.92
N PHE C 89 -13.85 -7.33 -38.91
CA PHE C 89 -14.28 -7.18 -37.52
C PHE C 89 -14.81 -5.78 -37.24
N LEU C 90 -14.17 -4.75 -37.82
CA LEU C 90 -14.59 -3.37 -37.58
C LEU C 90 -15.98 -3.12 -38.15
N GLN C 91 -16.18 -3.42 -39.44
CA GLN C 91 -17.49 -3.18 -40.06
C GLN C 91 -18.60 -3.92 -39.33
N SER C 92 -18.36 -5.17 -38.95
CA SER C 92 -19.39 -5.97 -38.29
C SER C 92 -19.82 -5.35 -36.98
N GLU C 93 -18.86 -5.06 -36.10
CA GLU C 93 -19.20 -4.61 -34.75
C GLU C 93 -19.75 -3.18 -34.77
N LEU C 94 -19.21 -2.32 -35.64
CA LEU C 94 -19.72 -0.96 -35.74
C LEU C 94 -21.18 -0.96 -36.19
N LYS C 95 -21.55 -1.88 -37.08
CA LYS C 95 -22.95 -2.03 -37.45
C LYS C 95 -23.82 -2.29 -36.22
N LYS C 96 -23.34 -3.14 -35.31
CA LYS C 96 -24.09 -3.43 -34.09
C LYS C 96 -24.12 -2.22 -33.15
N LEU C 97 -23.02 -1.46 -33.10
CA LEU C 97 -22.95 -0.34 -32.17
C LEU C 97 -23.98 0.74 -32.48
N LYS C 98 -24.31 0.93 -33.75
CA LYS C 98 -25.33 1.92 -34.11
C LYS C 98 -26.70 1.60 -33.53
N ASN C 99 -26.91 0.39 -33.03
CA ASN C 99 -28.20 -0.04 -32.50
C ASN C 99 -28.19 -0.21 -30.99
N LEU C 100 -27.29 0.48 -30.29
CA LEU C 100 -27.15 0.31 -28.85
C LEU C 100 -27.23 1.67 -28.15
N GLU C 101 -27.73 1.64 -26.91
CA GLU C 101 -27.87 2.83 -26.10
C GLU C 101 -27.32 2.56 -24.70
N GLY C 102 -26.88 3.63 -24.04
CA GLY C 102 -26.47 3.61 -22.64
C GLY C 102 -25.47 2.54 -22.26
N ASN C 103 -25.83 1.70 -21.29
CA ASN C 103 -24.90 0.71 -20.76
C ASN C 103 -24.52 -0.33 -21.81
N GLU C 104 -25.51 -0.84 -22.55
CA GLU C 104 -25.24 -1.85 -23.56
C GLU C 104 -24.26 -1.33 -24.60
N LEU C 105 -24.36 -0.05 -24.94
CA LEU C 105 -23.40 0.55 -25.87
C LEU C 105 -21.98 0.51 -25.31
N GLN C 106 -21.79 1.04 -24.11
CA GLN C 106 -20.44 1.16 -23.56
C GLN C 106 -19.83 -0.20 -23.21
N ARG C 107 -20.63 -1.15 -22.71
CA ARG C 107 -20.10 -2.47 -22.40
C ARG C 107 -19.48 -3.11 -23.63
N HIS C 108 -20.26 -3.22 -24.70
CA HIS C 108 -19.76 -3.85 -25.92
C HIS C 108 -18.68 -3.00 -26.58
N ALA C 109 -18.79 -1.67 -26.48
CA ALA C 109 -17.73 -0.81 -27.01
C ALA C 109 -16.41 -1.05 -26.29
N ASP C 110 -16.46 -1.25 -24.97
CA ASP C 110 -15.22 -1.53 -24.24
C ASP C 110 -14.68 -2.90 -24.59
N GLU C 111 -15.55 -3.91 -24.68
CA GLU C 111 -15.15 -5.22 -25.15
C GLU C 111 -14.59 -5.14 -26.57
N PHE C 112 -15.18 -4.29 -27.41
CA PHE C 112 -14.66 -4.08 -28.75
C PHE C 112 -13.21 -3.65 -28.71
N LEU C 113 -12.89 -2.64 -27.90
CA LEU C 113 -11.51 -2.17 -27.78
C LEU C 113 -10.59 -3.27 -27.28
N LEU C 114 -11.10 -4.12 -26.37
CA LEU C 114 -10.30 -5.22 -25.86
C LEU C 114 -9.94 -6.19 -26.98
N ASP C 115 -10.93 -6.61 -27.77
CA ASP C 115 -10.67 -7.50 -28.89
C ASP C 115 -9.74 -6.83 -29.90
N LEU C 116 -9.94 -5.53 -30.16
CA LEU C 116 -9.11 -4.82 -31.13
C LEU C 116 -7.66 -4.75 -30.66
N GLY C 117 -7.44 -4.49 -29.37
CA GLY C 117 -6.07 -4.37 -28.88
C GLY C 117 -5.22 -5.59 -29.17
N HIS C 118 -5.71 -6.77 -28.83
CA HIS C 118 -4.97 -8.00 -29.11
C HIS C 118 -4.82 -8.24 -30.60
N HIS C 119 -5.91 -8.05 -31.35
CA HIS C 119 -5.86 -8.20 -32.80
C HIS C 119 -4.78 -7.31 -33.41
N GLU C 120 -4.74 -6.05 -32.98
CA GLU C 120 -3.73 -5.12 -33.51
C GLU C 120 -2.33 -5.55 -33.10
N ARG C 121 -2.15 -5.92 -31.84
CA ARG C 121 -0.82 -6.31 -31.36
C ARG C 121 -0.32 -7.55 -32.06
N SER C 122 -1.22 -8.45 -32.47
CA SER C 122 -0.80 -9.60 -33.26
C SER C 122 -0.20 -9.15 -34.59
N ILE C 123 -0.83 -8.18 -35.24
CA ILE C 123 -0.32 -7.65 -36.50
C ILE C 123 1.03 -6.98 -36.29
N MET C 124 1.13 -6.11 -35.29
CA MET C 124 2.38 -5.42 -35.01
C MET C 124 3.50 -6.41 -34.66
N THR C 125 3.16 -7.53 -34.01
CA THR C 125 4.15 -8.55 -33.74
C THR C 125 4.67 -9.15 -35.04
N ASP C 126 3.77 -9.48 -35.96
CA ASP C 126 4.19 -10.02 -37.26
C ASP C 126 5.04 -9.01 -38.02
N LEU C 127 4.73 -7.72 -37.88
CA LEU C 127 5.52 -6.70 -38.53
C LEU C 127 6.95 -6.66 -37.98
N TYR C 128 7.09 -6.86 -36.67
CA TYR C 128 8.42 -6.95 -36.08
C TYR C 128 9.16 -8.19 -36.58
N TYR C 129 8.50 -9.34 -36.56
CA TYR C 129 9.11 -10.57 -37.09
C TYR C 129 9.53 -10.39 -38.54
N LEU C 130 8.77 -9.62 -39.31
CA LEU C 130 9.11 -9.42 -40.73
C LEU C 130 10.40 -8.63 -40.89
N SER C 131 10.67 -7.68 -40.00
CA SER C 131 11.90 -6.90 -40.04
C SER C 131 13.13 -7.72 -39.66
N GLN C 132 12.97 -9.00 -39.37
CA GLN C 132 14.05 -9.83 -38.86
C GLN C 132 14.40 -11.02 -39.74
N THR C 133 13.42 -11.58 -40.45
CA THR C 133 13.62 -12.87 -41.11
C THR C 133 14.62 -12.77 -42.26
N ASP C 134 15.24 -13.91 -42.56
CA ASP C 134 16.15 -14.06 -43.70
C ASP C 134 17.32 -13.08 -43.61
N GLY C 135 17.85 -12.91 -42.41
CA GLY C 135 19.02 -12.09 -42.22
C GLY C 135 18.76 -10.60 -42.19
N ALA C 136 17.49 -10.18 -42.20
CA ALA C 136 17.19 -8.75 -42.14
C ALA C 136 17.70 -8.14 -40.85
N GLY C 137 17.52 -8.83 -39.72
CA GLY C 137 18.06 -8.34 -38.47
C GLY C 137 19.58 -8.35 -38.45
N ASP C 138 20.18 -9.47 -38.88
CA ASP C 138 21.63 -9.59 -38.90
C ASP C 138 22.26 -8.52 -39.80
N TRP C 139 21.69 -8.31 -40.99
CA TRP C 139 22.26 -7.33 -41.91
C TRP C 139 22.13 -5.91 -41.36
N ARG C 140 20.96 -5.56 -40.83
CA ARG C 140 20.73 -4.21 -40.35
C ARG C 140 21.68 -3.83 -39.23
N GLU C 141 22.01 -4.77 -38.35
CA GLU C 141 22.96 -4.49 -37.28
C GLU C 141 24.35 -4.23 -37.84
N LYS C 142 24.78 -5.03 -38.83
CA LYS C 142 26.09 -4.84 -39.42
C LYS C 142 26.20 -3.48 -40.12
N GLU C 143 25.17 -3.11 -40.89
CA GLU C 143 25.22 -1.85 -41.62
C GLU C 143 25.15 -0.66 -40.67
N ALA C 144 24.31 -0.74 -39.64
CA ALA C 144 24.28 0.31 -38.63
C ALA C 144 25.61 0.42 -37.89
N LYS C 145 26.31 -0.70 -37.72
CA LYS C 145 27.63 -0.68 -37.10
C LYS C 145 28.62 0.12 -37.92
N ASP C 146 28.68 -0.17 -39.23
CA ASP C 146 29.63 0.52 -40.11
C ASP C 146 29.38 2.03 -40.14
N LEU C 147 28.10 2.43 -40.17
CA LEU C 147 27.77 3.85 -40.22
C LEU C 147 28.27 4.58 -38.98
N THR C 148 28.01 4.02 -37.80
CA THR C 148 28.47 4.64 -36.56
C THR C 148 29.99 4.77 -36.54
N GLU C 149 30.71 3.67 -36.79
CA GLU C 149 32.17 3.72 -36.81
C GLU C 149 32.69 4.78 -37.76
N LEU C 150 32.10 4.88 -38.95
CA LEU C 150 32.55 5.88 -39.92
C LEU C 150 32.38 7.29 -39.38
N VAL C 151 31.20 7.61 -38.86
CA VAL C 151 30.95 8.96 -38.37
C VAL C 151 31.84 9.26 -37.17
N GLN C 152 31.87 8.36 -36.19
CA GLN C 152 32.74 8.54 -35.03
C GLN C 152 34.20 8.67 -35.45
N ARG C 153 34.62 7.88 -36.45
CA ARG C 153 35.98 8.01 -36.98
C ARG C 153 36.22 9.42 -37.50
N ARG C 154 35.26 9.99 -38.20
CA ARG C 154 35.42 11.32 -38.76
C ARG C 154 35.43 12.38 -37.66
N ILE C 155 34.54 12.25 -36.68
CA ILE C 155 34.47 13.21 -35.58
C ILE C 155 35.79 13.24 -34.82
N THR C 156 36.32 12.05 -34.49
CA THR C 156 37.61 11.96 -33.81
C THR C 156 38.71 12.60 -34.64
N TYR C 157 38.77 12.28 -35.94
CA TYR C 157 39.77 12.85 -36.82
C TYR C 157 39.70 14.38 -36.79
N LEU C 158 38.50 14.94 -36.94
CA LEU C 158 38.35 16.39 -36.92
C LEU C 158 38.74 16.96 -35.57
N GLN C 159 38.35 16.28 -34.48
CA GLN C 159 38.56 16.82 -33.15
C GLN C 159 40.01 16.71 -32.67
N ASN C 160 40.84 15.93 -33.34
CA ASN C 160 42.22 15.71 -32.91
C ASN C 160 43.17 15.97 -34.06
N PRO C 161 43.40 17.23 -34.39
CA PRO C 161 44.40 17.56 -35.42
C PRO C 161 45.81 17.38 -34.90
N LYS C 162 46.74 17.25 -35.84
CA LYS C 162 48.15 17.11 -35.49
C LYS C 162 48.67 18.42 -34.89
N ASP C 163 48.36 19.55 -35.53
CA ASP C 163 48.81 20.87 -35.09
C ASP C 163 47.62 21.63 -34.53
N CYS C 164 47.61 21.83 -33.22
CA CYS C 164 46.52 22.59 -32.60
C CYS C 164 46.62 24.07 -32.94
N SER C 165 47.84 24.62 -32.92
CA SER C 165 48.01 26.05 -33.13
C SER C 165 47.57 26.51 -34.52
N LYS C 166 47.59 25.60 -35.49
CA LYS C 166 47.23 25.95 -36.86
C LYS C 166 45.88 25.41 -37.30
N ALA C 167 45.23 24.57 -36.49
CA ALA C 167 43.93 24.05 -36.85
C ALA C 167 42.87 25.15 -36.70
N LYS C 168 41.84 25.07 -37.53
CA LYS C 168 40.73 26.00 -37.44
C LYS C 168 39.75 25.53 -36.37
N LYS C 169 39.27 26.48 -35.55
CA LYS C 169 38.56 26.15 -34.34
C LYS C 169 37.22 26.87 -34.28
N LEU C 170 36.24 26.21 -33.66
CA LEU C 170 34.93 26.77 -33.37
C LEU C 170 34.68 26.67 -31.86
N VAL C 171 34.49 27.82 -31.21
CA VAL C 171 34.38 27.89 -29.75
C VAL C 171 32.91 27.93 -29.35
N CYS C 172 32.55 27.08 -28.40
CA CYS C 172 31.19 27.00 -27.86
C CYS C 172 31.23 27.14 -26.35
N ASN C 173 30.34 27.97 -25.80
CA ASN C 173 30.23 28.15 -24.35
C ASN C 173 29.00 27.42 -23.84
N ILE C 174 29.18 26.62 -22.77
CA ILE C 174 28.12 25.75 -22.30
C ILE C 174 27.05 26.46 -21.48
N ASN C 175 27.34 27.67 -20.97
CA ASN C 175 26.49 28.30 -19.96
C ASN C 175 25.22 28.90 -20.58
N LYS C 176 24.41 28.02 -21.16
CA LYS C 176 23.09 28.42 -21.64
C LYS C 176 22.11 28.44 -20.47
N GLY C 177 21.40 29.55 -20.32
CA GLY C 177 20.50 29.72 -19.20
C GLY C 177 19.30 28.80 -19.24
N CYS C 178 19.53 27.53 -18.95
CA CYS C 178 18.47 26.51 -19.00
C CYS C 178 19.01 25.24 -18.34
N GLY C 179 18.20 24.19 -18.40
CA GLY C 179 18.54 22.92 -17.77
C GLY C 179 19.68 22.19 -18.47
N TYR C 180 19.88 20.95 -18.04
CA TYR C 180 21.01 20.15 -18.54
C TYR C 180 20.77 19.73 -19.99
N GLY C 181 19.61 19.12 -20.26
CA GLY C 181 19.32 18.70 -21.62
C GLY C 181 19.35 19.84 -22.61
N CYS C 182 18.74 20.97 -22.25
CA CYS C 182 18.81 22.15 -23.09
C CYS C 182 20.24 22.62 -23.27
N GLN C 183 21.02 22.59 -22.19
CA GLN C 183 22.44 22.96 -22.28
C GLN C 183 23.20 21.98 -23.16
N LEU C 184 22.94 20.68 -23.01
CA LEU C 184 23.64 19.67 -23.79
C LEU C 184 23.34 19.80 -25.28
N HIS C 185 22.08 20.07 -25.63
CA HIS C 185 21.70 20.22 -27.03
C HIS C 185 22.38 21.42 -27.67
N HIS C 186 22.63 22.47 -26.88
CA HIS C 186 23.37 23.62 -27.41
C HIS C 186 24.77 23.19 -27.86
N VAL C 187 25.38 22.26 -27.14
CA VAL C 187 26.70 21.77 -27.53
C VAL C 187 26.62 20.96 -28.82
N VAL C 188 25.62 20.09 -28.94
CA VAL C 188 25.43 19.33 -30.18
C VAL C 188 25.21 20.28 -31.35
N TYR C 189 24.34 21.28 -31.16
CA TYR C 189 24.17 22.33 -32.16
C TYR C 189 25.49 22.98 -32.53
N CYS C 190 26.33 23.27 -31.52
CA CYS C 190 27.68 23.74 -31.80
C CYS C 190 28.48 22.68 -32.54
N PHE C 191 28.39 21.43 -32.11
CA PHE C 191 29.24 20.37 -32.65
C PHE C 191 28.92 20.11 -34.11
N MET C 192 27.63 20.07 -34.47
CA MET C 192 27.24 19.77 -35.84
C MET C 192 27.75 20.83 -36.82
N ILE C 193 27.69 22.10 -36.42
CA ILE C 193 28.16 23.17 -37.31
C ILE C 193 29.68 23.11 -37.45
N ALA C 194 30.39 22.90 -36.35
CA ALA C 194 31.83 22.72 -36.42
C ALA C 194 32.21 21.57 -37.33
N TYR C 195 31.41 20.50 -37.32
CA TYR C 195 31.62 19.38 -38.24
C TYR C 195 31.43 19.83 -39.68
N GLY C 196 30.36 20.56 -39.96
CA GLY C 196 30.09 20.98 -41.32
C GLY C 196 31.08 21.98 -41.87
N THR C 197 31.71 22.77 -41.00
CA THR C 197 32.63 23.81 -41.41
C THR C 197 34.10 23.39 -41.31
N GLN C 198 34.38 22.12 -41.00
CA GLN C 198 35.74 21.60 -40.88
C GLN C 198 36.55 22.38 -39.84
N ARG C 199 35.92 22.67 -38.71
CA ARG C 199 36.59 23.33 -37.59
C ARG C 199 36.61 22.40 -36.39
N THR C 200 37.72 22.45 -35.64
CA THR C 200 37.83 21.66 -34.42
C THR C 200 37.10 22.36 -33.29
N LEU C 201 36.34 21.58 -32.51
CA LEU C 201 35.50 22.14 -31.47
C LEU C 201 36.31 22.42 -30.20
N ILE C 202 36.25 23.67 -29.74
CA ILE C 202 36.80 24.07 -28.45
C ILE C 202 35.62 24.42 -27.54
N LEU C 203 35.53 23.75 -26.41
CA LEU C 203 34.38 23.84 -25.52
C LEU C 203 34.77 24.57 -24.23
N GLU C 204 34.33 25.81 -24.07
CA GLU C 204 34.51 26.55 -22.83
C GLU C 204 33.46 26.11 -21.82
N SER C 205 33.91 25.51 -20.71
CA SER C 205 32.99 24.89 -19.77
C SER C 205 33.18 25.37 -18.34
N GLN C 206 34.00 26.41 -18.11
CA GLN C 206 34.19 26.90 -16.76
C GLN C 206 32.93 27.59 -16.25
N ASN C 207 32.74 27.52 -14.93
CA ASN C 207 31.56 28.07 -14.25
C ASN C 207 30.26 27.38 -14.67
N TRP C 208 30.36 26.18 -15.26
CA TRP C 208 29.18 25.39 -15.57
C TRP C 208 28.26 25.28 -14.36
N ARG C 209 27.00 25.66 -14.56
CA ARG C 209 26.07 25.79 -13.42
C ARG C 209 25.83 24.46 -12.72
N TYR C 210 25.97 23.34 -13.43
CA TYR C 210 25.79 22.04 -12.81
C TYR C 210 27.05 21.53 -12.13
N ALA C 211 28.21 22.02 -12.54
CA ALA C 211 29.49 21.55 -12.00
C ALA C 211 30.50 22.62 -12.40
N THR C 212 30.71 23.59 -11.50
CA THR C 212 31.53 24.74 -11.82
C THR C 212 32.91 24.35 -12.30
N GLY C 213 33.41 23.17 -11.93
CA GLY C 213 34.71 22.73 -12.41
C GLY C 213 34.82 22.64 -13.91
N GLY C 214 33.72 22.26 -14.58
CA GLY C 214 33.71 22.26 -16.03
C GLY C 214 33.27 20.92 -16.60
N TRP C 215 33.43 20.82 -17.92
CA TRP C 215 33.00 19.65 -18.67
C TRP C 215 33.66 18.37 -18.16
N GLU C 216 34.97 18.41 -17.93
CA GLU C 216 35.70 17.21 -17.57
C GLU C 216 35.41 16.70 -16.17
N THR C 217 34.46 17.32 -15.45
CA THR C 217 34.01 16.77 -14.18
C THR C 217 33.44 15.36 -14.35
N VAL C 218 32.76 15.11 -15.46
CA VAL C 218 32.05 13.84 -15.66
C VAL C 218 32.44 13.20 -16.98
N PHE C 219 32.74 14.00 -18.00
CA PHE C 219 32.92 13.51 -19.36
C PHE C 219 34.34 13.69 -19.85
N ARG C 220 34.74 12.82 -20.78
CA ARG C 220 36.03 12.94 -21.42
C ARG C 220 36.11 14.26 -22.19
N PRO C 221 37.29 14.85 -22.30
CA PRO C 221 37.42 16.07 -23.11
C PRO C 221 37.17 15.77 -24.58
N VAL C 222 36.59 16.75 -25.28
CA VAL C 222 36.22 16.58 -26.67
C VAL C 222 37.43 16.36 -27.56
N SER C 223 38.64 16.71 -27.12
CA SER C 223 39.83 16.54 -27.92
C SER C 223 40.97 16.01 -27.07
N GLU C 224 41.90 15.32 -27.72
CA GLU C 224 43.13 14.88 -27.09
C GLU C 224 44.33 15.69 -27.48
N THR C 225 44.24 16.45 -28.58
CA THR C 225 45.37 17.22 -29.10
C THR C 225 45.11 18.72 -29.18
N CYS C 226 43.86 19.17 -29.21
CA CYS C 226 43.56 20.58 -29.41
C CYS C 226 42.40 21.00 -28.52
N THR C 227 42.72 21.40 -27.28
CA THR C 227 41.76 22.07 -26.41
C THR C 227 42.11 23.53 -26.18
N ASP C 228 43.26 23.99 -26.66
CA ASP C 228 43.62 25.40 -26.58
C ASP C 228 42.82 26.19 -27.60
N ARG C 229 42.28 27.34 -27.18
CA ARG C 229 41.43 28.16 -28.01
C ARG C 229 42.18 29.26 -28.77
N SER C 230 43.51 29.29 -28.68
CA SER C 230 44.29 30.34 -29.30
C SER C 230 44.23 30.26 -30.82
N GLY C 231 44.58 31.38 -31.47
CA GLY C 231 44.58 31.46 -32.91
C GLY C 231 45.05 32.80 -33.44
N ILE C 232 45.66 32.80 -34.62
CA ILE C 232 46.22 34.03 -35.18
C ILE C 232 45.14 35.02 -35.60
N SER C 233 43.90 34.57 -35.74
CA SER C 233 42.78 35.44 -36.09
C SER C 233 41.53 34.92 -35.40
N THR C 234 40.82 35.79 -34.71
CA THR C 234 39.64 35.41 -33.95
C THR C 234 38.54 36.45 -34.16
N GLY C 235 37.31 35.96 -34.28
CA GLY C 235 36.15 36.84 -34.43
C GLY C 235 34.87 36.08 -34.18
N HIS C 236 33.79 36.84 -34.07
CA HIS C 236 32.47 36.25 -33.86
C HIS C 236 31.92 35.70 -35.17
N TRP C 237 30.90 34.85 -35.04
CA TRP C 237 30.35 34.17 -36.21
C TRP C 237 29.75 35.15 -37.21
N SER C 238 30.14 35.00 -38.48
CA SER C 238 29.58 35.81 -39.54
C SER C 238 29.24 35.00 -40.77
N GLY C 239 29.37 33.67 -40.72
CA GLY C 239 29.12 32.84 -41.88
C GLY C 239 30.34 32.03 -42.30
N GLU C 240 30.10 30.85 -42.86
CA GLU C 240 31.20 29.97 -43.26
C GLU C 240 32.06 30.62 -44.34
N VAL C 241 31.43 31.31 -45.30
CA VAL C 241 32.17 31.89 -46.41
C VAL C 241 33.02 33.07 -45.94
N LYS C 242 32.42 33.98 -45.16
CA LYS C 242 33.14 35.16 -44.70
C LYS C 242 34.28 34.81 -43.76
N ASP C 243 34.13 33.74 -42.97
CA ASP C 243 35.16 33.35 -42.01
C ASP C 243 36.16 32.35 -42.60
N LYS C 244 36.25 32.28 -43.94
CA LYS C 244 37.14 31.32 -44.56
C LYS C 244 38.61 31.57 -44.21
N ASN C 245 38.95 32.80 -43.79
CA ASN C 245 40.32 33.13 -43.40
C ASN C 245 40.39 33.57 -41.94
N VAL C 246 39.39 33.20 -41.14
CA VAL C 246 39.42 33.41 -39.69
C VAL C 246 39.67 32.05 -39.03
N GLN C 247 40.75 31.96 -38.27
CA GLN C 247 41.13 30.67 -37.70
C GLN C 247 40.16 30.21 -36.62
N VAL C 248 39.74 31.12 -35.73
CA VAL C 248 38.90 30.78 -34.58
C VAL C 248 37.63 31.63 -34.66
N VAL C 249 36.48 30.95 -34.72
CA VAL C 249 35.18 31.60 -34.82
C VAL C 249 34.34 31.22 -33.61
N GLU C 250 33.78 32.23 -32.94
CA GLU C 250 32.95 32.04 -31.75
C GLU C 250 31.49 31.93 -32.16
N LEU C 251 30.82 30.84 -31.73
CA LEU C 251 29.43 30.55 -32.10
C LEU C 251 28.48 30.87 -30.96
N PRO C 252 27.45 31.69 -31.19
CA PRO C 252 26.44 31.95 -30.17
C PRO C 252 25.38 30.86 -30.16
N ILE C 253 24.40 31.02 -29.25
CA ILE C 253 23.31 30.06 -29.15
C ILE C 253 22.41 30.15 -30.39
N VAL C 254 21.70 29.04 -30.65
CA VAL C 254 20.84 28.96 -31.84
C VAL C 254 19.64 29.88 -31.76
N ASP C 255 19.21 30.28 -30.56
CA ASP C 255 18.02 31.11 -30.42
C ASP C 255 18.20 32.49 -31.05
N SER C 256 19.45 32.91 -31.29
CA SER C 256 19.75 34.24 -31.80
C SER C 256 20.73 34.17 -32.98
N LEU C 257 20.92 33.00 -33.56
CA LEU C 257 21.96 32.81 -34.58
C LEU C 257 21.61 33.54 -35.87
N HIS C 258 22.56 34.31 -36.38
CA HIS C 258 22.39 35.05 -37.61
C HIS C 258 23.74 35.26 -38.29
N PRO C 259 23.94 34.72 -39.51
CA PRO C 259 23.02 33.91 -40.33
C PRO C 259 23.08 32.43 -40.00
N ARG C 260 22.04 31.66 -40.41
CA ARG C 260 21.98 30.23 -40.12
C ARG C 260 22.61 29.41 -41.24
N PRO C 261 23.52 28.49 -40.91
CA PRO C 261 24.13 27.65 -41.94
C PRO C 261 23.27 26.43 -42.23
N PRO C 262 23.59 25.68 -43.29
CA PRO C 262 22.78 24.48 -43.60
C PRO C 262 23.04 23.29 -42.69
N TYR C 263 24.13 23.29 -41.91
CA TYR C 263 24.51 22.11 -41.11
C TYR C 263 23.74 22.12 -39.79
N LEU C 264 22.44 21.92 -39.89
CA LEU C 264 21.54 21.94 -38.75
C LEU C 264 20.54 20.79 -38.88
N PRO C 265 19.92 20.39 -37.77
CA PRO C 265 18.79 19.47 -37.85
C PRO C 265 17.58 20.15 -38.48
N LEU C 266 16.71 19.35 -39.09
CA LEU C 266 16.79 17.89 -39.07
C LEU C 266 17.39 17.33 -40.36
N ALA C 267 18.28 18.10 -40.99
CA ALA C 267 18.91 17.67 -42.22
C ALA C 267 20.05 16.68 -41.92
N VAL C 268 20.29 15.79 -42.86
CA VAL C 268 21.31 14.75 -42.70
C VAL C 268 22.33 14.94 -43.81
N PRO C 269 23.53 14.38 -43.64
CA PRO C 269 24.56 14.48 -44.69
C PRO C 269 24.10 13.84 -45.99
N GLU C 270 24.30 14.57 -47.09
CA GLU C 270 24.10 14.06 -48.44
C GLU C 270 24.63 12.64 -48.61
N ASP C 271 25.92 12.45 -48.29
CA ASP C 271 26.62 11.20 -48.54
C ASP C 271 26.10 10.03 -47.73
N LEU C 272 25.27 10.28 -46.72
CA LEU C 272 24.77 9.22 -45.84
C LEU C 272 23.28 8.96 -46.00
N ALA C 273 22.56 9.81 -46.76
CA ALA C 273 21.11 9.74 -46.79
C ALA C 273 20.62 8.39 -47.28
N ASP C 274 21.18 7.91 -48.41
CA ASP C 274 20.71 6.65 -48.99
C ASP C 274 20.91 5.50 -48.01
N ARG C 275 22.09 5.41 -47.40
CA ARG C 275 22.36 4.36 -46.43
C ARG C 275 21.51 4.51 -45.18
N LEU C 276 21.28 5.75 -44.74
CA LEU C 276 20.55 6.00 -43.51
C LEU C 276 19.08 5.61 -43.64
N VAL C 277 18.43 6.06 -44.70
CA VAL C 277 17.01 5.75 -44.89
C VAL C 277 16.80 4.25 -45.02
N ARG C 278 17.71 3.56 -45.70
CA ARG C 278 17.64 2.10 -45.80
C ARG C 278 17.65 1.43 -44.44
N VAL C 279 18.25 2.06 -43.44
CA VAL C 279 18.48 1.46 -42.14
C VAL C 279 17.53 2.04 -41.08
N HIS C 280 17.46 3.36 -40.99
CA HIS C 280 16.82 4.04 -39.87
C HIS C 280 15.46 4.59 -40.29
N GLY C 281 14.52 4.58 -39.34
CA GLY C 281 13.20 5.13 -39.59
C GLY C 281 13.11 6.62 -39.41
N ASP C 282 14.09 7.23 -38.73
CA ASP C 282 14.18 8.67 -38.59
C ASP C 282 15.66 9.04 -38.62
N PRO C 283 16.26 9.12 -39.81
CA PRO C 283 17.70 9.38 -39.90
C PRO C 283 18.13 10.71 -39.29
N ALA C 284 17.21 11.66 -39.14
CA ALA C 284 17.56 12.93 -38.50
C ALA C 284 18.00 12.73 -37.06
N VAL C 285 17.31 11.85 -36.33
CA VAL C 285 17.66 11.60 -34.93
C VAL C 285 19.00 10.86 -34.85
N TRP C 286 19.22 9.90 -35.75
CA TRP C 286 20.48 9.17 -35.76
C TRP C 286 21.66 10.11 -35.97
N TRP C 287 21.54 11.05 -36.91
CA TRP C 287 22.59 12.03 -37.13
C TRP C 287 22.87 12.84 -35.86
N VAL C 288 21.82 13.24 -35.14
CA VAL C 288 22.00 13.95 -33.88
C VAL C 288 22.65 13.04 -32.84
N SER C 289 22.20 11.79 -32.77
CA SER C 289 22.68 10.87 -31.74
C SER C 289 24.18 10.60 -31.86
N GLN C 290 24.72 10.63 -33.08
CA GLN C 290 26.14 10.37 -33.26
C GLN C 290 27.00 11.43 -32.57
N PHE C 291 26.54 12.68 -32.54
CA PHE C 291 27.26 13.70 -31.80
C PHE C 291 27.05 13.58 -30.30
N VAL C 292 25.89 13.10 -29.87
CA VAL C 292 25.67 12.86 -28.43
C VAL C 292 26.55 11.71 -27.96
N LYS C 293 26.58 10.61 -28.73
CA LYS C 293 27.43 9.48 -28.42
C LYS C 293 28.86 9.91 -28.13
N TYR C 294 29.42 10.76 -29.00
CA TYR C 294 30.79 11.22 -28.82
C TYR C 294 30.93 12.10 -27.59
N LEU C 295 29.93 12.95 -27.34
CA LEU C 295 30.05 13.90 -26.24
C LEU C 295 30.07 13.21 -24.88
N ILE C 296 29.22 12.21 -24.68
CA ILE C 296 29.00 11.66 -23.34
C ILE C 296 29.96 10.52 -23.04
N ARG C 297 31.09 10.47 -23.73
CA ARG C 297 32.15 9.53 -23.37
C ARG C 297 32.53 9.74 -21.91
N PRO C 298 32.39 8.73 -21.06
CA PRO C 298 32.53 8.96 -19.62
C PRO C 298 33.98 8.95 -19.16
N GLN C 299 34.23 9.75 -18.14
CA GLN C 299 35.48 9.63 -17.40
C GLN C 299 35.53 8.26 -16.72
N PRO C 300 36.72 7.72 -16.46
CA PRO C 300 36.80 6.37 -15.87
C PRO C 300 35.97 6.22 -14.60
N TRP C 301 36.01 7.21 -13.71
CA TRP C 301 35.22 7.14 -12.48
C TRP C 301 33.72 7.21 -12.75
N LEU C 302 33.31 7.98 -13.77
CA LEU C 302 31.89 8.03 -14.11
C LEU C 302 31.43 6.71 -14.71
N GLU C 303 32.22 6.14 -15.62
CA GLU C 303 31.90 4.83 -16.17
C GLU C 303 31.70 3.80 -15.06
N LYS C 304 32.51 3.89 -14.00
CA LYS C 304 32.36 3.00 -12.86
C LYS C 304 31.02 3.23 -12.15
N GLU C 305 30.69 4.49 -11.87
CA GLU C 305 29.43 4.80 -11.18
C GLU C 305 28.23 4.22 -11.91
N ILE C 306 28.24 4.27 -13.24
CA ILE C 306 27.15 3.70 -14.03
C ILE C 306 27.05 2.20 -13.79
N GLU C 307 28.20 1.51 -13.87
CA GLU C 307 28.20 0.06 -13.68
C GLU C 307 27.74 -0.30 -12.26
N GLU C 308 28.14 0.48 -11.26
CA GLU C 308 27.71 0.22 -9.90
C GLU C 308 26.21 0.44 -9.74
N ALA C 309 25.70 1.58 -10.22
CA ALA C 309 24.26 1.84 -10.15
C ALA C 309 23.47 0.75 -10.85
N THR C 310 23.99 0.25 -11.97
CA THR C 310 23.38 -0.88 -12.66
C THR C 310 23.22 -2.07 -11.72
N LYS C 311 24.30 -2.41 -11.01
CA LYS C 311 24.29 -3.55 -10.09
C LYS C 311 23.36 -3.29 -8.91
N LYS C 312 23.44 -2.11 -8.31
CA LYS C 312 22.67 -1.82 -7.10
C LYS C 312 21.17 -1.79 -7.37
N LEU C 313 20.76 -1.17 -8.46
CA LEU C 313 19.34 -0.97 -8.74
C LEU C 313 18.61 -2.23 -9.18
N GLY C 314 19.35 -3.30 -9.47
CA GLY C 314 18.70 -4.47 -10.05
C GLY C 314 18.19 -4.20 -11.44
N PHE C 315 18.91 -3.38 -12.21
CA PHE C 315 18.49 -2.97 -13.54
C PHE C 315 18.73 -4.13 -14.50
N LYS C 316 17.65 -4.72 -15.01
CA LYS C 316 17.74 -5.85 -15.91
C LYS C 316 16.59 -5.79 -16.90
N HIS C 317 16.77 -6.49 -18.03
CA HIS C 317 15.77 -6.49 -19.10
C HIS C 317 14.83 -7.68 -18.96
N PRO C 318 13.57 -7.56 -19.43
CA PRO C 318 13.00 -6.39 -20.10
C PRO C 318 12.58 -5.28 -19.13
N VAL C 319 12.75 -4.03 -19.54
CA VAL C 319 12.42 -2.89 -18.71
C VAL C 319 12.00 -1.73 -19.61
N ILE C 320 10.97 -1.01 -19.20
CA ILE C 320 10.45 0.15 -19.93
C ILE C 320 10.76 1.39 -19.11
N GLY C 321 11.44 2.36 -19.74
CA GLY C 321 11.81 3.59 -19.07
C GLY C 321 10.69 4.62 -19.15
N VAL C 322 10.46 5.30 -18.04
CA VAL C 322 9.41 6.30 -17.92
C VAL C 322 10.03 7.57 -17.33
N HIS C 323 9.72 8.71 -17.95
CA HIS C 323 10.22 10.01 -17.52
C HIS C 323 9.04 10.91 -17.22
N VAL C 324 8.78 11.17 -15.94
CA VAL C 324 7.69 12.02 -15.51
C VAL C 324 8.30 13.36 -15.10
N ARG C 325 8.29 14.31 -16.03
CA ARG C 325 8.82 15.64 -15.77
C ARG C 325 7.71 16.53 -15.21
N ARG C 326 7.95 17.12 -14.05
CA ARG C 326 6.96 17.98 -13.42
C ARG C 326 7.60 19.24 -12.86
N THR C 327 7.39 19.50 -11.57
CA THR C 327 7.88 20.69 -10.88
C THR C 327 7.60 21.96 -11.68
N ASP C 328 8.66 22.62 -12.14
CA ASP C 328 8.52 23.90 -12.83
C ASP C 328 8.16 23.75 -14.30
N LYS C 329 8.28 22.54 -14.86
CA LYS C 329 7.88 22.33 -16.25
C LYS C 329 6.38 22.51 -16.42
N VAL C 330 5.59 22.08 -15.43
CA VAL C 330 4.15 22.21 -15.52
C VAL C 330 3.76 23.69 -15.50
N GLY C 331 2.90 24.08 -16.42
CA GLY C 331 2.45 25.45 -16.51
C GLY C 331 3.32 26.35 -17.36
N THR C 332 4.55 25.94 -17.68
CA THR C 332 5.46 26.76 -18.46
C THR C 332 5.70 26.22 -19.86
N GLU C 333 6.03 24.92 -19.96
CA GLU C 333 6.36 24.31 -21.24
C GLU C 333 5.64 22.99 -21.48
N ALA C 334 4.85 22.51 -20.51
CA ALA C 334 4.15 21.24 -20.60
C ALA C 334 3.03 21.27 -19.57
N ALA C 335 2.38 20.12 -19.38
CA ALA C 335 1.24 20.02 -18.47
C ALA C 335 1.48 18.91 -17.46
N PHE C 336 0.64 18.89 -16.43
CA PHE C 336 0.67 17.80 -15.47
C PHE C 336 0.04 16.57 -16.10
N HIS C 337 0.61 15.40 -15.81
CA HIS C 337 0.10 14.16 -16.34
C HIS C 337 0.03 13.10 -15.25
N PRO C 338 -1.16 12.58 -14.95
CA PRO C 338 -1.25 11.51 -13.95
C PRO C 338 -0.40 10.31 -14.33
N ILE C 339 -0.02 9.53 -13.31
CA ILE C 339 0.82 8.36 -13.55
C ILE C 339 0.13 7.36 -14.47
N GLU C 340 -1.21 7.29 -14.41
CA GLU C 340 -1.93 6.35 -15.27
C GLU C 340 -1.74 6.67 -16.75
N GLU C 341 -1.62 7.96 -17.09
CA GLU C 341 -1.40 8.35 -18.48
C GLU C 341 -0.15 7.69 -19.05
N TYR C 342 0.95 7.69 -18.28
CA TYR C 342 2.15 6.99 -18.73
C TYR C 342 1.92 5.49 -18.72
N MET C 343 1.23 4.98 -17.70
CA MET C 343 1.17 3.55 -17.44
C MET C 343 0.31 2.80 -18.46
N VAL C 344 -0.65 3.48 -19.10
CA VAL C 344 -1.45 2.79 -20.10
C VAL C 344 -0.58 2.35 -21.27
N HIS C 345 0.42 3.15 -21.62
CA HIS C 345 1.31 2.76 -22.70
C HIS C 345 2.37 1.77 -22.24
N VAL C 346 2.76 1.82 -20.97
CA VAL C 346 3.66 0.81 -20.42
C VAL C 346 2.97 -0.55 -20.46
N GLU C 347 1.80 -0.64 -19.84
CA GLU C 347 1.03 -1.88 -19.86
C GLU C 347 0.74 -2.34 -21.28
N GLU C 348 0.39 -1.40 -22.16
CA GLU C 348 0.11 -1.75 -23.56
C GLU C 348 1.33 -2.36 -24.25
N HIS C 349 2.50 -1.74 -24.05
CA HIS C 349 3.69 -2.24 -24.73
C HIS C 349 4.19 -3.53 -24.08
N PHE C 350 3.98 -3.70 -22.77
CA PHE C 350 4.30 -4.97 -22.13
C PHE C 350 3.41 -6.08 -22.66
N GLN C 351 2.15 -5.76 -22.96
CA GLN C 351 1.28 -6.74 -23.62
C GLN C 351 1.85 -7.12 -24.98
N LEU C 352 2.44 -6.15 -25.68
CA LEU C 352 3.04 -6.43 -26.99
C LEU C 352 4.24 -7.36 -26.86
N LEU C 353 5.15 -7.06 -25.93
CA LEU C 353 6.34 -7.89 -25.76
C LEU C 353 5.99 -9.30 -25.35
N ALA C 354 4.98 -9.46 -24.49
CA ALA C 354 4.56 -10.79 -24.05
C ALA C 354 4.12 -11.67 -25.22
N ARG C 355 3.70 -11.05 -26.33
CA ARG C 355 3.31 -11.83 -27.51
C ARG C 355 4.50 -12.46 -28.22
N ARG C 356 5.73 -11.99 -27.95
CA ARG C 356 6.90 -12.45 -28.67
C ARG C 356 7.99 -13.02 -27.78
N MET C 357 7.87 -12.90 -26.46
CA MET C 357 8.89 -13.37 -25.54
C MET C 357 8.24 -13.59 -24.18
N GLN C 358 8.89 -14.43 -23.38
CA GLN C 358 8.46 -14.62 -22.00
C GLN C 358 8.85 -13.41 -21.17
N VAL C 359 7.86 -12.83 -20.48
CA VAL C 359 8.07 -11.64 -19.66
C VAL C 359 8.03 -12.11 -18.21
N ASP C 360 9.19 -12.10 -17.56
CA ASP C 360 9.29 -12.50 -16.16
C ASP C 360 8.55 -11.53 -15.25
N LYS C 361 8.96 -10.26 -15.23
CA LYS C 361 8.35 -9.25 -14.39
C LYS C 361 8.21 -7.97 -15.20
N LYS C 362 7.12 -7.24 -14.95
CA LYS C 362 6.89 -5.97 -15.64
C LYS C 362 7.70 -4.90 -14.92
N ARG C 363 8.86 -4.58 -15.47
CA ARG C 363 9.77 -3.61 -14.87
C ARG C 363 9.62 -2.24 -15.51
N VAL C 364 9.63 -1.20 -14.68
CA VAL C 364 9.58 0.18 -15.11
C VAL C 364 10.71 0.92 -14.43
N TYR C 365 11.55 1.59 -15.22
CA TYR C 365 12.55 2.50 -14.65
C TYR C 365 11.92 3.88 -14.59
N LEU C 366 11.55 4.31 -13.39
CA LEU C 366 10.93 5.60 -13.19
C LEU C 366 12.01 6.65 -12.99
N ALA C 367 11.92 7.74 -13.75
CA ALA C 367 12.84 8.87 -13.63
C ALA C 367 11.98 10.12 -13.56
N THR C 368 11.98 10.79 -12.41
CA THR C 368 11.13 11.95 -12.22
C THR C 368 11.81 12.90 -11.26
N ASP C 369 11.39 14.17 -11.33
CA ASP C 369 11.76 15.19 -10.36
C ASP C 369 10.70 15.37 -9.28
N ASP C 370 9.69 14.50 -9.25
CA ASP C 370 8.69 14.48 -8.20
C ASP C 370 8.96 13.29 -7.29
N PRO C 371 9.62 13.47 -6.15
CA PRO C 371 9.98 12.31 -5.31
C PRO C 371 8.79 11.63 -4.66
N SER C 372 7.66 12.33 -4.49
CA SER C 372 6.47 11.70 -3.94
C SER C 372 5.84 10.69 -4.90
N LEU C 373 6.33 10.62 -6.14
CA LEU C 373 5.68 9.79 -7.14
C LEU C 373 5.96 8.31 -6.95
N LEU C 374 7.21 7.95 -6.60
CA LEU C 374 7.59 6.53 -6.58
C LEU C 374 6.75 5.74 -5.59
N LYS C 375 6.50 6.31 -4.40
CA LYS C 375 5.63 5.65 -3.43
C LYS C 375 4.21 5.51 -3.99
N GLU C 376 3.70 6.58 -4.60
CA GLU C 376 2.37 6.54 -5.20
C GLU C 376 2.28 5.50 -6.31
N ALA C 377 3.33 5.40 -7.13
CA ALA C 377 3.33 4.45 -8.24
C ALA C 377 3.29 3.02 -7.74
N LYS C 378 4.10 2.69 -6.73
CA LYS C 378 4.11 1.34 -6.19
C LYS C 378 2.73 0.91 -5.70
N THR C 379 1.99 1.84 -5.07
CA THR C 379 0.67 1.49 -4.55
C THR C 379 -0.30 1.19 -5.68
N LYS C 380 -0.39 2.09 -6.66
CA LYS C 380 -1.37 1.93 -7.73
C LYS C 380 -1.04 0.77 -8.66
N TYR C 381 0.21 0.32 -8.68
CA TYR C 381 0.66 -0.73 -9.58
C TYR C 381 1.48 -1.76 -8.80
N PRO C 382 0.82 -2.60 -8.02
CA PRO C 382 1.56 -3.54 -7.17
C PRO C 382 2.30 -4.61 -7.95
N ASN C 383 1.81 -4.99 -9.14
CA ASN C 383 2.44 -6.02 -9.94
C ASN C 383 3.57 -5.48 -10.81
N TYR C 384 4.01 -4.25 -10.58
CA TYR C 384 5.11 -3.65 -11.32
C TYR C 384 6.32 -3.49 -10.40
N GLU C 385 7.49 -3.89 -10.89
CA GLU C 385 8.75 -3.60 -10.22
C GLU C 385 9.25 -2.26 -10.74
N PHE C 386 9.20 -1.24 -9.88
CA PHE C 386 9.65 0.09 -10.26
C PHE C 386 11.10 0.26 -9.81
N ILE C 387 11.98 0.49 -10.78
CA ILE C 387 13.40 0.72 -10.53
C ILE C 387 13.62 2.23 -10.57
N SER C 388 13.96 2.83 -9.43
CA SER C 388 14.10 4.27 -9.37
C SER C 388 14.93 4.63 -8.14
N ASP C 389 15.65 5.74 -8.25
CA ASP C 389 16.47 6.28 -7.16
C ASP C 389 15.77 7.52 -6.61
N ASN C 390 14.99 7.32 -5.55
CA ASN C 390 14.20 8.42 -5.00
C ASN C 390 15.09 9.54 -4.48
N SER C 391 16.31 9.21 -4.06
CA SER C 391 17.24 10.25 -3.61
C SER C 391 17.70 11.13 -4.77
N ILE C 392 17.76 10.57 -5.98
CA ILE C 392 18.06 11.39 -7.15
C ILE C 392 16.89 12.32 -7.46
N SER C 393 15.67 11.80 -7.37
CA SER C 393 14.49 12.65 -7.52
C SER C 393 14.53 13.82 -6.55
N TRP C 394 15.00 13.58 -5.33
CA TRP C 394 15.16 14.67 -4.39
C TRP C 394 16.29 15.61 -4.80
N SER C 395 17.37 15.06 -5.36
CA SER C 395 18.45 15.90 -5.85
C SER C 395 17.99 16.76 -7.02
N ALA C 396 16.99 16.29 -7.76
CA ALA C 396 16.42 17.05 -8.88
C ALA C 396 15.55 18.21 -8.43
N GLY C 397 15.35 18.39 -7.12
CA GLY C 397 14.59 19.52 -6.60
C GLY C 397 15.12 20.86 -7.05
N LEU C 398 14.30 21.90 -6.93
CA LEU C 398 14.63 23.18 -7.54
C LEU C 398 15.81 23.85 -6.83
N HIS C 399 15.83 23.82 -5.50
CA HIS C 399 16.92 24.46 -4.77
C HIS C 399 18.24 23.74 -4.98
N ASN C 400 18.20 22.44 -5.30
CA ASN C 400 19.40 21.62 -5.39
C ASN C 400 19.70 21.18 -6.82
N ARG C 401 19.00 21.72 -7.82
CA ARG C 401 19.11 21.18 -9.17
C ARG C 401 20.48 21.44 -9.78
N TYR C 402 21.05 22.62 -9.54
CA TYR C 402 22.28 23.02 -10.23
C TYR C 402 23.48 22.83 -9.29
N THR C 403 23.74 21.55 -8.99
CA THR C 403 24.90 21.12 -8.23
C THR C 403 25.45 19.86 -8.87
N GLU C 404 26.70 19.52 -8.51
CA GLU C 404 27.33 18.33 -9.10
C GLU C 404 26.58 17.07 -8.72
N ASN C 405 26.07 16.99 -7.50
CA ASN C 405 25.33 15.80 -7.08
C ASN C 405 24.07 15.61 -7.92
N SER C 406 23.32 16.70 -8.15
CA SER C 406 22.14 16.61 -9.00
C SER C 406 22.52 16.39 -10.47
N LEU C 407 23.66 16.93 -10.90
CA LEU C 407 24.11 16.72 -12.28
C LEU C 407 24.34 15.25 -12.56
N ARG C 408 25.12 14.58 -11.70
CA ARG C 408 25.39 13.15 -11.89
C ARG C 408 24.14 12.31 -11.74
N GLY C 409 23.13 12.79 -11.01
CA GLY C 409 21.88 12.05 -10.89
C GLY C 409 21.11 11.98 -12.20
N VAL C 410 20.92 13.14 -12.86
CA VAL C 410 20.16 13.15 -14.10
C VAL C 410 20.92 12.43 -15.20
N ILE C 411 22.25 12.45 -15.18
CA ILE C 411 23.03 11.67 -16.13
C ILE C 411 22.70 10.19 -16.00
N LEU C 412 22.56 9.71 -14.77
CA LEU C 412 22.25 8.30 -14.54
C LEU C 412 20.82 7.98 -14.94
N ASP C 413 19.86 8.83 -14.57
CA ASP C 413 18.47 8.63 -14.98
C ASP C 413 18.37 8.54 -16.50
N ILE C 414 19.00 9.48 -17.22
CA ILE C 414 18.98 9.45 -18.68
C ILE C 414 19.61 8.18 -19.20
N HIS C 415 20.73 7.76 -18.59
CA HIS C 415 21.40 6.55 -19.03
C HIS C 415 20.47 5.34 -18.95
N PHE C 416 19.88 5.11 -17.78
CA PHE C 416 19.00 3.95 -17.63
C PHE C 416 17.74 4.12 -18.44
N LEU C 417 17.31 5.36 -18.68
CA LEU C 417 16.21 5.61 -19.61
C LEU C 417 16.61 5.19 -21.02
N SER C 418 17.81 5.54 -21.45
CA SER C 418 18.25 5.20 -22.80
C SER C 418 18.42 3.69 -22.97
N GLN C 419 18.77 2.98 -21.91
CA GLN C 419 18.97 1.54 -22.01
C GLN C 419 17.67 0.76 -22.13
N ALA C 420 16.54 1.38 -21.80
CA ALA C 420 15.27 0.66 -21.77
C ALA C 420 14.87 0.18 -23.16
N ASP C 421 14.05 -0.87 -23.18
CA ASP C 421 13.51 -1.44 -24.40
C ASP C 421 12.39 -0.60 -24.99
N PHE C 422 11.90 0.39 -24.24
CA PHE C 422 10.82 1.27 -24.66
C PHE C 422 10.81 2.47 -23.72
N LEU C 423 10.34 3.60 -24.22
CA LEU C 423 10.46 4.86 -23.50
C LEU C 423 9.14 5.62 -23.57
N VAL C 424 8.52 5.83 -22.40
CA VAL C 424 7.29 6.60 -22.28
C VAL C 424 7.61 7.87 -21.51
N CYS C 425 7.17 9.02 -22.03
CA CYS C 425 7.47 10.29 -21.41
C CYS C 425 6.74 11.43 -22.11
N THR C 426 7.17 12.65 -21.84
CA THR C 426 6.75 13.82 -22.59
C THR C 426 7.96 14.37 -23.35
N PHE C 427 7.86 14.43 -24.67
CA PHE C 427 8.97 14.95 -25.46
C PHE C 427 9.15 16.45 -25.32
N SER C 428 8.22 17.15 -24.66
CA SER C 428 8.43 18.56 -24.34
C SER C 428 9.63 18.75 -23.43
N SER C 429 9.92 17.78 -22.58
CA SER C 429 11.07 17.85 -21.69
C SER C 429 12.34 17.51 -22.46
N GLN C 430 13.33 18.40 -22.37
CA GLN C 430 14.61 18.14 -23.02
C GLN C 430 15.25 16.86 -22.50
N VAL C 431 14.94 16.47 -21.26
CA VAL C 431 15.57 15.30 -20.66
C VAL C 431 15.25 14.04 -21.46
N CYS C 432 13.97 13.80 -21.72
CA CYS C 432 13.57 12.59 -22.43
C CYS C 432 14.13 12.56 -23.84
N ARG C 433 14.19 13.72 -24.50
CA ARG C 433 14.72 13.77 -25.87
C ARG C 433 16.15 13.26 -25.93
N VAL C 434 16.94 13.55 -24.89
CA VAL C 434 18.31 13.05 -24.84
C VAL C 434 18.33 11.53 -24.75
N ALA C 435 17.57 10.98 -23.79
CA ALA C 435 17.49 9.52 -23.65
C ALA C 435 17.03 8.88 -24.95
N TYR C 436 16.10 9.52 -25.65
CA TYR C 436 15.65 9.02 -26.95
C TYR C 436 16.80 9.02 -27.95
N GLU C 437 17.59 10.10 -28.00
CA GLU C 437 18.70 10.17 -28.93
C GLU C 437 19.77 9.14 -28.61
N ILE C 438 20.12 8.98 -27.33
CA ILE C 438 21.14 8.00 -26.96
C ILE C 438 20.66 6.59 -27.24
N MET C 439 19.36 6.34 -27.12
CA MET C 439 18.79 5.04 -27.45
C MET C 439 19.12 4.61 -28.88
N GLN C 440 19.22 5.57 -29.80
CA GLN C 440 19.46 5.24 -31.20
C GLN C 440 20.84 4.61 -31.42
N THR C 441 21.80 4.93 -30.55
CA THR C 441 23.15 4.37 -30.69
C THR C 441 23.27 2.97 -30.12
N LEU C 442 22.23 2.45 -29.47
CA LEU C 442 22.29 1.15 -28.83
C LEU C 442 21.62 0.06 -29.66
N HIS C 443 20.80 0.43 -30.63
CA HIS C 443 20.08 -0.50 -31.49
C HIS C 443 20.16 0.02 -32.92
N PRO C 444 19.95 -0.85 -33.91
CA PRO C 444 19.74 -0.36 -35.28
C PRO C 444 18.27 0.03 -35.46
N ASP C 445 18.03 1.30 -35.75
CA ASP C 445 16.69 1.85 -35.99
C ASP C 445 15.77 1.62 -34.79
N ALA C 446 16.13 2.27 -33.69
CA ALA C 446 15.29 2.31 -32.49
C ALA C 446 14.33 3.51 -32.51
N SER C 447 14.02 4.04 -33.70
CA SER C 447 13.27 5.29 -33.79
C SER C 447 11.83 5.16 -33.36
N ALA C 448 11.24 3.97 -33.42
CA ALA C 448 9.83 3.78 -33.12
C ALA C 448 9.56 3.34 -31.69
N ASN C 449 10.61 3.09 -30.90
CA ASN C 449 10.43 2.51 -29.57
C ASN C 449 10.08 3.55 -28.52
N PHE C 450 9.10 4.40 -28.78
CA PHE C 450 8.71 5.42 -27.82
C PHE C 450 7.23 5.72 -27.96
N HIS C 451 6.71 6.46 -26.99
CA HIS C 451 5.41 7.13 -27.12
C HIS C 451 5.44 8.38 -26.26
N SER C 452 5.33 9.54 -26.90
CA SER C 452 5.32 10.82 -26.19
C SER C 452 3.89 11.24 -25.88
N LEU C 453 3.69 11.80 -24.69
CA LEU C 453 2.38 12.27 -24.28
C LEU C 453 1.98 13.58 -24.92
N ASP C 454 2.93 14.32 -25.49
CA ASP C 454 2.60 15.59 -26.12
C ASP C 454 3.34 15.78 -27.44
N ASP C 455 4.48 16.46 -27.40
CA ASP C 455 5.22 16.79 -28.62
C ASP C 455 5.74 15.54 -29.31
N ILE C 456 5.87 15.63 -30.63
CA ILE C 456 6.66 14.66 -31.38
C ILE C 456 8.12 15.04 -31.21
N TYR C 457 9.03 14.29 -31.81
CA TYR C 457 10.44 14.61 -31.68
C TYR C 457 10.75 15.92 -32.38
N TYR C 458 11.51 16.78 -31.70
CA TYR C 458 12.04 17.99 -32.32
C TYR C 458 13.42 18.26 -31.74
N PHE C 459 14.09 19.26 -32.30
CA PHE C 459 15.38 19.72 -31.79
C PHE C 459 15.34 21.24 -31.79
N GLY C 460 15.35 21.83 -30.59
CA GLY C 460 15.27 23.27 -30.44
C GLY C 460 16.16 24.06 -31.37
N GLY C 461 15.56 24.85 -32.24
CA GLY C 461 16.30 25.60 -33.25
C GLY C 461 16.37 24.95 -34.61
N GLN C 462 15.67 23.84 -34.81
CA GLN C 462 15.71 23.11 -36.07
C GLN C 462 15.17 23.97 -37.21
N ASN C 463 15.55 23.59 -38.43
CA ASN C 463 14.88 24.14 -39.59
C ASN C 463 13.47 23.57 -39.68
N ALA C 464 12.59 24.29 -40.39
CA ALA C 464 11.18 23.98 -40.44
C ALA C 464 10.94 22.52 -40.77
N HIS C 465 10.28 21.80 -39.86
CA HIS C 465 9.92 20.41 -40.09
C HIS C 465 8.75 20.36 -41.06
N ASN C 466 8.98 19.76 -42.24
CA ASN C 466 7.99 19.74 -43.30
C ASN C 466 7.71 18.29 -43.70
N GLN C 467 6.45 18.03 -44.03
CA GLN C 467 6.00 16.76 -44.57
C GLN C 467 5.40 16.99 -45.96
N ILE C 468 5.22 15.90 -46.69
CA ILE C 468 4.61 15.94 -48.02
C ILE C 468 3.32 15.14 -47.97
N ALA C 469 2.21 15.77 -48.34
CA ALA C 469 0.93 15.07 -48.41
C ALA C 469 0.95 14.05 -49.54
N ILE C 470 0.56 12.81 -49.22
CA ILE C 470 0.51 11.76 -50.21
C ILE C 470 -0.92 11.40 -50.63
N TYR C 471 -1.91 11.62 -49.77
CA TYR C 471 -3.30 11.37 -50.08
C TYR C 471 -4.11 12.64 -49.91
N ALA C 472 -5.08 12.86 -50.79
CA ALA C 472 -5.92 14.04 -50.71
C ALA C 472 -6.88 13.93 -49.54
N HIS C 473 -7.07 15.04 -48.83
CA HIS C 473 -8.00 15.11 -47.71
C HIS C 473 -8.96 16.27 -47.89
N GLN C 474 -10.24 16.00 -47.64
CA GLN C 474 -11.27 17.03 -47.66
C GLN C 474 -11.75 17.29 -46.24
N PRO C 475 -11.67 18.53 -45.75
CA PRO C 475 -12.00 18.79 -44.34
C PRO C 475 -13.47 18.52 -44.06
N ARG C 476 -13.72 17.71 -43.03
CA ARG C 476 -15.10 17.48 -42.59
C ARG C 476 -15.59 18.62 -41.69
N THR C 477 -14.69 19.22 -40.91
CA THR C 477 -15.00 20.39 -40.08
C THR C 477 -14.10 21.56 -40.49
N ALA C 478 -14.31 22.69 -39.81
CA ALA C 478 -13.47 23.87 -40.03
C ALA C 478 -12.12 23.76 -39.35
N ASP C 479 -11.98 22.88 -38.35
CA ASP C 479 -10.70 22.72 -37.66
C ASP C 479 -9.69 22.00 -38.52
N GLU C 480 -10.12 21.32 -39.58
CA GLU C 480 -9.24 20.59 -40.47
C GLU C 480 -8.89 21.42 -41.69
N ILE C 481 -7.69 21.20 -42.23
CA ILE C 481 -7.25 21.88 -43.44
C ILE C 481 -7.35 20.89 -44.60
N PRO C 482 -7.60 21.37 -45.82
CA PRO C 482 -7.59 20.48 -46.98
C PRO C 482 -6.17 20.19 -47.46
N MET C 483 -6.01 19.01 -48.05
CA MET C 483 -4.73 18.60 -48.60
C MET C 483 -4.94 17.96 -49.97
N GLU C 484 -4.09 18.33 -50.91
CA GLU C 484 -3.94 17.65 -52.19
C GLU C 484 -2.56 17.01 -52.28
N PRO C 485 -2.42 15.87 -52.96
CA PRO C 485 -1.11 15.24 -53.09
C PRO C 485 -0.05 16.19 -53.62
N GLY C 486 1.11 16.19 -52.98
CA GLY C 486 2.18 17.11 -53.28
C GLY C 486 2.24 18.31 -52.36
N ASP C 487 1.13 18.67 -51.73
CA ASP C 487 1.14 19.82 -50.82
C ASP C 487 2.15 19.63 -49.70
N ILE C 488 2.87 20.71 -49.40
CA ILE C 488 3.85 20.72 -48.31
C ILE C 488 3.14 21.17 -47.04
N ILE C 489 3.22 20.36 -45.99
CA ILE C 489 2.57 20.63 -44.71
C ILE C 489 3.64 20.89 -43.67
N GLY C 490 3.60 22.08 -43.06
CA GLY C 490 4.49 22.37 -41.97
C GLY C 490 3.92 21.86 -40.67
N VAL C 491 4.43 20.72 -40.20
CA VAL C 491 3.83 20.00 -39.08
C VAL C 491 4.18 20.68 -37.77
N ALA C 492 3.20 20.73 -36.87
CA ALA C 492 3.39 21.26 -35.52
C ALA C 492 3.29 20.20 -34.44
N GLY C 493 2.79 19.02 -34.77
CA GLY C 493 2.73 17.93 -33.80
C GLY C 493 1.72 16.88 -34.21
N ASN C 494 1.76 15.77 -33.50
CA ASN C 494 0.81 14.68 -33.66
C ASN C 494 0.00 14.55 -32.37
N HIS C 495 -1.31 14.46 -32.51
CA HIS C 495 -2.21 14.37 -31.37
C HIS C 495 -2.45 12.93 -30.92
N TRP C 496 -1.80 11.96 -31.56
CA TRP C 496 -1.86 10.55 -31.17
C TRP C 496 -3.28 10.02 -31.16
N ASP C 497 -4.13 10.59 -32.02
CA ASP C 497 -5.53 10.18 -32.11
C ASP C 497 -5.97 10.02 -33.56
N GLY C 498 -5.01 9.94 -34.49
CA GLY C 498 -5.28 9.86 -35.90
C GLY C 498 -5.08 11.16 -36.65
N TYR C 499 -5.02 12.28 -35.96
CA TYR C 499 -4.90 13.59 -36.58
C TYR C 499 -3.63 14.30 -36.11
N SER C 500 -3.01 15.05 -37.00
CA SER C 500 -1.89 15.92 -36.69
C SER C 500 -2.29 17.37 -36.94
N LYS C 501 -1.52 18.29 -36.38
CA LYS C 501 -1.74 19.72 -36.55
C LYS C 501 -0.61 20.32 -37.36
N GLY C 502 -0.97 21.15 -38.34
CA GLY C 502 0.03 21.81 -39.14
C GLY C 502 -0.60 22.84 -40.04
N VAL C 503 0.24 23.42 -40.91
CA VAL C 503 -0.18 24.43 -41.87
C VAL C 503 0.15 23.93 -43.27
N ASN C 504 -0.84 23.96 -44.15
CA ASN C 504 -0.60 23.74 -45.57
C ASN C 504 0.02 25.03 -46.12
N ARG C 505 1.35 25.01 -46.29
CA ARG C 505 2.07 26.20 -46.73
C ARG C 505 1.49 26.76 -48.02
N LYS C 506 1.00 25.88 -48.91
CA LYS C 506 0.37 26.31 -50.14
C LYS C 506 -0.78 27.27 -49.89
N LEU C 507 -1.61 26.99 -48.89
CA LEU C 507 -2.83 27.75 -48.64
C LEU C 507 -2.73 28.71 -47.45
N GLY C 508 -1.64 28.65 -46.68
CA GLY C 508 -1.55 29.44 -45.47
C GLY C 508 -2.65 29.17 -44.47
N ARG C 509 -3.17 27.94 -44.45
CA ARG C 509 -4.21 27.52 -43.51
C ARG C 509 -3.61 26.55 -42.51
N THR C 510 -3.90 26.75 -41.23
CA THR C 510 -3.41 25.89 -40.17
C THR C 510 -4.57 25.14 -39.56
N GLY C 511 -4.40 23.83 -39.37
CA GLY C 511 -5.46 23.03 -38.79
C GLY C 511 -5.08 21.57 -38.72
N LEU C 512 -6.10 20.73 -38.63
CA LEU C 512 -5.91 19.30 -38.47
C LEU C 512 -5.96 18.58 -39.80
N TYR C 513 -5.46 17.34 -39.80
CA TYR C 513 -5.45 16.47 -40.96
C TYR C 513 -5.11 15.05 -40.51
N PRO C 514 -5.61 14.03 -41.20
CA PRO C 514 -5.25 12.65 -40.83
C PRO C 514 -3.74 12.44 -40.93
N SER C 515 -3.18 11.81 -39.89
CA SER C 515 -1.73 11.67 -39.82
C SER C 515 -1.20 10.73 -40.90
N TYR C 516 -2.00 9.76 -41.34
CA TYR C 516 -1.55 8.79 -42.33
C TYR C 516 -1.52 9.34 -43.75
N LYS C 517 -2.10 10.51 -43.98
CA LYS C 517 -2.18 11.07 -45.33
C LYS C 517 -0.96 11.90 -45.71
N VAL C 518 0.06 11.94 -44.86
CA VAL C 518 1.27 12.72 -45.15
C VAL C 518 2.49 11.80 -45.14
N ARG C 519 3.65 12.37 -45.42
CA ARG C 519 4.88 11.59 -45.56
C ARG C 519 6.05 12.48 -45.18
N GLU C 520 7.04 11.91 -44.51
CA GLU C 520 8.16 12.69 -44.01
C GLU C 520 9.06 13.14 -45.16
N LYS C 521 9.30 14.43 -45.25
CA LYS C 521 10.19 14.99 -46.28
C LYS C 521 11.59 15.07 -45.68
N ILE C 522 12.44 14.11 -46.04
CA ILE C 522 13.81 14.04 -45.53
C ILE C 522 14.67 15.08 -46.25
N GLU C 523 15.49 15.78 -45.48
CA GLU C 523 16.35 16.84 -46.00
C GLU C 523 17.81 16.40 -45.94
N THR C 524 18.58 16.74 -46.96
CA THR C 524 20.00 16.43 -47.02
C THR C 524 20.80 17.72 -47.18
N VAL C 525 22.00 17.69 -46.69
CA VAL C 525 22.95 18.78 -46.74
C VAL C 525 24.28 18.17 -47.13
N LYS C 526 25.13 18.89 -47.83
CA LYS C 526 26.30 18.26 -48.30
C LYS C 526 27.23 17.72 -47.30
N TYR C 527 27.69 18.55 -46.38
CA TYR C 527 28.69 18.21 -45.33
C TYR C 527 30.10 17.89 -45.81
N PRO C 528 31.03 17.98 -44.91
CA PRO C 528 32.35 17.57 -45.27
C PRO C 528 32.39 16.08 -45.17
N THR C 529 33.10 15.50 -46.14
CA THR C 529 33.29 14.05 -46.28
C THR C 529 34.15 13.41 -45.21
N TYR C 530 35.19 14.11 -44.79
CA TYR C 530 36.17 13.63 -43.81
C TYR C 530 36.79 12.32 -44.29
N PRO C 531 37.17 12.27 -45.57
CA PRO C 531 37.76 11.13 -46.28
C PRO C 531 39.12 10.70 -45.73
N GLU C 532 39.93 11.68 -45.33
CA GLU C 532 41.26 11.39 -44.82
C GLU C 532 41.16 10.52 -43.57
N ALA C 533 40.18 10.82 -42.72
CA ALA C 533 39.99 10.02 -41.51
C ALA C 533 40.34 8.54 -41.76
N GLU C 534 39.88 8.03 -42.89
CA GLU C 534 40.13 6.63 -43.25
C GLU C 534 41.63 6.30 -43.19
N LEU D 68 19.66 -5.74 -47.92
CA LEU D 68 18.25 -5.40 -47.73
C LEU D 68 17.82 -4.28 -48.67
N GLY D 69 16.59 -4.37 -49.16
CA GLY D 69 16.11 -3.40 -50.14
C GLY D 69 15.68 -2.11 -49.49
N LYS D 70 16.04 -0.99 -50.13
CA LYS D 70 15.66 0.32 -49.63
C LYS D 70 14.16 0.52 -49.69
N ASP D 71 13.55 0.29 -50.86
CA ASP D 71 12.11 0.43 -50.99
C ASP D 71 11.37 -0.54 -50.08
N HIS D 72 11.91 -1.76 -49.94
CA HIS D 72 11.28 -2.75 -49.06
C HIS D 72 11.14 -2.23 -47.64
N GLU D 73 12.19 -1.61 -47.10
CA GLU D 73 12.14 -1.13 -45.74
C GLU D 73 11.26 0.12 -45.63
N ILE D 74 11.38 1.06 -46.58
CA ILE D 74 10.52 2.23 -46.58
C ILE D 74 9.05 1.81 -46.60
N LEU D 75 8.71 0.81 -47.41
CA LEU D 75 7.33 0.34 -47.46
C LEU D 75 6.95 -0.35 -46.16
N ARG D 76 7.83 -1.20 -45.62
CA ARG D 76 7.53 -1.93 -44.39
C ARG D 76 7.26 -0.97 -43.24
N ARG D 77 8.07 0.09 -43.15
CA ARG D 77 7.90 1.10 -42.13
C ARG D 77 6.56 1.82 -42.32
N ARG D 78 6.22 2.10 -43.57
CA ARG D 78 4.98 2.79 -43.89
C ARG D 78 3.79 1.97 -43.42
N ILE D 79 3.85 0.66 -43.62
CA ILE D 79 2.80 -0.23 -43.16
C ILE D 79 2.78 -0.31 -41.64
N GLU D 80 3.98 -0.44 -41.04
CA GLU D 80 4.09 -0.48 -39.58
C GLU D 80 3.48 0.75 -38.95
N ASN D 81 3.83 1.93 -39.48
CA ASN D 81 3.33 3.17 -38.89
C ASN D 81 1.86 3.38 -39.22
N GLY D 82 1.45 3.03 -40.44
CA GLY D 82 0.04 3.14 -40.80
C GLY D 82 -0.86 2.33 -39.90
N ALA D 83 -0.42 1.15 -39.49
CA ALA D 83 -1.19 0.35 -38.54
C ALA D 83 -1.26 1.05 -37.18
N LYS D 84 -0.16 1.65 -36.75
CA LYS D 84 -0.18 2.40 -35.49
C LYS D 84 -1.19 3.53 -35.54
N GLU D 85 -1.12 4.37 -36.59
CA GLU D 85 -2.05 5.49 -36.71
C GLU D 85 -3.49 5.03 -36.80
N LEU D 86 -3.74 3.84 -37.37
CA LEU D 86 -5.10 3.30 -37.35
C LEU D 86 -5.54 3.00 -35.92
N TRP D 87 -4.66 2.42 -35.11
CA TRP D 87 -5.01 2.10 -33.74
C TRP D 87 -5.25 3.37 -32.93
N PHE D 88 -4.41 4.39 -33.12
CA PHE D 88 -4.67 5.69 -32.52
C PHE D 88 -6.04 6.22 -32.93
N PHE D 89 -6.34 6.18 -34.23
CA PHE D 89 -7.62 6.67 -34.71
C PHE D 89 -8.79 5.87 -34.12
N LEU D 90 -8.63 4.55 -34.00
CA LEU D 90 -9.71 3.71 -33.51
C LEU D 90 -10.07 4.05 -32.06
N GLN D 91 -9.07 4.07 -31.19
CA GLN D 91 -9.30 4.37 -29.78
C GLN D 91 -9.96 5.72 -29.59
N SER D 92 -9.51 6.73 -30.35
CA SER D 92 -10.02 8.08 -30.18
C SER D 92 -11.51 8.16 -30.47
N GLU D 93 -11.93 7.70 -31.65
CA GLU D 93 -13.30 7.91 -32.08
C GLU D 93 -14.28 7.06 -31.27
N LEU D 94 -13.89 5.85 -30.88
CA LEU D 94 -14.77 5.01 -30.09
C LEU D 94 -15.10 5.64 -28.74
N LYS D 95 -14.12 6.30 -28.12
CA LYS D 95 -14.39 7.03 -26.89
C LYS D 95 -15.48 8.08 -27.09
N LYS D 96 -15.43 8.79 -28.23
CA LYS D 96 -16.45 9.80 -28.52
C LYS D 96 -17.81 9.14 -28.79
N LEU D 97 -17.79 7.98 -29.45
CA LEU D 97 -19.05 7.33 -29.80
C LEU D 97 -19.84 6.89 -28.57
N LYS D 98 -19.14 6.57 -27.48
CA LYS D 98 -19.80 6.22 -26.24
C LYS D 98 -20.64 7.36 -25.68
N ASN D 99 -20.47 8.58 -26.20
CA ASN D 99 -21.17 9.77 -25.71
C ASN D 99 -22.21 10.27 -26.71
N LEU D 100 -22.70 9.39 -27.59
CA LEU D 100 -23.62 9.78 -28.65
C LEU D 100 -24.87 8.91 -28.59
N GLU D 101 -25.98 9.47 -29.08
CA GLU D 101 -27.28 8.82 -29.04
C GLU D 101 -27.90 8.82 -30.44
N GLY D 102 -28.73 7.83 -30.71
CA GLY D 102 -29.60 7.86 -31.88
C GLY D 102 -28.97 8.29 -33.19
N ASN D 103 -29.52 9.36 -33.76
CA ASN D 103 -29.10 9.84 -35.07
C ASN D 103 -27.68 10.37 -35.06
N GLU D 104 -27.34 11.22 -34.08
CA GLU D 104 -25.97 11.74 -34.02
C GLU D 104 -24.97 10.61 -33.85
N LEU D 105 -25.36 9.56 -33.11
CA LEU D 105 -24.52 8.37 -33.03
C LEU D 105 -24.34 7.74 -34.41
N GLN D 106 -25.45 7.52 -35.12
CA GLN D 106 -25.39 6.85 -36.42
C GLN D 106 -24.65 7.68 -37.45
N ARG D 107 -24.84 9.00 -37.41
CA ARG D 107 -24.14 9.89 -38.34
C ARG D 107 -22.64 9.74 -38.22
N HIS D 108 -22.11 9.92 -37.01
CA HIS D 108 -20.66 9.80 -36.82
C HIS D 108 -20.17 8.37 -37.04
N ALA D 109 -20.99 7.37 -36.70
CA ALA D 109 -20.61 5.98 -36.93
C ALA D 109 -20.45 5.68 -38.42
N ASP D 110 -21.35 6.21 -39.25
CA ASP D 110 -21.22 5.99 -40.69
C ASP D 110 -20.03 6.75 -41.25
N GLU D 111 -19.84 8.00 -40.81
CA GLU D 111 -18.65 8.76 -41.18
C GLU D 111 -17.38 8.06 -40.73
N PHE D 112 -17.42 7.43 -39.56
CA PHE D 112 -16.28 6.67 -39.05
C PHE D 112 -15.84 5.60 -40.05
N LEU D 113 -16.77 4.76 -40.49
CA LEU D 113 -16.45 3.69 -41.43
C LEU D 113 -15.89 4.22 -42.73
N LEU D 114 -16.38 5.37 -43.20
CA LEU D 114 -15.88 5.95 -44.44
C LEU D 114 -14.39 6.26 -44.35
N ASP D 115 -13.98 6.97 -43.29
CA ASP D 115 -12.57 7.25 -43.10
C ASP D 115 -11.76 5.97 -42.91
N LEU D 116 -12.31 5.01 -42.19
CA LEU D 116 -11.59 3.75 -41.96
C LEU D 116 -11.33 3.00 -43.25
N GLY D 117 -12.32 2.97 -44.14
CA GLY D 117 -12.15 2.26 -45.40
C GLY D 117 -10.93 2.72 -46.18
N HIS D 118 -10.82 4.04 -46.39
CA HIS D 118 -9.67 4.58 -47.11
C HIS D 118 -8.38 4.34 -46.35
N HIS D 119 -8.39 4.61 -45.04
CA HIS D 119 -7.21 4.36 -44.20
C HIS D 119 -6.77 2.90 -44.31
N GLU D 120 -7.71 1.97 -44.18
CA GLU D 120 -7.36 0.55 -44.25
C GLU D 120 -6.88 0.18 -45.65
N ARG D 121 -7.60 0.61 -46.68
CA ARG D 121 -7.21 0.25 -48.05
C ARG D 121 -5.87 0.86 -48.43
N SER D 122 -5.51 2.00 -47.85
CA SER D 122 -4.19 2.56 -48.07
C SER D 122 -3.11 1.61 -47.58
N ILE D 123 -3.32 0.99 -46.42
CA ILE D 123 -2.37 0.01 -45.90
C ILE D 123 -2.26 -1.18 -46.84
N MET D 124 -3.42 -1.71 -47.26
CA MET D 124 -3.42 -2.86 -48.17
C MET D 124 -2.70 -2.53 -49.47
N THR D 125 -2.76 -1.28 -49.92
CA THR D 125 -2.01 -0.87 -51.10
C THR D 125 -0.51 -0.98 -50.86
N ASP D 126 -0.04 -0.45 -49.73
CA ASP D 126 1.37 -0.59 -49.38
C ASP D 126 1.77 -2.05 -49.22
N LEU D 127 0.86 -2.89 -48.71
CA LEU D 127 1.16 -4.31 -48.59
C LEU D 127 1.36 -4.95 -49.95
N TYR D 128 0.55 -4.55 -50.94
CA TYR D 128 0.76 -5.02 -52.30
C TYR D 128 2.11 -4.53 -52.85
N TYR D 129 2.39 -3.23 -52.66
CA TYR D 129 3.66 -2.67 -53.11
C TYR D 129 4.85 -3.42 -52.52
N LEU D 130 4.73 -3.90 -51.28
CA LEU D 130 5.82 -4.63 -50.64
C LEU D 130 6.06 -5.97 -51.31
N SER D 131 4.99 -6.61 -51.79
CA SER D 131 5.11 -7.88 -52.49
C SER D 131 5.72 -7.75 -53.88
N GLN D 132 6.08 -6.53 -54.30
CA GLN D 132 6.58 -6.30 -55.65
C GLN D 132 7.97 -5.70 -55.71
N THR D 133 8.36 -4.88 -54.74
CA THR D 133 9.59 -4.10 -54.85
C THR D 133 10.83 -4.99 -54.77
N ASP D 134 11.91 -4.49 -55.36
CA ASP D 134 13.23 -5.13 -55.30
C ASP D 134 13.20 -6.54 -55.87
N GLY D 135 12.47 -6.72 -56.98
CA GLY D 135 12.45 -7.97 -57.70
C GLY D 135 11.56 -9.05 -57.13
N ALA D 136 10.78 -8.75 -56.10
CA ALA D 136 9.87 -9.75 -55.54
C ALA D 136 8.86 -10.23 -56.58
N GLY D 137 8.31 -9.29 -57.37
CA GLY D 137 7.38 -9.67 -58.41
C GLY D 137 8.02 -10.50 -59.50
N ASP D 138 9.19 -10.06 -59.98
CA ASP D 138 9.89 -10.81 -61.02
C ASP D 138 10.22 -12.22 -60.55
N TRP D 139 10.70 -12.37 -59.32
CA TRP D 139 11.06 -13.69 -58.81
C TRP D 139 9.83 -14.58 -58.65
N ARG D 140 8.75 -14.03 -58.07
CA ARG D 140 7.56 -14.83 -57.84
C ARG D 140 6.95 -15.33 -59.14
N GLU D 141 6.97 -14.50 -60.19
CA GLU D 141 6.46 -14.92 -61.47
C GLU D 141 7.34 -16.01 -62.08
N LYS D 142 8.65 -15.87 -61.99
CA LYS D 142 9.56 -16.87 -62.53
C LYS D 142 9.40 -18.22 -61.83
N GLU D 143 9.33 -18.19 -60.49
CA GLU D 143 9.23 -19.45 -59.76
C GLU D 143 7.87 -20.12 -59.99
N ALA D 144 6.79 -19.34 -60.00
CA ALA D 144 5.48 -19.89 -60.33
C ALA D 144 5.44 -20.41 -61.76
N LYS D 145 6.18 -19.77 -62.67
CA LYS D 145 6.25 -20.23 -64.04
C LYS D 145 6.86 -21.63 -64.11
N ASP D 146 8.01 -21.81 -63.46
CA ASP D 146 8.68 -23.11 -63.47
C ASP D 146 7.79 -24.19 -62.86
N LEU D 147 7.09 -23.87 -61.78
CA LEU D 147 6.24 -24.85 -61.10
C LEU D 147 5.14 -25.37 -62.03
N THR D 148 4.45 -24.46 -62.71
CA THR D 148 3.45 -24.88 -63.69
C THR D 148 4.09 -25.74 -64.78
N GLU D 149 5.17 -25.22 -65.39
CA GLU D 149 5.88 -25.97 -66.42
C GLU D 149 6.27 -27.35 -65.94
N LEU D 150 6.79 -27.45 -64.71
CA LEU D 150 7.19 -28.74 -64.16
C LEU D 150 6.01 -29.69 -64.05
N VAL D 151 4.91 -29.24 -63.45
CA VAL D 151 3.76 -30.12 -63.26
C VAL D 151 3.16 -30.50 -64.61
N GLN D 152 2.95 -29.51 -65.48
CA GLN D 152 2.46 -29.81 -66.83
C GLN D 152 3.39 -30.79 -67.54
N ARG D 153 4.70 -30.63 -67.36
CA ARG D 153 5.66 -31.60 -67.90
C ARG D 153 5.38 -32.99 -67.35
N ARG D 154 5.10 -33.09 -66.05
CA ARG D 154 4.86 -34.39 -65.44
C ARG D 154 3.53 -34.98 -65.89
N ILE D 155 2.47 -34.16 -65.90
CA ILE D 155 1.15 -34.65 -66.29
C ILE D 155 1.15 -35.11 -67.75
N THR D 156 1.76 -34.30 -68.62
CA THR D 156 1.84 -34.66 -70.04
C THR D 156 2.57 -35.99 -70.23
N TYR D 157 3.71 -36.16 -69.57
CA TYR D 157 4.45 -37.41 -69.66
C TYR D 157 3.60 -38.60 -69.25
N LEU D 158 2.87 -38.47 -68.13
CA LEU D 158 2.05 -39.56 -67.64
C LEU D 158 0.98 -39.96 -68.64
N GLN D 159 0.35 -38.98 -69.29
CA GLN D 159 -0.79 -39.25 -70.14
C GLN D 159 -0.40 -39.85 -71.49
N ASN D 160 0.88 -39.85 -71.85
CA ASN D 160 1.31 -40.27 -73.18
C ASN D 160 2.43 -41.31 -73.08
N PRO D 161 2.08 -42.56 -72.74
CA PRO D 161 3.07 -43.64 -72.82
C PRO D 161 3.33 -44.04 -74.26
N LYS D 162 4.48 -44.68 -74.48
CA LYS D 162 4.81 -45.15 -75.82
C LYS D 162 3.87 -46.27 -76.24
N ASP D 163 3.64 -47.23 -75.36
CA ASP D 163 2.79 -48.39 -75.64
C ASP D 163 1.50 -48.22 -74.83
N CYS D 164 0.40 -47.94 -75.53
CA CYS D 164 -0.88 -47.77 -74.84
C CYS D 164 -1.39 -49.10 -74.32
N SER D 165 -1.24 -50.18 -75.10
CA SER D 165 -1.77 -51.48 -74.74
C SER D 165 -1.13 -52.03 -73.47
N LYS D 166 0.09 -51.58 -73.12
CA LYS D 166 0.79 -52.09 -71.96
C LYS D 166 0.82 -51.11 -70.80
N ALA D 167 0.37 -49.88 -70.98
CA ALA D 167 0.35 -48.91 -69.90
C ALA D 167 -0.76 -49.23 -68.90
N LYS D 168 -0.51 -48.87 -67.63
CA LYS D 168 -1.53 -49.00 -66.61
C LYS D 168 -2.45 -47.79 -66.64
N LYS D 169 -3.75 -48.05 -66.55
CA LYS D 169 -4.76 -47.05 -66.84
C LYS D 169 -5.74 -46.95 -65.68
N LEU D 170 -6.23 -45.73 -65.47
CA LEU D 170 -7.32 -45.47 -64.53
C LEU D 170 -8.45 -44.85 -65.34
N VAL D 171 -9.58 -45.53 -65.37
CA VAL D 171 -10.70 -45.14 -66.22
C VAL D 171 -11.68 -44.32 -65.39
N CYS D 172 -12.10 -43.18 -65.95
CA CYS D 172 -13.04 -42.28 -65.30
C CYS D 172 -14.22 -42.08 -66.23
N ASN D 173 -15.42 -42.16 -65.67
CA ASN D 173 -16.65 -41.93 -66.43
C ASN D 173 -17.15 -40.53 -66.11
N ILE D 174 -17.39 -39.74 -67.16
CA ILE D 174 -17.68 -38.32 -66.96
C ILE D 174 -19.13 -38.09 -66.54
N ASN D 175 -20.00 -39.06 -66.74
CA ASN D 175 -21.45 -38.86 -66.62
C ASN D 175 -21.88 -38.87 -65.15
N LYS D 176 -21.36 -37.91 -64.40
CA LYS D 176 -21.78 -37.70 -63.02
C LYS D 176 -23.09 -36.91 -63.02
N GLY D 177 -24.10 -37.43 -62.32
CA GLY D 177 -25.41 -36.82 -62.31
C GLY D 177 -25.45 -35.47 -61.63
N CYS D 178 -24.92 -34.45 -62.29
CA CYS D 178 -24.85 -33.10 -61.73
C CYS D 178 -24.47 -32.14 -62.84
N GLY D 179 -24.25 -30.88 -62.48
CA GLY D 179 -23.92 -29.85 -63.43
C GLY D 179 -22.52 -30.03 -64.02
N TYR D 180 -22.10 -29.01 -64.77
CA TYR D 180 -20.82 -29.08 -65.48
C TYR D 180 -19.64 -29.00 -64.52
N GLY D 181 -19.63 -27.99 -63.66
CA GLY D 181 -18.52 -27.85 -62.72
C GLY D 181 -18.36 -29.08 -61.84
N CYS D 182 -19.48 -29.60 -61.31
CA CYS D 182 -19.43 -30.84 -60.54
C CYS D 182 -18.92 -31.99 -61.38
N GLN D 183 -19.37 -32.07 -62.64
CA GLN D 183 -18.89 -33.11 -63.54
C GLN D 183 -17.40 -32.94 -63.83
N LEU D 184 -16.96 -31.71 -64.06
CA LEU D 184 -15.55 -31.45 -64.33
C LEU D 184 -14.68 -31.80 -63.15
N HIS D 185 -15.14 -31.48 -61.93
CA HIS D 185 -14.37 -31.80 -60.73
C HIS D 185 -14.21 -33.30 -60.54
N HIS D 186 -15.18 -34.09 -60.99
CA HIS D 186 -15.03 -35.54 -60.96
C HIS D 186 -13.83 -35.98 -61.80
N VAL D 187 -13.59 -35.32 -62.93
CA VAL D 187 -12.44 -35.66 -63.75
C VAL D 187 -11.14 -35.26 -63.06
N VAL D 188 -11.09 -34.06 -62.47
CA VAL D 188 -9.92 -33.65 -61.72
C VAL D 188 -9.67 -34.61 -60.56
N TYR D 189 -10.73 -34.93 -59.82
CA TYR D 189 -10.65 -35.95 -58.77
C TYR D 189 -10.11 -37.27 -59.34
N CYS D 190 -10.61 -37.66 -60.51
CA CYS D 190 -10.05 -38.82 -61.19
C CYS D 190 -8.60 -38.58 -61.59
N PHE D 191 -8.30 -37.39 -62.13
CA PHE D 191 -6.98 -37.14 -62.68
C PHE D 191 -5.91 -37.15 -61.58
N MET D 192 -6.21 -36.54 -60.44
CA MET D 192 -5.21 -36.46 -59.37
C MET D 192 -4.85 -37.86 -58.86
N ILE D 193 -5.85 -38.74 -58.74
CA ILE D 193 -5.59 -40.10 -58.28
C ILE D 193 -4.83 -40.88 -59.34
N ALA D 194 -5.23 -40.73 -60.61
CA ALA D 194 -4.47 -41.35 -61.70
C ALA D 194 -3.03 -40.87 -61.69
N TYR D 195 -2.82 -39.60 -61.36
CA TYR D 195 -1.47 -39.06 -61.22
C TYR D 195 -0.72 -39.72 -60.07
N GLY D 196 -1.38 -39.85 -58.92
CA GLY D 196 -0.72 -40.40 -57.75
C GLY D 196 -0.38 -41.87 -57.88
N THR D 197 -1.14 -42.61 -58.68
CA THR D 197 -0.94 -44.05 -58.84
C THR D 197 -0.16 -44.40 -60.10
N GLN D 198 0.39 -43.39 -60.80
CA GLN D 198 1.16 -43.60 -62.03
C GLN D 198 0.34 -44.34 -63.09
N ARG D 199 -0.92 -43.94 -63.23
CA ARG D 199 -1.82 -44.49 -64.22
C ARG D 199 -2.21 -43.42 -65.22
N THR D 200 -2.34 -43.80 -66.49
CA THR D 200 -2.80 -42.86 -67.51
C THR D 200 -4.31 -42.74 -67.43
N LEU D 201 -4.80 -41.51 -67.51
CA LEU D 201 -6.22 -41.26 -67.33
C LEU D 201 -6.95 -41.58 -68.63
N ILE D 202 -7.94 -42.47 -68.54
CA ILE D 202 -8.84 -42.77 -69.64
C ILE D 202 -10.20 -42.22 -69.26
N LEU D 203 -10.71 -41.31 -70.08
CA LEU D 203 -11.95 -40.60 -69.79
C LEU D 203 -13.01 -41.05 -70.78
N GLU D 204 -13.95 -41.87 -70.32
CA GLU D 204 -15.11 -42.24 -71.13
C GLU D 204 -16.12 -41.11 -71.04
N SER D 205 -16.36 -40.44 -72.17
CA SER D 205 -17.16 -39.23 -72.16
C SER D 205 -18.32 -39.24 -73.15
N GLN D 206 -18.58 -40.37 -73.81
CA GLN D 206 -19.73 -40.44 -74.69
C GLN D 206 -21.02 -40.49 -73.86
N ASN D 207 -22.10 -40.03 -74.49
CA ASN D 207 -23.41 -39.83 -73.86
C ASN D 207 -23.37 -38.74 -72.80
N TRP D 208 -22.32 -37.92 -72.80
CA TRP D 208 -22.23 -36.75 -71.95
C TRP D 208 -23.49 -35.90 -72.08
N ARG D 209 -24.11 -35.60 -70.93
CA ARG D 209 -25.42 -34.94 -70.95
C ARG D 209 -25.35 -33.56 -71.61
N TYR D 210 -24.18 -32.92 -71.61
CA TYR D 210 -24.02 -31.63 -72.28
C TYR D 210 -23.65 -31.77 -73.76
N ALA D 211 -23.05 -32.88 -74.16
CA ALA D 211 -22.55 -33.04 -75.53
C ALA D 211 -22.32 -34.52 -75.79
N THR D 212 -23.30 -35.18 -76.40
CA THR D 212 -23.21 -36.62 -76.66
C THR D 212 -21.97 -36.97 -77.46
N GLY D 213 -21.39 -36.03 -78.20
CA GLY D 213 -20.16 -36.31 -78.93
C GLY D 213 -19.03 -36.73 -78.02
N GLY D 214 -18.94 -36.13 -76.84
CA GLY D 214 -17.96 -36.54 -75.86
C GLY D 214 -17.08 -35.39 -75.43
N TRP D 215 -16.02 -35.74 -74.70
CA TRP D 215 -15.08 -34.75 -74.19
C TRP D 215 -14.48 -33.95 -75.33
N GLU D 216 -14.12 -34.61 -76.43
CA GLU D 216 -13.44 -33.99 -77.56
C GLU D 216 -14.34 -33.06 -78.36
N THR D 217 -15.60 -32.90 -77.95
CA THR D 217 -16.45 -31.90 -78.57
C THR D 217 -15.90 -30.50 -78.37
N VAL D 218 -15.29 -30.25 -77.20
CA VAL D 218 -14.88 -28.89 -76.84
C VAL D 218 -13.41 -28.86 -76.44
N PHE D 219 -12.92 -29.93 -75.82
CA PHE D 219 -11.58 -29.94 -75.26
C PHE D 219 -10.71 -30.99 -75.93
N ARG D 220 -9.42 -30.72 -75.99
CA ARG D 220 -8.48 -31.68 -76.55
C ARG D 220 -8.40 -32.91 -75.64
N PRO D 221 -8.29 -34.10 -76.21
CA PRO D 221 -8.30 -35.31 -75.39
C PRO D 221 -7.18 -35.31 -74.36
N VAL D 222 -7.45 -35.95 -73.21
CA VAL D 222 -6.49 -35.97 -72.10
C VAL D 222 -5.20 -36.66 -72.50
N SER D 223 -5.22 -37.45 -73.57
CA SER D 223 -4.03 -38.13 -74.06
C SER D 223 -3.99 -38.04 -75.58
N GLU D 224 -2.78 -38.07 -76.14
CA GLU D 224 -2.58 -38.13 -77.57
C GLU D 224 -2.15 -39.49 -78.07
N THR D 225 -1.67 -40.37 -77.19
CA THR D 225 -1.18 -41.68 -77.57
C THR D 225 -1.93 -42.82 -76.91
N CYS D 226 -2.63 -42.58 -75.80
CA CYS D 226 -3.30 -43.65 -75.05
C CYS D 226 -4.65 -43.15 -74.57
N THR D 227 -5.67 -43.30 -75.41
CA THR D 227 -7.06 -43.14 -75.01
C THR D 227 -7.80 -44.47 -75.01
N ASP D 228 -7.15 -45.53 -75.48
CA ASP D 228 -7.74 -46.87 -75.44
C ASP D 228 -7.73 -47.40 -74.02
N ARG D 229 -8.88 -47.93 -73.59
CA ARG D 229 -9.05 -48.45 -72.24
C ARG D 229 -8.79 -49.95 -72.14
N SER D 230 -8.36 -50.59 -73.23
CA SER D 230 -8.20 -52.03 -73.21
C SER D 230 -7.07 -52.44 -72.27
N GLY D 231 -7.10 -53.71 -71.86
CA GLY D 231 -6.11 -54.22 -70.95
C GLY D 231 -6.31 -55.68 -70.62
N ILE D 232 -5.22 -56.39 -70.33
CA ILE D 232 -5.29 -57.81 -70.06
C ILE D 232 -5.95 -58.11 -68.72
N SER D 233 -6.09 -57.11 -67.86
CA SER D 233 -6.75 -57.29 -66.57
C SER D 233 -7.43 -55.99 -66.17
N THR D 234 -8.71 -56.08 -65.81
CA THR D 234 -9.51 -54.92 -65.46
C THR D 234 -10.32 -55.23 -64.20
N GLY D 235 -10.44 -54.24 -63.32
CA GLY D 235 -11.23 -54.42 -62.11
C GLY D 235 -11.56 -53.08 -61.50
N HIS D 236 -12.47 -53.13 -60.53
CA HIS D 236 -12.92 -51.94 -59.84
C HIS D 236 -11.90 -51.50 -58.80
N TRP D 237 -12.02 -50.24 -58.37
CA TRP D 237 -11.08 -49.69 -57.41
C TRP D 237 -11.22 -50.42 -56.08
N SER D 238 -10.09 -50.88 -55.55
CA SER D 238 -10.10 -51.52 -54.23
C SER D 238 -8.94 -51.05 -53.36
N GLY D 239 -8.18 -50.05 -53.80
CA GLY D 239 -7.00 -49.61 -53.09
C GLY D 239 -5.76 -49.75 -53.94
N GLU D 240 -4.78 -48.86 -53.75
CA GLU D 240 -3.57 -48.88 -54.56
C GLU D 240 -2.80 -50.17 -54.39
N VAL D 241 -2.71 -50.68 -53.17
CA VAL D 241 -1.92 -51.88 -52.90
C VAL D 241 -2.57 -53.11 -53.51
N LYS D 242 -3.88 -53.28 -53.29
CA LYS D 242 -4.57 -54.46 -53.80
C LYS D 242 -4.61 -54.48 -55.33
N ASP D 243 -4.66 -53.30 -55.95
CA ASP D 243 -4.72 -53.18 -57.41
C ASP D 243 -3.34 -53.05 -58.06
N LYS D 244 -2.27 -53.45 -57.35
CA LYS D 244 -0.93 -53.26 -57.89
C LYS D 244 -0.67 -54.02 -59.18
N ASN D 245 -1.44 -55.08 -59.45
CA ASN D 245 -1.27 -55.87 -60.66
C ASN D 245 -2.51 -55.87 -61.54
N VAL D 246 -3.37 -54.85 -61.39
CA VAL D 246 -4.51 -54.66 -62.26
C VAL D 246 -4.17 -53.52 -63.23
N GLN D 247 -4.17 -53.83 -64.53
CA GLN D 247 -3.76 -52.84 -65.52
C GLN D 247 -4.77 -51.71 -65.62
N VAL D 248 -6.06 -52.03 -65.58
CA VAL D 248 -7.13 -51.07 -65.80
C VAL D 248 -8.01 -51.05 -64.55
N VAL D 249 -8.10 -49.89 -63.91
CA VAL D 249 -8.88 -49.72 -62.68
C VAL D 249 -9.98 -48.72 -62.94
N GLU D 250 -11.22 -49.11 -62.63
CA GLU D 250 -12.37 -48.25 -62.82
C GLU D 250 -12.62 -47.45 -61.55
N LEU D 251 -12.63 -46.13 -61.67
CA LEU D 251 -12.77 -45.27 -60.51
C LEU D 251 -14.17 -44.73 -60.44
N PRO D 252 -14.89 -44.92 -59.33
CA PRO D 252 -16.23 -44.36 -59.19
C PRO D 252 -16.16 -42.89 -58.77
N ILE D 253 -17.35 -42.29 -58.60
CA ILE D 253 -17.41 -40.90 -58.20
C ILE D 253 -16.89 -40.73 -56.78
N VAL D 254 -16.43 -39.51 -56.48
CA VAL D 254 -15.83 -39.22 -55.18
C VAL D 254 -16.87 -39.33 -54.07
N ASP D 255 -18.16 -39.17 -54.41
CA ASP D 255 -19.21 -39.22 -53.39
C ASP D 255 -19.32 -40.61 -52.76
N SER D 256 -18.76 -41.63 -53.40
CA SER D 256 -18.92 -43.01 -52.94
C SER D 256 -17.61 -43.79 -52.87
N LEU D 257 -16.46 -43.12 -52.95
CA LEU D 257 -15.20 -43.84 -53.07
C LEU D 257 -14.81 -44.50 -51.75
N HIS D 258 -14.50 -45.79 -51.82
CA HIS D 258 -14.04 -46.63 -50.71
C HIS D 258 -13.21 -47.78 -51.25
N PRO D 259 -11.95 -47.93 -50.84
CA PRO D 259 -11.32 -47.05 -49.85
C PRO D 259 -10.78 -45.76 -50.44
N ARG D 260 -10.57 -44.75 -49.59
CA ARG D 260 -10.12 -43.47 -50.10
C ARG D 260 -8.59 -43.40 -50.09
N PRO D 261 -7.97 -43.01 -51.19
CA PRO D 261 -6.51 -42.90 -51.22
C PRO D 261 -6.06 -41.55 -50.70
N PRO D 262 -4.76 -41.36 -50.46
CA PRO D 262 -4.29 -40.06 -49.96
C PRO D 262 -4.26 -38.96 -51.01
N TYR D 263 -4.39 -39.28 -52.30
CA TYR D 263 -4.22 -38.30 -53.37
C TYR D 263 -5.50 -37.50 -53.57
N LEU D 264 -5.82 -36.71 -52.55
CA LEU D 264 -7.05 -35.91 -52.55
C LEU D 264 -6.74 -34.52 -52.04
N PRO D 265 -7.58 -33.53 -52.37
CA PRO D 265 -7.47 -32.22 -51.72
C PRO D 265 -7.89 -32.31 -50.27
N LEU D 266 -7.36 -31.38 -49.45
CA LEU D 266 -6.55 -30.26 -49.92
C LEU D 266 -5.05 -30.49 -49.72
N ALA D 267 -4.62 -31.74 -49.81
CA ALA D 267 -3.21 -32.08 -49.67
C ALA D 267 -2.45 -31.78 -50.95
N VAL D 268 -1.18 -31.43 -50.80
CA VAL D 268 -0.32 -31.08 -51.93
C VAL D 268 0.86 -32.04 -51.95
N PRO D 269 1.54 -32.16 -53.08
CA PRO D 269 2.71 -33.06 -53.14
C PRO D 269 3.80 -32.65 -52.16
N GLU D 270 4.27 -33.64 -51.40
CA GLU D 270 5.44 -33.48 -50.53
C GLU D 270 6.58 -32.73 -51.21
N ASP D 271 7.00 -33.19 -52.38
CA ASP D 271 8.18 -32.65 -53.05
C ASP D 271 7.99 -31.21 -53.52
N LEU D 272 6.76 -30.69 -53.48
CA LEU D 272 6.48 -29.33 -53.95
C LEU D 272 6.08 -28.38 -52.83
N ALA D 273 5.88 -28.88 -51.61
CA ALA D 273 5.28 -28.07 -50.55
C ALA D 273 6.14 -26.85 -50.22
N ASP D 274 7.44 -27.04 -50.05
CA ASP D 274 8.31 -25.93 -49.65
C ASP D 274 8.29 -24.83 -50.70
N ARG D 275 8.46 -25.19 -51.96
CA ARG D 275 8.43 -24.21 -53.04
C ARG D 275 7.06 -23.56 -53.17
N LEU D 276 6.00 -24.33 -52.96
CA LEU D 276 4.65 -23.82 -53.14
C LEU D 276 4.32 -22.74 -52.11
N VAL D 277 4.61 -23.02 -50.84
CA VAL D 277 4.33 -22.04 -49.78
C VAL D 277 5.14 -20.77 -50.01
N ARG D 278 6.38 -20.92 -50.50
CA ARG D 278 7.20 -19.76 -50.80
C ARG D 278 6.54 -18.82 -51.80
N VAL D 279 5.68 -19.36 -52.67
CA VAL D 279 5.09 -18.60 -53.76
C VAL D 279 3.61 -18.34 -53.53
N HIS D 280 2.85 -19.38 -53.19
CA HIS D 280 1.40 -19.31 -53.22
C HIS D 280 0.81 -19.20 -51.82
N GLY D 281 -0.29 -18.46 -51.72
CA GLY D 281 -0.97 -18.30 -50.44
C GLY D 281 -1.93 -19.40 -50.09
N ASP D 282 -2.33 -20.21 -51.07
CA ASP D 282 -3.18 -21.38 -50.84
C ASP D 282 -2.72 -22.47 -51.80
N PRO D 283 -1.64 -23.18 -51.46
CA PRO D 283 -1.10 -24.19 -52.38
C PRO D 283 -2.08 -25.30 -52.72
N ALA D 284 -3.10 -25.52 -51.89
CA ALA D 284 -4.09 -26.56 -52.18
C ALA D 284 -4.83 -26.27 -53.47
N VAL D 285 -5.17 -25.00 -53.71
CA VAL D 285 -5.87 -24.64 -54.94
C VAL D 285 -4.94 -24.74 -56.13
N TRP D 286 -3.69 -24.33 -55.97
CA TRP D 286 -2.73 -24.38 -57.06
C TRP D 286 -2.56 -25.80 -57.58
N TRP D 287 -2.39 -26.75 -56.67
CA TRP D 287 -2.26 -28.15 -57.08
C TRP D 287 -3.46 -28.62 -57.88
N VAL D 288 -4.67 -28.23 -57.46
CA VAL D 288 -5.87 -28.58 -58.21
C VAL D 288 -5.86 -27.91 -59.58
N SER D 289 -5.47 -26.64 -59.62
CA SER D 289 -5.54 -25.87 -60.86
C SER D 289 -4.66 -26.46 -61.95
N GLN D 290 -3.54 -27.08 -61.58
CA GLN D 290 -2.65 -27.66 -62.59
C GLN D 290 -3.34 -28.77 -63.37
N PHE D 291 -4.21 -29.54 -62.72
CA PHE D 291 -4.97 -30.55 -63.45
C PHE D 291 -6.10 -29.93 -64.26
N VAL D 292 -6.67 -28.81 -63.79
CA VAL D 292 -7.68 -28.11 -64.58
C VAL D 292 -7.05 -27.48 -65.81
N LYS D 293 -5.92 -26.79 -65.62
CA LYS D 293 -5.20 -26.19 -66.75
C LYS D 293 -4.97 -27.21 -67.87
N TYR D 294 -4.52 -28.41 -67.51
CA TYR D 294 -4.27 -29.44 -68.52
C TYR D 294 -5.56 -29.90 -69.18
N LEU D 295 -6.64 -30.03 -68.40
CA LEU D 295 -7.87 -30.60 -68.94
C LEU D 295 -8.53 -29.68 -69.96
N ILE D 296 -8.57 -28.38 -69.69
CA ILE D 296 -9.42 -27.47 -70.44
C ILE D 296 -8.70 -26.87 -71.66
N ARG D 297 -7.67 -27.55 -72.14
CA ARG D 297 -7.08 -27.19 -73.42
C ARG D 297 -8.14 -27.23 -74.51
N PRO D 298 -8.44 -26.12 -75.18
CA PRO D 298 -9.60 -26.07 -76.07
C PRO D 298 -9.33 -26.63 -77.46
N GLN D 299 -10.37 -27.21 -78.04
CA GLN D 299 -10.34 -27.54 -79.46
C GLN D 299 -10.22 -26.25 -80.27
N PRO D 300 -9.64 -26.33 -81.48
CA PRO D 300 -9.38 -25.09 -82.26
C PRO D 300 -10.57 -24.17 -82.44
N TRP D 301 -11.77 -24.70 -82.72
CA TRP D 301 -12.92 -23.83 -82.93
C TRP D 301 -13.29 -23.10 -81.66
N LEU D 302 -13.17 -23.77 -80.50
CA LEU D 302 -13.48 -23.12 -79.23
C LEU D 302 -12.41 -22.09 -78.89
N GLU D 303 -11.13 -22.45 -79.07
CA GLU D 303 -10.04 -21.50 -78.89
C GLU D 303 -10.25 -20.25 -79.74
N LYS D 304 -10.71 -20.43 -80.97
CA LYS D 304 -11.04 -19.30 -81.83
C LYS D 304 -12.20 -18.51 -81.25
N GLU D 305 -13.29 -19.21 -80.91
CA GLU D 305 -14.49 -18.57 -80.37
C GLU D 305 -14.18 -17.73 -79.13
N ILE D 306 -13.28 -18.21 -78.27
CA ILE D 306 -12.88 -17.43 -77.10
C ILE D 306 -12.25 -16.11 -77.53
N GLU D 307 -11.30 -16.18 -78.46
CA GLU D 307 -10.64 -14.98 -78.96
C GLU D 307 -11.64 -14.03 -79.59
N GLU D 308 -12.64 -14.58 -80.30
CA GLU D 308 -13.67 -13.75 -80.91
C GLU D 308 -14.49 -13.02 -79.84
N ALA D 309 -14.98 -13.78 -78.85
CA ALA D 309 -15.78 -13.19 -77.78
C ALA D 309 -14.99 -12.10 -77.04
N THR D 310 -13.70 -12.31 -76.82
CA THR D 310 -12.87 -11.30 -76.17
C THR D 310 -12.93 -9.98 -76.93
N LYS D 311 -12.70 -10.02 -78.24
CA LYS D 311 -12.74 -8.81 -79.04
C LYS D 311 -14.15 -8.24 -79.12
N LYS D 312 -15.14 -9.11 -79.36
CA LYS D 312 -16.51 -8.64 -79.57
C LYS D 312 -17.10 -8.02 -78.32
N LEU D 313 -16.83 -8.62 -77.15
CA LEU D 313 -17.39 -8.11 -75.90
C LEU D 313 -16.71 -6.84 -75.42
N GLY D 314 -15.59 -6.45 -76.02
CA GLY D 314 -14.85 -5.32 -75.49
C GLY D 314 -14.23 -5.63 -74.15
N PHE D 315 -13.78 -6.86 -73.95
CA PHE D 315 -13.25 -7.31 -72.66
C PHE D 315 -11.84 -6.74 -72.48
N LYS D 316 -11.69 -5.83 -71.53
CA LYS D 316 -10.40 -5.21 -71.25
C LYS D 316 -10.29 -4.93 -69.75
N HIS D 317 -9.06 -4.79 -69.28
CA HIS D 317 -8.78 -4.61 -67.87
C HIS D 317 -8.69 -3.12 -67.52
N PRO D 318 -9.04 -2.73 -66.28
CA PRO D 318 -9.48 -3.57 -65.16
C PRO D 318 -10.95 -4.01 -65.23
N VAL D 319 -11.23 -5.23 -64.77
CA VAL D 319 -12.57 -5.79 -64.82
C VAL D 319 -12.72 -6.76 -63.64
N ILE D 320 -13.87 -6.72 -62.98
CA ILE D 320 -14.18 -7.59 -61.85
C ILE D 320 -15.28 -8.56 -62.26
N GLY D 321 -15.02 -9.86 -62.08
CA GLY D 321 -16.00 -10.87 -62.45
C GLY D 321 -16.99 -11.15 -61.32
N VAL D 322 -18.24 -11.31 -61.69
CA VAL D 322 -19.33 -11.58 -60.74
C VAL D 322 -20.14 -12.76 -61.25
N HIS D 323 -20.44 -13.70 -60.36
CA HIS D 323 -21.22 -14.89 -60.70
C HIS D 323 -22.44 -14.95 -59.79
N VAL D 324 -23.62 -14.68 -60.34
CA VAL D 324 -24.87 -14.70 -59.60
C VAL D 324 -25.59 -16.01 -59.96
N ARG D 325 -25.42 -17.03 -59.13
CA ARG D 325 -26.04 -18.33 -59.35
C ARG D 325 -27.42 -18.36 -58.69
N ARG D 326 -28.45 -18.71 -59.47
CA ARG D 326 -29.80 -18.79 -58.95
C ARG D 326 -30.51 -20.03 -59.47
N THR D 327 -31.67 -19.85 -60.09
CA THR D 327 -32.50 -20.94 -60.59
C THR D 327 -32.67 -22.06 -59.57
N ASP D 328 -32.15 -23.25 -59.88
CA ASP D 328 -32.35 -24.42 -59.05
C ASP D 328 -31.42 -24.52 -57.86
N LYS D 329 -30.33 -23.73 -57.84
CA LYS D 329 -29.42 -23.76 -56.69
C LYS D 329 -30.10 -23.22 -55.45
N VAL D 330 -30.95 -22.21 -55.59
CA VAL D 330 -31.62 -21.61 -54.44
C VAL D 330 -32.59 -22.61 -53.85
N GLY D 331 -32.57 -22.74 -52.52
CA GLY D 331 -33.46 -23.64 -51.82
C GLY D 331 -32.97 -25.06 -51.67
N THR D 332 -32.01 -25.48 -52.48
CA THR D 332 -31.49 -26.83 -52.46
C THR D 332 -30.06 -26.91 -51.94
N GLU D 333 -29.18 -26.05 -52.42
CA GLU D 333 -27.78 -26.09 -52.05
C GLU D 333 -27.22 -24.73 -51.65
N ALA D 334 -28.00 -23.66 -51.76
CA ALA D 334 -27.54 -22.32 -51.48
C ALA D 334 -28.75 -21.43 -51.27
N ALA D 335 -28.53 -20.12 -51.19
CA ALA D 335 -29.58 -19.15 -50.96
C ALA D 335 -29.58 -18.08 -52.05
N PHE D 336 -30.66 -17.31 -52.08
CA PHE D 336 -30.74 -16.16 -52.96
C PHE D 336 -29.88 -15.03 -52.41
N HIS D 337 -29.24 -14.29 -53.30
CA HIS D 337 -28.40 -13.15 -52.90
C HIS D 337 -28.71 -11.96 -53.78
N PRO D 338 -29.22 -10.86 -53.23
CA PRO D 338 -29.47 -9.67 -54.05
C PRO D 338 -28.19 -9.15 -54.70
N ILE D 339 -28.37 -8.43 -55.81
CA ILE D 339 -27.23 -7.89 -56.54
C ILE D 339 -26.42 -6.94 -55.66
N GLU D 340 -27.07 -6.24 -54.74
CA GLU D 340 -26.36 -5.33 -53.85
C GLU D 340 -25.34 -6.06 -52.99
N GLU D 341 -25.62 -7.30 -52.59
CA GLU D 341 -24.66 -8.09 -51.85
C GLU D 341 -23.35 -8.25 -52.63
N TYR D 342 -23.46 -8.58 -53.91
CA TYR D 342 -22.25 -8.70 -54.74
C TYR D 342 -21.60 -7.34 -54.97
N MET D 343 -22.39 -6.31 -55.22
CA MET D 343 -21.85 -5.05 -55.74
C MET D 343 -21.09 -4.26 -54.70
N VAL D 344 -21.38 -4.43 -53.41
CA VAL D 344 -20.65 -3.68 -52.39
C VAL D 344 -19.17 -4.05 -52.40
N HIS D 345 -18.87 -5.32 -52.65
CA HIS D 345 -17.47 -5.76 -52.71
C HIS D 345 -16.81 -5.39 -54.02
N VAL D 346 -17.58 -5.31 -55.10
CA VAL D 346 -17.05 -4.83 -56.37
C VAL D 346 -16.61 -3.37 -56.22
N GLU D 347 -17.52 -2.51 -55.77
CA GLU D 347 -17.19 -1.11 -55.55
C GLU D 347 -16.04 -0.95 -54.56
N GLU D 348 -16.03 -1.75 -53.50
CA GLU D 348 -14.94 -1.65 -52.52
C GLU D 348 -13.60 -1.99 -53.14
N HIS D 349 -13.54 -3.05 -53.96
CA HIS D 349 -12.28 -3.43 -54.57
C HIS D 349 -11.89 -2.46 -55.67
N PHE D 350 -12.88 -1.85 -56.34
CA PHE D 350 -12.57 -0.82 -57.33
C PHE D 350 -11.95 0.40 -56.65
N GLN D 351 -12.42 0.72 -55.44
CA GLN D 351 -11.78 1.78 -54.66
C GLN D 351 -10.34 1.41 -54.32
N LEU D 352 -10.10 0.12 -54.05
CA LEU D 352 -8.74 -0.33 -53.75
C LEU D 352 -7.83 -0.19 -54.97
N LEU D 353 -8.31 -0.64 -56.13
CA LEU D 353 -7.50 -0.54 -57.34
C LEU D 353 -7.21 0.92 -57.68
N ALA D 354 -8.19 1.80 -57.46
CA ALA D 354 -8.01 3.23 -57.74
C ALA D 354 -6.88 3.84 -56.93
N ARG D 355 -6.51 3.26 -55.79
CA ARG D 355 -5.40 3.79 -55.02
C ARG D 355 -4.04 3.54 -55.68
N ARG D 356 -3.98 2.63 -56.65
CA ARG D 356 -2.71 2.25 -57.25
C ARG D 356 -2.64 2.45 -58.75
N MET D 357 -3.75 2.78 -59.40
CA MET D 357 -3.77 2.87 -60.86
C MET D 357 -4.92 3.77 -61.29
N GLN D 358 -4.79 4.31 -62.49
CA GLN D 358 -5.86 5.08 -63.09
C GLN D 358 -6.96 4.14 -63.58
N VAL D 359 -8.19 4.38 -63.13
CA VAL D 359 -9.34 3.57 -63.50
C VAL D 359 -10.19 4.39 -64.46
N ASP D 360 -10.18 4.02 -65.74
CA ASP D 360 -11.00 4.71 -66.72
C ASP D 360 -12.48 4.48 -66.46
N LYS D 361 -12.91 3.22 -66.53
CA LYS D 361 -14.30 2.86 -66.32
C LYS D 361 -14.37 1.61 -65.45
N LYS D 362 -15.38 1.55 -64.59
CA LYS D 362 -15.55 0.41 -63.69
C LYS D 362 -16.24 -0.72 -64.45
N ARG D 363 -15.46 -1.70 -64.89
CA ARG D 363 -15.97 -2.80 -65.69
C ARG D 363 -16.27 -4.01 -64.80
N VAL D 364 -17.42 -4.63 -65.04
CA VAL D 364 -17.84 -5.83 -64.35
C VAL D 364 -18.30 -6.85 -65.38
N TYR D 365 -17.71 -8.05 -65.34
CA TYR D 365 -18.18 -9.15 -66.17
C TYR D 365 -19.23 -9.94 -65.39
N LEU D 366 -20.50 -9.79 -65.78
CA LEU D 366 -21.61 -10.46 -65.11
C LEU D 366 -21.83 -11.84 -65.75
N ALA D 367 -21.91 -12.86 -64.91
CA ALA D 367 -22.19 -14.23 -65.34
C ALA D 367 -23.27 -14.80 -64.43
N THR D 368 -24.42 -15.12 -65.02
CA THR D 368 -25.56 -15.59 -64.22
C THR D 368 -26.41 -16.53 -65.05
N ASP D 369 -27.21 -17.35 -64.36
CA ASP D 369 -28.25 -18.13 -65.00
C ASP D 369 -29.61 -17.44 -64.91
N ASP D 370 -29.64 -16.19 -64.42
CA ASP D 370 -30.84 -15.36 -64.40
C ASP D 370 -30.72 -14.30 -65.48
N PRO D 371 -31.32 -14.49 -66.66
CA PRO D 371 -31.15 -13.50 -67.74
C PRO D 371 -31.85 -12.19 -67.46
N SER D 372 -32.87 -12.18 -66.59
CA SER D 372 -33.54 -10.94 -66.22
C SER D 372 -32.67 -10.01 -65.38
N LEU D 373 -31.50 -10.48 -64.95
CA LEU D 373 -30.68 -9.70 -64.03
C LEU D 373 -29.96 -8.54 -64.71
N LEU D 374 -29.47 -8.75 -65.94
CA LEU D 374 -28.58 -7.78 -66.56
C LEU D 374 -29.22 -6.41 -66.69
N LYS D 375 -30.50 -6.36 -67.09
CA LYS D 375 -31.19 -5.07 -67.15
C LYS D 375 -31.29 -4.45 -65.76
N GLU D 376 -31.65 -5.25 -64.77
CA GLU D 376 -31.75 -4.74 -63.40
C GLU D 376 -30.42 -4.20 -62.91
N ALA D 377 -29.33 -4.90 -63.20
CA ALA D 377 -28.01 -4.43 -62.77
C ALA D 377 -27.63 -3.12 -63.44
N LYS D 378 -27.82 -3.04 -64.76
CA LYS D 378 -27.52 -1.80 -65.49
C LYS D 378 -28.32 -0.63 -64.94
N THR D 379 -29.57 -0.87 -64.57
CA THR D 379 -30.42 0.20 -64.05
C THR D 379 -29.91 0.72 -62.72
N LYS D 380 -29.66 -0.19 -61.77
CA LYS D 380 -29.26 0.20 -60.43
C LYS D 380 -27.84 0.75 -60.38
N TYR D 381 -27.01 0.46 -61.38
CA TYR D 381 -25.60 0.86 -61.38
C TYR D 381 -25.26 1.47 -62.74
N PRO D 382 -25.71 2.69 -63.00
CA PRO D 382 -25.51 3.28 -64.33
C PRO D 382 -24.06 3.62 -64.64
N ASN D 383 -23.24 3.92 -63.64
CA ASN D 383 -21.83 4.25 -63.88
C ASN D 383 -20.95 3.01 -63.99
N TYR D 384 -21.54 1.83 -64.10
CA TYR D 384 -20.79 0.59 -64.28
C TYR D 384 -21.00 0.07 -65.70
N GLU D 385 -19.91 -0.33 -66.34
CA GLU D 385 -19.97 -1.02 -67.62
C GLU D 385 -20.09 -2.51 -67.34
N PHE D 386 -21.26 -3.08 -67.63
CA PHE D 386 -21.49 -4.50 -67.43
C PHE D 386 -21.19 -5.23 -68.73
N ILE D 387 -20.20 -6.12 -68.70
CA ILE D 387 -19.84 -6.94 -69.83
C ILE D 387 -20.46 -8.32 -69.61
N SER D 388 -21.43 -8.67 -70.45
CA SER D 388 -22.15 -9.92 -70.26
C SER D 388 -22.82 -10.31 -71.55
N ASP D 389 -22.97 -11.61 -71.76
CA ASP D 389 -23.65 -12.16 -72.93
C ASP D 389 -25.00 -12.70 -72.44
N ASN D 390 -26.04 -11.87 -72.58
CA ASN D 390 -27.34 -12.23 -72.02
C ASN D 390 -27.90 -13.50 -72.66
N SER D 391 -27.52 -13.80 -73.89
CA SER D 391 -27.98 -15.04 -74.51
C SER D 391 -27.35 -16.26 -73.83
N ILE D 392 -26.14 -16.11 -73.30
CA ILE D 392 -25.52 -17.20 -72.54
C ILE D 392 -26.24 -17.40 -71.22
N SER D 393 -26.51 -16.29 -70.51
CA SER D 393 -27.32 -16.37 -69.29
C SER D 393 -28.68 -16.99 -69.57
N TRP D 394 -29.29 -16.61 -70.69
CA TRP D 394 -30.59 -17.15 -71.04
C TRP D 394 -30.49 -18.61 -71.47
N SER D 395 -29.42 -18.95 -72.20
CA SER D 395 -29.20 -20.34 -72.61
C SER D 395 -28.97 -21.25 -71.40
N ALA D 396 -28.48 -20.67 -70.30
CA ALA D 396 -28.26 -21.40 -69.06
C ALA D 396 -29.55 -21.75 -68.33
N GLY D 397 -30.70 -21.32 -68.86
CA GLY D 397 -31.99 -21.67 -68.28
C GLY D 397 -32.17 -23.16 -68.11
N LEU D 398 -33.15 -23.55 -67.28
CA LEU D 398 -33.25 -24.94 -66.86
C LEU D 398 -33.66 -25.86 -68.02
N HIS D 399 -34.61 -25.42 -68.85
CA HIS D 399 -35.08 -26.29 -69.93
C HIS D 399 -34.00 -26.52 -71.00
N ASN D 400 -33.07 -25.59 -71.16
CA ASN D 400 -32.06 -25.68 -72.20
C ASN D 400 -30.64 -25.84 -71.65
N ARG D 401 -30.51 -26.14 -70.36
CA ARG D 401 -29.19 -26.11 -69.73
C ARG D 401 -28.26 -27.20 -70.26
N TYR D 402 -28.79 -28.39 -70.53
CA TYR D 402 -27.96 -29.54 -70.86
C TYR D 402 -27.91 -29.77 -72.37
N THR D 403 -27.29 -28.80 -73.05
CA THR D 403 -27.05 -28.89 -74.49
C THR D 403 -25.66 -28.35 -74.80
N GLU D 404 -25.21 -28.61 -76.03
CA GLU D 404 -23.88 -28.19 -76.44
C GLU D 404 -23.72 -26.68 -76.42
N ASN D 405 -24.75 -25.95 -76.88
CA ASN D 405 -24.67 -24.49 -76.90
C ASN D 405 -24.58 -23.92 -75.50
N SER D 406 -25.38 -24.44 -74.56
CA SER D 406 -25.28 -23.98 -73.18
C SER D 406 -23.94 -24.41 -72.57
N LEU D 407 -23.42 -25.58 -72.98
CA LEU D 407 -22.11 -26.01 -72.53
C LEU D 407 -21.04 -25.01 -72.94
N ARG D 408 -21.03 -24.62 -74.22
CA ARG D 408 -20.06 -23.63 -74.67
C ARG D 408 -20.28 -22.28 -74.02
N GLY D 409 -21.51 -22.00 -73.58
CA GLY D 409 -21.77 -20.75 -72.89
C GLY D 409 -21.11 -20.70 -71.52
N VAL D 410 -21.31 -21.74 -70.70
CA VAL D 410 -20.74 -21.75 -69.37
C VAL D 410 -19.22 -21.85 -69.42
N ILE D 411 -18.67 -22.53 -70.43
CA ILE D 411 -17.22 -22.58 -70.58
C ILE D 411 -16.67 -21.17 -70.78
N LEU D 412 -17.36 -20.35 -71.58
CA LEU D 412 -16.91 -18.99 -71.83
C LEU D 412 -17.10 -18.11 -70.61
N ASP D 413 -18.26 -18.20 -69.96
CA ASP D 413 -18.48 -17.46 -68.73
C ASP D 413 -17.41 -17.79 -67.70
N ILE D 414 -17.11 -19.07 -67.53
CA ILE D 414 -16.04 -19.48 -66.61
C ILE D 414 -14.70 -18.90 -67.07
N HIS D 415 -14.44 -18.93 -68.37
CA HIS D 415 -13.18 -18.41 -68.88
C HIS D 415 -13.02 -16.93 -68.55
N PHE D 416 -13.99 -16.11 -68.93
CA PHE D 416 -13.87 -14.67 -68.70
C PHE D 416 -13.94 -14.32 -67.22
N LEU D 417 -14.57 -15.17 -66.41
CA LEU D 417 -14.52 -14.97 -64.96
C LEU D 417 -13.10 -15.11 -64.44
N SER D 418 -12.38 -16.14 -64.89
CA SER D 418 -11.01 -16.35 -64.42
C SER D 418 -10.07 -15.24 -64.88
N GLN D 419 -10.35 -14.64 -66.03
CA GLN D 419 -9.50 -13.58 -66.55
C GLN D 419 -9.64 -12.29 -65.75
N ALA D 420 -10.69 -12.14 -64.95
CA ALA D 420 -10.92 -10.91 -64.22
C ALA D 420 -9.82 -10.69 -63.19
N ASP D 421 -9.64 -9.42 -62.82
CA ASP D 421 -8.66 -9.05 -61.81
C ASP D 421 -9.13 -9.35 -60.39
N PHE D 422 -10.40 -9.70 -60.22
CA PHE D 422 -10.99 -9.99 -58.93
C PHE D 422 -12.32 -10.69 -59.17
N LEU D 423 -12.75 -11.49 -58.20
CA LEU D 423 -13.91 -12.36 -58.40
C LEU D 423 -14.81 -12.29 -57.19
N VAL D 424 -16.04 -11.80 -57.40
CA VAL D 424 -17.07 -11.76 -56.37
C VAL D 424 -18.16 -12.74 -56.75
N CYS D 425 -18.56 -13.60 -55.81
CA CYS D 425 -19.54 -14.63 -56.10
C CYS D 425 -19.94 -15.39 -54.84
N THR D 426 -20.55 -16.55 -55.04
CA THR D 426 -20.79 -17.53 -53.98
C THR D 426 -19.97 -18.77 -54.29
N PHE D 427 -19.08 -19.14 -53.36
CA PHE D 427 -18.26 -20.33 -53.56
C PHE D 427 -19.05 -21.62 -53.42
N SER D 428 -20.31 -21.56 -52.96
CA SER D 428 -21.14 -22.75 -52.95
C SER D 428 -21.38 -23.28 -54.35
N SER D 429 -21.39 -22.41 -55.35
CA SER D 429 -21.57 -22.83 -56.73
C SER D 429 -20.27 -23.39 -57.30
N GLN D 430 -20.34 -24.59 -57.87
CA GLN D 430 -19.16 -25.17 -58.52
C GLN D 430 -18.64 -24.27 -59.64
N VAL D 431 -19.52 -23.47 -60.24
CA VAL D 431 -19.13 -22.63 -61.38
C VAL D 431 -18.03 -21.65 -60.95
N CYS D 432 -18.29 -20.91 -59.86
CA CYS D 432 -17.32 -19.91 -59.43
C CYS D 432 -16.02 -20.55 -58.97
N ARG D 433 -16.10 -21.71 -58.32
CA ARG D 433 -14.88 -22.37 -57.83
C ARG D 433 -13.95 -22.72 -58.98
N VAL D 434 -14.50 -23.13 -60.13
CA VAL D 434 -13.66 -23.46 -61.27
C VAL D 434 -12.91 -22.23 -61.77
N ALA D 435 -13.65 -21.13 -62.02
CA ALA D 435 -13.02 -19.89 -62.46
C ALA D 435 -11.94 -19.45 -61.47
N TYR D 436 -12.19 -19.63 -60.17
CA TYR D 436 -11.19 -19.33 -59.16
C TYR D 436 -9.95 -20.18 -59.35
N GLU D 437 -10.14 -21.48 -59.62
CA GLU D 437 -9.00 -22.37 -59.83
C GLU D 437 -8.22 -21.97 -61.08
N ILE D 438 -8.94 -21.68 -62.18
CA ILE D 438 -8.27 -21.31 -63.42
C ILE D 438 -7.50 -20.01 -63.28
N MET D 439 -8.03 -19.08 -62.47
CA MET D 439 -7.32 -17.83 -62.21
C MET D 439 -5.92 -18.07 -61.66
N GLN D 440 -5.73 -19.14 -60.87
CA GLN D 440 -4.42 -19.41 -60.28
C GLN D 440 -3.39 -19.76 -61.33
N THR D 441 -3.82 -20.28 -62.48
CA THR D 441 -2.89 -20.62 -63.56
C THR D 441 -2.47 -19.41 -64.37
N LEU D 442 -3.07 -18.24 -64.11
CA LEU D 442 -2.78 -17.04 -64.90
C LEU D 442 -1.85 -16.07 -64.19
N HIS D 443 -1.70 -16.18 -62.88
CA HIS D 443 -0.86 -15.28 -62.10
C HIS D 443 -0.11 -16.08 -61.04
N PRO D 444 0.98 -15.54 -60.50
CA PRO D 444 1.61 -16.13 -59.32
C PRO D 444 0.89 -15.69 -58.05
N ASP D 445 0.32 -16.65 -57.32
CA ASP D 445 -0.38 -16.42 -56.05
C ASP D 445 -1.53 -15.41 -56.23
N ALA D 446 -2.52 -15.85 -57.01
CA ALA D 446 -3.78 -15.13 -57.13
C ALA D 446 -4.82 -15.60 -56.12
N SER D 447 -4.38 -16.22 -55.02
CA SER D 447 -5.27 -16.90 -54.10
C SER D 447 -6.15 -15.95 -53.31
N ALA D 448 -5.76 -14.69 -53.14
CA ALA D 448 -6.50 -13.75 -52.32
C ALA D 448 -7.48 -12.89 -53.11
N ASN D 449 -7.47 -13.01 -54.45
CA ASN D 449 -8.24 -12.13 -55.30
C ASN D 449 -9.70 -12.55 -55.43
N PHE D 450 -10.38 -12.80 -54.32
CA PHE D 450 -11.78 -13.19 -54.37
C PHE D 450 -12.51 -12.69 -53.13
N HIS D 451 -13.84 -12.77 -53.20
CA HIS D 451 -14.69 -12.63 -52.02
C HIS D 451 -15.94 -13.46 -52.24
N SER D 452 -16.14 -14.48 -51.41
CA SER D 452 -17.31 -15.33 -51.49
C SER D 452 -18.39 -14.82 -50.54
N LEU D 453 -19.64 -14.88 -51.01
CA LEU D 453 -20.76 -14.44 -50.17
C LEU D 453 -21.13 -15.47 -49.11
N ASP D 454 -20.67 -16.71 -49.25
CA ASP D 454 -21.02 -17.73 -48.26
C ASP D 454 -19.83 -18.62 -47.91
N ASP D 455 -19.73 -19.78 -48.56
CA ASP D 455 -18.70 -20.75 -48.23
C ASP D 455 -17.32 -20.23 -48.58
N ILE D 456 -16.31 -20.71 -47.84
CA ILE D 456 -14.92 -20.54 -48.24
C ILE D 456 -14.62 -21.59 -49.30
N TYR D 457 -13.39 -21.60 -49.81
CA TYR D 457 -13.05 -22.55 -50.86
C TYR D 457 -13.04 -23.98 -50.31
N TYR D 458 -13.65 -24.88 -51.08
CA TYR D 458 -13.57 -26.31 -50.80
C TYR D 458 -13.56 -27.07 -52.11
N PHE D 459 -13.38 -28.39 -52.00
CA PHE D 459 -13.42 -29.30 -53.14
C PHE D 459 -14.26 -30.49 -52.71
N GLY D 460 -15.44 -30.64 -53.32
CA GLY D 460 -16.37 -31.69 -52.96
C GLY D 460 -15.75 -33.07 -52.80
N GLY D 461 -15.80 -33.60 -51.58
CA GLY D 461 -15.18 -34.86 -51.27
C GLY D 461 -13.80 -34.76 -50.65
N GLN D 462 -13.35 -33.55 -50.34
CA GLN D 462 -12.02 -33.35 -49.79
C GLN D 462 -11.89 -34.00 -48.40
N ASN D 463 -10.65 -34.24 -48.01
CA ASN D 463 -10.37 -34.61 -46.63
C ASN D 463 -10.53 -33.39 -45.71
N ALA D 464 -10.74 -33.68 -44.43
CA ALA D 464 -11.12 -32.68 -43.44
C ALA D 464 -10.20 -31.46 -43.48
N HIS D 465 -10.80 -30.30 -43.77
CA HIS D 465 -10.07 -29.03 -43.74
C HIS D 465 -9.92 -28.60 -42.29
N ASN D 466 -8.67 -28.53 -41.83
CA ASN D 466 -8.37 -28.26 -40.42
C ASN D 466 -7.47 -27.04 -40.30
N GLN D 467 -7.65 -26.30 -39.21
CA GLN D 467 -6.79 -25.18 -38.86
C GLN D 467 -6.13 -25.46 -37.51
N ILE D 468 -5.10 -24.68 -37.21
CA ILE D 468 -4.38 -24.76 -35.95
C ILE D 468 -4.51 -23.42 -35.24
N ALA D 469 -5.00 -23.45 -34.00
CA ALA D 469 -5.06 -22.23 -33.21
C ALA D 469 -3.65 -21.77 -32.87
N ILE D 470 -3.37 -20.50 -33.17
CA ILE D 470 -2.08 -19.91 -32.86
C ILE D 470 -2.16 -18.95 -31.68
N TYR D 471 -3.31 -18.34 -31.42
CA TYR D 471 -3.54 -17.48 -30.29
C TYR D 471 -4.70 -18.05 -29.48
N ALA D 472 -4.60 -17.97 -28.16
CA ALA D 472 -5.66 -18.50 -27.31
C ALA D 472 -6.91 -17.63 -27.38
N HIS D 473 -8.07 -18.28 -27.39
CA HIS D 473 -9.35 -17.59 -27.35
C HIS D 473 -10.18 -18.12 -26.20
N GLN D 474 -10.76 -17.21 -25.43
CA GLN D 474 -11.67 -17.56 -24.35
C GLN D 474 -13.06 -17.11 -24.74
N PRO D 475 -14.06 -18.00 -24.76
CA PRO D 475 -15.38 -17.64 -25.29
C PRO D 475 -16.03 -16.53 -24.47
N ARG D 476 -16.45 -15.47 -25.16
CA ARG D 476 -17.21 -14.42 -24.50
C ARG D 476 -18.69 -14.81 -24.37
N THR D 477 -19.21 -15.56 -25.33
CA THR D 477 -20.56 -16.11 -25.28
C THR D 477 -20.49 -17.63 -25.39
N ALA D 478 -21.66 -18.27 -25.34
CA ALA D 478 -21.72 -19.72 -25.54
C ALA D 478 -21.59 -20.11 -27.01
N ASP D 479 -21.84 -19.17 -27.93
CA ASP D 479 -21.72 -19.47 -29.35
C ASP D 479 -20.27 -19.60 -29.78
N GLU D 480 -19.34 -19.13 -28.97
CA GLU D 480 -17.92 -19.20 -29.28
C GLU D 480 -17.27 -20.41 -28.61
N ILE D 481 -16.23 -20.92 -29.24
CA ILE D 481 -15.47 -22.05 -28.70
C ILE D 481 -14.18 -21.53 -28.07
N PRO D 482 -13.69 -22.17 -27.02
CA PRO D 482 -12.38 -21.80 -26.48
C PRO D 482 -11.27 -22.42 -27.30
N MET D 483 -10.15 -21.72 -27.35
CA MET D 483 -8.98 -22.20 -28.08
C MET D 483 -7.72 -21.97 -27.26
N GLU D 484 -6.86 -22.96 -27.26
CA GLU D 484 -5.49 -22.87 -26.81
C GLU D 484 -4.56 -23.03 -28.00
N PRO D 485 -3.41 -22.35 -28.01
CA PRO D 485 -2.46 -22.53 -29.11
C PRO D 485 -2.13 -24.01 -29.29
N GLY D 486 -2.13 -24.45 -30.55
CA GLY D 486 -1.97 -25.85 -30.87
C GLY D 486 -3.25 -26.62 -31.08
N ASP D 487 -4.36 -26.13 -30.53
CA ASP D 487 -5.65 -26.81 -30.72
C ASP D 487 -5.99 -26.90 -32.19
N ILE D 488 -6.50 -28.07 -32.59
CA ILE D 488 -6.93 -28.29 -33.98
C ILE D 488 -8.40 -27.92 -34.09
N ILE D 489 -8.70 -27.00 -35.00
CA ILE D 489 -10.05 -26.52 -35.22
C ILE D 489 -10.49 -26.99 -36.60
N GLY D 490 -11.58 -27.76 -36.65
CA GLY D 490 -12.14 -28.16 -37.91
C GLY D 490 -13.04 -27.07 -38.45
N VAL D 491 -12.54 -26.32 -39.44
CA VAL D 491 -13.22 -25.11 -39.88
C VAL D 491 -14.43 -25.47 -40.72
N ALA D 492 -15.52 -24.73 -40.54
CA ALA D 492 -16.73 -24.90 -41.31
C ALA D 492 -17.03 -23.72 -42.22
N GLY D 493 -16.36 -22.60 -42.04
CA GLY D 493 -16.54 -21.45 -42.89
C GLY D 493 -16.07 -20.19 -42.21
N ASN D 494 -16.04 -19.12 -43.00
CA ASN D 494 -15.73 -17.78 -42.52
C ASN D 494 -16.98 -16.92 -42.69
N HIS D 495 -17.35 -16.20 -41.64
CA HIS D 495 -18.54 -15.36 -41.67
C HIS D 495 -18.23 -13.96 -42.17
N TRP D 496 -16.99 -13.69 -42.54
CA TRP D 496 -16.59 -12.42 -43.16
C TRP D 496 -16.93 -11.23 -42.26
N ASP D 497 -16.91 -11.47 -40.94
CA ASP D 497 -17.21 -10.43 -39.95
C ASP D 497 -16.19 -10.42 -38.82
N GLY D 498 -15.05 -11.08 -39.00
CA GLY D 498 -14.06 -11.22 -37.96
C GLY D 498 -14.06 -12.58 -37.29
N TYR D 499 -15.14 -13.35 -37.44
CA TYR D 499 -15.28 -14.64 -36.80
C TYR D 499 -15.46 -15.74 -37.83
N SER D 500 -14.91 -16.92 -37.52
CA SER D 500 -15.14 -18.13 -38.28
C SER D 500 -15.87 -19.14 -37.40
N LYS D 501 -16.51 -20.11 -38.04
CA LYS D 501 -17.23 -21.17 -37.35
C LYS D 501 -16.53 -22.49 -37.57
N GLY D 502 -16.38 -23.26 -36.50
CA GLY D 502 -15.75 -24.56 -36.60
C GLY D 502 -15.91 -25.34 -35.32
N VAL D 503 -15.21 -26.48 -35.27
CA VAL D 503 -15.25 -27.37 -34.12
C VAL D 503 -13.83 -27.50 -33.55
N ASN D 504 -13.69 -27.25 -32.25
CA ASN D 504 -12.45 -27.58 -31.55
C ASN D 504 -12.42 -29.08 -31.34
N ARG D 505 -11.68 -29.78 -32.21
CA ARG D 505 -11.64 -31.24 -32.16
C ARG D 505 -11.20 -31.74 -30.78
N LYS D 506 -10.29 -31.01 -30.13
CA LYS D 506 -9.84 -31.39 -28.80
C LYS D 506 -11.01 -31.54 -27.83
N LEU D 507 -11.97 -30.62 -27.89
CA LEU D 507 -13.06 -30.57 -26.93
C LEU D 507 -14.36 -31.11 -27.48
N GLY D 508 -14.43 -31.41 -28.78
CA GLY D 508 -15.71 -31.77 -29.39
C GLY D 508 -16.74 -30.67 -29.28
N ARG D 509 -16.29 -29.41 -29.25
CA ARG D 509 -17.16 -28.26 -29.14
C ARG D 509 -17.15 -27.51 -30.47
N THR D 510 -18.33 -27.15 -30.95
CA THR D 510 -18.49 -26.44 -32.22
C THR D 510 -19.04 -25.04 -31.95
N GLY D 511 -18.46 -24.04 -32.59
CA GLY D 511 -18.91 -22.69 -32.38
C GLY D 511 -18.07 -21.69 -33.14
N LEU D 512 -18.12 -20.44 -32.69
CA LEU D 512 -17.42 -19.34 -33.33
C LEU D 512 -16.07 -19.09 -32.68
N TYR D 513 -15.23 -18.36 -33.39
CA TYR D 513 -13.91 -17.97 -32.91
C TYR D 513 -13.35 -16.88 -33.82
N PRO D 514 -12.51 -15.98 -33.28
CA PRO D 514 -11.90 -14.94 -34.12
C PRO D 514 -11.10 -15.55 -35.26
N SER D 515 -11.31 -15.02 -36.46
CA SER D 515 -10.68 -15.61 -37.64
C SER D 515 -9.17 -15.40 -37.64
N TYR D 516 -8.69 -14.33 -37.03
CA TYR D 516 -7.26 -14.05 -37.05
C TYR D 516 -6.47 -14.90 -36.05
N LYS D 517 -7.15 -15.62 -35.16
CA LYS D 517 -6.51 -16.42 -34.13
C LYS D 517 -6.14 -17.82 -34.59
N VAL D 518 -6.38 -18.16 -35.86
CA VAL D 518 -6.07 -19.50 -36.34
C VAL D 518 -5.10 -19.43 -37.50
N ARG D 519 -4.72 -20.58 -38.02
CA ARG D 519 -3.70 -20.69 -39.06
C ARG D 519 -3.98 -21.95 -39.87
N GLU D 520 -3.75 -21.85 -41.18
CA GLU D 520 -4.09 -22.95 -42.08
C GLU D 520 -3.13 -24.11 -41.89
N LYS D 521 -3.68 -25.31 -41.70
CA LYS D 521 -2.88 -26.53 -41.57
C LYS D 521 -2.71 -27.15 -42.95
N ILE D 522 -1.52 -26.95 -43.53
CA ILE D 522 -1.22 -27.47 -44.86
C ILE D 522 -0.92 -28.96 -44.76
N GLU D 523 -1.46 -29.73 -45.72
CA GLU D 523 -1.31 -31.17 -45.76
C GLU D 523 -0.41 -31.55 -46.94
N THR D 524 0.44 -32.56 -46.75
CA THR D 524 1.32 -33.03 -47.79
C THR D 524 1.09 -34.51 -48.06
N VAL D 525 1.42 -34.93 -49.29
CA VAL D 525 1.30 -36.31 -49.73
C VAL D 525 2.48 -36.63 -50.63
N LYS D 526 3.06 -37.82 -50.45
CA LYS D 526 4.16 -38.30 -51.28
C LYS D 526 3.65 -38.69 -52.67
N TYR D 527 3.88 -37.83 -53.65
CA TYR D 527 3.54 -38.13 -55.04
C TYR D 527 4.71 -38.81 -55.75
N PRO D 528 4.46 -39.40 -56.93
CA PRO D 528 5.55 -40.05 -57.68
C PRO D 528 6.67 -39.15 -58.20
N THR D 529 6.52 -37.83 -58.20
CA THR D 529 7.54 -36.91 -58.71
C THR D 529 7.73 -37.01 -60.23
N TYR D 530 7.75 -38.23 -60.77
CA TYR D 530 8.05 -38.51 -62.16
C TYR D 530 9.34 -37.89 -62.65
N PRO D 531 10.51 -38.39 -62.22
CA PRO D 531 11.77 -37.78 -62.64
C PRO D 531 12.09 -38.00 -64.11
N GLU D 532 11.53 -39.05 -64.74
CA GLU D 532 11.80 -39.31 -66.14
C GLU D 532 11.30 -38.21 -67.07
N ALA D 533 10.31 -37.42 -66.64
CA ALA D 533 9.82 -36.32 -67.45
C ALA D 533 10.88 -35.26 -67.72
N GLU D 534 11.98 -35.27 -66.97
CA GLU D 534 13.04 -34.28 -67.14
C GLU D 534 14.09 -34.76 -68.13
N LEU E 68 -33.36 55.31 59.50
CA LEU E 68 -34.31 54.20 59.59
C LEU E 68 -35.75 54.71 59.61
N GLY E 69 -36.64 53.95 58.98
CA GLY E 69 -38.02 54.36 58.85
C GLY E 69 -38.81 54.10 60.12
N LYS E 70 -39.66 55.08 60.47
CA LYS E 70 -40.50 54.96 61.66
C LYS E 70 -41.50 53.82 61.52
N ASP E 71 -42.19 53.76 60.38
CA ASP E 71 -43.18 52.71 60.16
C ASP E 71 -42.56 51.32 60.21
N HIS E 72 -41.35 51.17 59.68
CA HIS E 72 -40.66 49.88 59.74
C HIS E 72 -40.48 49.40 61.17
N GLU E 73 -40.09 50.32 62.07
CA GLU E 73 -39.85 49.93 63.45
C GLU E 73 -41.15 49.61 64.18
N ILE E 74 -42.18 50.42 63.96
CA ILE E 74 -43.49 50.15 64.55
C ILE E 74 -43.97 48.76 64.13
N LEU E 75 -43.80 48.43 62.85
CA LEU E 75 -44.25 47.13 62.37
C LEU E 75 -43.43 46.00 62.99
N ARG E 76 -42.11 46.16 63.04
CA ARG E 76 -41.26 45.12 63.61
C ARG E 76 -41.65 44.84 65.06
N ARG E 77 -41.89 45.89 65.84
CA ARG E 77 -42.28 45.70 67.24
C ARG E 77 -43.66 45.06 67.34
N ARG E 78 -44.59 45.43 66.46
CA ARG E 78 -45.91 44.81 66.50
C ARG E 78 -45.84 43.33 66.16
N ILE E 79 -44.91 42.94 65.29
CA ILE E 79 -44.71 41.52 64.99
C ILE E 79 -44.06 40.84 66.19
N GLU E 80 -43.05 41.47 66.78
CA GLU E 80 -42.39 40.93 67.96
C GLU E 80 -43.39 40.75 69.11
N ASN E 81 -44.21 41.76 69.36
CA ASN E 81 -45.18 41.67 70.45
C ASN E 81 -46.30 40.70 70.12
N GLY E 82 -46.75 40.69 68.87
CA GLY E 82 -47.78 39.74 68.48
C GLY E 82 -47.35 38.30 68.71
N ALA E 83 -46.07 38.01 68.48
CA ALA E 83 -45.54 36.69 68.79
C ALA E 83 -45.55 36.43 70.30
N LYS E 84 -45.22 37.44 71.09
CA LYS E 84 -45.25 37.30 72.55
C LYS E 84 -46.66 36.94 73.03
N GLU E 85 -47.65 37.76 72.67
CA GLU E 85 -49.02 37.50 73.11
C GLU E 85 -49.55 36.19 72.59
N LEU E 86 -49.10 35.76 71.41
CA LEU E 86 -49.47 34.43 70.93
C LEU E 86 -48.90 33.36 71.85
N TRP E 87 -47.65 33.52 72.29
CA TRP E 87 -47.03 32.54 73.17
C TRP E 87 -47.73 32.47 74.53
N PHE E 88 -48.08 33.63 75.10
CA PHE E 88 -48.88 33.65 76.33
C PHE E 88 -50.20 32.91 76.12
N PHE E 89 -50.88 33.19 75.01
CA PHE E 89 -52.17 32.55 74.74
C PHE E 89 -52.02 31.04 74.63
N LEU E 90 -50.93 30.57 74.02
CA LEU E 90 -50.71 29.14 73.85
C LEU E 90 -50.57 28.43 75.19
N GLN E 91 -49.66 28.93 76.04
CA GLN E 91 -49.45 28.33 77.35
C GLN E 91 -50.73 28.33 78.17
N SER E 92 -51.50 29.42 78.12
CA SER E 92 -52.71 29.52 78.92
C SER E 92 -53.74 28.46 78.54
N GLU E 93 -54.09 28.37 77.26
CA GLU E 93 -55.19 27.50 76.86
C GLU E 93 -54.79 26.03 76.93
N LEU E 94 -53.55 25.70 76.58
CA LEU E 94 -53.11 24.31 76.70
C LEU E 94 -53.17 23.84 78.15
N LYS E 95 -52.84 24.73 79.09
CA LYS E 95 -53.01 24.42 80.50
C LYS E 95 -54.44 24.02 80.80
N LYS E 96 -55.41 24.72 80.22
CA LYS E 96 -56.82 24.38 80.42
C LYS E 96 -57.19 23.08 79.72
N LEU E 97 -56.63 22.83 78.53
CA LEU E 97 -57.00 21.66 77.75
C LEU E 97 -56.62 20.36 78.44
N LYS E 98 -55.53 20.34 79.21
CA LYS E 98 -55.11 19.14 79.91
C LYS E 98 -56.13 18.64 80.92
N ASN E 99 -57.14 19.45 81.27
CA ASN E 99 -58.14 19.06 82.26
C ASN E 99 -59.51 18.80 81.64
N LEU E 100 -59.56 18.47 80.35
CA LEU E 100 -60.81 18.26 79.64
C LEU E 100 -60.82 16.91 78.95
N GLU E 101 -62.00 16.34 78.81
CA GLU E 101 -62.19 15.05 78.15
C GLU E 101 -63.34 15.16 77.15
N GLY E 102 -63.29 14.28 76.13
CA GLY E 102 -64.35 14.11 75.18
C GLY E 102 -64.90 15.35 74.51
N ASN E 103 -66.22 15.59 74.66
CA ASN E 103 -66.87 16.66 73.93
C ASN E 103 -66.37 18.04 74.35
N GLU E 104 -66.31 18.30 75.66
CA GLU E 104 -65.85 19.60 76.12
C GLU E 104 -64.40 19.86 75.70
N LEU E 105 -63.58 18.80 75.68
CA LEU E 105 -62.22 18.94 75.16
C LEU E 105 -62.23 19.38 73.71
N GLN E 106 -63.00 18.69 72.87
CA GLN E 106 -63.04 19.00 71.45
C GLN E 106 -63.71 20.35 71.19
N ARG E 107 -64.72 20.69 71.98
CA ARG E 107 -65.41 21.97 71.83
C ARG E 107 -64.44 23.15 71.97
N HIS E 108 -63.72 23.20 73.10
CA HIS E 108 -62.76 24.29 73.30
C HIS E 108 -61.59 24.20 72.33
N ALA E 109 -61.21 22.99 71.93
CA ALA E 109 -60.13 22.84 70.95
C ALA E 109 -60.47 23.52 69.62
N ASP E 110 -61.73 23.40 69.18
CA ASP E 110 -62.14 24.05 67.94
C ASP E 110 -62.17 25.57 68.11
N GLU E 111 -62.72 26.05 69.22
CA GLU E 111 -62.67 27.48 69.51
C GLU E 111 -61.24 27.98 69.58
N PHE E 112 -60.35 27.16 70.14
CA PHE E 112 -58.94 27.50 70.22
C PHE E 112 -58.35 27.80 68.84
N LEU E 113 -58.54 26.87 67.89
CA LEU E 113 -57.98 27.04 66.56
C LEU E 113 -58.51 28.30 65.86
N LEU E 114 -59.79 28.60 66.05
CA LEU E 114 -60.38 29.77 65.42
C LEU E 114 -59.71 31.05 65.91
N ASP E 115 -59.57 31.21 67.22
CA ASP E 115 -58.90 32.38 67.76
C ASP E 115 -57.45 32.42 67.30
N LEU E 116 -56.79 31.26 67.23
CA LEU E 116 -55.40 31.21 66.80
C LEU E 116 -55.26 31.64 65.34
N GLY E 117 -56.20 31.22 64.49
CA GLY E 117 -56.12 31.57 63.08
C GLY E 117 -56.01 33.06 62.83
N HIS E 118 -56.91 33.83 63.43
CA HIS E 118 -56.87 35.28 63.26
C HIS E 118 -55.58 35.86 63.83
N HIS E 119 -55.19 35.42 65.02
CA HIS E 119 -53.94 35.89 65.63
C HIS E 119 -52.76 35.66 64.70
N GLU E 120 -52.67 34.46 64.12
CA GLU E 120 -51.58 34.16 63.20
C GLU E 120 -51.65 35.06 61.97
N ARG E 121 -52.85 35.19 61.40
CA ARG E 121 -53.02 35.99 60.20
C ARG E 121 -52.75 37.47 60.45
N SER E 122 -53.00 37.95 61.67
CA SER E 122 -52.64 39.32 62.01
C SER E 122 -51.13 39.52 61.93
N ILE E 123 -50.36 38.56 62.43
CA ILE E 123 -48.90 38.63 62.34
C ILE E 123 -48.46 38.61 60.87
N MET E 124 -49.01 37.69 60.09
CA MET E 124 -48.67 37.60 58.67
C MET E 124 -49.03 38.88 57.92
N THR E 125 -50.09 39.56 58.33
CA THR E 125 -50.43 40.84 57.71
C THR E 125 -49.34 41.87 57.98
N ASP E 126 -48.90 41.98 59.23
CA ASP E 126 -47.80 42.88 59.56
C ASP E 126 -46.52 42.49 58.84
N LEU E 127 -46.29 41.19 58.65
CA LEU E 127 -45.12 40.75 57.91
C LEU E 127 -45.18 41.21 56.46
N TYR E 128 -46.37 41.18 55.86
CA TYR E 128 -46.51 41.71 54.51
C TYR E 128 -46.28 43.22 54.49
N TYR E 129 -46.93 43.95 55.41
CA TYR E 129 -46.73 45.39 55.49
C TYR E 129 -45.26 45.74 55.69
N LEU E 130 -44.54 44.93 56.46
CA LEU E 130 -43.13 45.20 56.71
C LEU E 130 -42.29 45.01 55.47
N SER E 131 -42.65 44.04 54.61
CA SER E 131 -41.93 43.81 53.38
C SER E 131 -42.13 44.92 52.35
N GLN E 132 -42.89 45.97 52.69
CA GLN E 132 -43.23 47.03 51.75
C GLN E 132 -42.78 48.41 52.18
N THR E 133 -42.73 48.69 53.48
CA THR E 133 -42.57 50.05 53.97
C THR E 133 -41.19 50.62 53.64
N ASP E 134 -41.14 51.95 53.59
CA ASP E 134 -39.89 52.71 53.41
C ASP E 134 -39.18 52.31 52.12
N GLY E 135 -39.94 52.15 51.04
CA GLY E 135 -39.37 51.88 49.75
C GLY E 135 -38.99 50.44 49.51
N ALA E 136 -39.30 49.53 50.46
CA ALA E 136 -38.99 48.12 50.26
C ALA E 136 -39.71 47.57 49.05
N GLY E 137 -40.99 47.93 48.87
CA GLY E 137 -41.71 47.50 47.69
C GLY E 137 -41.15 48.08 46.41
N ASP E 138 -40.92 49.40 46.40
CA ASP E 138 -40.38 50.06 45.21
C ASP E 138 -39.02 49.47 44.84
N TRP E 139 -38.15 49.28 45.83
CA TRP E 139 -36.82 48.75 45.54
C TRP E 139 -36.91 47.31 45.02
N ARG E 140 -37.69 46.47 45.70
CA ARG E 140 -37.79 45.08 45.29
C ARG E 140 -38.37 44.97 43.88
N GLU E 141 -39.36 45.81 43.56
CA GLU E 141 -39.93 45.78 42.22
C GLU E 141 -38.93 46.24 41.16
N LYS E 142 -38.19 47.31 41.44
CA LYS E 142 -37.19 47.78 40.49
C LYS E 142 -36.07 46.76 40.32
N GLU E 143 -35.58 46.19 41.42
CA GLU E 143 -34.45 45.26 41.33
C GLU E 143 -34.85 43.98 40.61
N ALA E 144 -36.06 43.48 40.86
CA ALA E 144 -36.56 42.33 40.11
C ALA E 144 -36.73 42.67 38.64
N LYS E 145 -37.09 43.91 38.33
CA LYS E 145 -37.23 44.33 36.93
C LYS E 145 -35.87 44.28 36.22
N ASP E 146 -34.84 44.85 36.83
CA ASP E 146 -33.52 44.87 36.20
C ASP E 146 -33.01 43.47 35.93
N LEU E 147 -33.22 42.56 36.88
CA LEU E 147 -32.76 41.19 36.70
C LEU E 147 -33.43 40.53 35.51
N THR E 148 -34.75 40.66 35.40
CA THR E 148 -35.47 40.10 34.26
C THR E 148 -34.96 40.69 32.94
N GLU E 149 -34.94 42.02 32.85
CA GLU E 149 -34.44 42.67 31.64
C GLU E 149 -33.05 42.16 31.27
N LEU E 150 -32.17 42.05 32.27
CA LEU E 150 -30.82 41.57 32.02
C LEU E 150 -30.84 40.15 31.44
N VAL E 151 -31.58 39.25 32.08
CA VAL E 151 -31.61 37.86 31.63
C VAL E 151 -32.25 37.75 30.25
N GLN E 152 -33.42 38.37 30.06
CA GLN E 152 -34.07 38.37 28.76
C GLN E 152 -33.17 38.96 27.68
N ARG E 153 -32.44 40.03 28.01
CA ARG E 153 -31.46 40.60 27.09
C ARG E 153 -30.42 39.57 26.67
N ARG E 154 -29.92 38.79 27.64
CA ARG E 154 -28.89 37.80 27.34
C ARG E 154 -29.46 36.63 26.53
N ILE E 155 -30.67 36.19 26.89
CA ILE E 155 -31.29 35.09 26.14
C ILE E 155 -31.54 35.50 24.69
N THR E 156 -32.07 36.71 24.50
CA THR E 156 -32.30 37.21 23.14
C THR E 156 -31.00 37.30 22.36
N TYR E 157 -29.95 37.87 22.96
CA TYR E 157 -28.66 37.96 22.29
C TYR E 157 -28.17 36.59 21.86
N LEU E 158 -28.25 35.61 22.76
CA LEU E 158 -27.82 34.26 22.42
C LEU E 158 -28.66 33.68 21.29
N GLN E 159 -29.97 33.94 21.30
CA GLN E 159 -30.88 33.35 20.35
C GLN E 159 -30.82 33.99 18.97
N ASN E 160 -30.17 35.15 18.83
CA ASN E 160 -30.16 35.89 17.57
C ASN E 160 -28.72 36.22 17.19
N PRO E 161 -27.98 35.24 16.69
CA PRO E 161 -26.66 35.54 16.14
C PRO E 161 -26.77 36.23 14.79
N LYS E 162 -25.72 36.96 14.43
CA LYS E 162 -25.71 37.64 13.14
C LYS E 162 -25.61 36.64 11.98
N ASP E 163 -24.73 35.65 12.10
CA ASP E 163 -24.53 34.64 11.06
C ASP E 163 -25.12 33.32 11.56
N CYS E 164 -26.23 32.91 10.96
CA CYS E 164 -26.87 31.66 11.37
C CYS E 164 -26.06 30.45 10.93
N SER E 165 -25.52 30.49 9.71
CA SER E 165 -24.79 29.34 9.19
C SER E 165 -23.53 29.06 9.99
N LYS E 166 -23.00 30.06 10.70
CA LYS E 166 -21.77 29.91 11.47
C LYS E 166 -22.00 29.84 12.97
N ALA E 167 -23.23 30.07 13.43
CA ALA E 167 -23.51 29.98 14.86
C ALA E 167 -23.55 28.53 15.31
N LYS E 168 -23.14 28.32 16.57
CA LYS E 168 -23.22 27.00 17.20
C LYS E 168 -24.61 26.79 17.77
N LYS E 169 -25.17 25.60 17.53
CA LYS E 169 -26.58 25.35 17.76
C LYS E 169 -26.80 24.10 18.61
N LEU E 170 -27.89 24.13 19.39
CA LEU E 170 -28.37 22.99 20.15
C LEU E 170 -29.80 22.68 19.73
N VAL E 171 -30.03 21.46 19.24
CA VAL E 171 -31.32 21.07 18.67
C VAL E 171 -32.15 20.33 19.72
N CYS E 172 -33.40 20.75 19.87
CA CYS E 172 -34.35 20.14 20.80
C CYS E 172 -35.59 19.71 20.05
N ASN E 173 -36.07 18.50 20.30
CA ASN E 173 -37.30 17.99 19.71
C ASN E 173 -38.42 18.03 20.74
N ILE E 174 -39.55 18.61 20.37
CA ILE E 174 -40.60 18.88 21.35
C ILE E 174 -41.44 17.65 21.69
N ASN E 175 -41.46 16.62 20.84
CA ASN E 175 -42.44 15.54 20.94
C ASN E 175 -42.05 14.52 22.03
N LYS E 176 -42.02 15.00 23.25
CA LYS E 176 -41.83 14.12 24.41
C LYS E 176 -43.15 13.46 24.75
N GLY E 177 -43.14 12.13 24.89
CA GLY E 177 -44.35 11.39 25.12
C GLY E 177 -44.99 11.67 26.47
N CYS E 178 -45.63 12.83 26.58
CA CYS E 178 -46.26 13.26 27.82
C CYS E 178 -47.15 14.45 27.51
N GLY E 179 -47.72 15.03 28.57
CA GLY E 179 -48.63 16.15 28.43
C GLY E 179 -47.93 17.42 28.00
N TYR E 180 -48.69 18.52 28.03
CA TYR E 180 -48.20 19.80 27.54
C TYR E 180 -47.15 20.38 28.50
N GLY E 181 -47.50 20.48 29.78
CA GLY E 181 -46.56 21.02 30.75
C GLY E 181 -45.25 20.25 30.78
N CYS E 182 -45.33 18.91 30.77
CA CYS E 182 -44.13 18.10 30.68
C CYS E 182 -43.38 18.36 29.38
N GLN E 183 -44.10 18.49 28.27
CA GLN E 183 -43.45 18.81 27.01
C GLN E 183 -42.81 20.19 27.06
N LEU E 184 -43.50 21.16 27.66
CA LEU E 184 -42.96 22.51 27.77
C LEU E 184 -41.70 22.52 28.64
N HIS E 185 -41.71 21.78 29.74
CA HIS E 185 -40.52 21.72 30.59
C HIS E 185 -39.36 21.06 29.88
N HIS E 186 -39.63 20.11 28.98
CA HIS E 186 -38.57 19.56 28.15
C HIS E 186 -37.89 20.64 27.31
N VAL E 187 -38.67 21.60 26.81
CA VAL E 187 -38.09 22.70 26.03
C VAL E 187 -37.28 23.61 26.94
N VAL E 188 -37.82 23.94 28.12
CA VAL E 188 -37.08 24.74 29.09
C VAL E 188 -35.81 24.02 29.51
N TYR E 189 -35.92 22.72 29.80
CA TYR E 189 -34.74 21.90 30.07
C TYR E 189 -33.73 22.01 28.94
N CYS E 190 -34.21 21.95 27.69
CA CYS E 190 -33.33 22.19 26.56
C CYS E 190 -32.76 23.61 26.59
N PHE E 191 -33.60 24.60 26.88
CA PHE E 191 -33.19 25.99 26.77
C PHE E 191 -32.12 26.34 27.80
N MET E 192 -32.25 25.82 29.03
CA MET E 192 -31.27 26.13 30.06
C MET E 192 -29.89 25.65 29.68
N ILE E 193 -29.81 24.47 29.07
CA ILE E 193 -28.51 23.93 28.65
C ILE E 193 -27.93 24.76 27.51
N ALA E 194 -28.77 25.15 26.56
CA ALA E 194 -28.32 26.04 25.49
C ALA E 194 -27.76 27.34 26.03
N TYR E 195 -28.35 27.87 27.10
CA TYR E 195 -27.83 29.08 27.73
C TYR E 195 -26.45 28.85 28.32
N GLY E 196 -26.29 27.75 29.06
CA GLY E 196 -25.02 27.48 29.70
C GLY E 196 -23.90 27.16 28.73
N THR E 197 -24.24 26.61 27.57
CA THR E 197 -23.25 26.19 26.59
C THR E 197 -23.05 27.21 25.47
N GLN E 198 -23.70 28.37 25.55
CA GLN E 198 -23.57 29.42 24.53
C GLN E 198 -23.93 28.90 23.14
N ARG E 199 -25.00 28.12 23.06
CA ARG E 199 -25.50 27.61 21.79
C ARG E 199 -26.89 28.17 21.53
N THR E 200 -27.17 28.46 20.26
CA THR E 200 -28.48 28.94 19.87
C THR E 200 -29.47 27.79 19.80
N LEU E 201 -30.66 28.01 20.34
CA LEU E 201 -31.67 26.95 20.44
C LEU E 201 -32.43 26.81 19.13
N ILE E 202 -32.42 25.60 18.57
CA ILE E 202 -33.25 25.24 17.43
C ILE E 202 -34.28 24.24 17.90
N LEU E 203 -35.56 24.58 17.75
CA LEU E 203 -36.66 23.77 18.28
C LEU E 203 -37.42 23.15 17.12
N GLU E 204 -37.24 21.84 16.93
CA GLU E 204 -38.01 21.09 15.95
C GLU E 204 -39.38 20.74 16.53
N SER E 205 -40.44 21.29 15.93
CA SER E 205 -41.78 21.21 16.51
C SER E 205 -42.82 20.65 15.53
N GLN E 206 -42.40 20.09 14.40
CA GLN E 206 -43.36 19.54 13.46
C GLN E 206 -44.04 18.30 14.04
N ASN E 207 -45.30 18.09 13.63
CA ASN E 207 -46.13 16.98 14.10
C ASN E 207 -46.42 17.06 15.61
N TRP E 208 -46.27 18.24 16.20
CA TRP E 208 -46.61 18.46 17.59
C TRP E 208 -47.99 17.90 17.91
N ARG E 209 -48.05 17.03 18.92
CA ARG E 209 -49.26 16.27 19.21
C ARG E 209 -50.43 17.17 19.62
N TYR E 210 -50.16 18.34 20.18
CA TYR E 210 -51.22 19.28 20.51
C TYR E 210 -51.60 20.18 19.34
N ALA E 211 -50.71 20.36 18.38
CA ALA E 211 -50.94 21.26 17.26
C ALA E 211 -49.94 20.86 16.17
N THR E 212 -50.39 19.98 15.28
CA THR E 212 -49.51 19.44 14.25
C THR E 212 -48.85 20.53 13.43
N GLY E 213 -49.41 21.73 13.39
CA GLY E 213 -48.76 22.82 12.68
C GLY E 213 -47.39 23.16 13.20
N GLY E 214 -47.17 23.04 14.51
CA GLY E 214 -45.87 23.24 15.10
C GLY E 214 -45.91 24.28 16.20
N TRP E 215 -44.72 24.68 16.64
CA TRP E 215 -44.58 25.63 17.74
C TRP E 215 -45.27 26.96 17.45
N GLU E 216 -45.08 27.48 16.23
CA GLU E 216 -45.60 28.80 15.89
C GLU E 216 -47.11 28.85 15.75
N THR E 217 -47.81 27.76 16.05
CA THR E 217 -49.27 27.81 16.11
C THR E 217 -49.74 28.80 17.15
N VAL E 218 -49.01 28.92 18.26
CA VAL E 218 -49.46 29.75 19.37
C VAL E 218 -48.37 30.73 19.81
N PHE E 219 -47.11 30.31 19.72
CA PHE E 219 -46.01 31.08 20.29
C PHE E 219 -45.05 31.55 19.22
N ARG E 220 -44.30 32.60 19.55
CA ARG E 220 -43.31 33.16 18.64
C ARG E 220 -42.14 32.20 18.48
N PRO E 221 -41.42 32.28 17.35
CA PRO E 221 -40.23 31.45 17.20
C PRO E 221 -39.13 31.86 18.16
N VAL E 222 -38.35 30.87 18.59
CA VAL E 222 -37.30 31.09 19.57
C VAL E 222 -36.20 32.01 19.05
N SER E 223 -36.11 32.18 17.73
CA SER E 223 -35.09 33.04 17.13
C SER E 223 -35.71 33.86 16.01
N GLU E 224 -35.10 35.02 15.75
CA GLU E 224 -35.48 35.85 14.61
C GLU E 224 -34.50 35.76 13.46
N THR E 225 -33.29 35.28 13.70
CA THR E 225 -32.26 35.21 12.67
C THR E 225 -31.75 33.79 12.41
N CYS E 226 -31.93 32.85 13.34
CA CYS E 226 -31.34 31.52 13.19
C CYS E 226 -32.33 30.47 13.68
N THR E 227 -33.19 30.00 12.77
CA THR E 227 -34.00 28.82 13.00
C THR E 227 -33.59 27.65 12.13
N ASP E 228 -32.67 27.86 11.19
CA ASP E 228 -32.13 26.76 10.39
C ASP E 228 -31.21 25.90 11.24
N ARG E 229 -31.36 24.58 11.13
CA ARG E 229 -30.59 23.63 11.92
C ARG E 229 -29.31 23.19 11.23
N SER E 230 -28.97 23.79 10.10
CA SER E 230 -27.80 23.36 9.34
C SER E 230 -26.52 23.65 10.11
N GLY E 231 -25.46 22.94 9.72
CA GLY E 231 -24.16 23.08 10.34
C GLY E 231 -23.15 22.16 9.69
N ILE E 232 -21.88 22.56 9.69
CA ILE E 232 -20.87 21.77 9.02
C ILE E 232 -20.62 20.44 9.74
N SER E 233 -21.05 20.33 10.99
CA SER E 233 -20.89 19.10 11.76
C SER E 233 -22.05 18.97 12.74
N THR E 234 -22.67 17.78 12.76
CA THR E 234 -23.81 17.51 13.62
C THR E 234 -23.61 16.16 14.28
N GLY E 235 -23.98 16.08 15.56
CA GLY E 235 -23.85 14.85 16.31
C GLY E 235 -24.68 14.90 17.58
N HIS E 236 -24.80 13.75 18.22
CA HIS E 236 -25.56 13.63 19.44
C HIS E 236 -24.79 14.19 20.63
N TRP E 237 -25.51 14.47 21.71
CA TRP E 237 -24.89 15.06 22.89
C TRP E 237 -23.90 14.10 23.52
N SER E 238 -22.69 14.61 23.78
CA SER E 238 -21.66 13.83 24.45
C SER E 238 -20.93 14.61 25.53
N GLY E 239 -21.35 15.83 25.84
CA GLY E 239 -20.66 16.66 26.80
C GLY E 239 -20.19 17.96 26.20
N GLU E 240 -20.13 19.03 27.01
CA GLU E 240 -19.73 20.33 26.49
C GLU E 240 -18.29 20.30 26.00
N VAL E 241 -17.40 19.63 26.72
CA VAL E 241 -15.99 19.62 26.36
C VAL E 241 -15.79 18.80 25.08
N LYS E 242 -16.38 17.60 25.02
CA LYS E 242 -16.21 16.77 23.83
C LYS E 242 -16.84 17.41 22.59
N ASP E 243 -17.94 18.14 22.78
CA ASP E 243 -18.64 18.78 21.68
C ASP E 243 -18.18 20.21 21.44
N LYS E 244 -16.98 20.57 21.92
CA LYS E 244 -16.52 21.95 21.79
C LYS E 244 -16.36 22.37 20.34
N ASN E 245 -16.17 21.42 19.43
CA ASN E 245 -16.02 21.73 18.01
C ASN E 245 -17.10 21.05 17.17
N VAL E 246 -18.24 20.72 17.78
CA VAL E 246 -19.40 20.23 17.07
C VAL E 246 -20.39 21.39 16.98
N GLN E 247 -20.70 21.81 15.75
CA GLN E 247 -21.55 22.98 15.57
C GLN E 247 -22.99 22.71 15.99
N VAL E 248 -23.51 21.54 15.67
CA VAL E 248 -24.91 21.20 15.91
C VAL E 248 -24.95 19.96 16.80
N VAL E 249 -25.53 20.11 17.98
CA VAL E 249 -25.63 19.03 18.96
C VAL E 249 -27.11 18.77 19.23
N GLU E 250 -27.52 17.52 19.09
CA GLU E 250 -28.91 17.13 19.31
C GLU E 250 -29.06 16.69 20.76
N LEU E 251 -30.01 17.32 21.47
CA LEU E 251 -30.19 17.06 22.88
C LEU E 251 -31.42 16.18 23.09
N PRO E 252 -31.28 15.04 23.76
CA PRO E 252 -32.45 14.21 24.06
C PRO E 252 -33.17 14.72 25.30
N ILE E 253 -34.26 14.03 25.66
CA ILE E 253 -35.02 14.40 26.85
C ILE E 253 -34.18 14.14 28.10
N VAL E 254 -34.54 14.84 29.19
CA VAL E 254 -33.78 14.76 30.43
C VAL E 254 -33.84 13.37 31.03
N ASP E 255 -34.88 12.59 30.69
CA ASP E 255 -35.01 11.24 31.23
C ASP E 255 -33.88 10.33 30.77
N SER E 256 -33.16 10.72 29.72
CA SER E 256 -32.13 9.88 29.14
C SER E 256 -30.81 10.62 28.91
N LEU E 257 -30.63 11.80 29.50
CA LEU E 257 -29.47 12.61 29.20
C LEU E 257 -28.20 12.00 29.80
N HIS E 258 -27.17 11.82 28.97
CA HIS E 258 -25.91 11.24 29.41
C HIS E 258 -24.78 11.75 28.51
N PRO E 259 -23.80 12.47 29.07
CA PRO E 259 -23.70 12.86 30.48
C PRO E 259 -24.49 14.12 30.79
N ARG E 260 -24.74 14.36 32.08
CA ARG E 260 -25.54 15.50 32.50
C ARG E 260 -24.65 16.71 32.74
N PRO E 261 -24.99 17.88 32.19
CA PRO E 261 -24.17 19.07 32.41
C PRO E 261 -24.54 19.76 33.71
N PRO E 262 -23.74 20.73 34.16
CA PRO E 262 -24.07 21.44 35.40
C PRO E 262 -25.20 22.46 35.25
N TYR E 263 -25.58 22.81 34.03
CA TYR E 263 -26.56 23.86 33.78
C TYR E 263 -27.97 23.27 33.89
N LEU E 264 -28.32 22.89 35.10
CA LEU E 264 -29.59 22.23 35.40
C LEU E 264 -30.20 22.84 36.64
N PRO E 265 -31.51 22.65 36.84
CA PRO E 265 -32.12 23.02 38.12
C PRO E 265 -31.62 22.11 39.22
N LEU E 266 -31.66 22.60 40.46
CA LEU E 266 -32.22 23.91 40.81
C LEU E 266 -31.15 24.97 41.04
N ALA E 267 -30.02 24.83 40.35
CA ALA E 267 -28.92 25.78 40.50
C ALA E 267 -29.18 27.05 39.70
N VAL E 268 -28.63 28.15 40.17
CA VAL E 268 -28.78 29.46 39.53
C VAL E 268 -27.40 29.94 39.14
N PRO E 269 -27.31 30.90 38.21
CA PRO E 269 -26.00 31.41 37.80
C PRO E 269 -25.24 32.05 38.96
N GLU E 270 -23.95 31.66 39.07
CA GLU E 270 -23.02 32.29 39.99
C GLU E 270 -23.17 33.80 40.01
N ASP E 271 -23.12 34.41 38.82
CA ASP E 271 -23.10 35.86 38.67
C ASP E 271 -24.40 36.54 39.11
N LEU E 272 -25.47 35.79 39.34
CA LEU E 272 -26.74 36.37 39.73
C LEU E 272 -27.16 36.02 41.15
N ALA E 273 -26.45 35.12 41.82
CA ALA E 273 -26.92 34.57 43.10
C ALA E 273 -27.09 35.65 44.15
N ASP E 274 -26.10 36.52 44.32
CA ASP E 274 -26.15 37.52 45.38
C ASP E 274 -27.36 38.43 45.24
N ARG E 275 -27.58 38.97 44.03
CA ARG E 275 -28.74 39.82 43.81
C ARG E 275 -30.04 39.03 43.91
N LEU E 276 -30.04 37.78 43.45
CA LEU E 276 -31.27 36.98 43.43
C LEU E 276 -31.77 36.68 44.84
N VAL E 277 -30.88 36.20 45.71
CA VAL E 277 -31.28 35.87 47.08
C VAL E 277 -31.78 37.10 47.80
N ARG E 278 -31.14 38.25 47.53
CA ARG E 278 -31.59 39.52 48.11
C ARG E 278 -33.06 39.81 47.80
N VAL E 279 -33.57 39.31 46.68
CA VAL E 279 -34.90 39.67 46.19
C VAL E 279 -35.90 38.53 46.39
N HIS E 280 -35.55 37.33 45.96
CA HIS E 280 -36.51 36.25 45.80
C HIS E 280 -36.40 35.24 46.93
N GLY E 281 -37.55 34.67 47.30
CA GLY E 281 -37.59 33.65 48.34
C GLY E 281 -37.26 32.26 47.84
N ASP E 282 -37.34 32.03 46.53
CA ASP E 282 -36.94 30.76 45.92
C ASP E 282 -36.30 31.08 44.59
N PRO E 283 -35.03 31.49 44.59
CA PRO E 283 -34.37 31.90 43.34
C PRO E 283 -34.29 30.80 42.29
N ALA E 284 -34.41 29.53 42.69
CA ALA E 284 -34.39 28.44 41.71
C ALA E 284 -35.55 28.55 40.73
N VAL E 285 -36.74 28.91 41.24
CA VAL E 285 -37.91 29.03 40.37
C VAL E 285 -37.77 30.25 39.46
N TRP E 286 -37.23 31.35 39.99
CA TRP E 286 -37.05 32.56 39.18
C TRP E 286 -36.19 32.29 37.97
N TRP E 287 -35.07 31.60 38.17
CA TRP E 287 -34.21 31.23 37.04
C TRP E 287 -34.96 30.38 36.03
N VAL E 288 -35.77 29.43 36.51
CA VAL E 288 -36.58 28.61 35.62
C VAL E 288 -37.61 29.47 34.89
N SER E 289 -38.26 30.38 35.60
CA SER E 289 -39.32 31.18 35.01
C SER E 289 -38.83 32.05 33.87
N GLN E 290 -37.57 32.48 33.92
CA GLN E 290 -37.05 33.35 32.88
C GLN E 290 -37.03 32.68 31.52
N PHE E 291 -36.79 31.37 31.48
CA PHE E 291 -36.85 30.64 30.22
C PHE E 291 -38.29 30.38 29.79
N VAL E 292 -39.20 30.23 30.75
CA VAL E 292 -40.63 30.09 30.43
C VAL E 292 -41.16 31.41 29.87
N LYS E 293 -40.83 32.52 30.54
CA LYS E 293 -41.23 33.84 30.07
C LYS E 293 -40.87 34.06 28.60
N TYR E 294 -39.63 33.75 28.22
CA TYR E 294 -39.19 33.97 26.85
C TYR E 294 -39.94 33.08 25.87
N LEU E 295 -40.17 31.82 26.24
CA LEU E 295 -40.74 30.87 25.28
C LEU E 295 -42.19 31.22 24.92
N ILE E 296 -42.99 31.60 25.91
CA ILE E 296 -44.43 31.69 25.73
C ILE E 296 -44.84 33.07 25.23
N ARG E 297 -43.91 33.79 24.61
CA ARG E 297 -44.26 35.01 23.91
C ARG E 297 -45.37 34.71 22.91
N PRO E 298 -46.54 35.32 23.03
CA PRO E 298 -47.69 34.91 22.23
C PRO E 298 -47.67 35.51 20.84
N GLN E 299 -48.20 34.75 19.89
CA GLN E 299 -48.52 35.31 18.60
C GLN E 299 -49.60 36.38 18.77
N PRO E 300 -49.65 37.37 17.87
CA PRO E 300 -50.62 38.46 18.06
C PRO E 300 -52.04 37.98 18.31
N TRP E 301 -52.48 36.97 17.56
CA TRP E 301 -53.82 36.43 17.77
C TRP E 301 -53.96 35.74 19.12
N LEU E 302 -52.90 35.08 19.59
CA LEU E 302 -52.96 34.46 20.92
C LEU E 302 -53.01 35.52 22.00
N GLU E 303 -52.17 36.55 21.88
CA GLU E 303 -52.23 37.69 22.79
C GLU E 303 -53.64 38.27 22.84
N LYS E 304 -54.30 38.34 21.69
CA LYS E 304 -55.67 38.83 21.64
C LYS E 304 -56.62 37.89 22.39
N GLU E 305 -56.52 36.58 22.11
CA GLU E 305 -57.40 35.60 22.74
C GLU E 305 -57.37 35.72 24.26
N ILE E 306 -56.18 35.93 24.82
CA ILE E 306 -56.06 36.13 26.27
C ILE E 306 -56.80 37.38 26.70
N GLU E 307 -56.55 38.49 26.00
CA GLU E 307 -57.20 39.75 26.35
C GLU E 307 -58.72 39.66 26.24
N GLU E 308 -59.22 38.98 25.20
CA GLU E 308 -60.66 38.83 25.06
C GLU E 308 -61.23 37.94 26.17
N ALA E 309 -60.60 36.79 26.40
CA ALA E 309 -61.05 35.89 27.46
C ALA E 309 -61.09 36.59 28.81
N THR E 310 -60.13 37.48 29.06
CA THR E 310 -60.13 38.25 30.31
C THR E 310 -61.44 38.99 30.51
N LYS E 311 -61.88 39.73 29.48
CA LYS E 311 -63.15 40.45 29.59
C LYS E 311 -64.33 39.51 29.66
N LYS E 312 -64.34 38.49 28.80
CA LYS E 312 -65.49 37.60 28.71
C LYS E 312 -65.70 36.83 30.01
N LEU E 313 -64.60 36.36 30.62
CA LEU E 313 -64.69 35.59 31.86
C LEU E 313 -64.94 36.47 33.09
N GLY E 314 -64.84 37.79 32.96
CA GLY E 314 -64.94 38.66 34.11
C GLY E 314 -63.77 38.52 35.07
N PHE E 315 -62.58 38.28 34.54
CA PHE E 315 -61.39 38.02 35.36
C PHE E 315 -60.89 39.34 35.97
N LYS E 316 -61.01 39.46 37.29
CA LYS E 316 -60.56 40.64 38.00
C LYS E 316 -60.05 40.22 39.38
N HIS E 317 -59.21 41.08 39.96
CA HIS E 317 -58.61 40.84 41.26
C HIS E 317 -59.45 41.50 42.36
N PRO E 318 -59.45 40.94 43.58
CA PRO E 318 -58.69 39.76 44.01
C PRO E 318 -59.29 38.44 43.55
N VAL E 319 -58.43 37.49 43.20
CA VAL E 319 -58.87 36.20 42.69
C VAL E 319 -57.85 35.15 43.08
N ILE E 320 -58.34 33.98 43.49
CA ILE E 320 -57.48 32.86 43.87
C ILE E 320 -57.63 31.78 42.81
N GLY E 321 -56.51 31.36 42.24
CA GLY E 321 -56.53 30.32 41.22
C GLY E 321 -56.48 28.95 41.85
N VAL E 322 -57.29 28.04 41.33
CA VAL E 322 -57.38 26.67 41.83
C VAL E 322 -57.26 25.74 40.64
N HIS E 323 -56.40 24.71 40.77
CA HIS E 323 -56.17 23.74 39.72
C HIS E 323 -56.46 22.35 40.26
N VAL E 324 -57.57 21.77 39.79
CA VAL E 324 -57.98 20.42 40.20
C VAL E 324 -57.65 19.48 39.06
N ARG E 325 -56.48 18.83 39.14
CA ARG E 325 -56.06 17.86 38.14
C ARG E 325 -56.57 16.48 38.56
N ARG E 326 -57.32 15.84 37.68
CA ARG E 326 -57.84 14.51 37.96
C ARG E 326 -57.73 13.61 36.73
N THR E 327 -58.86 13.06 36.29
CA THR E 327 -58.91 12.13 35.16
C THR E 327 -57.85 11.05 35.26
N ASP E 328 -56.90 11.03 34.32
CA ASP E 328 -55.90 9.96 34.25
C ASP E 328 -54.76 10.15 35.24
N LYS E 329 -54.64 11.32 35.85
CA LYS E 329 -53.60 11.53 36.85
C LYS E 329 -53.84 10.65 38.07
N VAL E 330 -55.10 10.43 38.43
CA VAL E 330 -55.42 9.61 39.59
C VAL E 330 -55.01 8.18 39.32
N GLY E 331 -54.31 7.58 40.28
CA GLY E 331 -53.88 6.20 40.18
C GLY E 331 -52.54 5.99 39.51
N THR E 332 -52.04 6.98 38.77
CA THR E 332 -50.78 6.84 38.04
C THR E 332 -49.66 7.68 38.62
N GLU E 333 -49.90 8.97 38.88
CA GLU E 333 -48.86 9.85 39.37
C GLU E 333 -49.27 10.71 40.56
N ALA E 334 -50.54 10.66 40.96
CA ALA E 334 -51.04 11.49 42.06
C ALA E 334 -52.33 10.87 42.57
N ALA E 335 -53.03 11.60 43.44
CA ALA E 335 -54.23 11.09 44.07
C ALA E 335 -55.42 12.01 43.83
N PHE E 336 -56.61 11.49 44.14
CA PHE E 336 -57.82 12.28 44.10
C PHE E 336 -57.85 13.24 45.29
N HIS E 337 -58.36 14.44 45.05
CA HIS E 337 -58.48 15.43 46.12
C HIS E 337 -59.85 16.09 46.04
N PRO E 338 -60.67 15.95 47.09
CA PRO E 338 -61.98 16.62 47.09
C PRO E 338 -61.84 18.13 46.96
N ILE E 339 -62.91 18.75 46.47
CA ILE E 339 -62.90 20.20 46.30
C ILE E 339 -62.68 20.90 47.64
N GLU E 340 -63.19 20.32 48.73
CA GLU E 340 -63.02 20.92 50.04
C GLU E 340 -61.56 21.01 50.44
N GLU E 341 -60.74 20.04 50.03
CA GLU E 341 -59.31 20.07 50.32
C GLU E 341 -58.67 21.35 49.80
N TYR E 342 -59.00 21.72 48.56
CA TYR E 342 -58.50 22.97 48.00
C TYR E 342 -59.10 24.17 48.70
N MET E 343 -60.40 24.10 49.00
CA MET E 343 -61.15 25.30 49.40
C MET E 343 -60.79 25.77 50.81
N VAL E 344 -60.32 24.88 51.68
CA VAL E 344 -59.96 25.30 53.03
C VAL E 344 -58.81 26.31 52.98
N HIS E 345 -57.88 26.12 52.04
CA HIS E 345 -56.78 27.06 51.88
C HIS E 345 -57.20 28.30 51.10
N VAL E 346 -58.17 28.15 50.20
CA VAL E 346 -58.73 29.32 49.53
C VAL E 346 -59.40 30.23 50.56
N GLU E 347 -60.34 29.67 51.33
CA GLU E 347 -61.01 30.43 52.37
C GLU E 347 -60.01 31.03 53.35
N GLU E 348 -58.98 30.26 53.71
CA GLU E 348 -57.96 30.74 54.64
C GLU E 348 -57.24 31.96 54.09
N HIS E 349 -56.83 31.91 52.82
CA HIS E 349 -56.06 33.02 52.26
C HIS E 349 -56.92 34.24 51.97
N PHE E 350 -58.21 34.04 51.65
CA PHE E 350 -59.09 35.18 51.47
C PHE E 350 -59.28 35.94 52.78
N GLN E 351 -59.34 35.21 53.90
CA GLN E 351 -59.40 35.86 55.20
C GLN E 351 -58.14 36.68 55.45
N LEU E 352 -56.98 36.19 54.99
CA LEU E 352 -55.75 36.95 55.13
C LEU E 352 -55.80 38.24 54.33
N LEU E 353 -56.24 38.16 53.07
CA LEU E 353 -56.32 39.35 52.23
C LEU E 353 -57.31 40.37 52.81
N ALA E 354 -58.42 39.91 53.37
CA ALA E 354 -59.41 40.81 53.93
C ALA E 354 -58.84 41.66 55.06
N ARG E 355 -57.77 41.20 55.72
CA ARG E 355 -57.13 41.98 56.77
C ARG E 355 -56.37 43.19 56.23
N ARG E 356 -56.10 43.23 54.92
CA ARG E 356 -55.28 44.27 54.32
C ARG E 356 -55.98 45.02 53.21
N MET E 357 -57.17 44.59 52.77
CA MET E 357 -57.87 45.22 51.67
C MET E 357 -59.34 44.88 51.76
N GLN E 358 -60.17 45.73 51.16
CA GLN E 358 -61.58 45.43 51.04
C GLN E 358 -61.81 44.38 49.96
N VAL E 359 -62.48 43.30 50.32
CA VAL E 359 -62.77 42.21 49.40
C VAL E 359 -64.26 42.28 49.08
N ASP E 360 -64.58 42.71 47.87
CA ASP E 360 -65.97 42.76 47.42
C ASP E 360 -66.55 41.36 47.29
N LYS E 361 -65.94 40.53 46.46
CA LYS E 361 -66.42 39.18 46.21
C LYS E 361 -65.23 38.23 46.21
N LYS E 362 -65.44 37.03 46.76
CA LYS E 362 -64.40 36.01 46.80
C LYS E 362 -64.37 35.31 45.45
N ARG E 363 -63.41 35.68 44.61
CA ARG E 363 -63.30 35.16 43.26
C ARG E 363 -62.33 34.00 43.22
N VAL E 364 -62.71 32.94 42.53
CA VAL E 364 -61.87 31.76 42.32
C VAL E 364 -61.86 31.45 40.84
N TYR E 365 -60.67 31.40 40.24
CA TYR E 365 -60.53 30.92 38.87
C TYR E 365 -60.28 29.42 38.93
N LEU E 366 -61.29 28.64 38.57
CA LEU E 366 -61.17 27.20 38.57
C LEU E 366 -60.62 26.71 37.24
N ALA E 367 -59.60 25.87 37.30
CA ALA E 367 -59.01 25.25 36.13
C ALA E 367 -58.90 23.76 36.42
N THR E 368 -59.68 22.96 35.70
CA THR E 368 -59.72 21.52 35.99
C THR E 368 -60.02 20.77 34.70
N ASP E 369 -59.66 19.49 34.70
CA ASP E 369 -60.06 18.57 33.65
C ASP E 369 -61.28 17.74 34.04
N ASP E 370 -61.93 18.08 35.14
CA ASP E 370 -63.19 17.46 35.54
C ASP E 370 -64.32 18.44 35.29
N PRO E 371 -65.04 18.34 34.17
CA PRO E 371 -66.07 19.34 33.86
C PRO E 371 -67.28 19.27 34.77
N SER E 372 -67.56 18.12 35.39
CA SER E 372 -68.67 18.00 36.31
C SER E 372 -68.44 18.76 37.61
N LEU E 373 -67.23 19.28 37.84
CA LEU E 373 -66.89 19.88 39.11
C LEU E 373 -67.49 21.27 39.28
N LEU E 374 -67.51 22.07 38.21
CA LEU E 374 -67.89 23.48 38.33
C LEU E 374 -69.30 23.65 38.88
N LYS E 375 -70.26 22.84 38.41
CA LYS E 375 -71.60 22.91 38.96
C LYS E 375 -71.59 22.52 40.44
N GLU E 376 -70.89 21.44 40.76
CA GLU E 376 -70.77 21.00 42.15
C GLU E 376 -70.10 22.06 43.01
N ALA E 377 -69.06 22.71 42.48
CA ALA E 377 -68.33 23.73 43.24
C ALA E 377 -69.23 24.92 43.54
N LYS E 378 -69.97 25.40 42.54
CA LYS E 378 -70.90 26.50 42.75
C LYS E 378 -71.91 26.17 43.84
N THR E 379 -72.37 24.91 43.88
CA THR E 379 -73.38 24.51 44.86
C THR E 379 -72.81 24.54 46.27
N LYS E 380 -71.66 23.89 46.49
CA LYS E 380 -71.10 23.77 47.82
C LYS E 380 -70.58 25.10 48.36
N TYR E 381 -70.30 26.07 47.48
CA TYR E 381 -69.73 27.35 47.86
C TYR E 381 -70.52 28.45 47.17
N PRO E 382 -71.74 28.71 47.63
CA PRO E 382 -72.60 29.68 46.92
C PRO E 382 -72.12 31.11 47.01
N ASN E 383 -71.41 31.48 48.08
CA ASN E 383 -70.93 32.84 48.23
C ASN E 383 -69.61 33.08 47.49
N TYR E 384 -69.20 32.16 46.62
CA TYR E 384 -68.00 32.29 45.82
C TYR E 384 -68.35 32.52 44.36
N GLU E 385 -67.70 33.49 43.74
CA GLU E 385 -67.79 33.68 42.29
C GLU E 385 -66.72 32.83 41.63
N PHE E 386 -67.15 31.77 40.94
CA PHE E 386 -66.23 30.87 40.26
C PHE E 386 -66.08 31.29 38.81
N ILE E 387 -64.85 31.62 38.42
CA ILE E 387 -64.53 31.99 37.05
C ILE E 387 -63.88 30.77 36.41
N SER E 388 -64.58 30.17 35.45
CA SER E 388 -64.09 28.95 34.81
C SER E 388 -64.83 28.77 33.50
N ASP E 389 -64.15 28.17 32.53
CA ASP E 389 -64.72 27.86 31.23
C ASP E 389 -64.94 26.36 31.18
N ASN E 390 -66.15 25.93 31.51
CA ASN E 390 -66.44 24.50 31.61
C ASN E 390 -66.23 23.80 30.27
N SER E 391 -66.39 24.53 29.16
CA SER E 391 -66.12 23.94 27.85
C SER E 391 -64.64 23.68 27.65
N ILE E 392 -63.78 24.47 28.30
CA ILE E 392 -62.36 24.17 28.28
C ILE E 392 -62.07 22.92 29.10
N SER E 393 -62.72 22.79 30.26
CA SER E 393 -62.63 21.55 31.03
C SER E 393 -63.02 20.36 30.18
N TRP E 394 -64.03 20.53 29.31
CA TRP E 394 -64.41 19.46 28.40
C TRP E 394 -63.36 19.23 27.33
N SER E 395 -62.74 20.31 26.83
CA SER E 395 -61.66 20.14 25.86
C SER E 395 -60.45 19.44 26.48
N ALA E 396 -60.27 19.59 27.79
CA ALA E 396 -59.20 18.88 28.48
C ALA E 396 -59.50 17.40 28.65
N GLY E 397 -60.71 16.99 28.29
CA GLY E 397 -61.05 15.58 28.32
C GLY E 397 -60.10 14.73 27.49
N LEU E 398 -60.16 13.42 27.74
CA LEU E 398 -59.17 12.53 27.16
C LEU E 398 -59.31 12.43 25.65
N HIS E 399 -60.55 12.39 25.15
CA HIS E 399 -60.74 12.24 23.71
C HIS E 399 -60.25 13.46 22.94
N ASN E 400 -60.29 14.64 23.55
CA ASN E 400 -59.95 15.89 22.87
C ASN E 400 -58.69 16.55 23.41
N ARG E 401 -57.93 15.87 24.26
CA ARG E 401 -56.84 16.54 24.97
C ARG E 401 -55.74 16.96 24.01
N TYR E 402 -55.41 16.13 23.04
CA TYR E 402 -54.29 16.40 22.15
C TYR E 402 -54.80 16.95 20.81
N THR E 403 -55.42 18.13 20.92
CA THR E 403 -55.88 18.89 19.77
C THR E 403 -55.57 20.36 20.02
N GLU E 404 -55.65 21.16 18.96
CA GLU E 404 -55.38 22.59 19.10
C GLU E 404 -56.38 23.25 20.03
N ASN E 405 -57.64 22.79 19.99
CA ASN E 405 -58.67 23.38 20.85
C ASN E 405 -58.34 23.17 22.32
N SER E 406 -57.93 21.96 22.70
CA SER E 406 -57.51 21.72 24.07
C SER E 406 -56.19 22.40 24.39
N LEU E 407 -55.30 22.50 23.39
CA LEU E 407 -54.03 23.17 23.59
C LEU E 407 -54.24 24.62 24.02
N ARG E 408 -55.04 25.36 23.25
CA ARG E 408 -55.32 26.74 23.60
C ARG E 408 -56.13 26.86 24.89
N GLY E 409 -56.86 25.81 25.26
CA GLY E 409 -57.58 25.82 26.52
C GLY E 409 -56.66 25.80 27.72
N VAL E 410 -55.71 24.85 27.73
CA VAL E 410 -54.80 24.75 28.88
C VAL E 410 -53.86 25.95 28.93
N ILE E 411 -53.49 26.51 27.78
CA ILE E 411 -52.68 27.73 27.77
C ILE E 411 -53.41 28.87 28.48
N LEU E 412 -54.72 28.99 28.23
CA LEU E 412 -55.49 30.05 28.87
C LEU E 412 -55.69 29.77 30.35
N ASP E 413 -56.05 28.53 30.71
CA ASP E 413 -56.19 28.17 32.11
C ASP E 413 -54.91 28.45 32.87
N ILE E 414 -53.76 28.04 32.33
CA ILE E 414 -52.48 28.31 32.98
C ILE E 414 -52.26 29.80 33.11
N HIS E 415 -52.58 30.57 32.06
CA HIS E 415 -52.39 32.01 32.11
C HIS E 415 -53.18 32.63 33.25
N PHE E 416 -54.48 32.37 33.31
CA PHE E 416 -55.30 32.99 34.34
C PHE E 416 -54.96 32.44 35.72
N LEU E 417 -54.46 31.21 35.80
CA LEU E 417 -53.95 30.71 37.07
C LEU E 417 -52.74 31.52 37.52
N SER E 418 -51.81 31.80 36.61
CA SER E 418 -50.63 32.56 36.96
C SER E 418 -50.96 34.00 37.34
N GLN E 419 -52.01 34.56 36.75
CA GLN E 419 -52.38 35.95 37.04
C GLN E 419 -53.02 36.09 38.41
N ALA E 420 -53.48 34.99 39.01
CA ALA E 420 -54.17 35.05 40.30
C ALA E 420 -53.25 35.52 41.41
N ASP E 421 -53.85 36.07 42.46
CA ASP E 421 -53.11 36.54 43.63
C ASP E 421 -52.63 35.41 44.52
N PHE E 422 -53.11 34.19 44.32
CA PHE E 422 -52.73 33.04 45.14
C PHE E 422 -53.17 31.79 44.41
N LEU E 423 -52.47 30.68 44.69
CA LEU E 423 -52.63 29.47 43.89
C LEU E 423 -52.72 28.27 44.80
N VAL E 424 -53.85 27.58 44.75
CA VAL E 424 -54.06 26.33 45.48
C VAL E 424 -54.18 25.21 44.46
N CYS E 425 -53.42 24.13 44.67
CA CYS E 425 -53.39 23.03 43.72
C CYS E 425 -52.58 21.86 44.25
N THR E 426 -52.19 20.96 43.36
CA THR E 426 -51.21 19.93 43.65
C THR E 426 -49.98 20.18 42.77
N PHE E 427 -48.83 20.38 43.41
CA PHE E 427 -47.60 20.60 42.65
C PHE E 427 -47.10 19.33 41.96
N SER E 428 -47.71 18.18 42.26
CA SER E 428 -47.42 16.97 41.50
C SER E 428 -47.80 17.14 40.04
N SER E 429 -48.79 17.98 39.75
CA SER E 429 -49.23 18.25 38.39
C SER E 429 -48.28 19.23 37.72
N GLN E 430 -47.79 18.85 36.53
CA GLN E 430 -46.95 19.76 35.75
C GLN E 430 -47.70 21.04 35.39
N VAL E 431 -49.02 20.98 35.31
CA VAL E 431 -49.80 22.15 34.92
C VAL E 431 -49.64 23.26 35.94
N CYS E 432 -49.86 22.94 37.22
CA CYS E 432 -49.78 23.97 38.26
C CYS E 432 -48.38 24.53 38.39
N ARG E 433 -47.36 23.69 38.22
CA ARG E 433 -45.98 24.15 38.35
C ARG E 433 -45.67 25.24 37.34
N VAL E 434 -46.24 25.14 36.13
CA VAL E 434 -46.02 26.18 35.12
C VAL E 434 -46.63 27.49 35.58
N ALA E 435 -47.91 27.47 35.97
CA ALA E 435 -48.57 28.68 36.46
C ALA E 435 -47.80 29.31 37.61
N TYR E 436 -47.23 28.47 38.48
CA TYR E 436 -46.40 28.97 39.57
C TYR E 436 -45.17 29.69 39.03
N GLU E 437 -44.50 29.10 38.03
CA GLU E 437 -43.31 29.72 37.47
C GLU E 437 -43.65 31.04 36.78
N ILE E 438 -44.73 31.06 36.00
CA ILE E 438 -45.12 32.29 35.31
C ILE E 438 -45.48 33.38 36.31
N MET E 439 -46.07 33.00 37.44
CA MET E 439 -46.35 33.96 38.50
C MET E 439 -45.10 34.71 38.94
N GLN E 440 -43.95 34.04 38.91
CA GLN E 440 -42.71 34.68 39.37
C GLN E 440 -42.30 35.84 38.48
N THR E 441 -42.67 35.79 37.20
CA THR E 441 -42.36 36.87 36.28
C THR E 441 -43.32 38.04 36.39
N LEU E 442 -44.41 37.88 37.15
CA LEU E 442 -45.45 38.90 37.25
C LEU E 442 -45.34 39.74 38.52
N HIS E 443 -44.59 39.28 39.51
CA HIS E 443 -44.44 39.97 40.78
C HIS E 443 -42.98 39.88 41.20
N PRO E 444 -42.52 40.77 42.08
CA PRO E 444 -41.22 40.57 42.73
C PRO E 444 -41.38 39.65 43.93
N ASP E 445 -40.73 38.49 43.87
CA ASP E 445 -40.73 37.49 44.95
C ASP E 445 -42.15 37.04 45.28
N ALA E 446 -42.76 36.39 44.29
CA ALA E 446 -44.05 35.73 44.46
C ALA E 446 -43.92 34.26 44.86
N SER E 447 -42.79 33.88 45.48
CA SER E 447 -42.50 32.47 45.71
C SER E 447 -43.44 31.84 46.73
N ALA E 448 -44.00 32.63 47.64
CA ALA E 448 -44.81 32.09 48.73
C ALA E 448 -46.31 32.11 48.44
N ASN E 449 -46.73 32.69 47.31
CA ASN E 449 -48.16 32.87 47.05
C ASN E 449 -48.79 31.61 46.49
N PHE E 450 -48.57 30.48 47.16
CA PHE E 450 -49.12 29.21 46.70
C PHE E 450 -49.40 28.32 47.90
N HIS E 451 -50.14 27.25 47.65
CA HIS E 451 -50.22 26.13 48.59
C HIS E 451 -50.49 24.87 47.80
N SER E 452 -49.55 23.93 47.84
CA SER E 452 -49.70 22.65 47.17
C SER E 452 -50.29 21.62 48.11
N LEU E 453 -51.20 20.78 47.59
CA LEU E 453 -51.83 19.77 48.41
C LEU E 453 -50.95 18.55 48.65
N ASP E 454 -49.89 18.37 47.86
CA ASP E 454 -49.01 17.22 48.03
C ASP E 454 -47.54 17.61 47.89
N ASP E 455 -46.98 17.47 46.69
CA ASP E 455 -45.57 17.71 46.46
C ASP E 455 -45.22 19.18 46.68
N ILE E 456 -43.98 19.42 47.09
CA ILE E 456 -43.40 20.76 47.04
C ILE E 456 -42.98 21.03 45.60
N TYR E 457 -42.44 22.20 45.33
CA TYR E 457 -42.02 22.51 43.97
C TYR E 457 -40.82 21.66 43.59
N TYR E 458 -40.86 21.10 42.37
CA TYR E 458 -39.72 20.41 41.80
C TYR E 458 -39.71 20.67 40.29
N PHE E 459 -38.66 20.19 39.64
CA PHE E 459 -38.53 20.26 38.18
C PHE E 459 -38.01 18.91 37.71
N GLY E 460 -38.85 18.18 36.97
CA GLY E 460 -38.51 16.85 36.50
C GLY E 460 -37.12 16.74 35.91
N GLY E 461 -36.26 15.94 36.55
CA GLY E 461 -34.88 15.81 36.15
C GLY E 461 -33.90 16.65 36.94
N GLN E 462 -34.35 17.32 37.99
CA GLN E 462 -33.49 18.19 38.77
C GLN E 462 -32.38 17.41 39.47
N ASN E 463 -31.33 18.13 39.83
CA ASN E 463 -30.33 17.62 40.75
C ASN E 463 -30.89 17.59 42.17
N ALA E 464 -30.28 16.76 43.01
CA ALA E 464 -30.78 16.51 44.36
C ALA E 464 -31.05 17.79 45.12
N HIS E 465 -32.31 17.98 45.52
CA HIS E 465 -32.71 19.12 46.34
C HIS E 465 -32.28 18.88 47.78
N ASN E 466 -31.38 19.72 48.29
CA ASN E 466 -30.76 19.51 49.59
C ASN E 466 -31.01 20.71 50.50
N GLN E 467 -31.15 20.43 51.79
CA GLN E 467 -31.26 21.43 52.84
C GLN E 467 -30.13 21.24 53.84
N ILE E 468 -29.90 22.26 54.67
CA ILE E 468 -28.91 22.22 55.73
C ILE E 468 -29.63 22.40 57.06
N ALA E 469 -29.44 21.44 57.97
CA ALA E 469 -30.01 21.57 59.30
C ALA E 469 -29.33 22.71 60.05
N ILE E 470 -30.13 23.61 60.62
CA ILE E 470 -29.62 24.71 61.39
C ILE E 470 -29.84 24.53 62.88
N TYR E 471 -30.85 23.77 63.28
CA TYR E 471 -31.12 23.45 64.67
C TYR E 471 -31.10 21.94 64.85
N ALA E 472 -30.53 21.48 65.96
CA ALA E 472 -30.46 20.06 66.23
C ALA E 472 -31.83 19.52 66.58
N HIS E 473 -32.12 18.31 66.12
CA HIS E 473 -33.36 17.61 66.46
C HIS E 473 -33.03 16.23 66.99
N GLN E 474 -33.67 15.86 68.11
CA GLN E 474 -33.55 14.52 68.65
C GLN E 474 -34.89 13.83 68.48
N PRO E 475 -34.94 12.66 67.82
CA PRO E 475 -36.23 12.06 67.48
C PRO E 475 -37.03 11.67 68.72
N ARG E 476 -38.29 12.13 68.75
CA ARG E 476 -39.21 11.71 69.80
C ARG E 476 -39.83 10.35 69.50
N THR E 477 -40.02 10.02 68.22
CA THR E 477 -40.51 8.73 67.78
C THR E 477 -39.49 8.09 66.85
N ALA E 478 -39.80 6.88 66.38
CA ALA E 478 -38.95 6.20 65.41
C ALA E 478 -39.12 6.74 64.00
N ASP E 479 -40.24 7.41 63.70
CA ASP E 479 -40.45 7.99 62.39
C ASP E 479 -39.61 9.23 62.16
N GLU E 480 -39.05 9.82 63.22
CA GLU E 480 -38.25 11.02 63.12
C GLU E 480 -36.77 10.67 63.02
N ILE E 481 -36.03 11.51 62.32
CA ILE E 481 -34.58 11.35 62.17
C ILE E 481 -33.86 12.33 63.09
N PRO E 482 -32.69 11.99 63.60
CA PRO E 482 -31.90 12.98 64.34
C PRO E 482 -31.16 13.90 63.38
N MET E 483 -30.95 15.13 63.83
CA MET E 483 -30.24 16.12 63.03
C MET E 483 -29.26 16.87 63.91
N GLU E 484 -28.07 17.11 63.39
CA GLU E 484 -27.14 18.04 63.98
C GLU E 484 -26.96 19.23 63.04
N PRO E 485 -26.75 20.43 63.57
CA PRO E 485 -26.53 21.60 62.71
C PRO E 485 -25.38 21.38 61.75
N GLY E 486 -25.59 21.76 60.49
CA GLY E 486 -24.65 21.53 59.42
C GLY E 486 -24.95 20.30 58.58
N ASP E 487 -25.69 19.33 59.14
CA ASP E 487 -26.03 18.11 58.41
C ASP E 487 -26.79 18.44 57.13
N ILE E 488 -26.47 17.71 56.07
CA ILE E 488 -27.14 17.87 54.78
C ILE E 488 -28.35 16.95 54.78
N ILE E 489 -29.54 17.53 54.56
CA ILE E 489 -30.79 16.79 54.56
C ILE E 489 -31.34 16.84 53.15
N GLY E 490 -31.52 15.67 52.53
CA GLY E 490 -32.15 15.60 51.24
C GLY E 490 -33.67 15.51 51.37
N VAL E 491 -34.35 16.62 51.13
CA VAL E 491 -35.78 16.70 51.41
C VAL E 491 -36.56 15.96 50.33
N ALA E 492 -37.60 15.26 50.75
CA ALA E 492 -38.48 14.55 49.83
C ALA E 492 -39.87 15.16 49.76
N GLY E 493 -40.20 16.08 50.66
CA GLY E 493 -41.48 16.75 50.63
C GLY E 493 -41.79 17.38 51.96
N ASN E 494 -42.83 18.20 51.96
CA ASN E 494 -43.35 18.84 53.18
C ASN E 494 -44.75 18.31 53.43
N HIS E 495 -45.02 17.90 54.67
CA HIS E 495 -46.31 17.36 55.04
C HIS E 495 -47.30 18.44 55.49
N TRP E 496 -46.89 19.71 55.45
CA TRP E 496 -47.78 20.84 55.73
C TRP E 496 -48.41 20.74 57.12
N ASP E 497 -47.69 20.10 58.05
CA ASP E 497 -48.15 19.93 59.42
C ASP E 497 -47.04 20.26 60.42
N GLY E 498 -45.99 20.93 59.97
CA GLY E 498 -44.84 21.22 60.80
C GLY E 498 -43.64 20.33 60.53
N TYR E 499 -43.84 19.21 59.85
CA TYR E 499 -42.78 18.23 59.60
C TYR E 499 -42.57 18.05 58.11
N SER E 500 -41.32 17.82 57.74
CA SER E 500 -40.94 17.44 56.39
C SER E 500 -40.34 16.04 56.41
N LYS E 501 -40.31 15.41 55.24
CA LYS E 501 -39.73 14.08 55.10
C LYS E 501 -38.47 14.18 54.25
N GLY E 502 -37.40 13.54 54.71
CA GLY E 502 -36.16 13.56 53.99
C GLY E 502 -35.19 12.57 54.56
N VAL E 503 -33.95 12.62 54.06
CA VAL E 503 -32.88 11.71 54.48
C VAL E 503 -31.74 12.55 55.04
N ASN E 504 -31.30 12.18 56.24
CA ASN E 504 -30.05 12.71 56.79
C ASN E 504 -28.91 11.99 56.09
N ARG E 505 -28.32 12.63 55.07
CA ARG E 505 -27.28 12.00 54.28
C ARG E 505 -26.12 11.51 55.15
N LYS E 506 -25.82 12.25 56.22
CA LYS E 506 -24.76 11.87 57.14
C LYS E 506 -24.95 10.45 57.67
N LEU E 507 -26.17 10.10 58.04
CA LEU E 507 -26.46 8.82 58.69
C LEU E 507 -27.12 7.81 57.75
N GLY E 508 -27.49 8.21 56.55
CA GLY E 508 -28.28 7.34 55.70
C GLY E 508 -29.61 6.94 56.27
N ARG E 509 -30.21 7.80 57.10
CA ARG E 509 -31.51 7.57 57.70
C ARG E 509 -32.54 8.50 57.09
N THR E 510 -33.70 7.95 56.73
CA THR E 510 -34.80 8.71 56.15
C THR E 510 -35.98 8.71 57.12
N GLY E 511 -36.59 9.88 57.30
CA GLY E 511 -37.73 9.99 58.19
C GLY E 511 -38.23 11.42 58.27
N LEU E 512 -38.95 11.70 59.34
CA LEU E 512 -39.56 13.01 59.55
C LEU E 512 -38.66 13.90 60.41
N TYR E 513 -38.94 15.19 60.36
CA TYR E 513 -38.20 16.19 61.14
C TYR E 513 -38.96 17.50 61.11
N PRO E 514 -38.86 18.33 62.15
CA PRO E 514 -39.54 19.63 62.13
C PRO E 514 -39.04 20.48 60.97
N SER E 515 -40.00 21.08 60.25
CA SER E 515 -39.66 21.82 59.04
C SER E 515 -38.87 23.08 59.35
N TYR E 516 -39.08 23.70 60.51
CA TYR E 516 -38.42 24.96 60.81
C TYR E 516 -36.96 24.78 61.20
N LYS E 517 -36.50 23.55 61.43
CA LYS E 517 -35.15 23.30 61.89
C LYS E 517 -34.14 23.18 60.75
N VAL E 518 -34.56 23.38 59.51
CA VAL E 518 -33.64 23.24 58.38
C VAL E 518 -33.61 24.54 57.59
N ARG E 519 -32.79 24.57 56.54
CA ARG E 519 -32.56 25.78 55.77
C ARG E 519 -32.20 25.38 54.35
N GLU E 520 -32.69 26.13 53.38
CA GLU E 520 -32.49 25.78 51.98
C GLU E 520 -31.04 26.02 51.59
N LYS E 521 -30.41 25.00 51.01
CA LYS E 521 -29.03 25.11 50.52
C LYS E 521 -29.08 25.51 49.05
N ILE E 522 -28.82 26.78 48.78
CA ILE E 522 -28.85 27.31 47.41
C ILE E 522 -27.57 26.89 46.70
N GLU E 523 -27.73 26.44 45.45
CA GLU E 523 -26.62 25.98 44.62
C GLU E 523 -26.37 26.98 43.49
N THR E 524 -25.09 27.17 43.17
CA THR E 524 -24.68 28.07 42.10
C THR E 524 -23.89 27.31 41.05
N VAL E 525 -23.88 27.84 39.83
CA VAL E 525 -23.16 27.23 38.72
C VAL E 525 -22.65 28.29 37.74
N LYS E 526 -21.36 28.25 37.46
CA LYS E 526 -20.75 29.21 36.55
C LYS E 526 -21.48 29.23 35.20
N TYR E 527 -22.27 30.27 34.97
CA TYR E 527 -23.02 30.41 33.73
C TYR E 527 -22.46 31.53 32.87
N PRO E 528 -22.71 31.48 31.56
CA PRO E 528 -22.23 32.48 30.61
C PRO E 528 -22.57 33.90 31.08
N THR E 529 -21.55 34.75 31.20
CA THR E 529 -21.75 36.13 31.64
C THR E 529 -22.44 36.95 30.57
N TYR E 530 -22.19 36.63 29.31
CA TYR E 530 -22.77 37.34 28.18
C TYR E 530 -22.63 38.85 28.30
N PRO E 531 -21.38 39.35 28.26
CA PRO E 531 -21.07 40.77 28.37
C PRO E 531 -21.39 41.55 27.09
N GLU E 532 -21.53 40.84 25.97
CA GLU E 532 -21.83 41.47 24.69
C GLU E 532 -23.30 41.84 24.58
N ALA E 533 -24.13 41.19 25.40
CA ALA E 533 -25.57 41.44 25.38
C ALA E 533 -25.88 42.92 25.59
N GLU E 534 -25.22 43.54 26.55
CA GLU E 534 -25.42 44.91 26.84
C GLU E 534 -24.37 45.64 26.07
N LEU F 68 16.31 30.36 58.91
CA LEU F 68 16.38 29.18 58.06
C LEU F 68 14.99 28.67 57.69
N GLY F 69 14.86 28.17 56.47
CA GLY F 69 13.57 27.74 55.95
C GLY F 69 13.14 26.39 56.49
N LYS F 70 11.85 26.27 56.80
CA LYS F 70 11.31 25.03 57.33
C LYS F 70 11.39 23.92 56.29
N ASP F 71 10.92 24.20 55.06
CA ASP F 71 10.98 23.19 54.01
C ASP F 71 12.41 22.77 53.70
N HIS F 72 13.35 23.70 53.75
CA HIS F 72 14.75 23.37 53.51
C HIS F 72 15.24 22.30 54.47
N GLU F 73 14.90 22.42 55.75
CA GLU F 73 15.37 21.45 56.74
C GLU F 73 14.71 20.10 56.55
N ILE F 74 13.41 20.08 56.28
CA ILE F 74 12.71 18.83 56.00
C ILE F 74 13.37 18.12 54.82
N LEU F 75 13.74 18.88 53.79
CA LEU F 75 14.37 18.29 52.62
C LEU F 75 15.74 17.72 52.94
N ARG F 76 16.56 18.48 53.68
CA ARG F 76 17.90 18.00 54.02
C ARG F 76 17.83 16.72 54.85
N ARG F 77 16.94 16.66 55.83
CA ARG F 77 16.81 15.46 56.66
C ARG F 77 16.26 14.29 55.85
N ARG F 78 15.32 14.55 54.94
CA ARG F 78 14.77 13.46 54.14
C ARG F 78 15.83 12.86 53.22
N ILE F 79 16.77 13.68 52.74
CA ILE F 79 17.90 13.15 51.98
C ILE F 79 18.85 12.40 52.91
N GLU F 80 19.12 12.96 54.09
CA GLU F 80 20.00 12.32 55.06
C GLU F 80 19.50 10.93 55.42
N ASN F 81 18.20 10.80 55.72
CA ASN F 81 17.66 9.50 56.08
C ASN F 81 17.54 8.58 54.87
N GLY F 82 17.16 9.15 53.72
CA GLY F 82 17.08 8.34 52.51
C GLY F 82 18.40 7.69 52.16
N ALA F 83 19.49 8.40 52.39
CA ALA F 83 20.82 7.81 52.19
C ALA F 83 21.07 6.67 53.17
N LYS F 84 20.68 6.85 54.43
CA LYS F 84 20.83 5.79 55.43
C LYS F 84 20.08 4.54 55.01
N GLU F 85 18.79 4.68 54.67
CA GLU F 85 17.99 3.54 54.28
C GLU F 85 18.54 2.88 53.02
N LEU F 86 19.16 3.67 52.13
CA LEU F 86 19.83 3.09 50.97
C LEU F 86 21.00 2.22 51.40
N TRP F 87 21.80 2.68 52.35
CA TRP F 87 22.93 1.90 52.82
C TRP F 87 22.48 0.64 53.54
N PHE F 88 21.43 0.74 54.36
CA PHE F 88 20.84 -0.46 54.96
C PHE F 88 20.44 -1.46 53.89
N PHE F 89 19.73 -1.00 52.86
CA PHE F 89 19.28 -1.88 51.80
C PHE F 89 20.46 -2.54 51.08
N LEU F 90 21.54 -1.79 50.87
CA LEU F 90 22.71 -2.33 50.18
C LEU F 90 23.34 -3.47 50.97
N GLN F 91 23.67 -3.21 52.24
CA GLN F 91 24.27 -4.25 53.08
C GLN F 91 23.36 -5.47 53.18
N SER F 92 22.05 -5.24 53.32
CA SER F 92 21.10 -6.34 53.48
C SER F 92 21.11 -7.25 52.25
N GLU F 93 20.90 -6.67 51.07
CA GLU F 93 20.73 -7.49 49.87
C GLU F 93 22.05 -8.11 49.42
N LEU F 94 23.16 -7.37 49.55
CA LEU F 94 24.45 -7.91 49.17
C LEU F 94 24.82 -9.14 50.00
N LYS F 95 24.48 -9.11 51.30
CA LYS F 95 24.69 -10.29 52.14
C LYS F 95 23.94 -11.50 51.58
N LYS F 96 22.71 -11.30 51.13
CA LYS F 96 21.93 -12.40 50.57
C LYS F 96 22.53 -12.87 49.25
N LEU F 97 23.05 -11.94 48.44
CA LEU F 97 23.57 -12.31 47.13
C LEU F 97 24.76 -13.25 47.25
N LYS F 98 25.56 -13.11 48.31
CA LYS F 98 26.67 -14.02 48.54
C LYS F 98 26.23 -15.46 48.74
N ASN F 99 24.94 -15.70 48.98
CA ASN F 99 24.42 -17.04 49.20
C ASN F 99 23.54 -17.52 48.05
N LEU F 100 23.74 -16.96 46.85
CA LEU F 100 22.94 -17.30 45.68
C LEU F 100 23.85 -17.73 44.56
N GLU F 101 23.34 -18.61 43.69
CA GLU F 101 24.12 -19.16 42.59
C GLU F 101 23.35 -19.04 41.28
N GLY F 102 24.10 -18.96 40.18
CA GLY F 102 23.56 -19.06 38.84
C GLY F 102 22.35 -18.19 38.58
N ASN F 103 21.24 -18.84 38.21
CA ASN F 103 20.03 -18.09 37.86
C ASN F 103 19.48 -17.33 39.05
N GLU F 104 19.41 -17.98 40.22
CA GLU F 104 18.90 -17.32 41.42
C GLU F 104 19.72 -16.09 41.75
N LEU F 105 21.04 -16.15 41.53
CA LEU F 105 21.88 -14.97 41.71
C LEU F 105 21.46 -13.87 40.75
N GLN F 106 21.34 -14.19 39.47
CA GLN F 106 21.01 -13.19 38.46
C GLN F 106 19.59 -12.65 38.65
N ARG F 107 18.66 -13.52 39.04
CA ARG F 107 17.28 -13.11 39.27
C ARG F 107 17.19 -12.01 40.32
N HIS F 108 17.72 -12.28 41.52
CA HIS F 108 17.65 -11.31 42.61
C HIS F 108 18.53 -10.10 42.34
N ALA F 109 19.66 -10.27 41.66
CA ALA F 109 20.51 -9.14 41.32
C ALA F 109 19.79 -8.15 40.41
N ASP F 110 19.01 -8.66 39.45
CA ASP F 110 18.25 -7.78 38.57
C ASP F 110 17.13 -7.09 39.34
N GLU F 111 16.41 -7.83 40.17
CA GLU F 111 15.40 -7.23 41.04
C GLU F 111 16.02 -6.20 41.96
N PHE F 112 17.22 -6.48 42.47
CA PHE F 112 17.95 -5.52 43.29
C PHE F 112 18.14 -4.20 42.55
N LEU F 113 18.64 -4.27 41.32
CA LEU F 113 18.88 -3.06 40.54
C LEU F 113 17.60 -2.27 40.33
N LEU F 114 16.46 -2.95 40.14
CA LEU F 114 15.20 -2.26 39.95
C LEU F 114 14.82 -1.44 41.18
N ASP F 115 14.87 -2.07 42.36
CA ASP F 115 14.55 -1.34 43.59
C ASP F 115 15.50 -0.19 43.82
N LEU F 116 16.79 -0.38 43.50
CA LEU F 116 17.78 0.68 43.70
C LEU F 116 17.47 1.90 42.83
N GLY F 117 17.05 1.67 41.59
CA GLY F 117 16.78 2.79 40.69
C GLY F 117 15.78 3.78 41.27
N HIS F 118 14.63 3.30 41.73
CA HIS F 118 13.63 4.18 42.30
C HIS F 118 14.14 4.86 43.57
N HIS F 119 14.75 4.10 44.47
CA HIS F 119 15.29 4.67 45.70
C HIS F 119 16.27 5.80 45.40
N GLU F 120 17.18 5.58 44.46
CA GLU F 120 18.15 6.63 44.11
C GLU F 120 17.44 7.86 43.55
N ARG F 121 16.50 7.64 42.64
CA ARG F 121 15.80 8.75 42.01
C ARG F 121 14.97 9.55 43.00
N SER F 122 14.46 8.90 44.05
CA SER F 122 13.75 9.65 45.10
C SER F 122 14.68 10.65 45.77
N ILE F 123 15.91 10.23 46.08
CA ILE F 123 16.89 11.13 46.68
C ILE F 123 17.22 12.25 45.69
N MET F 124 17.48 11.89 44.43
CA MET F 124 17.79 12.88 43.41
C MET F 124 16.63 13.86 43.23
N THR F 125 15.40 13.39 43.40
CA THR F 125 14.24 14.28 43.35
C THR F 125 14.29 15.29 44.49
N ASP F 126 14.56 14.81 45.70
CA ASP F 126 14.69 15.71 46.85
C ASP F 126 15.84 16.68 46.66
N LEU F 127 16.92 16.25 46.00
CA LEU F 127 18.05 17.14 45.75
C LEU F 127 17.64 18.30 44.85
N TYR F 128 16.81 18.03 43.84
CA TYR F 128 16.30 19.12 43.01
C TYR F 128 15.40 20.04 43.85
N TYR F 129 14.47 19.45 44.60
CA TYR F 129 13.60 20.24 45.47
C TYR F 129 14.42 21.10 46.42
N LEU F 130 15.57 20.59 46.88
CA LEU F 130 16.40 21.33 47.82
C LEU F 130 17.04 22.55 47.16
N SER F 131 17.40 22.43 45.88
CA SER F 131 17.99 23.56 45.16
C SER F 131 16.99 24.66 44.84
N GLN F 132 15.72 24.52 45.24
CA GLN F 132 14.70 25.48 44.85
C GLN F 132 14.00 26.15 46.03
N THR F 133 13.84 25.46 47.16
CA THR F 133 12.96 25.94 48.22
C THR F 133 13.52 27.18 48.90
N ASP F 134 12.61 27.97 49.47
CA ASP F 134 12.95 29.15 50.27
C ASP F 134 13.76 30.16 49.46
N GLY F 135 13.37 30.35 48.20
CA GLY F 135 13.97 31.35 47.34
C GLY F 135 15.27 30.94 46.68
N ALA F 136 15.70 29.69 46.84
CA ALA F 136 16.92 29.25 46.18
C ALA F 136 16.77 29.30 44.66
N GLY F 137 15.62 28.87 44.14
CA GLY F 137 15.40 28.93 42.71
C GLY F 137 15.31 30.36 42.20
N ASP F 138 14.51 31.18 42.87
CA ASP F 138 14.36 32.58 42.46
C ASP F 138 15.70 33.32 42.51
N TRP F 139 16.47 33.12 43.58
CA TRP F 139 17.73 33.83 43.73
C TRP F 139 18.72 33.43 42.65
N ARG F 140 18.88 32.12 42.42
CA ARG F 140 19.82 31.67 41.39
C ARG F 140 19.42 32.19 40.03
N GLU F 141 18.12 32.25 39.75
CA GLU F 141 17.65 32.83 38.51
C GLU F 141 17.99 34.32 38.46
N LYS F 142 17.84 35.00 39.59
CA LYS F 142 18.20 36.41 39.67
C LYS F 142 19.70 36.61 39.45
N GLU F 143 20.53 35.82 40.12
CA GLU F 143 21.98 36.00 40.03
C GLU F 143 22.52 35.59 38.67
N ALA F 144 22.01 34.49 38.09
CA ALA F 144 22.45 34.09 36.77
C ALA F 144 22.09 35.14 35.72
N LYS F 145 20.96 35.83 35.92
CA LYS F 145 20.57 36.90 35.01
C LYS F 145 21.59 38.04 35.04
N ASP F 146 21.94 38.49 36.25
CA ASP F 146 22.87 39.61 36.39
C ASP F 146 24.23 39.28 35.77
N LEU F 147 24.72 38.05 35.98
CA LEU F 147 26.02 37.67 35.42
C LEU F 147 26.01 37.72 33.90
N THR F 148 24.97 37.13 33.28
CA THR F 148 24.85 37.18 31.82
C THR F 148 24.76 38.62 31.34
N GLU F 149 23.81 39.39 31.89
CA GLU F 149 23.66 40.79 31.49
C GLU F 149 24.97 41.55 31.64
N LEU F 150 25.70 41.31 32.73
CA LEU F 150 26.98 42.00 32.92
C LEU F 150 27.95 41.66 31.80
N VAL F 151 28.12 40.38 31.52
CA VAL F 151 29.07 39.96 30.48
C VAL F 151 28.62 40.45 29.11
N GLN F 152 27.35 40.23 28.77
CA GLN F 152 26.83 40.70 27.49
C GLN F 152 26.98 42.22 27.37
N ARG F 153 26.76 42.95 28.46
CA ARG F 153 27.00 44.38 28.46
C ARG F 153 28.44 44.72 28.07
N ARG F 154 29.40 43.96 28.62
CA ARG F 154 30.81 44.21 28.34
C ARG F 154 31.16 43.82 26.91
N ILE F 155 30.67 42.67 26.44
CA ILE F 155 30.96 42.22 25.09
C ILE F 155 30.41 43.19 24.05
N THR F 156 29.17 43.63 24.26
CA THR F 156 28.57 44.61 23.36
C THR F 156 29.40 45.89 23.34
N TYR F 157 29.79 46.37 24.53
CA TYR F 157 30.64 47.55 24.62
C TYR F 157 31.92 47.39 23.82
N LEU F 158 32.59 46.25 23.97
CA LEU F 158 33.84 46.01 23.27
C LEU F 158 33.65 45.99 21.76
N GLN F 159 32.56 45.37 21.29
CA GLN F 159 32.34 45.19 19.86
C GLN F 159 31.87 46.44 19.15
N ASN F 160 31.50 47.50 19.87
CA ASN F 160 30.94 48.70 19.27
C ASN F 160 31.70 49.92 19.78
N PRO F 161 32.92 50.14 19.29
CA PRO F 161 33.65 51.36 19.64
C PRO F 161 33.05 52.58 18.95
N LYS F 162 33.34 53.75 19.52
CA LYS F 162 32.85 54.99 18.94
C LYS F 162 33.53 55.27 17.60
N ASP F 163 34.85 55.13 17.56
CA ASP F 163 35.65 55.39 16.37
C ASP F 163 36.18 54.05 15.86
N CYS F 164 35.67 53.60 14.72
CA CYS F 164 36.12 52.32 14.16
C CYS F 164 37.54 52.41 13.63
N SER F 165 37.88 53.51 12.96
CA SER F 165 39.19 53.62 12.33
C SER F 165 40.34 53.58 13.33
N LYS F 166 40.08 53.95 14.59
CA LYS F 166 41.12 54.05 15.59
C LYS F 166 41.08 52.95 16.64
N ALA F 167 40.04 52.10 16.63
CA ALA F 167 39.94 51.01 17.59
C ALA F 167 40.92 49.88 17.26
N LYS F 168 41.35 49.17 18.31
CA LYS F 168 42.22 48.01 18.13
C LYS F 168 41.38 46.78 17.78
N LYS F 169 41.85 46.01 16.81
CA LYS F 169 41.06 44.96 16.19
C LYS F 169 41.83 43.64 16.17
N LEU F 170 41.09 42.54 16.29
CA LEU F 170 41.62 41.19 16.12
C LEU F 170 40.82 40.50 15.03
N VAL F 171 41.51 40.07 13.97
CA VAL F 171 40.88 39.53 12.77
C VAL F 171 40.87 38.00 12.86
N CYS F 172 39.70 37.42 12.60
CA CYS F 172 39.52 35.97 12.58
C CYS F 172 38.93 35.58 11.24
N ASN F 173 39.48 34.54 10.62
CA ASN F 173 38.96 34.02 9.37
C ASN F 173 38.20 32.73 9.65
N ILE F 174 36.95 32.66 9.18
CA ILE F 174 36.07 31.57 9.57
C ILE F 174 36.34 30.29 8.80
N ASN F 175 37.03 30.35 7.66
CA ASN F 175 37.08 29.21 6.74
C ASN F 175 38.04 28.14 7.25
N LYS F 176 37.71 27.61 8.42
CA LYS F 176 38.44 26.47 8.98
C LYS F 176 37.93 25.18 8.39
N GLY F 177 38.84 24.36 7.88
CA GLY F 177 38.48 23.13 7.20
C GLY F 177 37.89 22.08 8.10
N CYS F 178 36.64 22.24 8.51
CA CYS F 178 35.98 21.30 9.41
C CYS F 178 34.48 21.61 9.40
N GLY F 179 33.75 20.89 10.25
CA GLY F 179 32.30 21.02 10.31
C GLY F 179 31.88 22.35 10.92
N TYR F 180 30.56 22.44 11.16
CA TYR F 180 29.98 23.70 11.64
C TYR F 180 30.38 23.97 13.09
N GLY F 181 30.17 23.00 13.97
CA GLY F 181 30.53 23.19 15.38
C GLY F 181 31.99 23.53 15.55
N CYS F 182 32.87 22.83 14.84
CA CYS F 182 34.30 23.15 14.88
C CYS F 182 34.56 24.57 14.38
N GLN F 183 33.90 24.96 13.29
CA GLN F 183 34.08 26.32 12.79
C GLN F 183 33.52 27.35 13.77
N LEU F 184 32.34 27.09 14.35
CA LEU F 184 31.77 28.04 15.29
C LEU F 184 32.65 28.19 16.53
N HIS F 185 33.20 27.07 17.03
CA HIS F 185 34.09 27.15 18.18
C HIS F 185 35.37 27.89 17.83
N HIS F 186 35.83 27.81 16.57
CA HIS F 186 36.97 28.60 16.14
C HIS F 186 36.70 30.09 16.30
N VAL F 187 35.46 30.52 16.03
CA VAL F 187 35.12 31.92 16.22
C VAL F 187 35.10 32.25 17.70
N VAL F 188 34.52 31.37 18.52
CA VAL F 188 34.52 31.58 19.97
C VAL F 188 35.96 31.64 20.48
N TYR F 189 36.80 30.69 20.04
CA TYR F 189 38.22 30.74 20.37
C TYR F 189 38.82 32.08 19.98
N CYS F 190 38.49 32.58 18.79
CA CYS F 190 38.92 33.93 18.41
C CYS F 190 38.32 34.98 19.33
N PHE F 191 37.03 34.84 19.66
CA PHE F 191 36.32 35.89 20.41
C PHE F 191 36.88 36.05 21.81
N MET F 192 37.18 34.94 22.49
CA MET F 192 37.66 35.03 23.86
C MET F 192 38.99 35.79 23.94
N ILE F 193 39.87 35.56 22.97
CA ILE F 193 41.17 36.23 22.97
C ILE F 193 40.99 37.72 22.71
N ALA F 194 40.11 38.08 21.77
CA ALA F 194 39.80 39.49 21.54
C ALA F 194 39.29 40.16 22.80
N TYR F 195 38.50 39.43 23.59
CA TYR F 195 38.01 39.97 24.87
C TYR F 195 39.16 40.21 25.83
N GLY F 196 40.05 39.22 25.98
CA GLY F 196 41.14 39.35 26.95
C GLY F 196 42.17 40.41 26.60
N THR F 197 42.36 40.67 25.30
CA THR F 197 43.36 41.63 24.84
C THR F 197 42.75 42.99 24.53
N GLN F 198 41.47 43.18 24.82
CA GLN F 198 40.77 44.45 24.59
C GLN F 198 40.84 44.87 23.13
N ARG F 199 40.66 43.90 22.23
CA ARG F 199 40.60 44.13 20.79
C ARG F 199 39.22 43.76 20.27
N THR F 200 38.73 44.52 19.30
CA THR F 200 37.45 44.24 18.68
C THR F 200 37.58 43.13 17.64
N LEU F 201 36.61 42.21 17.64
CA LEU F 201 36.66 41.04 16.77
C LEU F 201 36.17 41.42 15.38
N ILE F 202 37.00 41.16 14.37
CA ILE F 202 36.64 41.29 12.97
C ILE F 202 36.60 39.89 12.37
N LEU F 203 35.45 39.50 11.84
CA LEU F 203 35.23 38.13 11.34
C LEU F 203 35.07 38.15 9.83
N GLU F 204 36.10 37.68 9.13
CA GLU F 204 36.02 37.50 7.68
C GLU F 204 35.30 36.17 7.40
N SER F 205 34.12 36.26 6.78
CA SER F 205 33.26 35.10 6.63
C SER F 205 32.86 34.83 5.19
N GLN F 206 33.45 35.51 4.22
CA GLN F 206 33.11 35.26 2.83
C GLN F 206 33.61 33.89 2.40
N ASN F 207 32.91 33.30 1.43
CA ASN F 207 33.20 31.95 0.94
C ASN F 207 33.01 30.87 2.01
N TRP F 208 32.29 31.21 3.09
CA TRP F 208 31.94 30.24 4.12
C TRP F 208 31.36 28.97 3.50
N ARG F 209 31.97 27.83 3.84
CA ARG F 209 31.63 26.58 3.16
C ARG F 209 30.18 26.17 3.36
N TYR F 210 29.56 26.59 4.47
CA TYR F 210 28.14 26.29 4.68
C TYR F 210 27.23 27.31 4.03
N ALA F 211 27.73 28.53 3.79
CA ALA F 211 26.91 29.61 3.24
C ALA F 211 27.89 30.64 2.69
N THR F 212 28.20 30.53 1.40
CA THR F 212 29.20 31.39 0.77
C THR F 212 28.88 32.86 0.95
N GLY F 213 27.61 33.21 1.20
CA GLY F 213 27.26 34.60 1.44
C GLY F 213 27.97 35.20 2.65
N GLY F 214 28.19 34.41 3.69
CA GLY F 214 28.95 34.85 4.84
C GLY F 214 28.20 34.67 6.14
N TRP F 215 28.76 35.24 7.20
CA TRP F 215 28.21 35.09 8.54
C TRP F 215 26.80 35.62 8.64
N GLU F 216 26.55 36.80 8.07
CA GLU F 216 25.24 37.44 8.21
C GLU F 216 24.14 36.76 7.44
N THR F 217 24.41 35.61 6.80
CA THR F 217 23.33 34.84 6.20
C THR F 217 22.31 34.41 7.24
N VAL F 218 22.76 34.12 8.46
CA VAL F 218 21.90 33.56 9.49
C VAL F 218 21.99 34.37 10.79
N PHE F 219 23.17 34.94 11.07
CA PHE F 219 23.42 35.56 12.36
C PHE F 219 23.66 37.06 12.21
N ARG F 220 23.30 37.78 13.27
CA ARG F 220 23.56 39.22 13.32
C ARG F 220 25.06 39.47 13.24
N PRO F 221 25.48 40.59 12.65
CA PRO F 221 26.91 40.91 12.61
C PRO F 221 27.47 41.11 14.01
N VAL F 222 28.73 40.71 14.19
CA VAL F 222 29.37 40.78 15.49
C VAL F 222 29.52 42.21 15.99
N SER F 223 29.43 43.19 15.09
CA SER F 223 29.55 44.59 15.47
C SER F 223 28.50 45.40 14.71
N GLU F 224 28.11 46.53 15.31
CA GLU F 224 27.23 47.48 14.65
C GLU F 224 27.97 48.73 14.18
N THR F 225 29.16 48.99 14.70
CA THR F 225 29.91 50.19 14.36
C THR F 225 31.27 49.94 13.75
N CYS F 226 31.87 48.76 13.96
CA CYS F 226 33.24 48.51 13.51
C CYS F 226 33.35 47.09 12.97
N THR F 227 33.08 46.93 11.67
CA THR F 227 33.39 45.71 10.95
C THR F 227 34.52 45.89 9.94
N ASP F 228 34.99 47.13 9.75
CA ASP F 228 36.16 47.37 8.90
C ASP F 228 37.42 46.89 9.58
N ARG F 229 38.27 46.19 8.82
CA ARG F 229 39.50 45.62 9.37
C ARG F 229 40.71 46.53 9.17
N SER F 230 40.52 47.74 8.66
CA SER F 230 41.65 48.61 8.36
C SER F 230 42.34 49.06 9.65
N GLY F 231 43.59 49.50 9.50
CA GLY F 231 44.38 49.94 10.63
C GLY F 231 45.76 50.41 10.22
N ILE F 232 46.34 51.34 10.98
CA ILE F 232 47.64 51.90 10.63
C ILE F 232 48.76 50.87 10.78
N SER F 233 48.51 49.77 11.49
CA SER F 233 49.51 48.73 11.66
C SER F 233 48.81 47.39 11.74
N THR F 234 49.27 46.43 10.95
CA THR F 234 48.66 45.11 10.90
C THR F 234 49.77 44.07 10.86
N GLY F 235 49.56 42.98 11.59
CA GLY F 235 50.55 41.90 11.63
C GLY F 235 49.93 40.64 12.18
N HIS F 236 50.67 39.55 12.05
CA HIS F 236 50.22 38.27 12.55
C HIS F 236 50.40 38.21 14.07
N TRP F 237 49.70 37.25 14.69
CA TRP F 237 49.71 37.15 16.14
C TRP F 237 51.11 36.81 16.66
N SER F 238 51.58 37.60 17.62
CA SER F 238 52.85 37.33 18.26
C SER F 238 52.81 37.47 19.78
N GLY F 239 51.64 37.71 20.38
CA GLY F 239 51.55 37.93 21.81
C GLY F 239 51.01 39.30 22.16
N GLU F 240 50.30 39.41 23.28
CA GLU F 240 49.71 40.69 23.65
C GLU F 240 50.79 41.74 23.89
N VAL F 241 51.89 41.34 24.53
CA VAL F 241 52.95 42.29 24.85
C VAL F 241 53.65 42.76 23.59
N LYS F 242 54.01 41.83 22.71
CA LYS F 242 54.71 42.18 21.48
C LYS F 242 53.80 42.96 20.53
N ASP F 243 52.50 42.67 20.53
CA ASP F 243 51.54 43.36 19.67
C ASP F 243 50.91 44.57 20.34
N LYS F 244 51.50 45.08 21.43
CA LYS F 244 50.87 46.19 22.16
C LYS F 244 50.78 47.44 21.31
N ASN F 245 51.59 47.57 20.27
CA ASN F 245 51.56 48.72 19.38
C ASN F 245 51.19 48.31 17.96
N VAL F 246 50.56 47.15 17.81
CA VAL F 246 49.98 46.71 16.55
C VAL F 246 48.48 46.89 16.63
N GLN F 247 47.92 47.71 15.73
CA GLN F 247 46.49 48.00 15.80
C GLN F 247 45.65 46.79 15.45
N VAL F 248 46.05 46.05 14.41
CA VAL F 248 45.27 44.95 13.87
C VAL F 248 46.12 43.68 13.93
N VAL F 249 45.62 42.68 14.64
CA VAL F 249 46.33 41.41 14.84
C VAL F 249 45.49 40.29 14.23
N GLU F 250 46.11 39.50 13.35
CA GLU F 250 45.44 38.37 12.71
C GLU F 250 45.67 37.11 13.51
N LEU F 251 44.58 36.43 13.87
CA LEU F 251 44.67 35.23 14.70
C LEU F 251 44.48 33.98 13.86
N PRO F 252 45.41 33.03 13.92
CA PRO F 252 45.24 31.76 13.20
C PRO F 252 44.34 30.81 13.98
N ILE F 253 44.13 29.62 13.40
CA ILE F 253 43.32 28.61 14.09
C ILE F 253 44.04 28.11 15.33
N VAL F 254 43.26 27.59 16.28
CA VAL F 254 43.83 27.18 17.56
C VAL F 254 44.79 26.01 17.40
N ASP F 255 44.64 25.22 16.33
CA ASP F 255 45.52 24.08 16.12
C ASP F 255 46.96 24.49 15.88
N SER F 256 47.20 25.78 15.58
CA SER F 256 48.53 26.25 15.20
C SER F 256 48.98 27.49 15.97
N LEU F 257 48.29 27.86 17.04
CA LEU F 257 48.58 29.12 17.71
C LEU F 257 49.89 29.05 18.48
N HIS F 258 50.77 30.03 18.24
CA HIS F 258 52.06 30.14 18.91
C HIS F 258 52.50 31.60 18.90
N PRO F 259 52.69 32.21 20.08
CA PRO F 259 52.53 31.63 21.42
C PRO F 259 51.08 31.67 21.91
N ARG F 260 50.78 30.86 22.93
CA ARG F 260 49.43 30.76 23.48
C ARG F 260 49.23 31.78 24.59
N PRO F 261 48.14 32.55 24.55
CA PRO F 261 47.86 33.50 25.63
C PRO F 261 47.14 32.83 26.78
N PRO F 262 47.02 33.49 27.94
CA PRO F 262 46.31 32.86 29.06
C PRO F 262 44.80 32.85 28.93
N TYR F 263 44.22 33.62 28.00
CA TYR F 263 42.77 33.78 27.89
C TYR F 263 42.18 32.62 27.09
N LEU F 264 42.24 31.43 27.70
CA LEU F 264 41.80 30.20 27.06
C LEU F 264 40.99 29.37 28.05
N PRO F 265 40.17 28.45 27.56
CA PRO F 265 39.53 27.47 28.45
C PRO F 265 40.56 26.51 29.05
N LEU F 266 40.22 25.95 30.20
CA LEU F 266 38.92 26.10 30.85
C LEU F 266 38.93 27.13 31.98
N ALA F 267 39.77 28.14 31.86
CA ALA F 267 39.87 29.18 32.87
C ALA F 267 38.73 30.19 32.72
N VAL F 268 38.32 30.77 33.85
CA VAL F 268 37.24 31.74 33.89
C VAL F 268 37.80 33.04 34.41
N PRO F 269 37.12 34.16 34.18
CA PRO F 269 37.64 35.45 34.66
C PRO F 269 37.80 35.48 36.17
N GLU F 270 38.99 35.90 36.60
CA GLU F 270 39.28 36.16 38.00
C GLU F 270 38.14 36.90 38.70
N ASP F 271 37.73 38.03 38.10
CA ASP F 271 36.73 38.90 38.71
C ASP F 271 35.35 38.27 38.82
N LEU F 272 35.12 37.13 38.17
CA LEU F 272 33.81 36.49 38.19
C LEU F 272 33.77 35.17 38.93
N ALA F 273 34.92 34.64 39.36
CA ALA F 273 35.00 33.27 39.85
C ALA F 273 34.10 33.05 41.07
N ASP F 274 34.17 33.92 42.07
CA ASP F 274 33.40 33.72 43.29
C ASP F 274 31.91 33.67 43.01
N ARG F 275 31.41 34.62 42.22
CA ARG F 275 30.01 34.63 41.86
C ARG F 275 29.65 33.42 41.00
N LEU F 276 30.57 33.01 40.12
CA LEU F 276 30.27 31.91 39.19
C LEU F 276 30.13 30.59 39.93
N VAL F 277 31.10 30.26 40.78
CA VAL F 277 31.05 29.00 41.53
C VAL F 277 29.83 28.99 42.44
N ARG F 278 29.49 30.14 43.02
CA ARG F 278 28.32 30.24 43.88
C ARG F 278 27.06 29.77 43.16
N VAL F 279 27.00 29.91 41.84
CA VAL F 279 25.79 29.64 41.07
C VAL F 279 25.94 28.35 40.26
N HIS F 280 27.04 28.22 39.51
CA HIS F 280 27.18 27.22 38.47
C HIS F 280 28.11 26.11 38.92
N GLY F 281 27.80 24.88 38.48
CA GLY F 281 28.62 23.72 38.81
C GLY F 281 29.82 23.52 37.92
N ASP F 282 29.85 24.16 36.75
CA ASP F 282 31.00 24.11 35.84
C ASP F 282 31.12 25.47 35.19
N PRO F 283 31.73 26.44 35.90
CA PRO F 283 31.80 27.81 35.38
C PRO F 283 32.55 27.94 34.06
N ALA F 284 33.40 26.98 33.70
CA ALA F 284 34.11 27.05 32.43
C ALA F 284 33.16 27.02 31.25
N VAL F 285 32.11 26.19 31.33
CA VAL F 285 31.15 26.09 30.24
C VAL F 285 30.29 27.35 30.15
N TRP F 286 29.90 27.89 31.31
CA TRP F 286 29.10 29.11 31.31
C TRP F 286 29.86 30.26 30.65
N TRP F 287 31.15 30.39 30.97
CA TRP F 287 31.97 31.41 30.33
C TRP F 287 31.99 31.22 28.82
N VAL F 288 32.10 29.98 28.35
CA VAL F 288 32.07 29.70 26.91
C VAL F 288 30.72 30.10 26.32
N SER F 289 29.64 29.76 27.02
CA SER F 289 28.30 29.99 26.48
C SER F 289 28.03 31.48 26.25
N GLN F 290 28.62 32.35 27.08
CA GLN F 290 28.39 33.78 26.92
C GLN F 290 28.92 34.29 25.58
N PHE F 291 30.04 33.72 25.10
CA PHE F 291 30.54 34.08 23.78
C PHE F 291 29.73 33.43 22.68
N VAL F 292 29.19 32.24 22.93
CA VAL F 292 28.28 31.61 21.97
C VAL F 292 26.98 32.38 21.90
N LYS F 293 26.43 32.73 23.07
CA LYS F 293 25.19 33.51 23.15
C LYS F 293 25.24 34.74 22.26
N TYR F 294 26.33 35.51 22.34
CA TYR F 294 26.43 36.73 21.54
C TYR F 294 26.53 36.41 20.06
N LEU F 295 27.27 35.36 19.69
CA LEU F 295 27.49 35.08 18.28
C LEU F 295 26.20 34.65 17.60
N ILE F 296 25.40 33.82 18.25
CA ILE F 296 24.27 33.17 17.60
C ILE F 296 23.00 34.01 17.71
N ARG F 297 23.17 35.31 17.94
CA ARG F 297 22.03 36.22 17.84
C ARG F 297 21.43 36.10 16.44
N PRO F 298 20.16 35.72 16.31
CA PRO F 298 19.62 35.38 14.99
C PRO F 298 19.18 36.60 14.20
N GLN F 299 19.31 36.48 12.89
CA GLN F 299 18.67 37.41 11.99
C GLN F 299 17.15 37.27 12.14
N PRO F 300 16.39 38.34 11.86
CA PRO F 300 14.93 38.27 12.08
C PRO F 300 14.28 37.07 11.41
N TRP F 301 14.68 36.75 10.18
CA TRP F 301 14.13 35.59 9.49
C TRP F 301 14.55 34.28 10.16
N LEU F 302 15.76 34.22 10.71
CA LEU F 302 16.18 33.02 11.44
C LEU F 302 15.39 32.89 12.73
N GLU F 303 15.25 34.00 13.46
CA GLU F 303 14.39 34.02 14.65
C GLU F 303 13.00 33.51 14.34
N LYS F 304 12.46 33.90 13.18
CA LYS F 304 11.14 33.41 12.77
C LYS F 304 11.17 31.91 12.52
N GLU F 305 12.15 31.44 11.74
CA GLU F 305 12.26 30.02 11.41
C GLU F 305 12.28 29.15 12.65
N ILE F 306 12.99 29.59 13.69
CA ILE F 306 13.00 28.84 14.95
C ILE F 306 11.61 28.78 15.56
N GLU F 307 10.94 29.93 15.64
CA GLU F 307 9.59 29.98 16.21
C GLU F 307 8.61 29.16 15.37
N GLU F 308 8.75 29.20 14.05
CA GLU F 308 7.86 28.41 13.18
C GLU F 308 8.07 26.92 13.37
N ALA F 309 9.33 26.48 13.31
CA ALA F 309 9.65 25.06 13.50
C ALA F 309 9.15 24.55 14.84
N THR F 310 9.25 25.38 15.88
CA THR F 310 8.74 25.01 17.19
C THR F 310 7.27 24.59 17.13
N LYS F 311 6.44 25.43 16.50
CA LYS F 311 5.03 25.09 16.39
C LYS F 311 4.80 23.89 15.47
N LYS F 312 5.48 23.86 14.32
CA LYS F 312 5.25 22.80 13.35
C LYS F 312 5.68 21.44 13.89
N LEU F 313 6.82 21.39 14.58
CA LEU F 313 7.34 20.12 15.09
C LEU F 313 6.59 19.64 16.33
N GLY F 314 5.74 20.47 16.91
CA GLY F 314 5.11 20.10 18.17
C GLY F 314 6.08 20.06 19.34
N PHE F 315 7.06 20.96 19.35
CA PHE F 315 8.09 20.96 20.39
C PHE F 315 7.49 21.53 21.66
N LYS F 316 7.30 20.68 22.67
CA LYS F 316 6.76 21.09 23.95
C LYS F 316 7.39 20.25 25.04
N HIS F 317 7.36 20.79 26.25
CA HIS F 317 7.99 20.09 27.37
C HIS F 317 6.98 19.24 28.12
N PRO F 318 7.43 18.14 28.75
CA PRO F 318 8.83 17.69 28.84
C PRO F 318 9.34 17.00 27.57
N VAL F 319 10.61 17.22 27.24
CA VAL F 319 11.22 16.64 26.05
C VAL F 319 12.70 16.44 26.31
N ILE F 320 13.23 15.30 25.88
CA ILE F 320 14.63 14.96 26.03
C ILE F 320 15.29 14.94 24.65
N GLY F 321 16.36 15.72 24.50
CA GLY F 321 17.09 15.78 23.24
C GLY F 321 18.13 14.69 23.14
N VAL F 322 18.21 14.08 21.96
CA VAL F 322 19.14 12.99 21.67
C VAL F 322 19.88 13.33 20.39
N HIS F 323 21.21 13.16 20.41
CA HIS F 323 22.06 13.45 19.27
C HIS F 323 22.83 12.19 18.91
N VAL F 324 22.49 11.58 17.79
CA VAL F 324 23.15 10.36 17.31
C VAL F 324 24.06 10.77 16.16
N ARG F 325 25.33 11.00 16.44
CA ARG F 325 26.31 11.37 15.43
C ARG F 325 26.95 10.10 14.87
N ARG F 326 26.88 9.94 13.55
CA ARG F 326 27.48 8.78 12.88
C ARG F 326 28.18 9.19 11.59
N THR F 327 27.79 8.58 10.48
CA THR F 327 28.39 8.82 9.16
C THR F 327 29.91 8.81 9.19
N ASP F 328 30.55 9.96 8.92
CA ASP F 328 31.99 10.04 8.80
C ASP F 328 32.70 10.15 10.15
N LYS F 329 31.95 10.46 11.22
CA LYS F 329 32.57 10.54 12.54
C LYS F 329 33.06 9.17 13.00
N VAL F 330 32.31 8.12 12.66
CA VAL F 330 32.66 6.77 13.07
C VAL F 330 33.96 6.34 12.40
N GLY F 331 34.87 5.77 13.18
CA GLY F 331 36.13 5.28 12.68
C GLY F 331 37.25 6.29 12.65
N THR F 332 36.93 7.59 12.72
CA THR F 332 37.92 8.65 12.65
C THR F 332 38.10 9.37 13.99
N GLU F 333 36.99 9.73 14.65
CA GLU F 333 37.05 10.46 15.90
C GLU F 333 36.14 9.89 16.99
N ALA F 334 35.34 8.88 16.68
CA ALA F 334 34.38 8.34 17.64
C ALA F 334 33.97 6.94 17.19
N ALA F 335 32.96 6.39 17.84
CA ALA F 335 32.49 5.03 17.58
C ALA F 335 31.02 5.02 17.24
N PHE F 336 30.58 3.87 16.72
CA PHE F 336 29.16 3.64 16.48
C PHE F 336 28.46 3.36 17.80
N HIS F 337 27.23 3.86 17.93
CA HIS F 337 26.47 3.62 19.15
C HIS F 337 25.03 3.26 18.81
N PRO F 338 24.57 2.06 19.17
CA PRO F 338 23.18 1.70 18.92
C PRO F 338 22.21 2.65 19.61
N ILE F 339 20.99 2.72 19.07
CA ILE F 339 19.97 3.60 19.63
C ILE F 339 19.65 3.21 21.07
N GLU F 340 19.74 1.93 21.40
CA GLU F 340 19.45 1.49 22.77
C GLU F 340 20.41 2.11 23.77
N GLU F 341 21.66 2.33 23.36
CA GLU F 341 22.65 2.97 24.24
C GLU F 341 22.17 4.35 24.67
N TYR F 342 21.66 5.14 23.73
CA TYR F 342 21.13 6.45 24.09
C TYR F 342 19.87 6.34 24.93
N MET F 343 18.97 5.42 24.57
CA MET F 343 17.62 5.41 25.11
C MET F 343 17.56 4.96 26.56
N VAL F 344 18.52 4.18 27.04
CA VAL F 344 18.49 3.75 28.44
C VAL F 344 18.60 4.94 29.36
N HIS F 345 19.37 5.95 28.97
CA HIS F 345 19.50 7.15 29.79
C HIS F 345 18.30 8.07 29.63
N VAL F 346 17.66 8.07 28.46
CA VAL F 346 16.42 8.80 28.28
C VAL F 346 15.34 8.23 29.20
N GLU F 347 15.09 6.93 29.08
CA GLU F 347 14.12 6.28 29.95
C GLU F 347 14.46 6.48 31.41
N GLU F 348 15.75 6.39 31.75
CA GLU F 348 16.18 6.63 33.13
C GLU F 348 15.81 8.03 33.59
N HIS F 349 16.07 9.03 32.75
CA HIS F 349 15.79 10.40 33.14
C HIS F 349 14.30 10.73 33.08
N PHE F 350 13.56 10.10 32.17
CA PHE F 350 12.11 10.29 32.16
C PHE F 350 11.47 9.70 33.40
N GLN F 351 12.00 8.59 33.91
CA GLN F 351 11.56 8.07 35.19
C GLN F 351 11.82 9.08 36.30
N LEU F 352 12.94 9.79 36.21
CA LEU F 352 13.28 10.81 37.20
C LEU F 352 12.28 11.96 37.16
N LEU F 353 11.97 12.47 35.97
CA LEU F 353 11.07 13.62 35.86
C LEU F 353 9.68 13.30 36.39
N ALA F 354 9.20 12.07 36.15
CA ALA F 354 7.87 11.68 36.63
C ALA F 354 7.75 11.81 38.15
N ARG F 355 8.87 11.78 38.88
CA ARG F 355 8.83 11.93 40.32
C ARG F 355 8.51 13.36 40.74
N ARG F 356 8.65 14.34 39.84
CA ARG F 356 8.47 15.75 40.19
C ARG F 356 7.44 16.47 39.35
N MET F 357 6.90 15.85 38.30
CA MET F 357 5.99 16.56 37.41
C MET F 357 5.10 15.56 36.69
N GLN F 358 3.96 16.04 36.23
CA GLN F 358 3.05 15.24 35.41
C GLN F 358 3.62 15.09 34.01
N VAL F 359 3.81 13.85 33.57
CA VAL F 359 4.32 13.55 32.24
C VAL F 359 3.19 12.99 31.41
N ASP F 360 2.66 13.81 30.50
CA ASP F 360 1.62 13.34 29.59
C ASP F 360 2.18 12.31 28.62
N LYS F 361 3.16 12.72 27.81
CA LYS F 361 3.77 11.86 26.80
C LYS F 361 5.28 12.03 26.85
N LYS F 362 6.00 10.94 26.62
CA LYS F 362 7.47 10.95 26.62
C LYS F 362 7.97 11.43 25.26
N ARG F 363 8.39 12.69 25.19
CA ARG F 363 8.83 13.31 23.95
C ARG F 363 10.34 13.26 23.84
N VAL F 364 10.82 12.92 22.64
CA VAL F 364 12.25 12.89 22.32
C VAL F 364 12.47 13.67 21.04
N TYR F 365 13.35 14.67 21.09
CA TYR F 365 13.80 15.34 19.88
C TYR F 365 15.05 14.63 19.38
N LEU F 366 14.89 13.86 18.31
CA LEU F 366 16.01 13.13 17.74
C LEU F 366 16.70 14.01 16.71
N ALA F 367 18.03 14.11 16.83
CA ALA F 367 18.85 14.88 15.90
C ALA F 367 20.01 13.99 15.47
N THR F 368 20.03 13.61 14.20
CA THR F 368 21.04 12.69 13.71
C THR F 368 21.33 12.97 12.25
N ASP F 369 22.50 12.55 11.80
CA ASP F 369 22.86 12.54 10.39
C ASP F 369 22.64 11.18 9.73
N ASP F 370 21.99 10.25 10.44
CA ASP F 370 21.61 8.95 9.89
C ASP F 370 20.11 8.93 9.66
N PRO F 371 19.63 9.18 8.43
CA PRO F 371 18.18 9.25 8.20
C PRO F 371 17.48 7.91 8.33
N SER F 372 18.19 6.78 8.15
CA SER F 372 17.57 5.47 8.31
C SER F 372 17.20 5.17 9.76
N LEU F 373 17.60 6.01 10.70
CA LEU F 373 17.41 5.73 12.11
C LEU F 373 15.97 5.97 12.57
N LEU F 374 15.33 7.02 12.06
CA LEU F 374 14.06 7.46 12.63
C LEU F 374 12.98 6.38 12.56
N LYS F 375 12.87 5.68 11.42
CA LYS F 375 11.90 4.59 11.34
C LYS F 375 12.26 3.48 12.32
N GLU F 376 13.54 3.13 12.40
CA GLU F 376 13.98 2.11 13.35
C GLU F 376 13.69 2.53 14.78
N ALA F 377 13.93 3.81 15.10
CA ALA F 377 13.70 4.30 16.45
C ALA F 377 12.23 4.26 16.83
N LYS F 378 11.36 4.74 15.93
CA LYS F 378 9.92 4.71 16.19
C LYS F 378 9.44 3.28 16.44
N THR F 379 9.99 2.32 15.70
CA THR F 379 9.56 0.93 15.85
C THR F 379 9.95 0.37 17.21
N LYS F 380 11.22 0.53 17.60
CA LYS F 380 11.70 -0.07 18.83
C LYS F 380 11.11 0.57 20.08
N TYR F 381 10.59 1.80 19.97
CA TYR F 381 10.05 2.55 21.10
C TYR F 381 8.69 3.13 20.72
N PRO F 382 7.65 2.29 20.67
CA PRO F 382 6.35 2.77 20.18
C PRO F 382 5.67 3.77 21.11
N ASN F 383 5.91 3.69 22.41
CA ASN F 383 5.29 4.61 23.36
C ASN F 383 6.05 5.93 23.49
N TYR F 384 6.97 6.22 22.58
CA TYR F 384 7.71 7.47 22.57
C TYR F 384 7.28 8.32 21.39
N GLU F 385 7.04 9.60 21.64
CA GLU F 385 6.81 10.58 20.57
C GLU F 385 8.17 11.13 20.16
N PHE F 386 8.63 10.76 18.96
CA PHE F 386 9.90 11.23 18.44
C PHE F 386 9.67 12.47 17.59
N ILE F 387 10.30 13.57 17.98
CA ILE F 387 10.24 14.82 17.25
C ILE F 387 11.51 14.92 16.42
N SER F 388 11.37 14.84 15.11
CA SER F 388 12.54 14.84 14.23
C SER F 388 12.11 15.24 12.82
N ASP F 389 13.02 15.91 12.13
CA ASP F 389 12.82 16.32 10.74
C ASP F 389 13.72 15.42 9.88
N ASN F 390 13.13 14.34 9.37
CA ASN F 390 13.93 13.37 8.62
C ASN F 390 14.55 14.00 7.38
N SER F 391 13.92 15.05 6.83
CA SER F 391 14.51 15.73 5.68
C SER F 391 15.78 16.48 6.07
N ILE F 392 15.89 16.91 7.32
CA ILE F 392 17.14 17.53 7.77
C ILE F 392 18.23 16.48 7.89
N SER F 393 17.91 15.30 8.43
CA SER F 393 18.86 14.21 8.47
C SER F 393 19.40 13.88 7.07
N TRP F 394 18.54 13.94 6.06
CA TRP F 394 18.99 13.68 4.69
C TRP F 394 19.88 14.83 4.19
N SER F 395 19.54 16.06 4.55
CA SER F 395 20.38 17.20 4.17
C SER F 395 21.75 17.14 4.85
N ALA F 396 21.84 16.47 6.00
CA ALA F 396 23.13 16.34 6.67
C ALA F 396 24.08 15.38 5.97
N GLY F 397 23.62 14.70 4.92
CA GLY F 397 24.51 13.84 4.14
C GLY F 397 25.69 14.62 3.58
N LEU F 398 26.72 13.87 3.16
CA LEU F 398 27.98 14.49 2.78
C LEU F 398 27.83 15.34 1.52
N HIS F 399 27.07 14.85 0.54
CA HIS F 399 26.92 15.59 -0.71
C HIS F 399 26.20 16.92 -0.49
N ASN F 400 25.36 17.00 0.54
CA ASN F 400 24.56 18.20 0.78
C ASN F 400 24.95 18.91 2.07
N ARG F 401 26.04 18.50 2.73
CA ARG F 401 26.33 19.04 4.04
C ARG F 401 26.73 20.51 3.97
N TYR F 402 27.52 20.88 2.97
CA TYR F 402 28.06 22.23 2.88
C TYR F 402 27.23 23.06 1.91
N THR F 403 25.98 23.22 2.32
CA THR F 403 25.00 24.06 1.65
C THR F 403 24.21 24.80 2.71
N GLU F 404 23.49 25.83 2.28
CA GLU F 404 22.69 26.61 3.22
C GLU F 404 21.60 25.75 3.86
N ASN F 405 21.00 24.85 3.08
CA ASN F 405 19.91 24.04 3.60
C ASN F 405 20.37 23.13 4.74
N SER F 406 21.53 22.48 4.58
CA SER F 406 22.07 21.69 5.68
C SER F 406 22.55 22.58 6.82
N LEU F 407 23.09 23.76 6.50
CA LEU F 407 23.53 24.69 7.54
C LEU F 407 22.36 25.10 8.44
N ARG F 408 21.28 25.58 7.83
CA ARG F 408 20.11 25.96 8.60
C ARG F 408 19.45 24.74 9.26
N GLY F 409 19.66 23.55 8.69
CA GLY F 409 19.14 22.35 9.33
C GLY F 409 19.83 22.05 10.64
N VAL F 410 21.16 22.04 10.64
CA VAL F 410 21.91 21.73 11.86
C VAL F 410 21.75 22.83 12.89
N ILE F 411 21.60 24.08 12.46
CA ILE F 411 21.32 25.17 13.40
C ILE F 411 20.01 24.91 14.13
N LEU F 412 19.00 24.43 13.39
CA LEU F 412 17.71 24.15 14.01
C LEU F 412 17.80 22.94 14.92
N ASP F 413 18.46 21.88 14.47
CA ASP F 413 18.65 20.69 15.29
C ASP F 413 19.32 21.03 16.62
N ILE F 414 20.40 21.82 16.57
CA ILE F 414 21.11 22.21 17.78
C ILE F 414 20.19 23.00 18.71
N HIS F 415 19.38 23.91 18.15
CA HIS F 415 18.49 24.72 18.98
C HIS F 415 17.55 23.84 19.80
N PHE F 416 16.84 22.94 19.14
CA PHE F 416 15.87 22.12 19.87
C PHE F 416 16.56 21.16 20.82
N LEU F 417 17.79 20.77 20.51
CA LEU F 417 18.58 19.98 21.46
C LEU F 417 18.87 20.80 22.71
N SER F 418 19.29 22.06 22.54
CA SER F 418 19.60 22.92 23.68
C SER F 418 18.36 23.26 24.49
N GLN F 419 17.19 23.35 23.84
CA GLN F 419 15.97 23.70 24.56
C GLN F 419 15.46 22.54 25.41
N ALA F 420 15.90 21.31 25.15
CA ALA F 420 15.38 20.15 25.84
C ALA F 420 15.71 20.19 27.33
N ASP F 421 14.91 19.46 28.12
CA ASP F 421 15.13 19.37 29.56
C ASP F 421 16.32 18.50 29.92
N PHE F 422 16.86 17.75 28.97
CA PHE F 422 17.97 16.84 29.23
C PHE F 422 18.55 16.42 27.89
N LEU F 423 19.84 16.08 27.90
CA LEU F 423 20.57 15.86 26.65
C LEU F 423 21.40 14.60 26.76
N VAL F 424 21.08 13.62 25.92
CA VAL F 424 21.84 12.38 25.80
C VAL F 424 22.52 12.37 24.45
N CYS F 425 23.82 12.09 24.43
CA CYS F 425 24.59 12.13 23.19
C CYS F 425 26.01 11.62 23.40
N THR F 426 26.89 11.92 22.45
CA THR F 426 28.33 11.73 22.59
C THR F 426 28.99 13.10 22.56
N PHE F 427 29.70 13.43 23.64
CA PHE F 427 30.40 14.71 23.71
C PHE F 427 31.60 14.77 22.77
N SER F 428 31.99 13.65 22.17
CA SER F 428 33.03 13.71 21.14
C SER F 428 32.60 14.55 19.95
N SER F 429 31.30 14.60 19.68
CA SER F 429 30.79 15.42 18.58
C SER F 429 30.69 16.87 19.01
N GLN F 430 31.29 17.77 18.21
CA GLN F 430 31.18 19.20 18.48
C GLN F 430 29.73 19.66 18.46
N VAL F 431 28.87 18.95 17.72
CA VAL F 431 27.47 19.36 17.62
C VAL F 431 26.81 19.34 19.00
N CYS F 432 26.93 18.22 19.71
CA CYS F 432 26.30 18.11 21.02
C CYS F 432 26.91 19.10 22.00
N ARG F 433 28.23 19.32 21.92
CA ARG F 433 28.88 20.26 22.82
C ARG F 433 28.30 21.66 22.66
N VAL F 434 27.99 22.05 21.43
CA VAL F 434 27.37 23.37 21.21
C VAL F 434 25.99 23.41 21.85
N ALA F 435 25.15 22.42 21.54
CA ALA F 435 23.82 22.35 22.15
C ALA F 435 23.91 22.37 23.67
N TYR F 436 24.90 21.69 24.23
CA TYR F 436 25.11 21.70 25.66
C TYR F 436 25.45 23.10 26.16
N GLU F 437 26.33 23.81 25.46
CA GLU F 437 26.72 25.15 25.88
C GLU F 437 25.55 26.12 25.82
N ILE F 438 24.76 26.06 24.75
CA ILE F 438 23.60 26.96 24.64
C ILE F 438 22.59 26.67 25.74
N MET F 439 22.48 25.40 26.15
CA MET F 439 21.61 25.05 27.27
C MET F 439 21.95 25.84 28.53
N GLN F 440 23.24 26.16 28.71
CA GLN F 440 23.65 26.87 29.91
C GLN F 440 23.10 28.29 29.96
N THR F 441 22.82 28.89 28.80
CA THR F 441 22.27 30.23 28.74
C THR F 441 20.77 30.28 28.98
N LEU F 442 20.11 29.12 29.05
CA LEU F 442 18.66 29.07 29.18
C LEU F 442 18.19 28.81 30.61
N HIS F 443 19.08 28.36 31.48
CA HIS F 443 18.73 28.05 32.86
C HIS F 443 19.83 28.55 33.78
N PRO F 444 19.53 28.75 35.07
CA PRO F 444 20.59 28.96 36.05
C PRO F 444 21.15 27.60 36.48
N ASP F 445 22.43 27.38 36.21
CA ASP F 445 23.12 26.13 36.55
C ASP F 445 22.44 24.93 35.90
N ALA F 446 22.48 24.92 34.56
CA ALA F 446 22.04 23.78 33.76
C ALA F 446 23.18 22.82 33.44
N SER F 447 24.24 22.82 34.25
CA SER F 447 25.46 22.09 33.90
C SER F 447 25.28 20.58 33.98
N ALA F 448 24.33 20.09 34.77
CA ALA F 448 24.18 18.65 34.99
C ALA F 448 23.15 17.99 34.09
N ASN F 449 22.44 18.76 33.27
CA ASN F 449 21.31 18.22 32.52
C ASN F 449 21.74 17.50 31.25
N PHE F 450 22.70 16.58 31.36
CA PHE F 450 23.18 15.85 30.20
C PHE F 450 23.64 14.46 30.63
N HIS F 451 23.88 13.60 29.63
CA HIS F 451 24.64 12.38 29.82
C HIS F 451 25.32 12.05 28.50
N SER F 452 26.65 12.07 28.49
CA SER F 452 27.42 11.75 27.29
C SER F 452 27.81 10.28 27.29
N LEU F 453 27.76 9.66 26.11
CA LEU F 453 28.11 8.25 25.99
C LEU F 453 29.61 7.99 25.99
N ASP F 454 30.44 9.02 25.79
CA ASP F 454 31.88 8.83 25.78
C ASP F 454 32.62 9.93 26.53
N ASP F 455 33.08 10.94 25.81
CA ASP F 455 33.88 11.99 26.42
C ASP F 455 33.09 12.81 27.42
N ILE F 456 33.80 13.34 28.41
CA ILE F 456 33.27 14.40 29.25
C ILE F 456 33.39 15.69 28.46
N TYR F 457 32.98 16.80 29.05
CA TYR F 457 33.09 18.07 28.34
C TYR F 457 34.55 18.46 28.15
N TYR F 458 34.88 18.90 26.94
CA TYR F 458 36.17 19.52 26.66
C TYR F 458 35.96 20.61 25.63
N PHE F 459 37.05 21.35 25.35
CA PHE F 459 37.05 22.39 24.34
C PHE F 459 38.34 22.26 23.56
N GLY F 460 38.23 21.89 22.28
CA GLY F 460 39.39 21.65 21.44
C GLY F 460 40.46 22.72 21.56
N GLY F 461 41.64 22.33 22.05
CA GLY F 461 42.71 23.28 22.29
C GLY F 461 42.81 23.77 23.72
N GLN F 462 42.02 23.22 24.63
CA GLN F 462 42.01 23.67 26.03
C GLN F 462 43.36 23.44 26.70
N ASN F 463 43.58 24.18 27.77
CA ASN F 463 44.68 23.89 28.68
C ASN F 463 44.36 22.63 29.48
N ALA F 464 45.42 21.99 29.99
CA ALA F 464 45.30 20.70 30.65
C ALA F 464 44.21 20.70 31.70
N HIS F 465 43.21 19.84 31.51
CA HIS F 465 42.13 19.69 32.49
C HIS F 465 42.64 18.88 33.68
N ASN F 466 42.66 19.51 34.85
CA ASN F 466 43.24 18.92 36.05
C ASN F 466 42.21 18.88 37.17
N GLN F 467 42.25 17.81 37.96
CA GLN F 467 41.46 17.67 39.17
C GLN F 467 42.39 17.50 40.37
N ILE F 468 41.81 17.65 41.57
CA ILE F 468 42.55 17.49 42.81
C ILE F 468 41.93 16.33 43.58
N ALA F 469 42.76 15.35 43.95
CA ALA F 469 42.32 14.25 44.78
C ALA F 469 41.97 14.77 46.17
N ILE F 470 40.77 14.43 46.64
CA ILE F 470 40.34 14.83 47.98
C ILE F 470 40.36 13.67 48.97
N TYR F 471 40.23 12.43 48.49
CA TYR F 471 40.30 11.24 49.33
C TYR F 471 41.40 10.34 48.80
N ALA F 472 42.10 9.68 49.72
CA ALA F 472 43.18 8.79 49.32
C ALA F 472 42.62 7.52 48.67
N HIS F 473 43.30 7.06 47.63
CA HIS F 473 42.94 5.81 46.98
C HIS F 473 44.17 4.91 46.92
N GLN F 474 44.00 3.64 47.31
CA GLN F 474 45.05 2.65 47.18
C GLN F 474 44.64 1.64 46.11
N PRO F 475 45.45 1.43 45.08
CA PRO F 475 45.01 0.62 43.94
C PRO F 475 44.73 -0.83 44.33
N ARG F 476 43.54 -1.31 43.96
CA ARG F 476 43.21 -2.71 44.15
C ARG F 476 43.77 -3.58 43.03
N THR F 477 43.84 -3.05 41.81
CA THR F 477 44.42 -3.72 40.66
C THR F 477 45.56 -2.86 40.10
N ALA F 478 46.19 -3.36 39.04
CA ALA F 478 47.21 -2.59 38.35
C ALA F 478 46.61 -1.51 37.45
N ASP F 479 45.34 -1.64 37.07
CA ASP F 479 44.70 -0.64 36.23
C ASP F 479 44.39 0.64 36.99
N GLU F 480 44.42 0.59 38.32
CA GLU F 480 44.11 1.74 39.15
C GLU F 480 45.39 2.45 39.59
N ILE F 481 45.28 3.76 39.79
CA ILE F 481 46.41 4.56 40.27
C ILE F 481 46.22 4.87 41.75
N PRO F 482 47.30 5.02 42.51
CA PRO F 482 47.15 5.47 43.90
C PRO F 482 46.97 6.97 43.96
N MET F 483 46.23 7.41 44.98
CA MET F 483 46.01 8.83 45.18
C MET F 483 46.15 9.17 46.65
N GLU F 484 46.80 10.28 46.93
CA GLU F 484 46.78 10.92 48.22
C GLU F 484 46.07 12.27 48.11
N PRO F 485 45.35 12.70 49.13
CA PRO F 485 44.68 14.00 49.07
C PRO F 485 45.68 15.11 48.72
N GLY F 486 45.28 15.98 47.79
CA GLY F 486 46.15 17.00 47.26
C GLY F 486 46.81 16.65 45.94
N ASP F 487 46.92 15.36 45.61
CA ASP F 487 47.53 14.95 44.35
C ASP F 487 46.79 15.58 43.17
N ILE F 488 47.56 16.05 42.19
CA ILE F 488 47.00 16.64 40.98
C ILE F 488 46.81 15.52 39.95
N ILE F 489 45.58 15.37 39.47
CA ILE F 489 45.22 14.32 38.52
C ILE F 489 44.85 14.96 37.20
N GLY F 490 45.57 14.62 36.14
CA GLY F 490 45.19 15.04 34.80
C GLY F 490 44.18 14.10 34.20
N VAL F 491 42.91 14.50 34.18
CA VAL F 491 41.83 13.59 33.83
C VAL F 491 41.79 13.39 32.32
N ALA F 492 41.53 12.15 31.91
CA ALA F 492 41.38 11.80 30.50
C ALA F 492 39.95 11.40 30.14
N GLY F 493 39.09 11.18 31.11
CA GLY F 493 37.70 10.86 30.83
C GLY F 493 37.06 10.19 32.03
N ASN F 494 35.73 10.07 31.94
CA ASN F 494 34.94 9.37 32.95
C ASN F 494 34.32 8.14 32.29
N HIS F 495 34.45 7.00 32.95
CA HIS F 495 33.90 5.76 32.41
C HIS F 495 32.46 5.51 32.84
N TRP F 496 31.86 6.45 33.58
CA TRP F 496 30.44 6.41 33.93
C TRP F 496 30.05 5.13 34.66
N ASP F 497 31.02 4.56 35.39
CA ASP F 497 30.79 3.33 36.14
C ASP F 497 31.37 3.43 37.55
N GLY F 498 31.66 4.65 38.01
CA GLY F 498 32.29 4.87 39.29
C GLY F 498 33.76 5.22 39.21
N TYR F 499 34.40 4.97 38.07
CA TYR F 499 35.82 5.22 37.89
C TYR F 499 36.06 6.21 36.76
N SER F 500 37.08 7.04 36.93
CA SER F 500 37.58 7.90 35.87
C SER F 500 39.01 7.48 35.53
N LYS F 501 39.46 7.88 34.35
CA LYS F 501 40.81 7.57 33.91
C LYS F 501 41.58 8.87 33.80
N GLY F 502 42.81 8.87 34.33
CA GLY F 502 43.64 10.05 34.28
C GLY F 502 45.04 9.72 34.71
N VAL F 503 45.86 10.75 34.84
CA VAL F 503 47.26 10.59 35.21
C VAL F 503 47.50 11.32 36.53
N ASN F 504 48.09 10.61 37.49
CA ASN F 504 48.62 11.23 38.69
C ASN F 504 49.93 11.91 38.30
N ARG F 505 49.86 13.22 38.05
CA ARG F 505 51.04 13.96 37.58
C ARG F 505 52.22 13.79 38.54
N LYS F 506 51.95 13.67 39.84
CA LYS F 506 53.01 13.47 40.82
C LYS F 506 53.88 12.28 40.46
N LEU F 507 53.28 11.17 40.05
CA LEU F 507 54.00 9.93 39.80
C LEU F 507 54.20 9.63 38.33
N GLY F 508 53.58 10.40 37.43
CA GLY F 508 53.58 10.03 36.03
C GLY F 508 52.92 8.70 35.77
N ARG F 509 51.93 8.34 36.59
CA ARG F 509 51.20 7.08 36.46
C ARG F 509 49.78 7.38 35.99
N THR F 510 49.34 6.64 34.97
CA THR F 510 48.02 6.81 34.38
C THR F 510 47.20 5.55 34.63
N GLY F 511 45.96 5.74 35.05
CA GLY F 511 45.09 4.60 35.31
C GLY F 511 43.74 5.05 35.82
N LEU F 512 43.04 4.13 36.48
CA LEU F 512 41.70 4.38 36.98
C LEU F 512 41.73 4.79 38.44
N TYR F 513 40.63 5.37 38.89
CA TYR F 513 40.43 5.81 40.26
C TYR F 513 38.96 6.11 40.47
N PRO F 514 38.44 5.96 41.68
CA PRO F 514 37.02 6.29 41.92
C PRO F 514 36.74 7.75 41.60
N SER F 515 35.63 7.97 40.87
CA SER F 515 35.32 9.31 40.41
C SER F 515 34.96 10.24 41.56
N TYR F 516 34.41 9.69 42.65
CA TYR F 516 34.00 10.51 43.78
C TYR F 516 35.16 10.94 44.66
N LYS F 517 36.35 10.40 44.44
CA LYS F 517 37.51 10.70 45.27
C LYS F 517 38.30 11.92 44.80
N VAL F 518 37.85 12.60 43.74
CA VAL F 518 38.56 13.76 43.22
C VAL F 518 37.64 14.97 43.19
N ARG F 519 38.17 16.11 42.75
CA ARG F 519 37.45 17.37 42.78
C ARG F 519 37.98 18.26 41.66
N GLU F 520 37.08 19.01 41.04
CA GLU F 520 37.45 19.82 39.89
C GLU F 520 38.31 21.01 40.32
N LYS F 521 39.45 21.18 39.67
CA LYS F 521 40.36 22.30 39.94
C LYS F 521 40.00 23.44 39.01
N ILE F 522 39.28 24.44 39.54
CA ILE F 522 38.84 25.59 38.76
C ILE F 522 40.01 26.53 38.55
N GLU F 523 40.15 27.03 37.31
CA GLU F 523 41.23 27.92 36.94
C GLU F 523 40.71 29.32 36.67
N THR F 524 41.49 30.32 37.08
CA THR F 524 41.13 31.72 36.89
C THR F 524 42.21 32.44 36.08
N VAL F 525 41.81 33.48 35.36
CA VAL F 525 42.78 34.21 34.55
C VAL F 525 42.50 35.70 34.59
N LYS F 526 43.53 36.51 34.44
CA LYS F 526 43.32 37.94 34.44
C LYS F 526 42.46 38.22 33.22
N TYR F 527 41.41 39.00 33.41
CA TYR F 527 40.51 39.34 32.31
C TYR F 527 40.11 40.80 32.43
N PRO F 528 39.80 41.43 31.30
CA PRO F 528 39.41 42.84 31.43
C PRO F 528 38.13 42.96 32.22
N THR F 529 38.11 43.91 33.15
CA THR F 529 36.94 44.19 33.97
C THR F 529 35.89 44.96 33.18
N TYR F 530 36.35 45.76 32.22
CA TYR F 530 35.46 46.56 31.38
C TYR F 530 34.45 47.37 32.19
N PRO F 531 34.95 48.33 32.99
CA PRO F 531 34.10 49.18 33.83
C PRO F 531 33.34 50.23 33.01
N GLU F 532 33.86 50.54 31.82
CA GLU F 532 33.22 51.53 30.96
C GLU F 532 31.83 51.09 30.52
N ALA F 533 31.68 49.80 30.25
CA ALA F 533 30.39 49.25 29.83
C ALA F 533 29.28 49.61 30.82
N GLU F 534 29.51 49.29 32.09
CA GLU F 534 28.53 49.58 33.13
C GLU F 534 28.16 51.06 33.14
N LEU G 68 41.37 -47.98 -46.20
CA LEU G 68 40.96 -48.86 -45.10
C LEU G 68 42.01 -49.91 -44.78
N GLY G 69 42.11 -50.24 -43.50
CA GLY G 69 43.16 -51.14 -43.04
C GLY G 69 42.85 -52.61 -43.35
N LYS G 70 43.90 -53.34 -43.74
CA LYS G 70 43.75 -54.74 -44.08
C LYS G 70 43.31 -55.56 -42.87
N ASP G 71 44.03 -55.41 -41.74
CA ASP G 71 43.68 -56.15 -40.53
C ASP G 71 42.29 -55.76 -40.04
N HIS G 72 41.94 -54.47 -40.15
CA HIS G 72 40.62 -54.02 -39.72
C HIS G 72 39.50 -54.78 -40.44
N GLU G 73 39.64 -54.99 -41.75
CA GLU G 73 38.62 -55.71 -42.49
C GLU G 73 38.61 -57.18 -42.13
N ILE G 74 39.81 -57.79 -42.00
CA ILE G 74 39.91 -59.17 -41.57
C ILE G 74 39.23 -59.36 -40.22
N LEU G 75 39.45 -58.43 -39.29
CA LEU G 75 38.84 -58.53 -37.97
C LEU G 75 37.34 -58.32 -38.05
N ARG G 76 36.87 -57.33 -38.81
CA ARG G 76 35.45 -57.07 -38.91
C ARG G 76 34.70 -58.29 -39.44
N ARG G 77 35.24 -58.94 -40.46
CA ARG G 77 34.59 -60.13 -41.01
C ARG G 77 34.63 -61.29 -40.01
N ARG G 78 35.75 -61.43 -39.29
CA ARG G 78 35.87 -62.53 -38.33
C ARG G 78 34.87 -62.38 -37.19
N ILE G 79 34.56 -61.14 -36.81
CA ILE G 79 33.50 -60.91 -35.83
C ILE G 79 32.15 -61.21 -36.45
N GLU G 80 31.94 -60.76 -37.69
CA GLU G 80 30.69 -61.04 -38.40
C GLU G 80 30.44 -62.54 -38.50
N ASN G 81 31.46 -63.30 -38.88
CA ASN G 81 31.30 -64.74 -39.03
C ASN G 81 31.20 -65.42 -37.67
N GLY G 82 31.99 -64.95 -36.70
CA GLY G 82 31.89 -65.51 -35.35
C GLY G 82 30.51 -65.34 -34.76
N ALA G 83 29.86 -64.20 -35.04
CA ALA G 83 28.48 -64.00 -34.61
C ALA G 83 27.53 -64.95 -35.32
N LYS G 84 27.72 -65.15 -36.62
CA LYS G 84 26.89 -66.11 -37.36
C LYS G 84 27.04 -67.52 -36.79
N GLU G 85 28.28 -68.00 -36.68
CA GLU G 85 28.51 -69.36 -36.19
C GLU G 85 28.02 -69.54 -34.77
N LEU G 86 28.08 -68.48 -33.96
CA LEU G 86 27.48 -68.54 -32.63
C LEU G 86 25.97 -68.74 -32.73
N TRP G 87 25.32 -68.03 -33.66
CA TRP G 87 23.89 -68.18 -33.85
C TRP G 87 23.54 -69.57 -34.36
N PHE G 88 24.33 -70.10 -35.30
CA PHE G 88 24.16 -71.49 -35.72
C PHE G 88 24.26 -72.43 -34.53
N PHE G 89 25.28 -72.25 -33.70
CA PHE G 89 25.49 -73.12 -32.54
C PHE G 89 24.32 -73.05 -31.56
N LEU G 90 23.76 -71.85 -31.35
CA LEU G 90 22.66 -71.70 -30.39
C LEU G 90 21.42 -72.48 -30.82
N GLN G 91 20.98 -72.27 -32.05
CA GLN G 91 19.80 -73.00 -32.55
C GLN G 91 20.02 -74.51 -32.50
N SER G 92 21.24 -74.96 -32.81
CA SER G 92 21.52 -76.39 -32.85
C SER G 92 21.31 -77.04 -31.50
N GLU G 93 21.98 -76.52 -30.46
CA GLU G 93 21.96 -77.16 -29.16
C GLU G 93 20.60 -77.01 -28.48
N LEU G 94 19.92 -75.90 -28.70
CA LEU G 94 18.62 -75.70 -28.05
C LEU G 94 17.60 -76.75 -28.50
N LYS G 95 17.62 -77.13 -29.78
CA LYS G 95 16.78 -78.24 -30.22
C LYS G 95 17.08 -79.50 -29.44
N LYS G 96 18.37 -79.79 -29.22
CA LYS G 96 18.74 -80.98 -28.46
C LYS G 96 18.31 -80.86 -27.00
N LEU G 97 18.41 -79.66 -26.43
CA LEU G 97 18.06 -79.48 -25.02
C LEU G 97 16.57 -79.72 -24.78
N LYS G 98 15.72 -79.38 -25.75
CA LYS G 98 14.29 -79.62 -25.60
C LYS G 98 13.94 -81.10 -25.44
N ASN G 99 14.86 -82.00 -25.75
CA ASN G 99 14.59 -83.44 -25.69
C ASN G 99 15.35 -84.12 -24.56
N LEU G 100 15.76 -83.38 -23.53
CA LEU G 100 16.57 -83.94 -22.45
C LEU G 100 15.93 -83.66 -21.10
N GLU G 101 16.15 -84.59 -20.16
CA GLU G 101 15.62 -84.48 -18.80
C GLU G 101 16.71 -84.77 -17.78
N GLY G 102 16.52 -84.20 -16.59
CA GLY G 102 17.32 -84.50 -15.41
C GLY G 102 18.84 -84.42 -15.57
N ASN G 103 19.51 -85.52 -15.26
CA ASN G 103 20.97 -85.52 -15.23
C ASN G 103 21.57 -85.30 -16.61
N GLU G 104 21.09 -86.04 -17.61
CA GLU G 104 21.63 -85.87 -18.96
C GLU G 104 21.37 -84.46 -19.49
N LEU G 105 20.22 -83.89 -19.15
CA LEU G 105 19.95 -82.50 -19.56
C LEU G 105 20.95 -81.54 -18.94
N GLN G 106 21.09 -81.58 -17.62
CA GLN G 106 21.96 -80.63 -16.94
C GLN G 106 23.42 -80.85 -17.28
N ARG G 107 23.81 -82.10 -17.51
CA ARG G 107 25.18 -82.40 -17.95
C ARG G 107 25.48 -81.67 -19.25
N HIS G 108 24.65 -81.87 -20.28
CA HIS G 108 24.85 -81.20 -21.56
C HIS G 108 24.59 -79.70 -21.45
N ALA G 109 23.65 -79.29 -20.60
CA ALA G 109 23.40 -77.85 -20.41
C ALA G 109 24.62 -77.15 -19.83
N ASP G 110 25.30 -77.77 -18.87
CA ASP G 110 26.49 -77.18 -18.31
C ASP G 110 27.63 -77.17 -19.31
N GLU G 111 27.82 -78.29 -20.03
CA GLU G 111 28.81 -78.34 -21.11
C GLU G 111 28.49 -77.30 -22.18
N PHE G 112 27.20 -77.08 -22.46
CA PHE G 112 26.79 -76.03 -23.39
C PHE G 112 27.36 -74.68 -22.96
N LEU G 113 27.14 -74.30 -21.69
CA LEU G 113 27.61 -73.02 -21.19
C LEU G 113 29.13 -72.91 -21.31
N LEU G 114 29.84 -74.01 -21.12
CA LEU G 114 31.30 -73.99 -21.22
C LEU G 114 31.73 -73.61 -22.64
N ASP G 115 31.14 -74.26 -23.64
CA ASP G 115 31.47 -73.94 -25.03
C ASP G 115 31.12 -72.51 -25.38
N LEU G 116 29.98 -72.02 -24.87
CA LEU G 116 29.54 -70.66 -25.18
C LEU G 116 30.51 -69.63 -24.61
N GLY G 117 31.00 -69.85 -23.39
CA GLY G 117 31.93 -68.90 -22.79
C GLY G 117 33.15 -68.65 -23.64
N HIS G 118 33.81 -69.72 -24.06
CA HIS G 118 35.00 -69.58 -24.90
C HIS G 118 34.65 -68.95 -26.24
N HIS G 119 33.58 -69.43 -26.88
CA HIS G 119 33.15 -68.87 -28.15
C HIS G 119 32.92 -67.37 -28.05
N GLU G 120 32.22 -66.94 -27.00
CA GLU G 120 31.94 -65.52 -26.82
C GLU G 120 33.21 -64.72 -26.60
N ARG G 121 34.11 -65.23 -25.75
CA ARG G 121 35.34 -64.49 -25.44
C ARG G 121 36.22 -64.34 -26.68
N SER G 122 36.16 -65.30 -27.60
CA SER G 122 36.90 -65.17 -28.86
C SER G 122 36.44 -63.94 -29.64
N ILE G 123 35.12 -63.73 -29.69
CA ILE G 123 34.57 -62.54 -30.36
C ILE G 123 35.00 -61.28 -29.61
N MET G 124 34.84 -61.28 -28.29
CA MET G 124 35.24 -60.12 -27.49
C MET G 124 36.73 -59.84 -27.62
N THR G 125 37.55 -60.89 -27.78
CA THR G 125 38.97 -60.69 -28.04
C THR G 125 39.18 -60.01 -29.39
N ASP G 126 38.49 -60.50 -30.42
CA ASP G 126 38.57 -59.87 -31.73
C ASP G 126 38.05 -58.43 -31.69
N LEU G 127 37.03 -58.17 -30.87
CA LEU G 127 36.52 -56.82 -30.72
C LEU G 127 37.58 -55.91 -30.12
N TYR G 128 38.35 -56.41 -29.16
CA TYR G 128 39.47 -55.63 -28.62
C TYR G 128 40.51 -55.37 -29.69
N TYR G 129 40.93 -56.42 -30.41
CA TYR G 129 41.90 -56.24 -31.48
C TYR G 129 41.42 -55.21 -32.49
N LEU G 130 40.11 -55.15 -32.74
CA LEU G 130 39.58 -54.19 -33.70
C LEU G 130 39.70 -52.76 -33.21
N SER G 131 39.57 -52.55 -31.90
CA SER G 131 39.71 -51.22 -31.31
C SER G 131 41.15 -50.72 -31.30
N GLN G 132 42.10 -51.50 -31.80
CA GLN G 132 43.52 -51.15 -31.73
C GLN G 132 44.21 -51.07 -33.08
N THR G 133 43.78 -51.85 -34.07
CA THR G 133 44.56 -52.03 -35.28
C THR G 133 44.62 -50.76 -36.12
N ASP G 134 45.68 -50.67 -36.93
CA ASP G 134 45.86 -49.59 -37.90
C ASP G 134 45.88 -48.23 -37.24
N GLY G 135 46.56 -48.13 -36.09
CA GLY G 135 46.75 -46.86 -35.43
C GLY G 135 45.59 -46.37 -34.60
N ALA G 136 44.54 -47.17 -34.43
CA ALA G 136 43.40 -46.76 -33.60
C ALA G 136 43.83 -46.51 -32.16
N GLY G 137 44.68 -47.38 -31.61
CA GLY G 137 45.14 -47.20 -30.24
C GLY G 137 45.99 -45.95 -30.09
N ASP G 138 46.95 -45.75 -30.99
CA ASP G 138 47.82 -44.58 -30.91
C ASP G 138 47.02 -43.28 -30.95
N TRP G 139 46.04 -43.20 -31.86
CA TRP G 139 45.26 -41.97 -31.98
C TRP G 139 44.41 -41.73 -30.74
N ARG G 140 43.75 -42.77 -30.23
CA ARG G 140 42.85 -42.59 -29.10
C ARG G 140 43.58 -42.08 -27.86
N GLU G 141 44.80 -42.56 -27.61
CA GLU G 141 45.51 -42.07 -26.42
C GLU G 141 45.89 -40.60 -26.56
N LYS G 142 46.37 -40.19 -27.74
CA LYS G 142 46.74 -38.79 -27.92
C LYS G 142 45.53 -37.88 -27.75
N GLU G 143 44.40 -38.26 -28.35
CA GLU G 143 43.21 -37.42 -28.24
C GLU G 143 42.68 -37.39 -26.82
N ALA G 144 42.70 -38.54 -26.13
CA ALA G 144 42.35 -38.55 -24.71
C ALA G 144 43.35 -37.75 -23.89
N LYS G 145 44.62 -37.73 -24.30
CA LYS G 145 45.64 -36.93 -23.61
C LYS G 145 45.32 -35.45 -23.73
N ASP G 146 45.08 -34.97 -24.95
CA ASP G 146 44.81 -33.55 -25.17
C ASP G 146 43.58 -33.10 -24.40
N LEU G 147 42.52 -33.92 -24.38
CA LEU G 147 41.31 -33.54 -23.68
C LEU G 147 41.58 -33.35 -22.19
N THR G 148 42.28 -34.31 -21.56
CA THR G 148 42.64 -34.15 -20.16
C THR G 148 43.49 -32.89 -19.96
N GLU G 149 44.57 -32.75 -20.74
CA GLU G 149 45.43 -31.57 -20.64
C GLU G 149 44.62 -30.29 -20.79
N LEU G 150 43.69 -30.27 -21.75
CA LEU G 150 42.87 -29.08 -21.96
C LEU G 150 42.02 -28.76 -20.74
N VAL G 151 41.30 -29.77 -20.22
CA VAL G 151 40.41 -29.53 -19.09
C VAL G 151 41.20 -29.13 -17.85
N GLN G 152 42.27 -29.88 -17.54
CA GLN G 152 43.11 -29.52 -16.41
C GLN G 152 43.68 -28.10 -16.58
N ARG G 153 44.04 -27.74 -17.81
CA ARG G 153 44.45 -26.37 -18.09
C ARG G 153 43.35 -25.38 -17.71
N ARG G 154 42.10 -25.71 -18.05
CA ARG G 154 40.99 -24.82 -17.74
C ARG G 154 40.70 -24.79 -16.23
N ILE G 155 40.70 -25.96 -15.58
CA ILE G 155 40.44 -26.02 -14.15
C ILE G 155 41.51 -25.24 -13.39
N THR G 156 42.78 -25.45 -13.75
CA THR G 156 43.87 -24.73 -13.10
C THR G 156 43.71 -23.21 -13.26
N TYR G 157 43.42 -22.77 -14.48
CA TYR G 157 43.23 -21.34 -14.73
C TYR G 157 42.13 -20.77 -13.83
N LEU G 158 41.00 -21.47 -13.73
CA LEU G 158 39.91 -21.00 -12.90
C LEU G 158 40.32 -20.92 -11.43
N GLN G 159 41.07 -21.92 -10.95
CA GLN G 159 41.39 -22.01 -9.54
C GLN G 159 42.50 -21.06 -9.11
N ASN G 160 43.19 -20.43 -10.04
CA ASN G 160 44.33 -19.56 -9.72
C ASN G 160 44.14 -18.20 -10.38
N PRO G 161 43.26 -17.37 -9.82
CA PRO G 161 43.12 -15.99 -10.30
C PRO G 161 44.29 -15.13 -9.85
N LYS G 162 44.49 -14.03 -10.58
CA LYS G 162 45.56 -13.09 -10.24
C LYS G 162 45.27 -12.36 -8.94
N ASP G 163 44.04 -11.85 -8.78
CA ASP G 163 43.65 -11.10 -7.60
C ASP G 163 42.67 -11.96 -6.80
N CYS G 164 43.12 -12.46 -5.64
CA CYS G 164 42.26 -13.29 -4.82
C CYS G 164 41.14 -12.48 -4.18
N SER G 165 41.45 -11.29 -3.69
CA SER G 165 40.46 -10.49 -2.97
C SER G 165 39.29 -10.08 -3.85
N LYS G 166 39.47 -10.02 -5.17
CA LYS G 166 38.43 -9.56 -6.08
C LYS G 166 37.81 -10.66 -6.93
N ALA G 167 38.33 -11.88 -6.88
CA ALA G 167 37.76 -12.95 -7.68
C ALA G 167 36.43 -13.41 -7.12
N LYS G 168 35.55 -13.88 -8.01
CA LYS G 168 34.28 -14.45 -7.58
C LYS G 168 34.49 -15.89 -7.15
N LYS G 169 33.89 -16.25 -6.02
CA LYS G 169 34.23 -17.48 -5.33
C LYS G 169 32.98 -18.29 -5.03
N LEU G 170 33.16 -19.62 -5.03
CA LEU G 170 32.14 -20.56 -4.59
C LEU G 170 32.74 -21.37 -3.45
N VAL G 171 32.13 -21.26 -2.27
CA VAL G 171 32.66 -21.87 -1.05
C VAL G 171 31.95 -23.19 -0.82
N CYS G 172 32.74 -24.23 -0.56
CA CYS G 172 32.22 -25.57 -0.29
C CYS G 172 32.75 -26.04 1.06
N ASN G 173 31.87 -26.59 1.89
CA ASN G 173 32.26 -27.15 3.17
C ASN G 173 32.28 -28.67 3.06
N ILE G 174 33.37 -29.28 3.50
CA ILE G 174 33.58 -30.71 3.25
C ILE G 174 32.77 -31.59 4.21
N ASN G 175 32.29 -31.03 5.32
CA ASN G 175 31.75 -31.83 6.42
C ASN G 175 30.35 -32.34 6.13
N LYS G 176 30.25 -33.15 5.07
CA LYS G 176 29.01 -33.83 4.75
C LYS G 176 28.89 -35.10 5.61
N GLY G 177 27.77 -35.26 6.28
CA GLY G 177 27.57 -36.37 7.19
C GLY G 177 27.50 -37.72 6.51
N CYS G 178 28.65 -38.22 6.04
CA CYS G 178 28.71 -39.50 5.33
C CYS G 178 30.18 -39.90 5.24
N GLY G 179 30.43 -41.00 4.53
CA GLY G 179 31.76 -41.53 4.39
C GLY G 179 32.67 -40.65 3.54
N TYR G 180 33.86 -41.19 3.24
CA TYR G 180 34.87 -40.43 2.52
C TYR G 180 34.49 -40.25 1.06
N GLY G 181 34.17 -41.35 0.36
CA GLY G 181 33.78 -41.24 -1.04
C GLY G 181 32.58 -40.32 -1.23
N CYS G 182 31.57 -40.45 -0.37
CA CYS G 182 30.44 -39.52 -0.42
C CYS G 182 30.89 -38.10 -0.15
N GLN G 183 31.82 -37.91 0.79
CA GLN G 183 32.35 -36.57 1.06
C GLN G 183 33.11 -36.02 -0.15
N LEU G 184 33.91 -36.85 -0.80
CA LEU G 184 34.67 -36.40 -1.96
C LEU G 184 33.75 -36.01 -3.11
N HIS G 185 32.71 -36.79 -3.36
CA HIS G 185 31.78 -36.47 -4.44
C HIS G 185 31.07 -35.16 -4.18
N HIS G 186 30.83 -34.82 -2.90
CA HIS G 186 30.29 -33.50 -2.57
C HIS G 186 31.20 -32.39 -3.07
N VAL G 187 32.53 -32.60 -2.99
CA VAL G 187 33.47 -31.61 -3.47
C VAL G 187 33.41 -31.49 -4.99
N VAL G 188 33.35 -32.62 -5.69
CA VAL G 188 33.23 -32.60 -7.15
C VAL G 188 31.97 -31.86 -7.55
N TYR G 189 30.84 -32.18 -6.91
CA TYR G 189 29.59 -31.45 -7.11
C TYR G 189 29.79 -29.95 -6.90
N CYS G 190 30.50 -29.58 -5.83
CA CYS G 190 30.84 -28.17 -5.64
C CYS G 190 31.74 -27.66 -6.76
N PHE G 191 32.75 -28.44 -7.13
CA PHE G 191 33.75 -27.96 -8.08
C PHE G 191 33.14 -27.74 -9.46
N MET G 192 32.28 -28.65 -9.90
CA MET G 192 31.70 -28.54 -11.23
C MET G 192 30.88 -27.27 -11.38
N ILE G 193 30.13 -26.90 -10.34
CA ILE G 193 29.32 -25.68 -10.39
C ILE G 193 30.22 -24.45 -10.41
N ALA G 194 31.27 -24.44 -9.58
CA ALA G 194 32.24 -23.36 -9.62
C ALA G 194 32.85 -23.23 -11.01
N TYR G 195 33.09 -24.37 -11.68
CA TYR G 195 33.53 -24.34 -13.05
C TYR G 195 32.47 -23.77 -13.97
N GLY G 196 31.22 -24.24 -13.81
CA GLY G 196 30.14 -23.78 -14.68
C GLY G 196 29.75 -22.33 -14.47
N THR G 197 29.92 -21.82 -13.26
CA THR G 197 29.53 -20.46 -12.91
C THR G 197 30.71 -19.50 -12.92
N GLN G 198 31.89 -19.94 -13.36
CA GLN G 198 33.08 -19.10 -13.41
C GLN G 198 33.43 -18.52 -12.05
N ARG G 199 33.30 -19.34 -11.02
CA ARG G 199 33.66 -18.98 -9.66
C ARG G 199 34.81 -19.86 -9.19
N THR G 200 35.73 -19.28 -8.43
CA THR G 200 36.85 -20.03 -7.88
C THR G 200 36.40 -20.84 -6.67
N LEU G 201 36.85 -22.08 -6.58
CA LEU G 201 36.42 -22.96 -5.52
C LEU G 201 37.22 -22.68 -4.25
N ILE G 202 36.50 -22.37 -3.17
CA ILE G 202 37.09 -22.26 -1.85
C ILE G 202 36.55 -23.42 -1.02
N LEU G 203 37.46 -24.23 -0.49
CA LEU G 203 37.07 -25.46 0.20
C LEU G 203 37.39 -25.29 1.69
N GLU G 204 36.34 -25.10 2.49
CA GLU G 204 36.47 -25.08 3.94
C GLU G 204 36.50 -26.52 4.43
N SER G 205 37.65 -26.95 4.98
CA SER G 205 37.84 -28.36 5.29
C SER G 205 38.30 -28.62 6.72
N GLN G 206 38.38 -27.61 7.57
CA GLN G 206 38.76 -27.88 8.95
C GLN G 206 37.62 -28.55 9.70
N ASN G 207 37.98 -29.30 10.75
CA ASN G 207 37.10 -30.17 11.51
C ASN G 207 36.58 -31.34 10.68
N TRP G 208 37.21 -31.59 9.54
CA TRP G 208 36.95 -32.77 8.71
C TRP G 208 37.01 -34.04 9.56
N ARG G 209 35.95 -34.85 9.46
CA ARG G 209 35.84 -36.00 10.35
C ARG G 209 36.99 -36.98 10.14
N TYR G 210 37.59 -37.00 8.95
CA TYR G 210 38.75 -37.84 8.70
C TYR G 210 40.06 -37.17 9.09
N ALA G 211 40.11 -35.84 9.15
CA ALA G 211 41.39 -35.16 9.39
C ALA G 211 41.09 -33.72 9.82
N THR G 212 41.05 -33.49 11.13
CA THR G 212 40.73 -32.17 11.64
C THR G 212 41.68 -31.11 11.12
N GLY G 213 42.89 -31.48 10.69
CA GLY G 213 43.80 -30.51 10.11
C GLY G 213 43.25 -29.87 8.85
N GLY G 214 42.52 -30.62 8.05
CA GLY G 214 41.85 -30.11 6.87
C GLY G 214 42.23 -30.87 5.61
N TRP G 215 41.79 -30.31 4.49
CA TRP G 215 42.02 -30.93 3.18
C TRP G 215 43.51 -31.08 2.89
N GLU G 216 44.30 -30.05 3.18
CA GLU G 216 45.71 -30.04 2.81
C GLU G 216 46.55 -30.99 3.64
N THR G 217 45.94 -31.77 4.53
CA THR G 217 46.65 -32.83 5.24
C THR G 217 47.20 -33.87 4.28
N VAL G 218 46.49 -34.15 3.19
CA VAL G 218 46.84 -35.26 2.30
C VAL G 218 46.97 -34.78 0.86
N PHE G 219 46.18 -33.78 0.48
CA PHE G 219 46.09 -33.35 -0.89
C PHE G 219 46.58 -31.92 -1.04
N ARG G 220 47.02 -31.59 -2.25
CA ARG G 220 47.40 -30.21 -2.55
C ARG G 220 46.18 -29.30 -2.44
N PRO G 221 46.37 -28.06 -2.01
CA PRO G 221 45.25 -27.12 -1.97
C PRO G 221 44.68 -26.89 -3.36
N VAL G 222 43.36 -26.66 -3.41
CA VAL G 222 42.68 -26.49 -4.69
C VAL G 222 43.17 -25.25 -5.42
N SER G 223 43.84 -24.34 -4.72
CA SER G 223 44.35 -23.12 -5.32
C SER G 223 45.76 -22.85 -4.81
N GLU G 224 46.53 -22.15 -5.64
CA GLU G 224 47.87 -21.71 -5.25
C GLU G 224 47.90 -20.21 -4.93
N THR G 225 46.90 -19.47 -5.37
CA THR G 225 46.86 -18.02 -5.16
C THR G 225 45.63 -17.54 -4.40
N CYS G 226 44.54 -18.32 -4.34
CA CYS G 226 43.30 -17.86 -3.74
C CYS G 226 42.67 -19.00 -2.93
N THR G 227 43.06 -19.10 -1.67
CA THR G 227 42.36 -19.95 -0.71
C THR G 227 41.59 -19.12 0.32
N ASP G 228 41.77 -17.80 0.32
CA ASP G 228 41.00 -16.93 1.19
C ASP G 228 39.56 -16.82 0.69
N ARG G 229 38.61 -16.95 1.61
CA ARG G 229 37.20 -16.92 1.27
C ARG G 229 36.59 -15.53 1.39
N SER G 230 37.40 -14.51 1.66
CA SER G 230 36.87 -13.18 1.91
C SER G 230 36.23 -12.61 0.65
N GLY G 231 35.36 -11.62 0.84
CA GLY G 231 34.65 -11.01 -0.26
C GLY G 231 33.72 -9.90 0.17
N ILE G 232 33.50 -8.93 -0.73
CA ILE G 232 32.67 -7.78 -0.39
C ILE G 232 31.20 -8.16 -0.25
N SER G 233 30.81 -9.33 -0.74
CA SER G 233 29.43 -9.79 -0.61
C SER G 233 29.42 -11.31 -0.51
N THR G 234 28.72 -11.83 0.50
CA THR G 234 28.65 -13.27 0.72
C THR G 234 27.21 -13.65 1.03
N GLY G 235 26.76 -14.77 0.47
CA GLY G 235 25.42 -15.26 0.69
C GLY G 235 25.29 -16.70 0.23
N HIS G 236 24.16 -17.30 0.60
CA HIS G 236 23.88 -18.68 0.22
C HIS G 236 23.42 -18.76 -1.24
N TRP G 237 23.47 -19.97 -1.79
CA TRP G 237 23.13 -20.17 -3.19
C TRP G 237 21.66 -19.85 -3.44
N SER G 238 21.40 -19.05 -4.47
CA SER G 238 20.04 -18.73 -4.86
C SER G 238 19.85 -18.80 -6.38
N GLY G 239 20.85 -19.26 -7.13
CA GLY G 239 20.78 -19.27 -8.57
C GLY G 239 21.90 -18.50 -9.23
N GLU G 240 22.33 -18.94 -10.40
CA GLU G 240 23.46 -18.30 -11.08
C GLU G 240 23.15 -16.85 -11.44
N VAL G 241 21.94 -16.59 -11.93
CA VAL G 241 21.59 -15.24 -12.38
C VAL G 241 21.41 -14.32 -11.18
N LYS G 242 20.68 -14.77 -10.16
CA LYS G 242 20.40 -13.91 -9.01
C LYS G 242 21.67 -13.54 -8.26
N ASP G 243 22.65 -14.45 -8.22
CA ASP G 243 23.91 -14.22 -7.54
C ASP G 243 24.99 -13.66 -8.45
N LYS G 244 24.61 -13.11 -9.61
CA LYS G 244 25.61 -12.64 -10.57
C LYS G 244 26.47 -11.52 -10.02
N ASN G 245 26.01 -10.82 -8.98
CA ASN G 245 26.77 -9.72 -8.39
C ASN G 245 27.13 -10.01 -6.94
N VAL G 246 27.14 -11.28 -6.54
CA VAL G 246 27.63 -11.70 -5.24
C VAL G 246 29.00 -12.33 -5.44
N GLN G 247 30.01 -11.76 -4.79
CA GLN G 247 31.38 -12.23 -5.00
C GLN G 247 31.56 -13.65 -4.46
N VAL G 248 31.00 -13.93 -3.28
CA VAL G 248 31.20 -15.21 -2.60
C VAL G 248 29.84 -15.85 -2.39
N VAL G 249 29.65 -17.04 -2.95
CA VAL G 249 28.39 -17.77 -2.85
C VAL G 249 28.67 -19.10 -2.15
N GLU G 250 27.91 -19.36 -1.09
CA GLU G 250 28.06 -20.58 -0.30
C GLU G 250 27.14 -21.67 -0.84
N LEU G 251 27.73 -22.84 -1.16
CA LEU G 251 26.95 -23.91 -1.75
C LEU G 251 26.65 -24.97 -0.71
N PRO G 252 25.38 -25.33 -0.51
CA PRO G 252 25.03 -26.41 0.41
C PRO G 252 25.19 -27.76 -0.28
N ILE G 253 24.89 -28.83 0.47
CA ILE G 253 24.99 -30.15 -0.13
C ILE G 253 23.94 -30.32 -1.22
N VAL G 254 24.22 -31.24 -2.14
CA VAL G 254 23.36 -31.43 -3.31
C VAL G 254 21.99 -32.00 -2.93
N ASP G 255 21.89 -32.68 -1.79
CA ASP G 255 20.64 -33.33 -1.42
C ASP G 255 19.50 -32.34 -1.18
N SER G 256 19.80 -31.05 -0.98
CA SER G 256 18.79 -30.05 -0.67
C SER G 256 18.91 -28.81 -1.53
N LEU G 257 19.66 -28.88 -2.63
CA LEU G 257 19.98 -27.68 -3.40
C LEU G 257 18.74 -27.14 -4.11
N HIS G 258 18.50 -25.83 -3.98
CA HIS G 258 17.37 -25.15 -4.58
C HIS G 258 17.71 -23.70 -4.85
N PRO G 259 17.70 -23.25 -6.11
CA PRO G 259 17.39 -24.05 -7.31
C PRO G 259 18.61 -24.78 -7.84
N ARG G 260 18.39 -25.80 -8.66
CA ARG G 260 19.49 -26.61 -9.19
C ARG G 260 19.98 -26.03 -10.51
N PRO G 261 21.29 -25.83 -10.67
CA PRO G 261 21.82 -25.31 -11.93
C PRO G 261 22.04 -26.42 -12.93
N PRO G 262 22.31 -26.09 -14.20
CA PRO G 262 22.53 -27.15 -15.20
C PRO G 262 23.87 -27.84 -15.10
N TYR G 263 24.83 -27.31 -14.34
CA TYR G 263 26.20 -27.83 -14.31
C TYR G 263 26.30 -29.02 -13.37
N LEU G 264 25.64 -30.10 -13.75
CA LEU G 264 25.58 -31.31 -12.95
C LEU G 264 25.74 -32.54 -13.83
N PRO G 265 26.12 -33.67 -13.24
CA PRO G 265 26.07 -34.93 -13.97
C PRO G 265 24.63 -35.34 -14.23
N LEU G 266 24.42 -36.13 -15.29
CA LEU G 266 25.48 -36.71 -16.11
C LEU G 266 25.72 -35.94 -17.40
N ALA G 267 25.50 -34.63 -17.36
CA ALA G 267 25.73 -33.80 -18.54
C ALA G 267 27.21 -33.50 -18.71
N VAL G 268 27.60 -33.32 -19.96
CA VAL G 268 29.00 -33.06 -20.31
C VAL G 268 29.05 -31.71 -21.02
N PRO G 269 30.22 -31.08 -21.09
CA PRO G 269 30.31 -29.80 -21.79
C PRO G 269 29.92 -29.92 -23.25
N GLU G 270 29.04 -29.00 -23.68
CA GLU G 270 28.64 -28.86 -25.08
C GLU G 270 29.83 -28.95 -26.04
N ASP G 271 30.85 -28.12 -25.82
CA ASP G 271 31.97 -28.00 -26.74
C ASP G 271 32.84 -29.26 -26.79
N LEU G 272 32.64 -30.20 -25.87
CA LEU G 272 33.48 -31.39 -25.78
C LEU G 272 32.76 -32.67 -26.18
N ALA G 273 31.46 -32.62 -26.39
CA ALA G 273 30.67 -33.84 -26.57
C ALA G 273 31.13 -34.62 -27.80
N ASP G 274 31.27 -33.95 -28.94
CA ASP G 274 31.63 -34.64 -30.17
C ASP G 274 32.97 -35.35 -30.04
N ARG G 275 33.97 -34.65 -29.50
CA ARG G 275 35.27 -35.26 -29.29
C ARG G 275 35.21 -36.38 -28.27
N LEU G 276 34.40 -36.21 -27.22
CA LEU G 276 34.34 -37.21 -26.16
C LEU G 276 33.70 -38.50 -26.65
N VAL G 277 32.55 -38.40 -27.32
CA VAL G 277 31.88 -39.60 -27.83
C VAL G 277 32.78 -40.29 -28.85
N ARG G 278 33.53 -39.49 -29.63
CA ARG G 278 34.50 -40.06 -30.55
C ARG G 278 35.51 -40.93 -29.83
N VAL G 279 35.79 -40.63 -28.55
CA VAL G 279 36.84 -41.30 -27.79
C VAL G 279 36.27 -42.23 -26.73
N HIS G 280 35.35 -41.74 -25.91
CA HIS G 280 34.96 -42.41 -24.68
C HIS G 280 33.61 -43.09 -24.80
N GLY G 281 33.47 -44.22 -24.10
CA GLY G 281 32.22 -44.94 -24.07
C GLY G 281 31.22 -44.44 -23.04
N ASP G 282 31.67 -43.67 -22.06
CA ASP G 282 30.78 -43.02 -21.10
C ASP G 282 31.36 -41.66 -20.76
N PRO G 283 31.14 -40.67 -21.63
CA PRO G 283 31.74 -39.34 -21.40
C PRO G 283 31.30 -38.69 -20.11
N ALA G 284 30.16 -39.10 -19.55
CA ALA G 284 29.73 -38.54 -18.27
C ALA G 284 30.73 -38.84 -17.16
N VAL G 285 31.27 -40.07 -17.16
CA VAL G 285 32.25 -40.44 -16.14
C VAL G 285 33.57 -39.72 -16.37
N TRP G 286 33.97 -39.57 -17.63
CA TRP G 286 35.22 -38.88 -17.94
C TRP G 286 35.18 -37.44 -17.44
N TRP G 287 34.06 -36.74 -17.67
CA TRP G 287 33.92 -35.38 -17.17
C TRP G 287 34.07 -35.31 -15.65
N VAL G 288 33.47 -36.28 -14.94
CA VAL G 288 33.61 -36.33 -13.48
C VAL G 288 35.06 -36.57 -13.10
N SER G 289 35.74 -37.47 -13.82
CA SER G 289 37.10 -37.87 -13.46
C SER G 289 38.07 -36.70 -13.54
N GLN G 290 37.84 -35.75 -14.45
CA GLN G 290 38.74 -34.61 -14.59
C GLN G 290 38.77 -33.75 -13.33
N PHE G 291 37.64 -33.61 -12.64
CA PHE G 291 37.63 -32.85 -11.40
C PHE G 291 38.26 -33.65 -10.26
N VAL G 292 38.12 -34.97 -10.27
CA VAL G 292 38.80 -35.79 -9.27
C VAL G 292 40.29 -35.77 -9.49
N LYS G 293 40.72 -35.95 -10.75
CA LYS G 293 42.14 -35.90 -11.09
C LYS G 293 42.80 -34.64 -10.53
N TYR G 294 42.16 -33.49 -10.71
CA TYR G 294 42.70 -32.24 -10.19
C TYR G 294 42.70 -32.22 -8.67
N LEU G 295 41.63 -32.73 -8.03
CA LEU G 295 41.50 -32.60 -6.59
C LEU G 295 42.54 -33.43 -5.85
N ILE G 296 42.79 -34.65 -6.31
CA ILE G 296 43.55 -35.63 -5.53
C ILE G 296 45.05 -35.52 -5.80
N ARG G 297 45.50 -34.35 -6.25
CA ARG G 297 46.93 -34.10 -6.32
C ARG G 297 47.55 -34.33 -4.94
N PRO G 298 48.46 -35.29 -4.79
CA PRO G 298 48.90 -35.69 -3.44
C PRO G 298 49.99 -34.79 -2.89
N GLN G 299 49.96 -34.62 -1.57
CA GLN G 299 51.08 -34.00 -0.88
C GLN G 299 52.32 -34.89 -0.98
N PRO G 300 53.51 -34.30 -0.92
CA PRO G 300 54.75 -35.09 -1.12
C PRO G 300 54.87 -36.33 -0.25
N TRP G 301 54.53 -36.24 1.04
CA TRP G 301 54.66 -37.43 1.89
C TRP G 301 53.69 -38.51 1.46
N LEU G 302 52.49 -38.13 1.03
CA LEU G 302 51.54 -39.11 0.52
C LEU G 302 51.99 -39.67 -0.82
N GLU G 303 52.43 -38.79 -1.71
CA GLU G 303 52.99 -39.21 -3.00
C GLU G 303 54.13 -40.21 -2.80
N LYS G 304 54.99 -39.95 -1.82
CA LYS G 304 56.08 -40.87 -1.52
C LYS G 304 55.56 -42.21 -1.00
N GLU G 305 54.69 -42.16 0.01
CA GLU G 305 54.15 -43.38 0.61
C GLU G 305 53.44 -44.25 -0.42
N ILE G 306 52.75 -43.62 -1.39
CA ILE G 306 52.14 -44.39 -2.48
C ILE G 306 53.21 -45.16 -3.24
N GLU G 307 54.32 -44.48 -3.58
CA GLU G 307 55.43 -45.13 -4.26
C GLU G 307 56.00 -46.27 -3.42
N GLU G 308 56.02 -46.09 -2.09
CA GLU G 308 56.51 -47.14 -1.20
C GLU G 308 55.63 -48.39 -1.28
N ALA G 309 54.32 -48.21 -1.10
CA ALA G 309 53.39 -49.33 -1.13
C ALA G 309 53.45 -50.08 -2.45
N THR G 310 53.63 -49.37 -3.57
CA THR G 310 53.72 -50.02 -4.87
C THR G 310 54.81 -51.10 -4.88
N LYS G 311 56.02 -50.73 -4.45
CA LYS G 311 57.10 -51.71 -4.41
C LYS G 311 56.87 -52.75 -3.33
N LYS G 312 56.47 -52.30 -2.14
CA LYS G 312 56.34 -53.21 -1.00
C LYS G 312 55.25 -54.24 -1.22
N LEU G 313 54.11 -53.82 -1.79
CA LEU G 313 53.02 -54.76 -2.02
C LEU G 313 53.28 -55.70 -3.18
N GLY G 314 54.34 -55.48 -3.95
CA GLY G 314 54.56 -56.27 -5.14
C GLY G 314 53.51 -56.02 -6.19
N PHE G 315 53.06 -54.77 -6.30
CA PHE G 315 51.98 -54.42 -7.21
C PHE G 315 52.52 -54.41 -8.64
N LYS G 316 52.06 -55.35 -9.46
CA LYS G 316 52.51 -55.43 -10.85
C LYS G 316 51.34 -55.92 -11.70
N HIS G 317 51.40 -55.60 -12.99
CA HIS G 317 50.33 -55.97 -13.90
C HIS G 317 50.66 -57.29 -14.59
N PRO G 318 49.64 -58.09 -14.96
CA PRO G 318 48.20 -57.85 -14.83
C PRO G 318 47.63 -58.08 -13.43
N VAL G 319 46.65 -57.27 -13.06
CA VAL G 319 46.02 -57.35 -11.74
C VAL G 319 44.58 -56.87 -11.88
N ILE G 320 43.67 -57.57 -11.20
CA ILE G 320 42.24 -57.23 -11.18
C ILE G 320 41.90 -56.74 -9.78
N GLY G 321 41.32 -55.54 -9.70
CA GLY G 321 40.96 -54.95 -8.42
C GLY G 321 39.57 -55.39 -7.97
N VAL G 322 39.47 -55.71 -6.68
CA VAL G 322 38.21 -56.17 -6.08
C VAL G 322 37.96 -55.35 -4.82
N HIS G 323 36.72 -54.88 -4.67
CA HIS G 323 36.30 -54.10 -3.50
C HIS G 323 35.11 -54.79 -2.86
N VAL G 324 35.33 -55.39 -1.70
CA VAL G 324 34.29 -56.08 -0.95
C VAL G 324 33.88 -55.16 0.20
N ARG G 325 32.82 -54.38 -0.01
CA ARG G 325 32.32 -53.46 0.99
C ARG G 325 31.29 -54.15 1.87
N ARG G 326 31.51 -54.10 3.19
CA ARG G 326 30.58 -54.73 4.13
C ARG G 326 30.33 -53.83 5.33
N THR G 327 30.54 -54.36 6.54
CA THR G 327 30.28 -53.64 7.79
C THR G 327 28.90 -52.97 7.79
N ASP G 328 28.88 -51.63 7.83
CA ASP G 328 27.63 -50.90 7.96
C ASP G 328 26.89 -50.73 6.64
N LYS G 329 27.55 -51.00 5.51
CA LYS G 329 26.89 -50.88 4.21
C LYS G 329 25.81 -51.95 4.04
N VAL G 330 26.03 -53.13 4.59
CA VAL G 330 25.10 -54.25 4.41
C VAL G 330 23.77 -53.95 5.09
N GLY G 331 22.67 -54.21 4.37
CA GLY G 331 21.33 -54.06 4.90
C GLY G 331 20.74 -52.68 4.78
N THR G 332 21.57 -51.65 4.60
CA THR G 332 21.11 -50.27 4.52
C THR G 332 21.26 -49.67 3.14
N GLU G 333 22.39 -49.89 2.49
CA GLU G 333 22.67 -49.31 1.18
C GLU G 333 23.12 -50.35 0.17
N ALA G 334 23.29 -51.60 0.59
CA ALA G 334 23.75 -52.68 -0.28
C ALA G 334 23.42 -54.00 0.42
N ALA G 335 23.92 -55.09 -0.12
CA ALA G 335 23.67 -56.42 0.41
C ALA G 335 25.01 -57.11 0.66
N PHE G 336 24.95 -58.22 1.38
CA PHE G 336 26.15 -59.06 1.54
C PHE G 336 26.39 -59.82 0.24
N HIS G 337 27.66 -59.97 -0.10
CA HIS G 337 28.06 -60.69 -1.31
C HIS G 337 29.21 -61.63 -0.96
N PRO G 338 29.04 -62.94 -1.09
CA PRO G 338 30.14 -63.86 -0.82
C PRO G 338 31.33 -63.58 -1.71
N ILE G 339 32.51 -64.02 -1.25
CA ILE G 339 33.72 -63.82 -2.04
C ILE G 339 33.59 -64.50 -3.38
N GLU G 340 32.86 -65.63 -3.43
CA GLU G 340 32.65 -66.33 -4.69
C GLU G 340 31.89 -65.48 -5.69
N GLU G 341 30.97 -64.64 -5.22
CA GLU G 341 30.24 -63.74 -6.12
C GLU G 341 31.20 -62.84 -6.89
N TYR G 342 32.16 -62.24 -6.20
CA TYR G 342 33.14 -61.40 -6.88
C TYR G 342 34.05 -62.23 -7.78
N MET G 343 34.47 -63.40 -7.28
CA MET G 343 35.55 -64.15 -7.92
C MET G 343 35.14 -64.81 -9.22
N VAL G 344 33.86 -65.12 -9.41
CA VAL G 344 33.43 -65.74 -10.65
C VAL G 344 33.67 -64.81 -11.83
N HIS G 345 33.52 -63.51 -11.62
CA HIS G 345 33.77 -62.55 -12.69
C HIS G 345 35.26 -62.29 -12.87
N VAL G 346 36.04 -62.40 -11.79
CA VAL G 346 37.49 -62.29 -11.89
C VAL G 346 38.05 -63.42 -12.74
N GLU G 347 37.73 -64.67 -12.39
CA GLU G 347 38.17 -65.81 -13.19
C GLU G 347 37.68 -65.69 -14.63
N GLU G 348 36.45 -65.21 -14.82
CA GLU G 348 35.93 -65.03 -16.17
C GLU G 348 36.77 -64.03 -16.96
N HIS G 349 37.11 -62.91 -16.34
CA HIS G 349 37.86 -61.88 -17.06
C HIS G 349 39.31 -62.29 -17.25
N PHE G 350 39.88 -63.08 -16.34
CA PHE G 350 41.23 -63.58 -16.55
C PHE G 350 41.27 -64.55 -17.73
N GLN G 351 40.21 -65.34 -17.91
CA GLN G 351 40.12 -66.17 -19.12
C GLN G 351 40.08 -65.31 -20.37
N LEU G 352 39.41 -64.15 -20.29
CA LEU G 352 39.38 -63.24 -21.43
C LEU G 352 40.77 -62.70 -21.72
N LEU G 353 41.47 -62.22 -20.68
CA LEU G 353 42.82 -61.70 -20.87
C LEU G 353 43.77 -62.78 -21.37
N ALA G 354 43.61 -64.00 -20.86
CA ALA G 354 44.46 -65.11 -21.29
C ALA G 354 44.37 -65.39 -22.78
N ARG G 355 43.28 -64.99 -23.43
CA ARG G 355 43.15 -65.19 -24.87
C ARG G 355 44.07 -64.30 -25.69
N ARG G 356 44.62 -63.25 -25.08
CA ARG G 356 45.41 -62.26 -25.82
C ARG G 356 46.82 -62.06 -25.30
N MET G 357 47.17 -62.66 -24.15
CA MET G 357 48.48 -62.41 -23.56
C MET G 357 48.86 -63.56 -22.64
N GLN G 358 50.17 -63.71 -22.42
CA GLN G 358 50.68 -64.67 -21.46
C GLN G 358 50.45 -64.17 -20.05
N VAL G 359 49.80 -64.97 -19.23
CA VAL G 359 49.49 -64.63 -17.84
C VAL G 359 50.39 -65.48 -16.94
N ASP G 360 51.37 -64.83 -16.30
CA ASP G 360 52.23 -65.53 -15.36
C ASP G 360 51.45 -66.00 -14.13
N LYS G 361 50.90 -65.06 -13.37
CA LYS G 361 50.16 -65.36 -12.16
C LYS G 361 48.91 -64.50 -12.10
N LYS G 362 47.82 -65.06 -11.59
CA LYS G 362 46.55 -64.35 -11.45
C LYS G 362 46.60 -63.51 -10.18
N ARG G 363 46.82 -62.21 -10.34
CA ARG G 363 46.94 -61.28 -9.22
C ARG G 363 45.61 -60.56 -8.97
N VAL G 364 45.23 -60.46 -7.70
CA VAL G 364 44.04 -59.73 -7.27
C VAL G 364 44.41 -58.79 -6.14
N TYR G 365 44.11 -57.50 -6.31
CA TYR G 365 44.24 -56.52 -5.24
C TYR G 365 42.92 -56.46 -4.46
N LEU G 366 42.91 -57.03 -3.27
CA LEU G 366 41.72 -57.07 -2.44
C LEU G 366 41.64 -55.82 -1.58
N ALA G 367 40.48 -55.17 -1.59
CA ALA G 367 40.21 -53.99 -0.78
C ALA G 367 38.89 -54.19 -0.06
N THR G 368 38.94 -54.27 1.27
CA THR G 368 37.74 -54.54 2.05
C THR G 368 37.87 -53.88 3.41
N ASP G 369 36.72 -53.66 4.05
CA ASP G 369 36.66 -53.27 5.45
C ASP G 369 36.42 -54.46 6.37
N ASP G 370 36.50 -55.68 5.82
CA ASP G 370 36.43 -56.93 6.58
C ASP G 370 37.83 -57.53 6.66
N PRO G 371 38.56 -57.33 7.75
CA PRO G 371 39.94 -57.84 7.80
C PRO G 371 40.03 -59.36 7.84
N SER G 372 38.98 -60.04 8.30
CA SER G 372 38.95 -61.50 8.30
C SER G 372 38.87 -62.09 6.90
N LEU G 373 38.68 -61.26 5.87
CA LEU G 373 38.43 -61.78 4.53
C LEU G 373 39.70 -62.32 3.88
N LEU G 374 40.83 -61.63 4.08
CA LEU G 374 42.05 -61.98 3.35
C LEU G 374 42.45 -63.42 3.60
N LYS G 375 42.32 -63.87 4.86
CA LYS G 375 42.57 -65.28 5.18
C LYS G 375 41.64 -66.20 4.41
N GLU G 376 40.35 -65.87 4.39
CA GLU G 376 39.37 -66.69 3.68
C GLU G 376 39.65 -66.73 2.19
N ALA G 377 40.02 -65.60 1.60
CA ALA G 377 40.25 -65.53 0.15
C ALA G 377 41.45 -66.38 -0.26
N LYS G 378 42.57 -66.26 0.46
CA LYS G 378 43.77 -67.03 0.13
C LYS G 378 43.49 -68.53 0.15
N THR G 379 42.69 -69.00 1.11
CA THR G 379 42.41 -70.43 1.23
C THR G 379 41.58 -70.92 0.04
N LYS G 380 40.46 -70.24 -0.24
CA LYS G 380 39.55 -70.70 -1.28
C LYS G 380 40.15 -70.59 -2.67
N TYR G 381 41.17 -69.76 -2.87
CA TYR G 381 41.76 -69.52 -4.18
C TYR G 381 43.27 -69.61 -4.08
N PRO G 382 43.80 -70.83 -3.96
CA PRO G 382 45.25 -70.98 -3.72
C PRO G 382 46.11 -70.56 -4.91
N ASN G 383 45.61 -70.69 -6.13
CA ASN G 383 46.38 -70.32 -7.31
C ASN G 383 46.26 -68.83 -7.64
N TYR G 384 45.73 -68.03 -6.72
CA TYR G 384 45.61 -66.59 -6.89
C TYR G 384 46.58 -65.88 -5.96
N GLU G 385 47.30 -64.90 -6.49
CA GLU G 385 48.13 -64.01 -5.67
C GLU G 385 47.28 -62.83 -5.21
N PHE G 386 46.96 -62.79 -3.92
CA PHE G 386 46.16 -61.72 -3.35
C PHE G 386 47.07 -60.65 -2.78
N ILE G 387 46.99 -59.44 -3.32
CA ILE G 387 47.76 -58.30 -2.84
C ILE G 387 46.83 -57.44 -1.98
N SER G 388 47.13 -57.36 -0.69
CA SER G 388 46.26 -56.62 0.23
C SER G 388 47.04 -56.25 1.47
N ASP G 389 46.66 -55.11 2.06
CA ASP G 389 47.25 -54.60 3.29
C ASP G 389 46.19 -54.82 4.38
N ASN G 390 46.31 -55.94 5.09
CA ASN G 390 45.29 -56.31 6.07
C ASN G 390 45.20 -55.30 7.20
N SER G 391 46.29 -54.60 7.51
CA SER G 391 46.24 -53.58 8.54
C SER G 391 45.37 -52.40 8.13
N ILE G 392 45.29 -52.12 6.82
CA ILE G 392 44.38 -51.08 6.33
C ILE G 392 42.94 -51.54 6.46
N SER G 393 42.66 -52.79 6.06
CA SER G 393 41.31 -53.34 6.21
C SER G 393 40.86 -53.29 7.67
N TRP G 394 41.78 -53.57 8.59
CA TRP G 394 41.45 -53.49 10.01
C TRP G 394 41.30 -52.04 10.47
N SER G 395 42.15 -51.14 9.95
CA SER G 395 42.04 -49.73 10.29
C SER G 395 40.76 -49.12 9.75
N ALA G 396 40.20 -49.68 8.69
CA ALA G 396 38.95 -49.21 8.10
C ALA G 396 37.73 -49.56 8.95
N GLY G 397 37.89 -50.30 10.04
CA GLY G 397 36.79 -50.60 10.93
C GLY G 397 36.05 -49.38 11.44
N LEU G 398 34.85 -49.59 11.98
CA LEU G 398 33.97 -48.47 12.31
C LEU G 398 34.53 -47.61 13.42
N HIS G 399 35.08 -48.25 14.46
CA HIS G 399 35.55 -47.51 15.63
C HIS G 399 36.73 -46.61 15.30
N ASN G 400 37.53 -46.97 14.29
CA ASN G 400 38.74 -46.22 13.93
C ASN G 400 38.63 -45.58 12.56
N ARG G 401 37.43 -45.56 11.98
CA ARG G 401 37.28 -45.18 10.57
C ARG G 401 37.59 -43.71 10.34
N TYR G 402 37.22 -42.84 11.27
CA TYR G 402 37.27 -41.40 11.03
C TYR G 402 38.51 -40.78 11.65
N THR G 403 39.67 -41.19 11.14
CA THR G 403 40.94 -40.62 11.52
C THR G 403 41.84 -40.48 10.29
N GLU G 404 42.91 -39.72 10.45
CA GLU G 404 43.83 -39.48 9.34
C GLU G 404 44.48 -40.76 8.85
N ASN G 405 44.87 -41.65 9.77
CA ASN G 405 45.49 -42.90 9.36
C ASN G 405 44.51 -43.75 8.57
N SER G 406 43.26 -43.82 9.01
CA SER G 406 42.25 -44.51 8.23
C SER G 406 41.95 -43.77 6.94
N LEU G 407 42.06 -42.43 6.95
CA LEU G 407 41.85 -41.66 5.73
C LEU G 407 42.86 -42.06 4.65
N ARG G 408 44.16 -42.06 4.99
CA ARG G 408 45.14 -42.47 3.99
C ARG G 408 44.99 -43.94 3.61
N GLY G 409 44.38 -44.75 4.48
CA GLY G 409 44.16 -46.15 4.13
C GLY G 409 43.20 -46.30 2.97
N VAL G 410 42.05 -45.62 3.03
CA VAL G 410 41.09 -45.69 1.94
C VAL G 410 41.65 -44.98 0.70
N ILE G 411 42.46 -43.94 0.90
CA ILE G 411 43.10 -43.28 -0.22
C ILE G 411 44.00 -44.25 -0.98
N LEU G 412 44.75 -45.08 -0.26
CA LEU G 412 45.66 -46.01 -0.90
C LEU G 412 44.92 -47.15 -1.59
N ASP G 413 43.93 -47.72 -0.91
CA ASP G 413 43.11 -48.77 -1.52
C ASP G 413 42.47 -48.27 -2.81
N ILE G 414 41.91 -47.07 -2.78
CA ILE G 414 41.31 -46.49 -3.99
C ILE G 414 42.34 -46.36 -5.10
N HIS G 415 43.56 -45.92 -4.76
CA HIS G 415 44.60 -45.74 -5.77
C HIS G 415 44.89 -47.04 -6.50
N PHE G 416 45.23 -48.09 -5.76
CA PHE G 416 45.60 -49.34 -6.42
C PHE G 416 44.41 -50.02 -7.09
N LEU G 417 43.19 -49.74 -6.62
CA LEU G 417 42.01 -50.20 -7.34
C LEU G 417 41.94 -49.53 -8.72
N SER G 418 42.17 -48.22 -8.77
CA SER G 418 42.15 -47.52 -10.05
C SER G 418 43.28 -47.97 -10.95
N GLN G 419 44.43 -48.36 -10.37
CA GLN G 419 45.56 -48.80 -11.17
C GLN G 419 45.32 -50.18 -11.78
N ALA G 420 44.37 -50.94 -11.25
CA ALA G 420 44.13 -52.29 -11.75
C ALA G 420 43.63 -52.24 -13.20
N ASP G 421 43.86 -53.34 -13.91
CA ASP G 421 43.40 -53.47 -15.29
C ASP G 421 41.91 -53.76 -15.39
N PHE G 422 41.24 -54.03 -14.27
CA PHE G 422 39.83 -54.37 -14.24
C PHE G 422 39.34 -54.21 -12.81
N LEU G 423 38.04 -53.95 -12.65
CA LEU G 423 37.49 -53.59 -11.34
C LEU G 423 36.20 -54.36 -11.11
N VAL G 424 36.20 -55.21 -10.09
CA VAL G 424 35.03 -55.97 -9.67
C VAL G 424 34.62 -55.48 -8.29
N CYS G 425 33.34 -55.15 -8.13
CA CYS G 425 32.86 -54.60 -6.87
C CYS G 425 31.34 -54.43 -6.88
N THR G 426 30.83 -53.63 -5.94
CA THR G 426 29.45 -53.16 -5.95
C THR G 426 29.49 -51.64 -6.15
N PHE G 427 28.85 -51.18 -7.23
CA PHE G 427 28.82 -49.74 -7.49
C PHE G 427 27.90 -48.99 -6.53
N SER G 428 27.12 -49.70 -5.71
CA SER G 428 26.38 -49.03 -4.65
C SER G 428 27.34 -48.34 -3.68
N SER G 429 28.55 -48.87 -3.53
CA SER G 429 29.54 -48.29 -2.64
C SER G 429 30.20 -47.08 -3.30
N GLN G 430 30.20 -45.95 -2.59
CA GLN G 430 30.90 -44.77 -3.09
C GLN G 430 32.38 -45.03 -3.27
N VAL G 431 32.94 -45.97 -2.50
CA VAL G 431 34.37 -46.25 -2.57
C VAL G 431 34.76 -46.74 -3.96
N CYS G 432 34.04 -47.75 -4.46
CA CYS G 432 34.36 -48.31 -5.76
C CYS G 432 34.14 -47.29 -6.88
N ARG G 433 33.11 -46.46 -6.75
CA ARG G 433 32.83 -45.47 -7.80
C ARG G 433 34.00 -44.51 -7.99
N VAL G 434 34.68 -44.14 -6.91
CA VAL G 434 35.82 -43.25 -7.02
C VAL G 434 36.95 -43.93 -7.79
N ALA G 435 37.33 -45.14 -7.37
CA ALA G 435 38.36 -45.88 -8.09
C ALA G 435 38.01 -46.06 -9.56
N TYR G 436 36.72 -46.28 -9.85
CA TYR G 436 36.27 -46.37 -11.23
C TYR G 436 36.51 -45.06 -11.97
N GLU G 437 36.18 -43.93 -11.34
CA GLU G 437 36.36 -42.64 -11.98
C GLU G 437 37.82 -42.33 -12.23
N ILE G 438 38.69 -42.60 -11.24
CA ILE G 438 40.12 -42.35 -11.41
C ILE G 438 40.69 -43.22 -12.52
N MET G 439 40.17 -44.44 -12.67
CA MET G 439 40.60 -45.32 -13.76
C MET G 439 40.48 -44.64 -15.12
N GLN G 440 39.47 -43.79 -15.29
CA GLN G 440 39.27 -43.14 -16.59
C GLN G 440 40.42 -42.20 -16.94
N THR G 441 41.08 -41.63 -15.94
CA THR G 441 42.20 -40.73 -16.19
C THR G 441 43.50 -41.46 -16.48
N LEU G 442 43.53 -42.79 -16.33
CA LEU G 442 44.75 -43.56 -16.51
C LEU G 442 44.83 -44.26 -17.86
N HIS G 443 43.71 -44.39 -18.57
CA HIS G 443 43.65 -45.06 -19.85
C HIS G 443 42.75 -44.24 -20.78
N PRO G 444 42.86 -44.43 -22.09
CA PRO G 444 41.87 -43.87 -23.01
C PRO G 444 40.67 -44.80 -23.08
N ASP G 445 39.51 -44.29 -22.66
CA ASP G 445 38.24 -45.03 -22.68
C ASP G 445 38.36 -46.34 -21.88
N ALA G 446 38.54 -46.17 -20.57
CA ALA G 446 38.50 -47.29 -19.64
C ALA G 446 37.11 -47.53 -19.07
N SER G 447 36.07 -47.08 -19.78
CA SER G 447 34.72 -47.09 -19.23
C SER G 447 34.14 -48.50 -19.06
N ALA G 448 34.62 -49.47 -19.82
CA ALA G 448 34.05 -50.81 -19.81
C ALA G 448 34.78 -51.77 -18.87
N ASN G 449 35.88 -51.35 -18.26
CA ASN G 449 36.72 -52.26 -17.48
C ASN G 449 36.17 -52.50 -16.07
N PHE G 450 34.89 -52.84 -15.96
CA PHE G 450 34.32 -53.08 -14.64
C PHE G 450 33.21 -54.12 -14.74
N HIS G 451 32.81 -54.62 -13.56
CA HIS G 451 31.58 -55.38 -13.41
C HIS G 451 31.08 -55.15 -11.99
N SER G 452 29.91 -54.53 -11.88
CA SER G 452 29.30 -54.28 -10.57
C SER G 452 28.34 -55.39 -10.21
N LEU G 453 28.34 -55.79 -8.94
CA LEU G 453 27.45 -56.84 -8.46
C LEU G 453 26.03 -56.34 -8.24
N ASP G 454 25.83 -55.02 -8.20
CA ASP G 454 24.49 -54.49 -8.00
C ASP G 454 24.20 -53.30 -8.91
N ASP G 455 24.44 -52.09 -8.40
CA ASP G 455 24.09 -50.88 -9.14
C ASP G 455 24.94 -50.72 -10.40
N ILE G 456 24.36 -50.04 -11.39
CA ILE G 456 25.13 -49.53 -12.52
C ILE G 456 25.81 -48.26 -12.03
N TYR G 457 26.59 -47.62 -12.89
CA TYR G 457 27.25 -46.38 -12.47
C TYR G 457 26.21 -45.30 -12.25
N TYR G 458 26.33 -44.58 -11.14
CA TYR G 458 25.53 -43.40 -10.89
C TYR G 458 26.37 -42.39 -10.13
N PHE G 459 25.80 -41.20 -9.93
CA PHE G 459 26.43 -40.13 -9.16
C PHE G 459 25.37 -39.52 -8.26
N GLY G 460 25.50 -39.72 -6.95
CA GLY G 460 24.55 -39.23 -5.98
C GLY G 460 24.16 -37.78 -6.17
N GLY G 461 22.89 -37.52 -6.49
CA GLY G 461 22.41 -36.19 -6.76
C GLY G 461 22.34 -35.82 -8.22
N GLN G 462 22.63 -36.75 -9.12
CA GLN G 462 22.62 -36.48 -10.56
C GLN G 462 21.22 -36.11 -11.03
N ASN G 463 21.17 -35.45 -12.19
CA ASN G 463 19.90 -35.29 -12.89
C ASN G 463 19.48 -36.63 -13.50
N ALA G 464 18.18 -36.74 -13.77
CA ALA G 464 17.56 -38.00 -14.18
C ALA G 464 18.30 -38.65 -15.33
N HIS G 465 18.81 -39.86 -15.09
CA HIS G 465 19.47 -40.65 -16.12
C HIS G 465 18.41 -41.28 -17.02
N ASN G 466 18.43 -40.92 -18.31
CA ASN G 466 17.40 -41.34 -19.24
C ASN G 466 18.03 -42.09 -20.41
N GLN G 467 17.31 -43.08 -20.92
CA GLN G 467 17.68 -43.80 -22.12
C GLN G 467 16.60 -43.62 -23.16
N ILE G 468 16.93 -43.94 -24.41
CA ILE G 468 15.98 -43.88 -25.51
C ILE G 468 15.83 -45.29 -26.06
N ALA G 469 14.59 -45.76 -26.11
CA ALA G 469 14.31 -47.06 -26.71
C ALA G 469 14.57 -46.99 -28.21
N ILE G 470 15.37 -47.94 -28.71
CA ILE G 470 15.66 -48.02 -30.13
C ILE G 470 14.91 -49.15 -30.83
N TYR G 471 14.57 -50.21 -30.10
CA TYR G 471 13.81 -51.32 -30.65
C TYR G 471 12.54 -51.50 -29.82
N ALA G 472 11.44 -51.83 -30.49
CA ALA G 472 10.17 -52.00 -29.81
C ALA G 472 10.19 -53.29 -28.98
N HIS G 473 9.57 -53.22 -27.80
CA HIS G 473 9.43 -54.38 -26.92
C HIS G 473 7.97 -54.57 -26.55
N GLN G 474 7.51 -55.82 -26.63
CA GLN G 474 6.17 -56.19 -26.20
C GLN G 474 6.27 -57.03 -24.94
N PRO G 475 5.62 -56.65 -23.85
CA PRO G 475 5.82 -57.38 -22.59
C PRO G 475 5.34 -58.81 -22.70
N ARG G 476 6.21 -59.76 -22.34
CA ARG G 476 5.79 -61.15 -22.28
C ARG G 476 5.08 -61.45 -20.97
N THR G 477 5.46 -60.79 -19.89
CA THR G 477 4.79 -60.88 -18.60
C THR G 477 4.31 -59.50 -18.17
N ALA G 478 3.67 -59.44 -17.01
CA ALA G 478 3.28 -58.15 -16.45
C ALA G 478 4.47 -57.41 -15.83
N ASP G 479 5.55 -58.12 -15.52
CA ASP G 479 6.73 -57.49 -14.95
C ASP G 479 7.49 -56.65 -15.97
N GLU G 480 7.25 -56.86 -17.25
CA GLU G 480 7.93 -56.13 -18.30
C GLU G 480 7.08 -54.94 -18.76
N ILE G 481 7.76 -53.89 -19.21
CA ILE G 481 7.08 -52.72 -19.75
C ILE G 481 7.17 -52.75 -21.27
N PRO G 482 6.17 -52.25 -21.98
CA PRO G 482 6.31 -52.10 -23.44
C PRO G 482 7.11 -50.86 -23.78
N MET G 483 7.81 -50.95 -24.91
CA MET G 483 8.61 -49.84 -25.40
C MET G 483 8.40 -49.67 -26.89
N GLU G 484 8.26 -48.44 -27.32
CA GLU G 484 8.31 -48.07 -28.73
C GLU G 484 9.57 -47.26 -29.00
N PRO G 485 10.17 -47.39 -30.18
CA PRO G 485 11.36 -46.59 -30.49
C PRO G 485 11.10 -45.11 -30.31
N GLY G 486 12.03 -44.43 -29.65
CA GLY G 486 11.87 -43.03 -29.29
C GLY G 486 11.40 -42.81 -27.86
N ASP G 487 10.74 -43.80 -27.26
CA ASP G 487 10.26 -43.66 -25.89
C ASP G 487 11.43 -43.38 -24.95
N ILE G 488 11.22 -42.48 -24.01
CA ILE G 488 12.23 -42.14 -23.00
C ILE G 488 12.05 -43.07 -21.81
N ILE G 489 13.12 -43.79 -21.47
CA ILE G 489 13.10 -44.75 -20.37
C ILE G 489 14.00 -44.20 -19.27
N GLY G 490 13.44 -44.00 -18.08
CA GLY G 490 14.22 -43.61 -16.94
C GLY G 490 14.79 -44.85 -16.27
N VAL G 491 16.08 -45.10 -16.48
CA VAL G 491 16.68 -46.36 -16.08
C VAL G 491 16.93 -46.35 -14.57
N ALA G 492 16.68 -47.50 -13.94
CA ALA G 492 16.93 -47.67 -12.52
C ALA G 492 18.05 -48.67 -12.25
N GLY G 493 18.47 -49.43 -13.24
CA GLY G 493 19.57 -50.36 -13.06
C GLY G 493 19.55 -51.44 -14.10
N ASN G 494 20.64 -52.20 -14.13
CA ASN G 494 20.78 -53.37 -14.98
C ASN G 494 20.89 -54.60 -14.09
N HIS G 495 20.10 -55.62 -14.41
CA HIS G 495 20.08 -56.85 -13.61
C HIS G 495 21.13 -57.85 -14.07
N TRP G 496 21.96 -57.48 -15.05
CA TRP G 496 23.07 -58.31 -15.52
C TRP G 496 22.59 -59.69 -15.96
N ASP G 497 21.36 -59.75 -16.46
CA ASP G 497 20.72 -60.98 -16.92
C ASP G 497 20.04 -60.80 -18.26
N GLY G 498 20.32 -59.71 -18.98
CA GLY G 498 19.68 -59.40 -20.22
C GLY G 498 18.62 -58.33 -20.12
N TYR G 499 18.14 -58.05 -18.91
CA TYR G 499 17.06 -57.09 -18.67
C TYR G 499 17.53 -55.97 -17.76
N SER G 500 16.99 -54.78 -18.01
CA SER G 500 17.17 -53.63 -17.15
C SER G 500 15.82 -53.23 -16.56
N LYS G 501 15.88 -52.46 -15.48
CA LYS G 501 14.68 -51.98 -14.81
C LYS G 501 14.59 -50.47 -14.98
N GLY G 502 13.41 -50.00 -15.36
CA GLY G 502 13.21 -48.58 -15.54
C GLY G 502 11.74 -48.28 -15.76
N VAL G 503 11.46 -47.02 -16.05
CA VAL G 503 10.10 -46.56 -16.29
C VAL G 503 10.03 -45.98 -17.71
N ASN G 504 9.06 -46.46 -18.48
CA ASN G 504 8.71 -45.83 -19.74
C ASN G 504 7.91 -44.58 -19.38
N ARG G 505 8.58 -43.42 -19.41
CA ARG G 505 7.95 -42.17 -19.00
C ARG G 505 6.65 -41.92 -19.75
N LYS G 506 6.59 -42.36 -21.02
CA LYS G 506 5.38 -42.21 -21.83
C LYS G 506 4.15 -42.79 -21.14
N LEU G 507 4.29 -43.98 -20.55
CA LEU G 507 3.14 -44.70 -20.00
C LEU G 507 3.04 -44.63 -18.49
N GLY G 508 4.04 -44.07 -17.81
CA GLY G 508 4.07 -44.14 -16.35
C GLY G 508 4.10 -45.55 -15.83
N ARG G 509 4.65 -46.49 -16.59
CA ARG G 509 4.76 -47.89 -16.21
C ARG G 509 6.22 -48.20 -15.92
N THR G 510 6.47 -48.85 -14.78
CA THR G 510 7.81 -49.22 -14.37
C THR G 510 7.92 -50.73 -14.37
N GLY G 511 9.01 -51.26 -14.92
CA GLY G 511 9.19 -52.69 -14.97
C GLY G 511 10.48 -53.04 -15.67
N LEU G 512 10.54 -54.27 -16.17
CA LEU G 512 11.72 -54.80 -16.83
C LEU G 512 11.62 -54.62 -18.34
N TYR G 513 12.78 -54.73 -18.99
CA TYR G 513 12.87 -54.62 -20.45
C TYR G 513 14.23 -55.11 -20.91
N PRO G 514 14.34 -55.64 -22.12
CA PRO G 514 15.65 -56.09 -22.63
C PRO G 514 16.63 -54.93 -22.66
N SER G 515 17.84 -55.18 -22.15
CA SER G 515 18.82 -54.10 -22.02
C SER G 515 19.32 -53.63 -23.38
N TYR G 516 19.36 -54.52 -24.37
CA TYR G 516 19.89 -54.14 -25.68
C TYR G 516 18.92 -53.30 -26.51
N LYS G 517 17.67 -53.20 -26.08
CA LYS G 517 16.66 -52.46 -26.84
C LYS G 517 16.64 -50.98 -26.53
N VAL G 518 17.57 -50.50 -25.69
CA VAL G 518 17.62 -49.09 -25.35
C VAL G 518 18.99 -48.55 -25.74
N ARG G 519 19.20 -47.26 -25.56
CA ARG G 519 20.41 -46.59 -26.00
C ARG G 519 20.65 -45.38 -25.12
N GLU G 520 21.92 -45.09 -24.84
CA GLU G 520 22.25 -44.03 -23.90
C GLU G 520 21.94 -42.66 -24.51
N LYS G 521 21.18 -41.85 -23.79
CA LYS G 521 20.82 -40.53 -24.28
C LYS G 521 21.75 -39.48 -23.71
N ILE G 522 22.42 -38.76 -24.60
CA ILE G 522 23.36 -37.72 -24.19
C ILE G 522 22.64 -36.54 -23.55
N GLU G 523 23.27 -35.97 -22.52
CA GLU G 523 22.70 -34.83 -21.82
C GLU G 523 23.65 -33.66 -22.02
N THR G 524 23.11 -32.52 -22.45
CA THR G 524 23.94 -31.34 -22.68
C THR G 524 23.66 -30.21 -21.71
N VAL G 525 24.72 -29.75 -21.05
CA VAL G 525 24.63 -28.65 -20.11
C VAL G 525 25.62 -27.58 -20.53
N LYS G 526 25.19 -26.32 -20.56
CA LYS G 526 26.08 -25.25 -20.98
C LYS G 526 27.26 -25.16 -20.02
N TYR G 527 28.46 -25.00 -20.57
CA TYR G 527 29.67 -24.90 -19.76
C TYR G 527 30.61 -23.84 -20.32
N PRO G 528 31.41 -23.23 -19.46
CA PRO G 528 32.37 -22.20 -19.89
C PRO G 528 33.43 -22.78 -20.82
N THR G 529 33.79 -22.02 -21.86
CA THR G 529 34.81 -22.44 -22.80
C THR G 529 36.21 -22.17 -22.27
N TYR G 530 36.33 -21.12 -21.46
CA TYR G 530 37.61 -20.73 -20.86
C TYR G 530 38.72 -20.62 -21.90
N PRO G 531 38.59 -19.67 -22.83
CA PRO G 531 39.58 -19.44 -23.90
C PRO G 531 40.83 -18.73 -23.40
N GLU G 532 40.74 -18.10 -22.23
CA GLU G 532 41.87 -17.39 -21.66
C GLU G 532 42.95 -18.34 -21.16
N ALA G 533 42.53 -19.54 -20.75
CA ALA G 533 43.45 -20.55 -20.25
C ALA G 533 44.57 -20.82 -21.26
N GLU G 534 44.19 -21.05 -22.52
CA GLU G 534 45.16 -21.32 -23.57
C GLU G 534 45.95 -20.06 -23.93
N LEU H 68 -2.84 84.11 -18.21
CA LEU H 68 -1.61 83.42 -18.57
C LEU H 68 -0.42 84.00 -17.81
N GLY H 69 0.52 83.14 -17.43
CA GLY H 69 1.64 83.56 -16.61
C GLY H 69 2.70 84.27 -17.41
N LYS H 70 3.24 85.35 -16.83
CA LYS H 70 4.30 86.12 -17.48
C LYS H 70 5.57 85.29 -17.62
N ASP H 71 6.01 84.65 -16.54
CA ASP H 71 7.19 83.81 -16.61
C ASP H 71 6.99 82.66 -17.60
N HIS H 72 5.77 82.11 -17.64
CA HIS H 72 5.46 81.06 -18.60
C HIS H 72 5.68 81.54 -20.03
N GLU H 73 5.24 82.76 -20.34
CA GLU H 73 5.39 83.27 -21.71
C GLU H 73 6.85 83.59 -22.01
N ILE H 74 7.56 84.22 -21.06
CA ILE H 74 8.99 84.46 -21.26
C ILE H 74 9.73 83.17 -21.52
N LEU H 75 9.40 82.12 -20.77
CA LEU H 75 10.06 80.83 -20.94
C LEU H 75 9.68 80.19 -22.27
N ARG H 76 8.39 80.21 -22.63
CA ARG H 76 7.98 79.60 -23.88
C ARG H 76 8.67 80.24 -25.08
N ARG H 77 8.76 81.57 -25.09
CA ARG H 77 9.41 82.26 -26.19
C ARG H 77 10.90 81.96 -26.24
N ARG H 78 11.55 81.83 -25.08
CA ARG H 78 12.97 81.51 -25.05
C ARG H 78 13.26 80.11 -25.58
N ILE H 79 12.34 79.17 -25.38
CA ILE H 79 12.52 77.84 -25.94
C ILE H 79 12.34 77.88 -27.46
N GLU H 80 11.32 78.58 -27.95
CA GLU H 80 11.13 78.72 -29.38
C GLU H 80 12.35 79.34 -30.04
N ASN H 81 12.89 80.40 -29.44
CA ASN H 81 14.04 81.09 -30.02
C ASN H 81 15.32 80.26 -29.89
N GLY H 82 15.49 79.59 -28.76
CA GLY H 82 16.66 78.73 -28.60
C GLY H 82 16.74 77.64 -29.65
N ALA H 83 15.59 77.09 -30.04
CA ALA H 83 15.56 76.10 -31.11
C ALA H 83 15.96 76.72 -32.44
N LYS H 84 15.49 77.93 -32.74
CA LYS H 84 15.86 78.60 -33.98
C LYS H 84 17.37 78.78 -34.09
N GLU H 85 17.98 79.41 -33.07
CA GLU H 85 19.42 79.63 -33.12
C GLU H 85 20.20 78.33 -33.11
N LEU H 86 19.66 77.29 -32.47
CA LEU H 86 20.26 75.97 -32.58
C LEU H 86 20.20 75.47 -34.02
N TRP H 87 19.04 75.67 -34.67
CA TRP H 87 18.89 75.25 -36.05
C TRP H 87 19.82 76.05 -36.97
N PHE H 88 19.91 77.36 -36.74
CA PHE H 88 20.90 78.17 -37.45
C PHE H 88 22.30 77.63 -37.26
N PHE H 89 22.66 77.34 -36.00
CA PHE H 89 24.00 76.85 -35.68
C PHE H 89 24.28 75.52 -36.39
N LEU H 90 23.29 74.63 -36.43
CA LEU H 90 23.48 73.33 -37.06
C LEU H 90 23.77 73.47 -38.54
N GLN H 91 22.93 74.21 -39.25
CA GLN H 91 23.13 74.41 -40.68
C GLN H 91 24.49 75.03 -40.97
N SER H 92 24.89 76.01 -40.16
CA SER H 92 26.16 76.70 -40.39
C SER H 92 27.34 75.74 -40.25
N GLU H 93 27.43 75.05 -39.11
CA GLU H 93 28.62 74.25 -38.83
C GLU H 93 28.66 73.00 -39.71
N LEU H 94 27.51 72.39 -39.98
CA LEU H 94 27.48 71.22 -40.85
C LEU H 94 27.96 71.56 -42.25
N LYS H 95 27.59 72.75 -42.74
CA LYS H 95 28.09 73.21 -44.04
C LYS H 95 29.60 73.28 -44.05
N LYS H 96 30.21 73.77 -42.97
CA LYS H 96 31.67 73.81 -42.90
C LYS H 96 32.26 72.40 -42.78
N LEU H 97 31.58 71.50 -42.07
CA LEU H 97 32.13 70.17 -41.85
C LEU H 97 32.31 69.40 -43.16
N LYS H 98 31.43 69.66 -44.14
CA LYS H 98 31.57 69.01 -45.44
C LYS H 98 32.88 69.38 -46.14
N ASN H 99 33.58 70.41 -45.65
CA ASN H 99 34.80 70.91 -46.27
C ASN H 99 36.05 70.62 -45.43
N LEU H 100 35.99 69.58 -44.61
CA LEU H 100 37.09 69.27 -43.69
C LEU H 100 37.58 67.85 -43.92
N GLU H 101 38.87 67.64 -43.63
CA GLU H 101 39.52 66.35 -43.83
C GLU H 101 40.25 65.96 -42.56
N GLY H 102 40.40 64.64 -42.38
CA GLY H 102 41.23 64.06 -41.34
C GLY H 102 41.06 64.64 -39.96
N ASN H 103 42.16 65.12 -39.38
CA ASN H 103 42.13 65.61 -38.00
C ASN H 103 41.24 66.83 -37.87
N GLU H 104 41.36 67.77 -38.82
CA GLU H 104 40.53 68.97 -38.78
C GLU H 104 39.05 68.61 -38.77
N LEU H 105 38.66 67.54 -39.46
CA LEU H 105 37.28 67.07 -39.37
C LEU H 105 36.91 66.72 -37.94
N GLN H 106 37.70 65.84 -37.33
CA GLN H 106 37.45 65.40 -35.96
C GLN H 106 37.53 66.54 -34.95
N ARG H 107 38.50 67.42 -35.12
CA ARG H 107 38.66 68.55 -34.19
C ARG H 107 37.40 69.38 -34.12
N HIS H 108 36.94 69.87 -35.28
CA HIS H 108 35.73 70.68 -35.29
C HIS H 108 34.50 69.85 -34.95
N ALA H 109 34.48 68.57 -35.34
CA ALA H 109 33.36 67.71 -34.96
C ALA H 109 33.27 67.54 -33.45
N ASP H 110 34.43 67.36 -32.79
CA ASP H 110 34.43 67.24 -31.35
C ASP H 110 34.07 68.56 -30.67
N GLU H 111 34.64 69.67 -31.16
CA GLU H 111 34.23 70.98 -30.67
C GLU H 111 32.75 71.23 -30.94
N PHE H 112 32.26 70.78 -32.09
CA PHE H 112 30.84 70.91 -32.41
C PHE H 112 29.96 70.27 -31.34
N LEU H 113 30.23 69.00 -31.02
CA LEU H 113 29.41 68.29 -30.04
C LEU H 113 29.41 68.95 -28.67
N LEU H 114 30.56 69.51 -28.26
CA LEU H 114 30.63 70.16 -26.96
C LEU H 114 29.69 71.35 -26.88
N ASP H 115 29.74 72.23 -27.89
CA ASP H 115 28.84 73.38 -27.92
C ASP H 115 27.38 72.94 -27.96
N LEU H 116 27.09 71.87 -28.71
CA LEU H 116 25.71 71.37 -28.82
C LEU H 116 25.18 70.91 -27.47
N GLY H 117 26.02 70.21 -26.69
CA GLY H 117 25.57 69.73 -25.40
C GLY H 117 25.06 70.84 -24.50
N HIS H 118 25.86 71.90 -24.34
CA HIS H 118 25.45 73.01 -23.50
C HIS H 118 24.23 73.72 -24.08
N HIS H 119 24.25 73.98 -25.39
CA HIS H 119 23.09 74.61 -26.04
C HIS H 119 21.82 73.80 -25.81
N GLU H 120 21.91 72.48 -26.02
CA GLU H 120 20.74 71.63 -25.85
C GLU H 120 20.27 71.61 -24.39
N ARG H 121 21.21 71.45 -23.46
CA ARG H 121 20.84 71.36 -22.05
C ARG H 121 20.20 72.64 -21.55
N SER H 122 20.57 73.79 -22.12
CA SER H 122 19.89 75.03 -21.77
C SER H 122 18.41 74.97 -22.15
N ILE H 123 18.11 74.40 -23.33
CA ILE H 123 16.72 74.25 -23.75
C ILE H 123 15.98 73.33 -22.81
N MET H 124 16.57 72.16 -22.51
CA MET H 124 15.94 71.21 -21.59
C MET H 124 15.75 71.81 -20.20
N THR H 125 16.66 72.69 -19.78
CA THR H 125 16.51 73.36 -18.50
C THR H 125 15.28 74.27 -18.50
N ASP H 126 15.12 75.06 -19.57
CA ASP H 126 13.94 75.90 -19.69
C ASP H 126 12.67 75.07 -19.73
N LEU H 127 12.73 73.88 -20.35
CA LEU H 127 11.58 72.99 -20.37
C LEU H 127 11.22 72.53 -18.95
N TYR H 128 12.23 72.29 -18.12
CA TYR H 128 11.96 71.99 -16.71
C TYR H 128 11.34 73.18 -16.01
N TYR H 129 11.97 74.37 -16.15
CA TYR H 129 11.41 75.57 -15.56
C TYR H 129 9.98 75.83 -16.03
N LEU H 130 9.68 75.49 -17.28
CA LEU H 130 8.33 75.70 -17.80
C LEU H 130 7.32 74.79 -17.12
N SER H 131 7.73 73.57 -16.76
CA SER H 131 6.85 72.63 -16.06
C SER H 131 6.57 73.02 -14.62
N GLN H 132 7.12 74.13 -14.13
CA GLN H 132 7.01 74.51 -12.72
C GLN H 132 6.34 75.85 -12.50
N THR H 133 6.46 76.79 -13.44
CA THR H 133 6.05 78.17 -13.17
C THR H 133 4.54 78.28 -13.00
N ASP H 134 4.14 79.33 -12.28
CA ASP H 134 2.74 79.69 -12.10
C ASP H 134 1.94 78.57 -11.44
N GLY H 135 2.55 77.91 -10.45
CA GLY H 135 1.84 76.92 -9.67
C GLY H 135 1.68 75.56 -10.33
N ALA H 136 2.30 75.34 -11.50
CA ALA H 136 2.20 74.05 -12.16
C ALA H 136 2.80 72.93 -11.29
N GLY H 137 3.93 73.21 -10.65
CA GLY H 137 4.53 72.20 -9.78
C GLY H 137 3.67 71.86 -8.59
N ASP H 138 3.16 72.89 -7.91
CA ASP H 138 2.31 72.66 -6.74
C ASP H 138 1.07 71.85 -7.10
N TRP H 139 0.43 72.19 -8.22
CA TRP H 139 -0.80 71.50 -8.61
C TRP H 139 -0.54 70.04 -8.96
N ARG H 140 0.52 69.77 -9.72
CA ARG H 140 0.82 68.41 -10.15
C ARG H 140 1.04 67.48 -8.95
N GLU H 141 1.67 67.99 -7.89
CA GLU H 141 1.88 67.17 -6.70
C GLU H 141 0.56 66.84 -6.02
N LYS H 142 -0.35 67.81 -5.93
CA LYS H 142 -1.64 67.54 -5.31
C LYS H 142 -2.43 66.51 -6.10
N GLU H 143 -2.46 66.65 -7.43
CA GLU H 143 -3.26 65.73 -8.24
C GLU H 143 -2.65 64.33 -8.20
N ALA H 144 -1.32 64.23 -8.24
CA ALA H 144 -0.68 62.93 -8.07
C ALA H 144 -0.94 62.36 -6.68
N LYS H 145 -1.05 63.23 -5.67
CA LYS H 145 -1.40 62.78 -4.32
C LYS H 145 -2.80 62.19 -4.30
N ASP H 146 -3.77 62.91 -4.87
CA ASP H 146 -5.15 62.42 -4.88
C ASP H 146 -5.27 61.10 -5.61
N LEU H 147 -4.57 60.96 -6.74
CA LEU H 147 -4.61 59.71 -7.50
C LEU H 147 -4.05 58.56 -6.69
N THR H 148 -2.87 58.77 -6.08
CA THR H 148 -2.28 57.74 -5.22
C THR H 148 -3.22 57.39 -4.07
N GLU H 149 -3.66 58.39 -3.30
CA GLU H 149 -4.57 58.15 -2.18
C GLU H 149 -5.80 57.37 -2.64
N LEU H 150 -6.38 57.76 -3.77
CA LEU H 150 -7.58 57.09 -4.27
C LEU H 150 -7.31 55.62 -4.55
N VAL H 151 -6.27 55.33 -5.32
CA VAL H 151 -5.98 53.95 -5.69
C VAL H 151 -5.60 53.12 -4.48
N GLN H 152 -4.69 53.63 -3.65
CA GLN H 152 -4.33 52.93 -2.42
C GLN H 152 -5.56 52.70 -1.54
N ARG H 153 -6.44 53.69 -1.48
CA ARG H 153 -7.71 53.51 -0.76
C ARG H 153 -8.51 52.35 -1.34
N ARG H 154 -8.56 52.25 -2.67
CA ARG H 154 -9.32 51.18 -3.30
C ARG H 154 -8.66 49.83 -3.11
N ILE H 155 -7.33 49.76 -3.28
CA ILE H 155 -6.62 48.51 -3.12
C ILE H 155 -6.75 48.00 -1.69
N THR H 156 -6.56 48.89 -0.72
CA THR H 156 -6.73 48.52 0.69
C THR H 156 -8.13 48.00 0.96
N TYR H 157 -9.14 48.73 0.49
CA TYR H 157 -10.53 48.30 0.67
C TYR H 157 -10.75 46.91 0.07
N LEU H 158 -10.24 46.69 -1.14
CA LEU H 158 -10.40 45.40 -1.80
C LEU H 158 -9.76 44.27 -1.00
N GLN H 159 -8.57 44.52 -0.45
CA GLN H 159 -7.82 43.48 0.23
C GLN H 159 -8.36 43.16 1.62
N ASN H 160 -9.29 43.95 2.14
CA ASN H 160 -9.78 43.78 3.51
C ASN H 160 -11.30 43.65 3.47
N PRO H 161 -11.81 42.50 3.04
CA PRO H 161 -13.25 42.27 3.10
C PRO H 161 -13.70 42.03 4.53
N LYS H 162 -15.00 42.26 4.76
CA LYS H 162 -15.56 42.04 6.09
C LYS H 162 -15.65 40.54 6.40
N ASP H 163 -16.11 39.74 5.45
CA ASP H 163 -16.25 38.30 5.62
C ASP H 163 -15.23 37.61 4.73
N CYS H 164 -14.19 37.04 5.34
CA CYS H 164 -13.17 36.35 4.54
C CYS H 164 -13.69 35.03 3.99
N SER H 165 -14.41 34.27 4.82
CA SER H 165 -14.85 32.94 4.40
C SER H 165 -15.82 33.01 3.23
N LYS H 166 -16.52 34.13 3.05
CA LYS H 166 -17.49 34.29 1.99
C LYS H 166 -17.03 35.23 0.88
N ALA H 167 -15.91 35.91 1.06
CA ALA H 167 -15.40 36.78 0.01
C ALA H 167 -14.81 35.96 -1.12
N LYS H 168 -14.89 36.49 -2.33
CA LYS H 168 -14.31 35.84 -3.48
C LYS H 168 -12.82 36.17 -3.57
N LYS H 169 -12.02 35.15 -3.85
CA LYS H 169 -10.58 35.22 -3.68
C LYS H 169 -9.87 34.80 -4.97
N LEU H 170 -8.70 35.40 -5.20
CA LEU H 170 -7.80 35.02 -6.28
C LEU H 170 -6.47 34.62 -5.66
N VAL H 171 -6.07 33.37 -5.86
CA VAL H 171 -4.90 32.80 -5.23
C VAL H 171 -3.73 32.90 -6.20
N CYS H 172 -2.60 33.41 -5.69
CA CYS H 172 -1.39 33.56 -6.49
C CYS H 172 -0.24 32.85 -5.78
N ASN H 173 0.54 32.09 -6.55
CA ASN H 173 1.72 31.41 -6.03
C ASN H 173 2.97 32.17 -6.46
N ILE H 174 3.83 32.49 -5.49
CA ILE H 174 4.97 33.37 -5.76
C ILE H 174 6.12 32.63 -6.43
N ASN H 175 6.13 31.29 -6.38
CA ASN H 175 7.31 30.50 -6.74
C ASN H 175 7.47 30.39 -8.26
N LYS H 176 7.63 31.56 -8.89
CA LYS H 176 7.94 31.62 -10.31
C LYS H 176 9.43 31.40 -10.54
N GLY H 177 9.76 30.46 -11.44
CA GLY H 177 11.14 30.10 -11.67
C GLY H 177 11.98 31.20 -12.32
N CYS H 178 12.34 32.21 -11.55
CA CYS H 178 13.13 33.34 -12.04
C CYS H 178 13.60 34.14 -10.83
N GLY H 179 14.25 35.26 -11.11
CA GLY H 179 14.79 36.12 -10.06
C GLY H 179 13.69 36.83 -9.29
N TYR H 180 14.12 37.76 -8.44
CA TYR H 180 13.19 38.46 -7.54
C TYR H 180 12.31 39.44 -8.28
N GLY H 181 12.92 40.34 -9.08
CA GLY H 181 12.14 41.29 -9.84
C GLY H 181 11.13 40.61 -10.75
N CYS H 182 11.56 39.56 -11.44
CA CYS H 182 10.62 38.79 -12.25
C CYS H 182 9.54 38.15 -11.38
N GLN H 183 9.93 37.63 -10.21
CA GLN H 183 8.95 37.04 -9.30
C GLN H 183 7.97 38.07 -8.78
N LEU H 184 8.47 39.26 -8.42
CA LEU H 184 7.60 40.31 -7.89
C LEU H 184 6.57 40.74 -8.93
N HIS H 185 6.99 40.87 -10.19
CA HIS H 185 6.06 41.28 -11.24
C HIS H 185 4.95 40.26 -11.43
N HIS H 186 5.23 38.98 -11.18
CA HIS H 186 4.19 37.96 -11.18
C HIS H 186 3.12 38.28 -10.13
N VAL H 187 3.54 38.80 -8.98
CA VAL H 187 2.58 39.16 -7.94
C VAL H 187 1.75 40.37 -8.38
N VAL H 188 2.40 41.37 -8.97
CA VAL H 188 1.67 42.52 -9.49
C VAL H 188 0.67 42.07 -10.55
N TYR H 189 1.11 41.21 -11.46
CA TYR H 189 0.22 40.60 -12.44
C TYR H 189 -0.99 39.96 -11.77
N CYS H 190 -0.74 39.20 -10.70
CA CYS H 190 -1.84 38.64 -9.92
C CYS H 190 -2.68 39.74 -9.28
N PHE H 191 -2.03 40.75 -8.71
CA PHE H 191 -2.74 41.78 -7.96
C PHE H 191 -3.63 42.61 -8.87
N MET H 192 -3.14 42.96 -10.06
CA MET H 192 -3.93 43.77 -10.97
C MET H 192 -5.19 43.05 -11.40
N ILE H 193 -5.10 41.74 -11.64
CA ILE H 193 -6.27 40.96 -12.04
C ILE H 193 -7.25 40.85 -10.87
N ALA H 194 -6.73 40.59 -9.67
CA ALA H 194 -7.60 40.58 -8.49
C ALA H 194 -8.33 41.92 -8.35
N TYR H 195 -7.65 43.01 -8.67
CA TYR H 195 -8.31 44.31 -8.69
C TYR H 195 -9.37 44.37 -9.77
N GLY H 196 -9.02 43.92 -10.98
CA GLY H 196 -9.95 43.99 -12.09
C GLY H 196 -11.15 43.06 -11.95
N THR H 197 -10.99 41.96 -11.24
CA THR H 197 -12.08 40.99 -11.07
C THR H 197 -12.78 41.15 -9.72
N GLN H 198 -12.43 42.17 -8.94
CA GLN H 198 -13.02 42.41 -7.62
C GLN H 198 -12.85 41.20 -6.70
N ARG H 199 -11.68 40.59 -6.74
CA ARG H 199 -11.34 39.48 -5.87
C ARG H 199 -10.20 39.89 -4.95
N THR H 200 -10.24 39.38 -3.73
CA THR H 200 -9.17 39.64 -2.77
C THR H 200 -7.98 38.75 -3.09
N LEU H 201 -6.79 39.34 -3.05
CA LEU H 201 -5.58 38.61 -3.43
C LEU H 201 -5.12 37.73 -2.28
N ILE H 202 -4.96 36.44 -2.56
CA ILE H 202 -4.41 35.48 -1.62
C ILE H 202 -3.04 35.08 -2.16
N LEU H 203 -2.00 35.31 -1.37
CA LEU H 203 -0.63 35.12 -1.80
C LEU H 203 -0.02 33.94 -1.05
N GLU H 204 0.11 32.80 -1.74
CA GLU H 204 0.83 31.65 -1.21
C GLU H 204 2.31 31.87 -1.48
N SER H 205 3.09 32.05 -0.41
CA SER H 205 4.49 32.44 -0.56
C SER H 205 5.46 31.56 0.21
N GLN H 206 5.01 30.47 0.80
CA GLN H 206 5.92 29.59 1.52
C GLN H 206 6.78 28.81 0.52
N ASN H 207 7.96 28.41 1.00
CA ASN H 207 9.01 27.75 0.20
C ASN H 207 9.56 28.68 -0.87
N TRP H 208 9.30 29.99 -0.73
CA TRP H 208 9.90 31.01 -1.56
C TRP H 208 11.42 30.86 -1.60
N ARG H 209 11.97 30.81 -2.82
CA ARG H 209 13.39 30.52 -2.98
C ARG H 209 14.27 31.55 -2.28
N TYR H 210 13.78 32.77 -2.10
CA TYR H 210 14.53 33.79 -1.36
C TYR H 210 14.30 33.73 0.14
N ALA H 211 13.16 33.19 0.60
CA ALA H 211 12.83 33.25 2.01
C ALA H 211 11.73 32.21 2.31
N THR H 212 12.16 31.01 2.71
CA THR H 212 11.21 29.94 2.98
C THR H 212 10.16 30.33 4.01
N GLY H 213 10.46 31.31 4.87
CA GLY H 213 9.46 31.76 5.83
C GLY H 213 8.20 32.30 5.18
N GLY H 214 8.34 32.96 4.04
CA GLY H 214 7.22 33.44 3.26
C GLY H 214 7.30 34.93 2.98
N TRP H 215 6.20 35.45 2.44
CA TRP H 215 6.13 36.86 2.07
C TRP H 215 6.34 37.76 3.29
N GLU H 216 5.71 37.44 4.41
CA GLU H 216 5.75 38.30 5.58
C GLU H 216 7.10 38.32 6.27
N THR H 217 8.12 37.66 5.71
CA THR H 217 9.47 37.80 6.25
C THR H 217 9.95 39.24 6.17
N VAL H 218 9.54 39.98 5.14
CA VAL H 218 10.06 41.33 4.90
C VAL H 218 8.93 42.33 4.77
N PHE H 219 7.79 41.91 4.21
CA PHE H 219 6.71 42.81 3.86
C PHE H 219 5.45 42.49 4.65
N ARG H 220 4.63 43.52 4.88
CA ARG H 220 3.34 43.32 5.51
C ARG H 220 2.49 42.39 4.65
N PRO H 221 1.56 41.66 5.26
CA PRO H 221 0.67 40.81 4.45
C PRO H 221 -0.21 41.66 3.55
N VAL H 222 -0.54 41.11 2.38
CA VAL H 222 -1.34 41.84 1.40
C VAL H 222 -2.74 42.13 1.93
N SER H 223 -3.16 41.41 2.97
CA SER H 223 -4.47 41.61 3.58
C SER H 223 -4.33 41.57 5.09
N GLU H 224 -5.25 42.26 5.77
CA GLU H 224 -5.36 42.20 7.21
C GLU H 224 -6.54 41.38 7.70
N THR H 225 -7.50 41.09 6.82
CA THR H 225 -8.71 40.36 7.19
C THR H 225 -8.91 39.07 6.43
N CYS H 226 -8.28 38.89 5.26
CA CYS H 226 -8.53 37.70 4.44
C CYS H 226 -7.21 37.24 3.82
N THR H 227 -6.49 36.39 4.57
CA THR H 227 -5.36 35.66 4.03
C THR H 227 -5.63 34.17 3.92
N ASP H 228 -6.75 33.70 4.47
CA ASP H 228 -7.14 32.30 4.32
C ASP H 228 -7.66 32.06 2.91
N ARG H 229 -7.21 30.97 2.29
CA ARG H 229 -7.57 30.65 0.91
C ARG H 229 -8.78 29.74 0.80
N SER H 230 -9.43 29.39 1.91
CA SER H 230 -10.54 28.46 1.85
C SER H 230 -11.74 29.07 1.13
N GLY H 231 -12.64 28.19 0.70
CA GLY H 231 -13.82 28.64 -0.01
C GLY H 231 -14.73 27.49 -0.39
N ILE H 232 -16.04 27.76 -0.47
CA ILE H 232 -17.02 26.72 -0.77
C ILE H 232 -16.91 26.22 -2.19
N SER H 233 -16.21 26.95 -3.07
CA SER H 233 -15.99 26.53 -4.44
C SER H 233 -14.64 27.05 -4.88
N THR H 234 -13.80 26.16 -5.41
CA THR H 234 -12.44 26.50 -5.80
C THR H 234 -12.11 25.88 -7.14
N GLY H 235 -11.41 26.62 -7.98
CA GLY H 235 -10.97 26.10 -9.27
C GLY H 235 -9.91 26.98 -9.88
N HIS H 236 -9.28 26.46 -10.94
CA HIS H 236 -8.26 27.20 -11.66
C HIS H 236 -8.90 28.20 -12.61
N TRP H 237 -8.07 29.15 -13.08
CA TRP H 237 -8.55 30.21 -13.94
C TRP H 237 -9.06 29.66 -15.27
N SER H 238 -10.28 30.08 -15.64
CA SER H 238 -10.86 29.71 -16.92
C SER H 238 -11.51 30.90 -17.63
N GLY H 239 -11.35 32.11 -17.11
CA GLY H 239 -12.01 33.28 -17.64
C GLY H 239 -12.89 33.95 -16.61
N GLU H 240 -12.99 35.28 -16.68
CA GLU H 240 -13.75 36.01 -15.67
C GLU H 240 -15.23 35.61 -15.69
N VAL H 241 -15.80 35.42 -16.88
CA VAL H 241 -17.22 35.13 -16.99
C VAL H 241 -17.53 33.74 -16.43
N LYS H 242 -16.74 32.74 -16.82
CA LYS H 242 -16.98 31.38 -16.35
C LYS H 242 -16.80 31.25 -14.84
N ASP H 243 -15.90 32.04 -14.25
CA ASP H 243 -15.62 31.98 -12.82
C ASP H 243 -16.54 32.89 -12.01
N LYS H 244 -17.66 33.33 -12.58
CA LYS H 244 -18.57 34.24 -11.89
C LYS H 244 -19.17 33.63 -10.63
N ASN H 245 -19.22 32.29 -10.54
CA ASN H 245 -19.78 31.63 -9.37
C ASN H 245 -18.77 30.72 -8.67
N VAL H 246 -17.48 30.95 -8.87
CA VAL H 246 -16.41 30.27 -8.15
C VAL H 246 -15.83 31.23 -7.13
N GLN H 247 -15.89 30.85 -5.84
CA GLN H 247 -15.43 31.76 -4.80
C GLN H 247 -13.91 31.95 -4.84
N VAL H 248 -13.16 30.88 -5.05
CA VAL H 248 -11.70 30.91 -4.97
C VAL H 248 -11.14 30.45 -6.31
N VAL H 249 -10.37 31.33 -6.95
CA VAL H 249 -9.79 31.05 -8.26
C VAL H 249 -8.27 31.07 -8.13
N GLU H 250 -7.62 30.00 -8.59
CA GLU H 250 -6.17 29.90 -8.56
C GLU H 250 -5.62 30.42 -9.89
N LEU H 251 -4.72 31.39 -9.82
CA LEU H 251 -4.20 32.02 -11.02
C LEU H 251 -2.81 31.50 -11.34
N PRO H 252 -2.59 31.00 -12.55
CA PRO H 252 -1.25 30.54 -12.94
C PRO H 252 -0.39 31.70 -13.39
N ILE H 253 0.86 31.39 -13.75
CA ILE H 253 1.77 32.43 -14.22
C ILE H 253 1.31 32.95 -15.58
N VAL H 254 1.73 34.18 -15.88
CA VAL H 254 1.28 34.87 -17.08
C VAL H 254 1.80 34.24 -18.37
N ASP H 255 2.90 33.49 -18.30
CA ASP H 255 3.49 32.94 -19.52
C ASP H 255 2.58 31.95 -20.24
N SER H 256 1.58 31.41 -19.56
CA SER H 256 0.70 30.39 -20.15
C SER H 256 -0.77 30.71 -19.94
N LEU H 257 -1.09 31.94 -19.58
CA LEU H 257 -2.46 32.27 -19.18
C LEU H 257 -3.40 32.22 -20.38
N HIS H 258 -4.49 31.49 -20.24
CA HIS H 258 -5.50 31.38 -21.28
C HIS H 258 -6.84 31.02 -20.64
N PRO H 259 -7.88 31.86 -20.81
CA PRO H 259 -7.82 33.08 -21.61
C PRO H 259 -7.28 34.30 -20.85
N ARG H 260 -6.85 35.31 -21.59
CA ARG H 260 -6.26 36.51 -21.02
C ARG H 260 -7.33 37.56 -20.76
N PRO H 261 -7.37 38.15 -19.56
CA PRO H 261 -8.37 39.18 -19.27
C PRO H 261 -7.86 40.54 -19.74
N PRO H 262 -8.72 41.57 -19.75
CA PRO H 262 -8.27 42.90 -20.16
C PRO H 262 -7.44 43.64 -19.13
N TYR H 263 -7.40 43.16 -17.88
CA TYR H 263 -6.75 43.88 -16.77
C TYR H 263 -5.24 43.61 -16.79
N LEU H 264 -4.59 44.12 -17.82
CA LEU H 264 -3.16 43.90 -18.02
C LEU H 264 -2.48 45.18 -18.45
N PRO H 265 -1.17 45.28 -18.25
CA PRO H 265 -0.40 46.37 -18.85
C PRO H 265 -0.32 46.20 -20.36
N LEU H 266 -0.14 47.32 -21.07
CA LEU H 266 0.09 48.63 -20.45
C LEU H 266 -1.18 49.48 -20.40
N ALA H 267 -2.33 48.81 -20.30
CA ALA H 267 -3.59 49.52 -20.22
C ALA H 267 -3.83 50.02 -18.79
N VAL H 268 -4.53 51.13 -18.69
CA VAL H 268 -4.82 51.76 -17.41
C VAL H 268 -6.34 51.82 -17.25
N PRO H 269 -6.84 52.01 -16.03
CA PRO H 269 -8.29 52.10 -15.84
C PRO H 269 -8.87 53.26 -16.65
N GLU H 270 -9.93 52.95 -17.40
CA GLU H 270 -10.73 53.94 -18.12
C GLU H 270 -10.99 55.19 -17.27
N ASP H 271 -11.51 54.99 -16.06
CA ASP H 271 -11.93 56.09 -15.20
C ASP H 271 -10.78 56.98 -14.75
N LEU H 272 -9.53 56.56 -14.95
CA LEU H 272 -8.38 57.31 -14.50
C LEU H 272 -7.56 57.88 -15.65
N ALA H 273 -7.85 57.50 -16.89
CA ALA H 273 -6.97 57.82 -18.01
C ALA H 273 -6.83 59.34 -18.20
N ASP H 274 -7.94 60.07 -18.22
CA ASP H 274 -7.90 61.50 -18.48
C ASP H 274 -7.07 62.22 -17.41
N ARG H 275 -7.32 61.91 -16.13
CA ARG H 275 -6.54 62.52 -15.07
C ARG H 275 -5.08 62.09 -15.13
N LEU H 276 -4.83 60.83 -15.50
CA LEU H 276 -3.46 60.32 -15.54
C LEU H 276 -2.64 60.98 -16.63
N VAL H 277 -3.18 61.04 -17.85
CA VAL H 277 -2.45 61.65 -18.95
C VAL H 277 -2.21 63.13 -18.67
N ARG H 278 -3.19 63.78 -18.03
CA ARG H 278 -3.04 65.18 -17.64
C ARG H 278 -1.81 65.39 -16.74
N VAL H 279 -1.41 64.37 -15.99
CA VAL H 279 -0.36 64.48 -14.98
C VAL H 279 0.91 63.79 -15.42
N HIS H 280 0.82 62.53 -15.85
CA HIS H 280 1.97 61.67 -16.00
C HIS H 280 2.35 61.51 -17.46
N GLY H 281 3.66 61.37 -17.70
CA GLY H 281 4.15 61.15 -19.05
C GLY H 281 4.10 59.72 -19.51
N ASP H 282 3.98 58.78 -18.58
CA ASP H 282 3.81 57.36 -18.90
C ASP H 282 2.85 56.77 -17.88
N PRO H 283 1.54 56.99 -18.05
CA PRO H 283 0.58 56.51 -17.04
C PRO H 283 0.57 55.01 -16.87
N ALA H 284 1.07 54.25 -17.85
CA ALA H 284 1.12 52.80 -17.69
C ALA H 284 2.01 52.40 -16.52
N VAL H 285 3.14 53.09 -16.35
CA VAL H 285 4.06 52.78 -15.25
C VAL H 285 3.45 53.18 -13.92
N TRP H 286 2.77 54.33 -13.88
CA TRP H 286 2.14 54.79 -12.65
C TRP H 286 1.12 53.78 -12.14
N TRP H 287 0.28 53.24 -13.04
CA TRP H 287 -0.69 52.24 -12.65
C TRP H 287 -0.01 51.03 -12.01
N VAL H 288 1.11 50.60 -12.58
CA VAL H 288 1.87 49.50 -11.99
C VAL H 288 2.41 49.90 -10.63
N SER H 289 2.92 51.14 -10.52
CA SER H 289 3.56 51.59 -9.29
C SER H 289 2.61 51.58 -8.11
N GLN H 290 1.31 51.84 -8.33
CA GLN H 290 0.37 51.86 -7.22
C GLN H 290 0.22 50.48 -6.58
N PHE H 291 0.31 49.41 -7.38
CA PHE H 291 0.27 48.07 -6.81
C PHE H 291 1.58 47.69 -6.14
N VAL H 292 2.70 48.22 -6.64
CA VAL H 292 3.99 47.99 -5.99
C VAL H 292 4.03 48.75 -4.67
N LYS H 293 3.61 50.02 -4.67
CA LYS H 293 3.56 50.82 -3.46
C LYS H 293 2.86 50.08 -2.32
N TYR H 294 1.71 49.47 -2.62
CA TYR H 294 0.97 48.74 -1.60
C TYR H 294 1.73 47.49 -1.16
N LEU H 295 2.36 46.79 -2.10
CA LEU H 295 2.99 45.51 -1.77
C LEU H 295 4.20 45.68 -0.86
N ILE H 296 5.04 46.69 -1.11
CA ILE H 296 6.36 46.75 -0.49
C ILE H 296 6.32 47.48 0.85
N ARG H 297 5.14 47.54 1.46
CA ARG H 297 5.06 48.01 2.84
C ARG H 297 5.97 47.14 3.72
N PRO H 298 6.99 47.71 4.35
CA PRO H 298 7.98 46.87 5.02
C PRO H 298 7.53 46.47 6.43
N GLN H 299 7.95 45.28 6.83
CA GLN H 299 7.82 44.89 8.22
C GLN H 299 8.64 45.83 9.09
N PRO H 300 8.25 46.01 10.37
CA PRO H 300 8.94 47.00 11.22
C PRO H 300 10.46 46.87 11.25
N TRP H 301 10.98 45.64 11.33
CA TRP H 301 12.44 45.49 11.39
C TRP H 301 13.09 45.93 10.10
N LEU H 302 12.43 45.71 8.97
CA LEU H 302 12.98 46.13 7.68
C LEU H 302 12.97 47.65 7.54
N GLU H 303 11.83 48.28 7.88
CA GLU H 303 11.75 49.74 7.83
C GLU H 303 12.85 50.40 8.64
N LYS H 304 13.17 49.84 9.81
CA LYS H 304 14.25 50.39 10.63
C LYS H 304 15.60 50.26 9.91
N GLU H 305 15.91 49.06 9.42
CA GLU H 305 17.17 48.83 8.73
C GLU H 305 17.33 49.79 7.55
N ILE H 306 16.23 50.08 6.85
CA ILE H 306 16.27 51.05 5.75
C ILE H 306 16.70 52.41 6.27
N GLU H 307 16.09 52.86 7.37
CA GLU H 307 16.45 54.14 7.96
C GLU H 307 17.91 54.16 8.39
N GLU H 308 18.41 53.03 8.91
CA GLU H 308 19.81 52.94 9.31
C GLU H 308 20.72 53.04 8.10
N ALA H 309 20.47 52.23 7.06
CA ALA H 309 21.29 52.24 5.86
C ALA H 309 21.33 53.62 5.21
N THR H 310 20.21 54.33 5.20
CA THR H 310 20.18 55.68 4.64
C THR H 310 21.21 56.57 5.35
N LYS H 311 21.15 56.61 6.68
CA LYS H 311 22.07 57.45 7.44
C LYS H 311 23.50 56.92 7.36
N LYS H 312 23.67 55.60 7.52
CA LYS H 312 25.01 55.03 7.60
C LYS H 312 25.76 55.18 6.28
N LEU H 313 25.06 55.01 5.16
CA LEU H 313 25.70 55.13 3.85
C LEU H 313 25.97 56.56 3.45
N GLY H 314 25.45 57.53 4.20
CA GLY H 314 25.58 58.92 3.78
C GLY H 314 24.76 59.24 2.55
N PHE H 315 23.58 58.64 2.42
CA PHE H 315 22.74 58.81 1.24
C PHE H 315 22.07 60.18 1.30
N LYS H 316 22.47 61.07 0.40
CA LYS H 316 21.94 62.43 0.37
C LYS H 316 21.85 62.91 -1.07
N HIS H 317 20.99 63.88 -1.29
CA HIS H 317 20.75 64.42 -2.62
C HIS H 317 21.62 65.66 -2.85
N PRO H 318 22.00 65.94 -4.11
CA PRO H 318 21.66 65.20 -5.34
C PRO H 318 22.48 63.93 -5.53
N VAL H 319 21.84 62.90 -6.07
CA VAL H 319 22.49 61.60 -6.28
C VAL H 319 21.83 60.93 -7.49
N ILE H 320 22.66 60.30 -8.32
CA ILE H 320 22.20 59.58 -9.51
C ILE H 320 22.42 58.09 -9.29
N GLY H 321 21.36 57.30 -9.44
CA GLY H 321 21.45 55.86 -9.24
C GLY H 321 21.86 55.11 -10.51
N VAL H 322 22.75 54.13 -10.34
CA VAL H 322 23.27 53.32 -11.43
C VAL H 322 23.17 51.86 -11.05
N HIS H 323 22.68 51.03 -11.98
CA HIS H 323 22.54 49.59 -11.77
C HIS H 323 23.32 48.86 -12.87
N VAL H 324 24.43 48.23 -12.50
CA VAL H 324 25.26 47.49 -13.43
C VAL H 324 24.97 46.00 -13.23
N ARG H 325 24.07 45.46 -14.04
CA ARG H 325 23.70 44.06 -13.97
C ARG H 325 24.62 43.24 -14.87
N ARG H 326 25.26 42.22 -14.28
CA ARG H 326 26.16 41.35 -15.03
C ARG H 326 25.98 39.89 -14.64
N THR H 327 27.06 39.23 -14.22
CA THR H 327 27.06 37.81 -13.87
C THR H 327 26.37 36.95 -14.94
N ASP H 328 25.24 36.34 -14.58
CA ASP H 328 24.55 35.40 -15.45
C ASP H 328 23.69 36.07 -16.51
N LYS H 329 23.41 37.37 -16.36
CA LYS H 329 22.58 38.08 -17.33
C LYS H 329 23.26 38.19 -18.68
N VAL H 330 24.59 38.32 -18.70
CA VAL H 330 25.34 38.53 -19.93
C VAL H 330 25.25 37.31 -20.84
N GLY H 331 24.98 37.54 -22.13
CA GLY H 331 24.96 36.52 -23.14
C GLY H 331 23.63 35.79 -23.30
N THR H 332 22.75 35.85 -22.32
CA THR H 332 21.46 35.16 -22.35
C THR H 332 20.27 36.10 -22.45
N GLU H 333 20.28 37.18 -21.66
CA GLU H 333 19.16 38.11 -21.63
C GLU H 333 19.60 39.56 -21.81
N ALA H 334 20.90 39.82 -21.88
CA ALA H 334 21.45 41.16 -22.02
C ALA H 334 22.89 41.03 -22.50
N ALA H 335 23.60 42.15 -22.53
CA ALA H 335 24.98 42.19 -23.00
C ALA H 335 25.85 42.83 -21.93
N PHE H 336 27.16 42.70 -22.11
CA PHE H 336 28.09 43.39 -21.22
C PHE H 336 28.13 44.87 -21.54
N HIS H 337 28.23 45.69 -20.50
CA HIS H 337 28.33 47.13 -20.68
C HIS H 337 29.43 47.67 -19.76
N PRO H 338 30.50 48.24 -20.32
CA PRO H 338 31.55 48.83 -19.48
C PRO H 338 30.98 49.94 -18.61
N ILE H 339 31.68 50.21 -17.50
CA ILE H 339 31.25 51.24 -16.58
C ILE H 339 31.20 52.60 -17.26
N GLU H 340 32.09 52.83 -18.23
CA GLU H 340 32.08 54.10 -18.95
C GLU H 340 30.78 54.30 -19.70
N GLU H 341 30.18 53.22 -20.21
CA GLU H 341 28.89 53.33 -20.89
C GLU H 341 27.85 53.95 -19.97
N TYR H 342 27.80 53.51 -18.71
CA TYR H 342 26.87 54.10 -17.76
C TYR H 342 27.27 55.53 -17.41
N MET H 343 28.57 55.76 -17.21
CA MET H 343 29.03 57.01 -16.61
C MET H 343 28.92 58.19 -17.56
N VAL H 344 28.98 57.96 -18.88
CA VAL H 344 28.86 59.07 -19.82
C VAL H 344 27.50 59.74 -19.69
N HIS H 345 26.45 58.95 -19.41
CA HIS H 345 25.13 59.53 -19.20
C HIS H 345 24.99 60.14 -17.82
N VAL H 346 25.72 59.61 -16.83
CA VAL H 346 25.74 60.21 -15.50
C VAL H 346 26.32 61.62 -15.57
N GLU H 347 27.55 61.73 -16.10
CA GLU H 347 28.17 63.04 -16.25
C GLU H 347 27.31 63.96 -17.10
N GLU H 348 26.69 63.41 -18.15
CA GLU H 348 25.80 64.19 -19.00
C GLU H 348 24.64 64.77 -18.18
N HIS H 349 24.04 63.94 -17.33
CA HIS H 349 22.90 64.40 -16.53
C HIS H 349 23.33 65.30 -15.38
N PHE H 350 24.52 65.07 -14.83
CA PHE H 350 25.01 65.96 -13.79
C PHE H 350 25.30 67.36 -14.33
N GLN H 351 25.76 67.45 -15.58
CA GLN H 351 25.94 68.74 -16.21
C GLN H 351 24.62 69.49 -16.34
N LEU H 352 23.53 68.75 -16.60
CA LEU H 352 22.22 69.38 -16.71
C LEU H 352 21.77 69.96 -15.38
N LEU H 353 21.92 69.20 -14.30
CA LEU H 353 21.50 69.70 -12.99
C LEU H 353 22.30 70.94 -12.60
N ALA H 354 23.58 70.97 -12.93
CA ALA H 354 24.42 72.12 -12.62
C ALA H 354 23.89 73.39 -13.27
N ARG H 355 23.12 73.27 -14.34
CA ARG H 355 22.53 74.45 -14.98
C ARG H 355 21.42 75.08 -14.16
N ARG H 356 20.88 74.35 -13.17
CA ARG H 356 19.75 74.83 -12.39
C ARG H 356 20.01 74.87 -10.89
N MET H 357 21.12 74.34 -10.41
CA MET H 357 21.37 74.29 -8.98
C MET H 357 22.86 74.15 -8.73
N GLN H 358 23.28 74.56 -7.54
CA GLN H 358 24.64 74.35 -7.09
C GLN H 358 24.83 72.88 -6.70
N VAL H 359 25.85 72.24 -7.28
CA VAL H 359 26.13 70.84 -7.03
C VAL H 359 27.37 70.76 -6.15
N ASP H 360 27.16 70.36 -4.89
CA ASP H 360 28.28 70.20 -3.96
C ASP H 360 29.20 69.07 -4.39
N LYS H 361 28.66 67.84 -4.46
CA LYS H 361 29.45 66.68 -4.84
C LYS H 361 28.66 65.82 -5.80
N LYS H 362 29.36 65.22 -6.76
CA LYS H 362 28.74 64.32 -7.73
C LYS H 362 28.61 62.94 -7.11
N ARG H 363 27.40 62.63 -6.62
CA ARG H 363 27.13 61.37 -5.94
C ARG H 363 26.50 60.37 -6.90
N VAL H 364 26.99 59.13 -6.85
CA VAL H 364 26.43 58.03 -7.64
C VAL H 364 26.22 56.86 -6.69
N TYR H 365 24.99 56.34 -6.65
CA TYR H 365 24.69 55.14 -5.89
C TYR H 365 24.84 53.92 -6.80
N LEU H 366 25.92 53.16 -6.62
CA LEU H 366 26.17 51.98 -7.43
C LEU H 366 25.48 50.76 -6.84
N ALA H 367 24.75 50.03 -7.68
CA ALA H 367 24.09 48.79 -7.29
C ALA H 367 24.44 47.75 -8.36
N THR H 368 25.19 46.73 -7.98
CA THR H 368 25.66 45.75 -8.94
C THR H 368 25.79 44.38 -8.26
N ASP H 369 25.78 43.34 -9.07
CA ASP H 369 26.13 41.99 -8.64
C ASP H 369 27.58 41.64 -8.96
N ASP H 370 28.37 42.61 -9.39
CA ASP H 370 29.80 42.45 -9.61
C ASP H 370 30.57 43.16 -8.51
N PRO H 371 31.04 42.48 -7.48
CA PRO H 371 31.71 43.18 -6.37
C PRO H 371 33.05 43.78 -6.75
N SER H 372 33.71 43.28 -7.79
CA SER H 372 34.97 43.85 -8.25
C SER H 372 34.81 45.23 -8.89
N LEU H 373 33.58 45.69 -9.11
CA LEU H 373 33.36 46.91 -9.86
C LEU H 373 33.66 48.16 -9.04
N LEU H 374 33.30 48.17 -7.76
CA LEU H 374 33.35 49.40 -6.97
C LEU H 374 34.77 49.97 -6.91
N LYS H 375 35.77 49.10 -6.73
CA LYS H 375 37.15 49.58 -6.75
C LYS H 375 37.50 50.17 -8.11
N GLU H 376 37.11 49.47 -9.18
CA GLU H 376 37.35 49.97 -10.53
C GLU H 376 36.63 51.29 -10.77
N ALA H 377 35.39 51.42 -10.27
CA ALA H 377 34.62 52.65 -10.47
C ALA H 377 35.26 53.83 -9.77
N LYS H 378 35.68 53.66 -8.51
CA LYS H 378 36.32 54.75 -7.78
C LYS H 378 37.58 55.24 -8.48
N THR H 379 38.35 54.31 -9.05
CA THR H 379 39.61 54.69 -9.70
C THR H 379 39.35 55.51 -10.96
N LYS H 380 38.48 55.00 -11.84
CA LYS H 380 38.26 55.67 -13.12
C LYS H 380 37.56 57.01 -12.98
N TYR H 381 36.87 57.25 -11.87
CA TYR H 381 36.12 58.47 -11.63
C TYR H 381 36.43 58.99 -10.24
N PRO H 382 37.63 59.55 -10.03
CA PRO H 382 38.04 59.92 -8.67
C PRO H 382 37.25 61.07 -8.08
N ASN H 383 36.75 61.99 -8.90
CA ASN H 383 35.99 63.13 -8.38
C ASN H 383 34.51 62.80 -8.16
N TYR H 384 34.16 61.51 -8.21
CA TYR H 384 32.80 61.05 -7.97
C TYR H 384 32.74 60.35 -6.63
N GLU H 385 31.73 60.67 -5.83
CA GLU H 385 31.46 59.93 -4.59
C GLU H 385 30.54 58.77 -4.93
N PHE H 386 31.07 57.56 -4.89
CA PHE H 386 30.29 56.36 -5.17
C PHE H 386 29.77 55.79 -3.86
N ILE H 387 28.44 55.74 -3.73
CA ILE H 387 27.78 55.22 -2.55
C ILE H 387 27.31 53.80 -2.87
N SER H 388 27.88 52.81 -2.19
CA SER H 388 27.56 51.42 -2.48
C SER H 388 27.95 50.56 -1.29
N ASP H 389 27.21 49.47 -1.12
CA ASP H 389 27.44 48.48 -0.07
C ASP H 389 28.01 47.25 -0.75
N ASN H 390 29.35 47.17 -0.80
CA ASN H 390 30.01 46.09 -1.53
C ASN H 390 29.68 44.72 -0.94
N SER H 391 29.36 44.65 0.35
CA SER H 391 28.99 43.38 0.95
C SER H 391 27.65 42.89 0.40
N ILE H 392 26.78 43.79 -0.04
CA ILE H 392 25.55 43.39 -0.70
C ILE H 392 25.85 42.77 -2.06
N SER H 393 26.79 43.35 -2.80
CA SER H 393 27.24 42.76 -4.06
C SER H 393 27.72 41.33 -3.87
N TRP H 394 28.39 41.06 -2.75
CA TRP H 394 28.82 39.69 -2.47
C TRP H 394 27.64 38.78 -2.17
N SER H 395 26.65 39.29 -1.44
CA SER H 395 25.46 38.48 -1.18
C SER H 395 24.69 38.21 -2.46
N ALA H 396 24.78 39.11 -3.44
CA ALA H 396 24.12 38.94 -4.73
C ALA H 396 24.82 37.92 -5.62
N GLY H 397 25.98 37.40 -5.22
CA GLY H 397 26.63 36.37 -6.02
C GLY H 397 25.73 35.18 -6.26
N LEU H 398 26.10 34.39 -7.27
CA LEU H 398 25.20 33.34 -7.73
C LEU H 398 25.05 32.22 -6.69
N HIS H 399 26.17 31.82 -6.07
CA HIS H 399 26.10 30.74 -5.10
C HIS H 399 25.32 31.15 -3.85
N ASN H 400 25.27 32.45 -3.54
CA ASN H 400 24.64 32.95 -2.33
C ASN H 400 23.40 33.79 -2.60
N ARG H 401 22.89 33.77 -3.84
CA ARG H 401 21.85 34.71 -4.24
C ARG H 401 20.51 34.42 -3.56
N TYR H 402 20.17 33.15 -3.40
CA TYR H 402 18.80 32.79 -2.99
C TYR H 402 18.72 32.48 -1.50
N THR H 403 18.96 33.52 -0.69
CA THR H 403 18.80 33.45 0.75
C THR H 403 18.16 34.75 1.23
N GLU H 404 17.71 34.74 2.48
CA GLU H 404 17.07 35.93 3.04
C GLU H 404 18.02 37.10 3.11
N ASN H 405 19.29 36.84 3.45
CA ASN H 405 20.28 37.91 3.55
C ASN H 405 20.49 38.60 2.20
N SER H 406 20.58 37.82 1.13
CA SER H 406 20.68 38.40 -0.20
C SER H 406 19.39 39.09 -0.61
N LEU H 407 18.24 38.57 -0.17
CA LEU H 407 16.96 39.19 -0.48
C LEU H 407 16.89 40.61 0.08
N ARG H 408 17.19 40.78 1.37
CA ARG H 408 17.17 42.12 1.94
C ARG H 408 18.23 43.02 1.33
N GLY H 409 19.29 42.42 0.76
CA GLY H 409 20.29 43.23 0.07
C GLY H 409 19.75 43.89 -1.17
N VAL H 410 19.10 43.11 -2.04
CA VAL H 410 18.56 43.67 -3.27
C VAL H 410 17.36 44.58 -2.97
N ILE H 411 16.60 44.28 -1.92
CA ILE H 411 15.51 45.17 -1.52
C ILE H 411 16.05 46.54 -1.14
N LEU H 412 17.18 46.58 -0.43
CA LEU H 412 17.76 47.86 -0.04
C LEU H 412 18.33 48.60 -1.24
N ASP H 413 19.05 47.89 -2.11
CA ASP H 413 19.60 48.50 -3.31
C ASP H 413 18.49 49.16 -4.14
N ILE H 414 17.39 48.43 -4.35
CA ILE H 414 16.25 48.98 -5.11
C ILE H 414 15.70 50.23 -4.44
N HIS H 415 15.59 50.22 -3.11
CA HIS H 415 15.05 51.37 -2.39
C HIS H 415 15.87 52.63 -2.69
N PHE H 416 17.18 52.55 -2.51
CA PHE H 416 18.03 53.71 -2.72
C PHE H 416 18.12 54.08 -4.20
N LEU H 417 17.93 53.11 -5.10
CA LEU H 417 17.85 53.44 -6.52
C LEU H 417 16.65 54.31 -6.82
N SER H 418 15.48 53.96 -6.27
CA SER H 418 14.27 54.74 -6.53
C SER H 418 14.36 56.14 -5.94
N GLN H 419 15.11 56.32 -4.84
CA GLN H 419 15.23 57.63 -4.21
C GLN H 419 16.07 58.58 -5.03
N ALA H 420 16.88 58.07 -5.96
CA ALA H 420 17.77 58.92 -6.73
C ALA H 420 16.98 59.88 -7.62
N ASP H 421 17.64 60.98 -7.97
CA ASP H 421 17.06 61.98 -8.86
C ASP H 421 17.07 61.54 -10.32
N PHE H 422 17.75 60.45 -10.65
CA PHE H 422 17.89 59.96 -12.01
C PHE H 422 18.42 58.53 -11.93
N LEU H 423 18.12 57.74 -12.97
CA LEU H 423 18.39 56.31 -12.94
C LEU H 423 19.01 55.89 -14.26
N VAL H 424 20.26 55.41 -14.21
CA VAL H 424 20.96 54.89 -15.38
C VAL H 424 21.14 53.39 -15.19
N CYS H 425 20.76 52.61 -16.20
CA CYS H 425 20.81 51.15 -16.11
C CYS H 425 20.48 50.50 -17.44
N THR H 426 20.18 49.21 -17.39
CA THR H 426 19.60 48.48 -18.51
C THR H 426 18.19 48.06 -18.12
N PHE H 427 17.20 48.51 -18.88
CA PHE H 427 15.83 48.13 -18.58
C PHE H 427 15.55 46.68 -18.91
N SER H 428 16.48 45.98 -19.58
CA SER H 428 16.33 44.55 -19.77
C SER H 428 16.34 43.82 -18.43
N SER H 429 17.00 44.39 -17.43
CA SER H 429 17.03 43.80 -16.10
C SER H 429 15.72 44.10 -15.39
N GLN H 430 15.05 43.06 -14.89
CA GLN H 430 13.83 43.25 -14.14
C GLN H 430 14.06 44.10 -12.90
N VAL H 431 15.29 44.07 -12.36
CA VAL H 431 15.59 44.82 -11.14
C VAL H 431 15.39 46.31 -11.34
N CYS H 432 15.99 46.86 -12.40
CA CYS H 432 15.91 48.30 -12.62
C CYS H 432 14.48 48.74 -12.87
N ARG H 433 13.70 47.92 -13.56
CA ARG H 433 12.31 48.27 -13.85
C ARG H 433 11.52 48.45 -12.56
N VAL H 434 11.81 47.66 -11.54
CA VAL H 434 11.13 47.83 -10.25
C VAL H 434 11.47 49.18 -9.64
N ALA H 435 12.78 49.48 -9.54
CA ALA H 435 13.20 50.78 -9.03
C ALA H 435 12.60 51.92 -9.84
N TYR H 436 12.51 51.75 -11.16
CA TYR H 436 11.87 52.76 -12.00
C TYR H 436 10.40 52.95 -11.62
N GLU H 437 9.68 51.85 -11.41
CA GLU H 437 8.27 51.94 -11.04
C GLU H 437 8.10 52.60 -9.67
N ILE H 438 8.93 52.23 -8.69
CA ILE H 438 8.84 52.84 -7.37
C ILE H 438 9.14 54.32 -7.42
N MET H 439 10.05 54.72 -8.32
CA MET H 439 10.35 56.13 -8.51
C MET H 439 9.09 56.94 -8.82
N GLN H 440 8.13 56.33 -9.52
CA GLN H 440 6.93 57.05 -9.90
C GLN H 440 6.07 57.41 -8.69
N THR H 441 6.15 56.63 -7.61
CA THR H 441 5.37 56.92 -6.42
C THR H 441 5.97 58.01 -5.55
N LEU H 442 7.19 58.47 -5.86
CA LEU H 442 7.87 59.46 -5.04
C LEU H 442 7.79 60.86 -5.62
N HIS H 443 7.43 61.00 -6.89
CA HIS H 443 7.34 62.29 -7.55
C HIS H 443 6.10 62.32 -8.42
N PRO H 444 5.63 63.51 -8.78
CA PRO H 444 4.61 63.62 -9.84
C PRO H 444 5.30 63.62 -11.19
N ASP H 445 4.98 62.61 -12.01
CA ASP H 445 5.56 62.48 -13.36
C ASP H 445 7.09 62.39 -13.29
N ALA H 446 7.57 61.32 -12.66
CA ALA H 446 8.99 60.99 -12.65
C ALA H 446 9.37 60.06 -13.80
N SER H 447 8.56 60.02 -14.86
CA SER H 447 8.72 59.03 -15.92
C SER H 447 9.98 59.26 -16.75
N ALA H 448 10.50 60.49 -16.79
CA ALA H 448 11.63 60.83 -17.64
C ALA H 448 12.98 60.71 -16.93
N ASN H 449 12.99 60.42 -15.63
CA ASN H 449 14.23 60.43 -14.85
C ASN H 449 15.01 59.13 -15.02
N PHE H 450 15.22 58.68 -16.26
CA PHE H 450 15.95 57.44 -16.48
C PHE H 450 16.69 57.50 -17.80
N HIS H 451 17.60 56.54 -17.98
CA HIS H 451 18.18 56.24 -19.29
C HIS H 451 18.55 54.77 -19.32
N SER H 452 17.89 54.02 -20.19
CA SER H 452 18.19 52.59 -20.34
C SER H 452 19.20 52.41 -21.47
N LEU H 453 20.17 51.52 -21.25
CA LEU H 453 21.19 51.24 -22.25
C LEU H 453 20.71 50.29 -23.34
N ASP H 454 19.59 49.58 -23.12
CA ASP H 454 19.11 48.65 -24.14
C ASP H 454 17.59 48.75 -24.29
N ASP H 455 16.86 47.89 -23.58
CA ASP H 455 15.42 47.83 -23.75
C ASP H 455 14.77 49.13 -23.26
N ILE H 456 13.65 49.46 -23.88
CA ILE H 456 12.76 50.49 -23.35
C ILE H 456 11.94 49.87 -22.23
N TYR H 457 11.08 50.65 -21.59
CA TYR H 457 10.27 50.10 -20.52
C TYR H 457 9.27 49.10 -21.07
N TYR H 458 9.18 47.95 -20.41
CA TYR H 458 8.15 46.97 -20.71
C TYR H 458 7.75 46.26 -19.41
N PHE H 459 6.74 45.41 -19.53
CA PHE H 459 6.28 44.58 -18.41
C PHE H 459 6.05 43.17 -18.94
N GLY H 460 6.87 42.23 -18.50
CA GLY H 460 6.79 40.85 -18.95
C GLY H 460 5.37 40.31 -18.96
N GLY H 461 4.87 39.99 -20.15
CA GLY H 461 3.49 39.56 -20.31
C GLY H 461 2.53 40.63 -20.75
N GLN H 462 3.02 41.84 -21.06
CA GLN H 462 2.14 42.94 -21.46
C GLN H 462 1.43 42.61 -22.77
N ASN H 463 0.32 43.32 -23.00
CA ASN H 463 -0.29 43.31 -24.31
C ASN H 463 0.59 44.09 -25.28
N ALA H 464 0.41 43.81 -26.57
CA ALA H 464 1.27 44.36 -27.61
C ALA H 464 1.40 45.87 -27.45
N HIS H 465 2.63 46.33 -27.24
CA HIS H 465 2.89 47.76 -27.13
C HIS H 465 2.84 48.35 -28.53
N ASN H 466 1.89 49.26 -28.75
CA ASN H 466 1.62 49.80 -30.07
C ASN H 466 1.75 51.31 -30.08
N GLN H 467 2.24 51.84 -31.20
CA GLN H 467 2.31 53.28 -31.43
C GLN H 467 1.52 53.63 -32.68
N ILE H 468 1.25 54.92 -32.84
CA ILE H 468 0.56 55.45 -34.02
C ILE H 468 1.52 56.40 -34.71
N ALA H 469 1.77 56.16 -35.99
CA ALA H 469 2.60 57.07 -36.77
C ALA H 469 1.88 58.41 -36.92
N ILE H 470 2.58 59.50 -36.61
CA ILE H 470 2.02 60.83 -36.75
C ILE H 470 2.60 61.59 -37.93
N TYR H 471 3.82 61.28 -38.35
CA TYR H 471 4.45 61.88 -39.52
C TYR H 471 4.86 60.77 -40.48
N ALA H 472 4.70 61.02 -41.77
CA ALA H 472 5.05 60.01 -42.77
C ALA H 472 6.56 59.87 -42.87
N HIS H 473 7.01 58.63 -43.03
CA HIS H 473 8.43 58.33 -43.25
C HIS H 473 8.54 57.47 -44.50
N GLN H 474 9.48 57.81 -45.37
CA GLN H 474 9.79 57.01 -46.55
C GLN H 474 11.15 56.36 -46.37
N PRO H 475 11.25 55.05 -46.48
CA PRO H 475 12.52 54.38 -46.14
C PRO H 475 13.66 54.82 -47.04
N ARG H 476 14.75 55.27 -46.42
CA ARG H 476 15.96 55.58 -47.17
C ARG H 476 16.79 54.33 -47.45
N THR H 477 16.76 53.36 -46.54
CA THR H 477 17.42 52.07 -46.70
C THR H 477 16.39 50.96 -46.62
N ALA H 478 16.86 49.72 -46.76
CA ALA H 478 16.01 48.56 -46.58
C ALA H 478 15.76 48.26 -45.10
N ASP H 479 16.62 48.77 -44.21
CA ASP H 479 16.44 48.56 -42.79
C ASP H 479 15.29 49.39 -42.23
N GLU H 480 14.84 50.40 -42.95
CA GLU H 480 13.76 51.27 -42.51
C GLU H 480 12.42 50.81 -43.08
N ILE H 481 11.35 51.08 -42.33
CA ILE H 481 10.00 50.77 -42.79
C ILE H 481 9.32 52.05 -43.25
N PRO H 482 8.42 51.98 -44.22
CA PRO H 482 7.62 53.15 -44.57
C PRO H 482 6.49 53.35 -43.59
N MET H 483 6.11 54.61 -43.39
CA MET H 483 5.02 54.93 -42.51
C MET H 483 4.12 55.99 -43.15
N GLU H 484 2.83 55.78 -43.02
CA GLU H 484 1.85 56.81 -43.28
C GLU H 484 1.21 57.19 -41.95
N PRO H 485 0.84 58.46 -41.77
CA PRO H 485 0.18 58.85 -40.53
C PRO H 485 -1.05 57.99 -40.27
N GLY H 486 -1.19 57.54 -39.01
CA GLY H 486 -2.23 56.61 -38.64
C GLY H 486 -1.79 55.16 -38.57
N ASP H 487 -0.70 54.80 -39.24
CA ASP H 487 -0.23 53.41 -39.19
C ASP H 487 0.03 52.98 -37.75
N ILE H 488 -0.38 51.76 -37.43
CA ILE H 488 -0.15 51.19 -36.11
C ILE H 488 1.19 50.47 -36.12
N ILE H 489 2.08 50.87 -35.22
CA ILE H 489 3.42 50.32 -35.14
C ILE H 489 3.56 49.56 -33.83
N GLY H 490 3.87 48.27 -33.94
CA GLY H 490 4.21 47.46 -32.77
C GLY H 490 5.69 47.59 -32.48
N VAL H 491 6.03 48.37 -31.46
CA VAL H 491 7.41 48.75 -31.20
C VAL H 491 8.16 47.61 -30.53
N ALA H 492 9.41 47.43 -30.91
CA ALA H 492 10.29 46.43 -30.30
C ALA H 492 11.41 47.06 -29.48
N GLY H 493 11.63 48.36 -29.60
CA GLY H 493 12.63 49.03 -28.79
C GLY H 493 13.05 50.34 -29.42
N ASN H 494 13.79 51.11 -28.64
CA ASN H 494 14.40 52.36 -29.08
C ASN H 494 15.92 52.21 -29.02
N HIS H 495 16.59 52.60 -30.10
CA HIS H 495 18.04 52.46 -30.19
C HIS H 495 18.80 53.66 -29.64
N TRP H 496 18.08 54.66 -29.09
CA TRP H 496 18.70 55.81 -28.43
C TRP H 496 19.64 56.57 -29.36
N ASP H 497 19.37 56.51 -30.67
CA ASP H 497 20.21 57.18 -31.66
C ASP H 497 19.37 57.94 -32.70
N GLY H 498 18.09 58.17 -32.41
CA GLY H 498 17.18 58.79 -33.35
C GLY H 498 16.24 57.83 -34.04
N TYR H 499 16.52 56.54 -34.00
CA TYR H 499 15.72 55.53 -34.69
C TYR H 499 15.21 54.50 -33.70
N SER H 500 13.99 54.03 -33.91
CA SER H 500 13.43 52.92 -33.16
C SER H 500 13.14 51.76 -34.11
N LYS H 501 13.00 50.56 -33.53
CA LYS H 501 12.71 49.37 -34.31
C LYS H 501 11.31 48.87 -33.97
N GLY H 502 10.54 48.53 -35.00
CA GLY H 502 9.20 48.04 -34.80
C GLY H 502 8.63 47.51 -36.10
N VAL H 503 7.36 47.15 -36.06
CA VAL H 503 6.65 46.62 -37.22
C VAL H 503 5.45 47.51 -37.54
N ASN H 504 5.36 47.94 -38.79
CA ASN H 504 4.15 48.59 -39.30
C ASN H 504 3.12 47.50 -39.53
N ARG H 505 2.20 47.33 -38.58
CA ARG H 505 1.21 46.26 -38.66
C ARG H 505 0.42 46.32 -39.96
N LYS H 506 0.14 47.54 -40.44
CA LYS H 506 -0.60 47.70 -41.68
C LYS H 506 0.06 46.97 -42.84
N LEU H 507 1.39 47.05 -42.95
CA LEU H 507 2.11 46.49 -44.08
C LEU H 507 2.82 45.18 -43.76
N GLY H 508 2.84 44.76 -42.50
CA GLY H 508 3.62 43.59 -42.10
C GLY H 508 5.11 43.70 -42.35
N ARG H 509 5.66 44.91 -42.30
CA ARG H 509 7.09 45.14 -42.47
C ARG H 509 7.72 45.55 -41.14
N THR H 510 8.83 44.94 -40.80
CA THR H 510 9.56 45.22 -39.57
C THR H 510 10.90 45.86 -39.90
N GLY H 511 11.24 46.93 -39.19
CA GLY H 511 12.48 47.62 -39.45
C GLY H 511 12.62 48.85 -38.57
N LEU H 512 13.47 49.77 -39.02
CA LEU H 512 13.76 51.00 -38.30
C LEU H 512 12.88 52.16 -38.80
N TYR H 513 12.82 53.20 -37.98
CA TYR H 513 12.07 54.42 -38.29
C TYR H 513 12.47 55.52 -37.31
N PRO H 514 12.38 56.79 -37.72
CA PRO H 514 12.69 57.88 -36.78
C PRO H 514 11.75 57.82 -35.57
N SER H 515 12.35 57.95 -34.38
CA SER H 515 11.56 57.78 -33.16
C SER H 515 10.56 58.90 -32.96
N TYR H 516 10.86 60.10 -33.45
CA TYR H 516 9.98 61.25 -33.25
C TYR H 516 8.77 61.23 -34.18
N LYS H 517 8.73 60.35 -35.17
CA LYS H 517 7.64 60.31 -36.13
C LYS H 517 6.47 59.46 -35.66
N VAL H 518 6.53 58.92 -34.45
CA VAL H 518 5.44 58.10 -33.92
C VAL H 518 4.95 58.70 -32.63
N ARG H 519 3.93 58.08 -32.03
CA ARG H 519 3.29 58.60 -30.83
C ARG H 519 2.68 57.45 -30.07
N GLU H 520 2.72 57.55 -28.74
CA GLU H 520 2.26 56.45 -27.89
C GLU H 520 0.75 56.31 -27.97
N LYS H 521 0.29 55.10 -28.26
CA LYS H 521 -1.15 54.80 -28.32
C LYS H 521 -1.55 54.31 -26.92
N ILE H 522 -2.17 55.18 -26.16
CA ILE H 522 -2.58 54.87 -24.80
C ILE H 522 -3.81 53.97 -24.84
N GLU H 523 -3.80 52.92 -24.02
CA GLU H 523 -4.89 51.96 -23.98
C GLU H 523 -5.63 52.10 -22.66
N THR H 524 -6.96 51.98 -22.72
CA THR H 524 -7.80 52.06 -21.54
C THR H 524 -8.61 50.78 -21.39
N VAL H 525 -8.98 50.49 -20.15
CA VAL H 525 -9.79 49.32 -19.81
C VAL H 525 -10.74 49.75 -18.69
N LYS H 526 -11.99 49.32 -18.78
CA LYS H 526 -12.95 49.63 -17.73
C LYS H 526 -12.59 48.81 -16.49
N TYR H 527 -11.96 49.45 -15.50
CA TYR H 527 -11.77 48.66 -14.30
C TYR H 527 -12.97 48.84 -13.38
N PRO H 528 -13.15 47.93 -12.41
CA PRO H 528 -14.15 48.14 -11.36
C PRO H 528 -13.79 49.31 -10.45
N THR H 529 -14.66 50.31 -10.41
CA THR H 529 -14.46 51.42 -9.51
C THR H 529 -14.98 51.04 -8.13
N TYR H 530 -14.30 51.52 -7.10
CA TYR H 530 -14.62 51.10 -5.75
C TYR H 530 -15.17 52.27 -4.94
N PRO H 531 -16.42 52.68 -5.19
CA PRO H 531 -16.95 53.85 -4.49
C PRO H 531 -17.16 53.61 -3.02
N GLU H 532 -17.35 52.36 -2.60
CA GLU H 532 -17.50 52.07 -1.18
C GLU H 532 -16.22 52.38 -0.41
N ALA H 533 -15.07 52.34 -1.08
CA ALA H 533 -13.82 52.75 -0.45
C ALA H 533 -13.81 54.23 -0.11
N GLU H 534 -14.70 55.01 -0.70
CA GLU H 534 -14.77 56.44 -0.46
C GLU H 534 -15.73 56.77 0.68
#